data_4RAP
#
_entry.id   4RAP
#
_cell.length_a   87.794
_cell.length_b   314.368
_cell.length_c   164.527
_cell.angle_alpha   90.00
_cell.angle_beta   101.44
_cell.angle_gamma   90.00
#
_symmetry.space_group_name_H-M   'P 1 21 1'
#
loop_
_entity.id
_entity.type
_entity.pdbx_description
1 polymer 'Glycosyltransferase TibC'
2 non-polymer 'FE (III) ION'
3 non-polymer 1,2-ETHANEDIOL
4 water water
#
_entity_poly.entity_id   1
_entity_poly.type   'polypeptide(L)'
_entity_poly.pdbx_seq_one_letter_code
;(MSE)STLKNTFFITPPDTPTQAGPENIFYDFNDGARVLLPEGKWHVRLLDADSENILFCCDVDKGWVTSSKKYFVRFRI
QVFRQGAATPLLDETLKLKDRPVLISFPTGTLGDLLGWFPYAERFQSLHKCRLECT(MSE)SQDIIDLLAPQYPQIQFST
PDKPRTVAPYATYRVGLYFGGDTNNQPVDFRKVGFHRSAGYILGVDPREAPVRLDLSAPRVIAAPYVCIATQSTCQAKYW
NNGTGWSEVIAHLKSLGYRV(MSE)CIDRDAHYGQGFVWNHIPWGAEDFTGKLPLQERVNLLRHASFFIGLPSGLSWLAW
ATRIPVVLISGFSLPNSEFYTPWRVFNSHGCYGCWDDTSLNFDHHDFLWCPRHKNTDRQFECTRLITGAQVNGVINKLHR
SLTEQGVEATLAAGVSNE
;
_entity_poly.pdbx_strand_id   A,B,C,D,E,F,G,H,I,J,K,L
#
loop_
_chem_comp.id
_chem_comp.type
_chem_comp.name
_chem_comp.formula
EDO non-polymer 1,2-ETHANEDIOL 'C2 H6 O2'
FE non-polymer 'FE (III) ION' 'Fe 3'
#
# COMPACT_ATOMS: atom_id res chain seq x y z
N ILE A 10 -48.79 -38.68 32.55
CA ILE A 10 -47.76 -37.79 31.92
C ILE A 10 -47.84 -37.86 30.39
N THR A 11 -48.52 -38.86 29.86
CA THR A 11 -48.65 -38.98 28.41
C THR A 11 -50.10 -38.88 27.97
N PRO A 12 -50.42 -37.98 27.00
CA PRO A 12 -51.81 -37.93 26.59
C PRO A 12 -52.07 -38.98 25.51
N PRO A 13 -53.28 -39.54 25.50
CA PRO A 13 -53.61 -40.54 24.46
C PRO A 13 -53.08 -40.03 23.12
N ASP A 14 -52.52 -40.90 22.28
CA ASP A 14 -52.07 -40.42 20.96
C ASP A 14 -53.22 -40.42 19.94
N THR A 15 -54.40 -40.79 20.41
CA THR A 15 -55.62 -40.58 19.64
C THR A 15 -56.72 -39.93 20.55
N PRO A 16 -57.32 -38.78 20.11
CA PRO A 16 -58.22 -38.00 20.99
C PRO A 16 -59.41 -38.78 21.50
N THR A 17 -59.81 -38.54 22.75
CA THR A 17 -60.81 -39.37 23.41
C THR A 17 -62.28 -39.05 23.15
N GLN A 18 -62.57 -37.98 22.40
CA GLN A 18 -63.95 -37.59 22.18
C GLN A 18 -64.35 -37.73 20.73
N ALA A 19 -65.54 -38.27 20.51
CA ALA A 19 -66.02 -38.57 19.16
C ALA A 19 -66.80 -37.43 18.51
N GLY A 20 -66.29 -36.88 17.43
CA GLY A 20 -67.02 -35.86 16.69
C GLY A 20 -67.80 -36.50 15.57
N PRO A 21 -68.75 -35.75 14.98
CA PRO A 21 -69.49 -36.25 13.81
C PRO A 21 -68.55 -36.46 12.62
N GLU A 22 -68.91 -37.35 11.70
CA GLU A 22 -68.16 -37.54 10.46
C GLU A 22 -66.64 -37.87 10.64
N ASN A 23 -66.35 -38.70 11.64
CA ASN A 23 -65.01 -39.30 11.79
C ASN A 23 -63.90 -38.43 12.42
N ILE A 24 -64.30 -37.41 13.18
CA ILE A 24 -63.31 -36.51 13.76
C ILE A 24 -63.26 -36.58 15.30
N PHE A 25 -62.05 -36.69 15.84
CA PHE A 25 -61.86 -36.85 17.28
C PHE A 25 -61.22 -35.59 17.92
N TYR A 26 -61.77 -35.13 19.04
CA TYR A 26 -61.26 -33.94 19.70
C TYR A 26 -60.98 -34.19 21.18
N ASP A 27 -60.10 -33.35 21.73
CA ASP A 27 -59.55 -33.61 23.04
C ASP A 27 -59.23 -32.32 23.78
N PHE A 28 -59.08 -32.42 25.11
CA PHE A 28 -58.59 -31.31 25.92
C PHE A 28 -57.47 -31.77 26.83
N ASN A 29 -56.88 -32.89 26.46
CA ASN A 29 -55.70 -33.40 27.12
C ASN A 29 -54.55 -32.78 26.33
N ASP A 30 -53.51 -32.30 27.00
CA ASP A 30 -52.45 -31.51 26.34
C ASP A 30 -53.00 -30.30 25.53
N GLY A 31 -53.85 -29.51 26.19
CA GLY A 31 -54.49 -28.37 25.55
C GLY A 31 -55.65 -28.85 24.69
N ALA A 32 -56.17 -27.96 23.86
CA ALA A 32 -57.23 -28.31 22.93
C ALA A 32 -56.58 -28.98 21.74
N ARG A 33 -57.00 -30.19 21.43
CA ARG A 33 -56.46 -30.85 20.23
C ARG A 33 -57.55 -31.51 19.40
N VAL A 34 -57.33 -31.51 18.09
CA VAL A 34 -58.27 -32.12 17.16
C VAL A 34 -57.51 -32.86 16.05
N LEU A 35 -57.98 -34.08 15.76
CA LEU A 35 -57.41 -34.91 14.71
C LEU A 35 -58.41 -35.07 13.59
N LEU A 36 -58.05 -34.60 12.42
CA LEU A 36 -58.97 -34.72 11.29
C LEU A 36 -58.64 -35.83 10.28
N PRO A 37 -59.68 -36.50 9.76
CA PRO A 37 -59.51 -37.38 8.62
C PRO A 37 -59.23 -36.50 7.41
N GLU A 38 -59.04 -37.08 6.24
CA GLU A 38 -58.86 -36.22 5.10
C GLU A 38 -60.16 -35.57 4.78
N GLY A 39 -60.03 -34.38 4.26
CA GLY A 39 -61.14 -33.56 3.91
C GLY A 39 -60.38 -32.30 3.61
N LYS A 40 -61.12 -31.21 3.51
CA LYS A 40 -60.51 -29.92 3.25
C LYS A 40 -61.06 -28.97 4.28
N TRP A 41 -60.37 -28.86 5.42
CA TRP A 41 -60.94 -28.17 6.58
C TRP A 41 -60.35 -26.83 6.94
N HIS A 42 -61.20 -26.01 7.58
CA HIS A 42 -60.80 -24.76 8.23
C HIS A 42 -61.16 -24.92 9.69
N VAL A 43 -60.14 -24.85 10.56
CA VAL A 43 -60.30 -25.08 12.00
C VAL A 43 -60.10 -23.81 12.82
N ARG A 44 -60.96 -23.61 13.82
CA ARG A 44 -60.87 -22.45 14.70
C ARG A 44 -60.83 -22.84 16.16
N LEU A 45 -59.89 -22.24 16.88
CA LEU A 45 -59.83 -22.37 18.32
C LEU A 45 -60.26 -21.04 18.94
N LEU A 46 -61.28 -21.07 19.80
CA LEU A 46 -61.79 -19.87 20.42
C LEU A 46 -61.68 -19.94 21.94
N ASP A 47 -61.62 -18.77 22.57
CA ASP A 47 -61.74 -18.69 24.02
C ASP A 47 -63.20 -18.35 24.28
N ALA A 48 -63.95 -19.30 24.82
CA ALA A 48 -65.38 -19.10 25.04
C ALA A 48 -65.68 -17.91 25.92
N ASP A 49 -64.81 -17.63 26.90
CA ASP A 49 -65.03 -16.55 27.84
C ASP A 49 -64.92 -15.17 27.22
N SER A 50 -63.92 -15.01 26.35
CA SER A 50 -63.71 -13.75 25.67
C SER A 50 -64.27 -13.70 24.26
N GLU A 51 -64.48 -14.87 23.67
CA GLU A 51 -64.93 -15.01 22.28
C GLU A 51 -63.81 -14.67 21.27
N ASN A 52 -62.60 -14.52 21.77
CA ASN A 52 -61.45 -14.27 20.91
C ASN A 52 -61.11 -15.48 20.04
N ILE A 53 -60.70 -15.23 18.81
CA ILE A 53 -60.20 -16.28 17.94
C ILE A 53 -58.72 -16.48 18.25
N LEU A 54 -58.41 -17.53 19.00
CA LEU A 54 -57.04 -17.79 19.42
C LEU A 54 -56.14 -18.21 18.27
N PHE A 55 -56.65 -19.09 17.42
CA PHE A 55 -55.88 -19.64 16.31
C PHE A 55 -56.84 -20.11 15.22
N CYS A 56 -56.46 -19.89 13.96
CA CYS A 56 -57.29 -20.32 12.85
C CYS A 56 -56.43 -20.64 11.63
N CYS A 57 -56.81 -21.69 10.90
CA CYS A 57 -56.00 -22.18 9.80
C CYS A 57 -56.75 -23.13 8.90
N ASP A 58 -56.20 -23.32 7.69
CA ASP A 58 -56.70 -24.31 6.71
C ASP A 58 -55.79 -25.51 6.68
N VAL A 59 -56.37 -26.69 6.89
CA VAL A 59 -55.60 -27.92 6.99
C VAL A 59 -56.30 -29.09 6.26
N ASP A 60 -55.53 -30.09 5.83
CA ASP A 60 -56.10 -31.24 5.11
C ASP A 60 -56.20 -32.50 5.97
N LYS A 61 -55.08 -32.87 6.61
CA LYS A 61 -55.01 -34.02 7.52
C LYS A 61 -54.08 -33.68 8.68
N GLY A 62 -54.17 -34.42 9.78
CA GLY A 62 -53.24 -34.24 10.90
C GLY A 62 -53.90 -33.75 12.18
N TRP A 63 -53.11 -33.07 13.02
CA TRP A 63 -53.62 -32.45 14.23
C TRP A 63 -53.63 -30.98 14.13
N VAL A 64 -54.48 -30.37 14.95
CA VAL A 64 -54.38 -28.96 15.27
C VAL A 64 -54.49 -28.85 16.80
N THR A 65 -53.43 -28.33 17.42
CA THR A 65 -53.40 -28.18 18.87
C THR A 65 -53.18 -26.74 19.26
N SER A 66 -53.81 -26.31 20.33
CA SER A 66 -53.56 -24.99 20.87
C SER A 66 -52.13 -24.88 21.39
N SER A 67 -51.52 -23.71 21.18
CA SER A 67 -50.19 -23.50 21.73
C SER A 67 -50.25 -23.39 23.27
N LYS A 68 -51.36 -22.87 23.79
CA LYS A 68 -51.57 -22.78 25.25
C LYS A 68 -51.99 -24.13 25.87
N LYS A 69 -51.29 -24.57 26.91
CA LYS A 69 -51.58 -25.88 27.53
C LYS A 69 -52.26 -25.78 28.90
N TYR A 70 -52.30 -24.57 29.47
CA TYR A 70 -52.94 -24.39 30.78
C TYR A 70 -54.46 -24.31 30.59
N PHE A 71 -55.19 -24.19 31.68
CA PHE A 71 -56.65 -24.11 31.59
C PHE A 71 -57.16 -22.92 30.78
N VAL A 72 -57.96 -23.24 29.76
CA VAL A 72 -58.71 -22.27 28.95
C VAL A 72 -60.06 -22.89 28.63
N ARG A 73 -61.14 -22.13 28.71
CA ARG A 73 -62.43 -22.67 28.31
C ARG A 73 -62.47 -22.63 26.78
N PHE A 74 -61.75 -23.55 26.16
CA PHE A 74 -61.62 -23.60 24.70
C PHE A 74 -62.93 -23.89 23.98
N ARG A 75 -63.00 -23.46 22.72
CA ARG A 75 -64.13 -23.80 21.85
C ARG A 75 -63.57 -24.24 20.50
N ILE A 76 -63.77 -25.51 20.13
CA ILE A 76 -63.27 -26.02 18.84
C ILE A 76 -64.34 -25.93 17.78
N GLN A 77 -63.97 -25.44 16.60
CA GLN A 77 -64.87 -25.36 15.45
C GLN A 77 -64.16 -25.87 14.20
N VAL A 78 -64.80 -26.79 13.48
CA VAL A 78 -64.27 -27.24 12.18
C VAL A 78 -65.25 -26.85 11.06
N PHE A 79 -64.71 -26.28 9.99
CA PHE A 79 -65.54 -25.84 8.86
C PHE A 79 -65.09 -26.56 7.59
N ARG A 80 -66.03 -26.89 6.71
CA ARG A 80 -65.67 -27.19 5.35
C ARG A 80 -65.37 -25.79 4.85
N GLN A 81 -64.92 -25.63 3.63
CA GLN A 81 -64.41 -24.34 3.15
C GLN A 81 -65.35 -23.14 3.20
N GLY A 82 -66.59 -23.30 3.64
CA GLY A 82 -67.49 -22.13 3.75
C GLY A 82 -68.68 -22.40 4.65
N ALA A 83 -69.50 -21.38 4.93
CA ALA A 83 -70.75 -21.59 5.70
C ALA A 83 -70.48 -21.90 7.15
N THR A 85 -72.06 -22.48 8.53
CA THR A 85 -72.04 -23.21 9.79
C THR A 85 -70.83 -24.14 9.90
N PRO A 86 -70.30 -24.29 11.13
CA PRO A 86 -69.25 -25.29 11.29
C PRO A 86 -69.87 -26.69 11.47
N LEU A 87 -69.20 -27.70 10.96
CA LEU A 87 -69.66 -29.09 11.12
C LEU A 87 -69.59 -29.51 12.59
N LEU A 88 -68.48 -29.14 13.23
CA LEU A 88 -68.26 -29.43 14.64
C LEU A 88 -68.10 -28.12 15.42
N ASP A 89 -68.84 -28.00 16.51
CA ASP A 89 -68.70 -26.83 17.37
C ASP A 89 -68.87 -27.23 18.81
N GLU A 90 -67.74 -27.52 19.46
CA GLU A 90 -67.76 -28.04 20.82
C GLU A 90 -66.94 -27.17 21.78
N THR A 91 -67.55 -26.84 22.93
CA THR A 91 -66.88 -26.03 23.95
C THR A 91 -66.64 -26.84 25.23
N LEU A 92 -65.49 -26.62 25.84
CA LEU A 92 -65.10 -27.32 27.05
C LEU A 92 -66.14 -27.19 28.16
N LYS A 93 -66.62 -28.33 28.64
CA LYS A 93 -67.52 -28.38 29.80
C LYS A 93 -67.09 -29.56 30.69
N LEU A 94 -66.65 -29.26 31.91
CA LEU A 94 -66.05 -30.31 32.77
C LEU A 94 -66.99 -31.00 33.75
N LYS A 95 -68.21 -30.49 33.91
CA LYS A 95 -69.09 -31.06 34.91
C LYS A 95 -69.29 -32.57 34.70
N ASP A 96 -69.06 -33.33 35.77
CA ASP A 96 -69.21 -34.80 35.75
C ASP A 96 -68.37 -35.51 34.68
N ARG A 97 -67.19 -34.98 34.39
CA ARG A 97 -66.33 -35.55 33.35
C ARG A 97 -64.95 -35.97 33.89
N PRO A 98 -64.31 -36.96 33.23
CA PRO A 98 -63.00 -37.43 33.69
C PRO A 98 -61.87 -36.42 33.40
N VAL A 99 -61.28 -35.90 34.48
CA VAL A 99 -60.17 -34.95 34.36
C VAL A 99 -58.94 -35.50 35.05
N LEU A 100 -57.80 -35.28 34.43
CA LEU A 100 -56.52 -35.70 34.96
C LEU A 100 -55.61 -34.48 35.24
N ILE A 101 -55.15 -34.37 36.47
CA ILE A 101 -54.14 -33.37 36.82
C ILE A 101 -52.86 -34.12 37.13
N SER A 102 -51.85 -33.94 36.30
CA SER A 102 -50.60 -34.67 36.46
C SER A 102 -49.47 -33.81 37.04
N PHE A 103 -49.01 -34.17 38.23
CA PHE A 103 -47.87 -33.50 38.84
C PHE A 103 -46.61 -34.28 38.51
N PRO A 104 -45.42 -33.63 38.57
CA PRO A 104 -44.14 -34.34 38.40
C PRO A 104 -43.74 -34.95 39.76
N THR A 105 -42.63 -35.69 39.80
CA THR A 105 -42.13 -36.27 41.08
C THR A 105 -40.99 -35.38 41.60
N GLY A 106 -41.31 -34.44 42.49
CA GLY A 106 -40.31 -33.47 42.93
C GLY A 106 -40.42 -33.21 44.40
N THR A 107 -39.79 -32.14 44.84
CA THR A 107 -39.83 -31.77 46.25
C THR A 107 -41.24 -31.96 46.76
N LEU A 108 -41.36 -32.42 47.99
CA LEU A 108 -42.65 -32.42 48.63
C LEU A 108 -43.14 -30.95 48.77
N GLY A 109 -42.20 -30.01 48.84
CA GLY A 109 -42.53 -28.59 48.93
C GLY A 109 -43.29 -28.12 47.71
N ASP A 110 -42.90 -28.67 46.55
CA ASP A 110 -43.58 -28.38 45.30
C ASP A 110 -45.04 -28.82 45.40
N LEU A 111 -45.25 -30.08 45.78
CA LEU A 111 -46.59 -30.64 45.80
C LEU A 111 -47.49 -30.12 46.89
N LEU A 112 -46.94 -29.91 48.07
CA LEU A 112 -47.74 -29.36 49.14
C LEU A 112 -48.17 -27.94 48.81
N GLY A 113 -47.36 -27.25 48.02
CA GLY A 113 -47.70 -25.92 47.56
C GLY A 113 -48.80 -25.95 46.50
N TRP A 114 -48.68 -26.89 45.56
CA TRP A 114 -49.61 -26.99 44.47
C TRP A 114 -50.93 -27.62 44.77
N PHE A 115 -50.94 -28.61 45.65
CA PHE A 115 -52.13 -29.45 45.72
C PHE A 115 -53.45 -28.78 46.05
N PRO A 116 -53.47 -27.84 47.01
CA PRO A 116 -54.75 -27.23 47.36
C PRO A 116 -55.47 -26.64 46.14
N TYR A 117 -54.71 -26.22 45.13
CA TYR A 117 -55.29 -25.64 43.92
C TYR A 117 -56.02 -26.68 43.10
N ALA A 118 -55.58 -27.93 43.17
CA ALA A 118 -56.24 -29.01 42.45
C ALA A 118 -57.58 -29.31 43.08
N GLU A 119 -57.66 -29.25 44.42
CA GLU A 119 -58.95 -29.42 45.06
C GLU A 119 -59.90 -28.29 44.68
N ARG A 120 -59.36 -27.09 44.52
CA ARG A 120 -60.19 -25.94 44.15
C ARG A 120 -60.74 -26.10 42.77
N PHE A 121 -59.92 -26.63 41.88
CA PHE A 121 -60.33 -26.89 40.52
C PHE A 121 -61.54 -27.82 40.48
N GLN A 122 -61.57 -28.81 41.37
CA GLN A 122 -62.68 -29.76 41.42
C GLN A 122 -63.95 -29.18 42.03
N SER A 123 -63.82 -28.42 43.12
CA SER A 123 -65.02 -27.79 43.72
C SER A 123 -65.64 -26.82 42.76
N LEU A 124 -64.81 -26.20 41.94
CA LEU A 124 -65.29 -25.20 41.04
C LEU A 124 -66.02 -25.85 39.88
N HIS A 125 -65.41 -26.84 39.26
CA HIS A 125 -65.96 -27.43 38.06
C HIS A 125 -66.86 -28.63 38.30
N LYS A 126 -66.87 -29.16 39.52
CA LYS A 126 -67.66 -30.35 39.84
C LYS A 126 -67.39 -31.51 38.87
N CYS A 127 -66.11 -31.76 38.60
CA CYS A 127 -65.72 -32.83 37.69
C CYS A 127 -65.32 -34.09 38.47
N ARG A 128 -65.06 -35.19 37.76
CA ARG A 128 -64.44 -36.36 38.42
C ARG A 128 -62.93 -36.34 38.20
N LEU A 129 -62.22 -36.02 39.28
CA LEU A 129 -60.82 -35.67 39.18
C LEU A 129 -59.89 -36.75 39.68
N GLU A 130 -58.88 -37.06 38.87
CA GLU A 130 -57.81 -37.96 39.28
C GLU A 130 -56.48 -37.23 39.25
N CYS A 131 -55.66 -37.43 40.27
CA CYS A 131 -54.34 -36.83 40.34
C CYS A 131 -53.26 -37.88 40.37
N THR A 132 -52.14 -37.59 39.73
CA THR A 132 -51.00 -38.50 39.73
C THR A 132 -49.77 -37.91 40.45
N MSE A 133 -49.19 -38.70 41.34
CA MSE A 133 -47.99 -38.29 42.07
C MSE A 133 -47.35 -39.50 42.71
O MSE A 133 -47.88 -40.59 42.65
CB MSE A 133 -48.44 -37.34 43.15
CG MSE A 133 -49.57 -37.95 43.95
SE MSE A 133 -50.66 -36.54 44.81
CE MSE A 133 -49.53 -36.14 46.37
N SER A 134 -46.21 -39.29 43.35
CA SER A 134 -45.51 -40.38 44.03
C SER A 134 -46.35 -40.95 45.16
N GLN A 135 -46.15 -42.23 45.45
CA GLN A 135 -46.92 -42.96 46.43
C GLN A 135 -46.83 -42.36 47.82
N ASP A 136 -45.65 -41.87 48.19
CA ASP A 136 -45.44 -41.33 49.55
C ASP A 136 -46.31 -40.10 49.85
N ILE A 137 -46.61 -39.31 48.82
CA ILE A 137 -47.49 -38.14 48.99
C ILE A 137 -48.95 -38.61 49.05
N ILE A 138 -49.28 -39.62 48.23
CA ILE A 138 -50.61 -40.22 48.24
C ILE A 138 -50.95 -40.72 49.64
N ASP A 139 -50.01 -41.39 50.27
CA ASP A 139 -50.20 -41.91 51.61
C ASP A 139 -50.46 -40.77 52.59
N LEU A 140 -49.88 -39.62 52.31
CA LEU A 140 -49.99 -38.48 53.21
C LEU A 140 -51.31 -37.73 53.07
N LEU A 141 -51.80 -37.62 51.84
CA LEU A 141 -52.93 -36.75 51.53
C LEU A 141 -54.26 -37.46 51.31
N ALA A 142 -54.25 -38.53 50.51
CA ALA A 142 -55.47 -39.23 50.09
C ALA A 142 -56.60 -39.31 51.13
N PRO A 143 -56.30 -39.75 52.37
CA PRO A 143 -57.36 -39.84 53.39
C PRO A 143 -58.18 -38.56 53.59
N GLN A 144 -57.59 -37.39 53.36
CA GLN A 144 -58.27 -36.10 53.63
C GLN A 144 -58.95 -35.49 52.40
N TYR A 145 -58.79 -36.15 51.26
CA TYR A 145 -59.39 -35.70 50.01
C TYR A 145 -60.14 -36.86 49.36
N PRO A 146 -61.22 -37.35 50.01
CA PRO A 146 -61.96 -38.49 49.47
C PRO A 146 -62.61 -38.20 48.12
N GLN A 147 -62.89 -36.91 47.85
CA GLN A 147 -63.56 -36.50 46.61
C GLN A 147 -62.67 -36.70 45.39
N ILE A 148 -61.37 -36.88 45.61
CA ILE A 148 -60.38 -37.01 44.54
C ILE A 148 -59.74 -38.40 44.52
N GLN A 149 -59.44 -38.90 43.33
CA GLN A 149 -58.79 -40.20 43.20
C GLN A 149 -57.29 -40.06 42.93
N PHE A 150 -56.48 -40.72 43.78
CA PHE A 150 -55.04 -40.63 43.70
C PHE A 150 -54.44 -41.87 43.06
N SER A 151 -53.50 -41.67 42.16
CA SER A 151 -52.85 -42.76 41.47
C SER A 151 -51.39 -42.43 41.27
N THR A 152 -50.66 -43.36 40.65
CA THR A 152 -49.27 -43.12 40.34
C THR A 152 -49.23 -42.88 38.83
N PRO A 153 -48.21 -42.16 38.34
CA PRO A 153 -48.05 -41.90 36.90
C PRO A 153 -48.11 -43.17 36.02
N ASP A 154 -47.61 -44.28 36.53
CA ASP A 154 -47.58 -45.52 35.76
C ASP A 154 -48.90 -46.31 35.78
N LYS A 155 -49.75 -46.05 36.78
CA LYS A 155 -51.01 -46.78 36.91
C LYS A 155 -52.26 -45.90 37.03
N PRO A 156 -52.54 -45.06 36.00
CA PRO A 156 -53.74 -44.20 36.04
C PRO A 156 -55.05 -44.97 35.78
N ARG A 157 -56.10 -44.66 36.53
CA ARG A 157 -57.39 -45.35 36.42
C ARG A 157 -58.24 -44.84 35.27
N THR A 158 -58.21 -43.54 35.02
CA THR A 158 -58.91 -42.98 33.86
C THR A 158 -58.08 -43.43 32.69
N VAL A 159 -58.69 -44.09 31.71
CA VAL A 159 -57.93 -44.53 30.55
C VAL A 159 -58.13 -43.55 29.38
N ALA A 160 -59.35 -43.04 29.28
CA ALA A 160 -59.69 -42.01 28.30
C ALA A 160 -60.22 -40.78 29.06
N PRO A 161 -59.35 -39.80 29.35
CA PRO A 161 -59.75 -38.60 30.05
C PRO A 161 -60.24 -37.53 29.09
N TYR A 162 -61.16 -36.70 29.58
CA TYR A 162 -61.74 -35.62 28.77
C TYR A 162 -60.77 -34.45 28.68
N ALA A 163 -60.17 -34.10 29.83
CA ALA A 163 -59.16 -33.03 29.89
C ALA A 163 -58.04 -33.38 30.88
N THR A 164 -56.82 -33.02 30.51
CA THR A 164 -55.64 -33.17 31.39
C THR A 164 -54.91 -31.83 31.57
N TYR A 165 -54.30 -31.67 32.73
CA TYR A 165 -53.55 -30.46 33.04
C TYR A 165 -52.25 -30.84 33.74
N ARG A 166 -51.14 -30.30 33.24
CA ARG A 166 -49.84 -30.62 33.78
C ARG A 166 -49.25 -29.49 34.62
N VAL A 167 -49.45 -29.60 35.93
CA VAL A 167 -48.96 -28.61 36.86
C VAL A 167 -47.48 -28.83 37.14
N GLY A 168 -46.68 -27.76 37.03
CA GLY A 168 -45.27 -27.81 37.38
C GLY A 168 -44.54 -26.50 37.19
N LEU A 169 -43.22 -26.53 37.34
CA LEU A 169 -42.40 -25.36 37.07
C LEU A 169 -41.87 -25.40 35.64
N TYR A 170 -42.03 -24.30 34.92
CA TYR A 170 -41.51 -24.20 33.56
C TYR A 170 -40.58 -23.00 33.51
N PHE A 171 -39.34 -23.26 33.11
CA PHE A 171 -38.30 -22.26 33.21
C PHE A 171 -38.09 -21.45 31.94
N GLY A 172 -37.16 -20.49 32.00
CA GLY A 172 -36.81 -19.63 30.87
C GLY A 172 -37.91 -18.68 30.41
N GLY A 173 -38.88 -18.40 31.27
CA GLY A 173 -39.99 -17.51 30.90
C GLY A 173 -41.06 -18.12 29.98
N ASP A 174 -41.10 -19.45 29.90
CA ASP A 174 -42.15 -20.18 29.19
C ASP A 174 -43.54 -19.59 29.55
N THR A 175 -44.34 -19.24 28.53
CA THR A 175 -45.73 -18.78 28.75
C THR A 175 -46.77 -19.62 28.00
N ASN A 176 -46.39 -20.81 27.56
CA ASN A 176 -47.31 -21.72 26.90
C ASN A 176 -47.88 -22.78 27.86
N ASN A 177 -47.09 -23.20 28.83
CA ASN A 177 -47.54 -24.20 29.80
C ASN A 177 -48.00 -23.59 31.10
N GLN A 178 -47.68 -22.30 31.26
CA GLN A 178 -48.17 -21.50 32.38
C GLN A 178 -48.59 -20.15 31.81
N PRO A 179 -49.68 -19.58 32.33
CA PRO A 179 -50.15 -18.29 31.79
C PRO A 179 -49.11 -17.21 32.01
N VAL A 180 -48.53 -17.14 33.20
CA VAL A 180 -47.43 -16.19 33.45
C VAL A 180 -46.20 -16.89 34.09
N ASP A 181 -45.02 -16.33 33.87
CA ASP A 181 -43.79 -16.86 34.45
C ASP A 181 -43.96 -17.05 35.97
N PHE A 182 -43.71 -18.26 36.45
CA PHE A 182 -43.95 -18.55 37.86
C PHE A 182 -43.15 -17.68 38.80
N ARG A 183 -42.06 -17.14 38.30
CA ARG A 183 -41.20 -16.31 39.13
C ARG A 183 -41.85 -15.00 39.50
N LYS A 184 -42.91 -14.64 38.77
CA LYS A 184 -43.59 -13.37 38.99
C LYS A 184 -44.72 -13.51 39.98
N VAL A 185 -45.21 -14.73 40.16
CA VAL A 185 -46.36 -14.97 41.04
C VAL A 185 -46.07 -15.87 42.24
N GLY A 186 -44.91 -16.53 42.21
CA GLY A 186 -44.55 -17.51 43.27
C GLY A 186 -44.72 -18.93 42.75
N PHE A 187 -43.73 -19.79 43.01
CA PHE A 187 -43.71 -21.14 42.42
C PHE A 187 -44.96 -21.95 42.76
N HIS A 188 -45.46 -21.80 43.98
CA HIS A 188 -46.65 -22.53 44.39
C HIS A 188 -47.96 -21.97 43.86
N ARG A 189 -48.11 -20.64 43.87
CA ARG A 189 -49.32 -20.02 43.31
C ARG A 189 -49.46 -20.24 41.81
N SER A 190 -48.38 -20.60 41.15
CA SER A 190 -48.40 -20.81 39.72
C SER A 190 -49.43 -21.89 39.38
N ALA A 191 -49.62 -22.84 40.29
CA ALA A 191 -50.59 -23.88 40.09
C ALA A 191 -52.01 -23.32 39.96
N GLY A 192 -52.34 -22.30 40.75
CA GLY A 192 -53.64 -21.67 40.67
C GLY A 192 -53.86 -20.99 39.34
N TYR A 193 -52.80 -20.41 38.79
CA TYR A 193 -52.91 -19.71 37.53
C TYR A 193 -53.08 -20.72 36.40
N ILE A 194 -52.29 -21.77 36.44
CA ILE A 194 -52.37 -22.82 35.43
C ILE A 194 -53.78 -23.38 35.37
N LEU A 195 -54.37 -23.61 36.55
CA LEU A 195 -55.70 -24.21 36.66
C LEU A 195 -56.84 -23.17 36.63
N GLY A 196 -56.46 -21.89 36.66
CA GLY A 196 -57.43 -20.81 36.57
C GLY A 196 -58.36 -20.71 37.77
N VAL A 197 -57.82 -20.93 38.95
CA VAL A 197 -58.59 -20.76 40.16
C VAL A 197 -58.03 -19.62 41.06
N ASP A 198 -58.74 -19.32 42.14
CA ASP A 198 -58.27 -18.37 43.13
C ASP A 198 -56.80 -18.74 43.39
N PRO A 199 -55.89 -17.78 43.13
CA PRO A 199 -54.45 -18.06 43.21
C PRO A 199 -53.88 -17.95 44.61
N ARG A 200 -54.71 -17.60 45.59
CA ARG A 200 -54.24 -17.44 46.97
C ARG A 200 -53.82 -18.73 47.68
N GLU A 201 -52.64 -18.70 48.27
CA GLU A 201 -52.07 -19.87 48.92
C GLU A 201 -52.93 -20.40 50.04
N ALA A 202 -52.85 -21.72 50.23
CA ALA A 202 -53.42 -22.39 51.40
C ALA A 202 -52.57 -23.63 51.75
N PRO A 203 -52.66 -24.10 53.00
CA PRO A 203 -51.98 -25.33 53.39
C PRO A 203 -52.83 -26.56 53.01
N VAL A 204 -52.20 -27.71 52.83
CA VAL A 204 -52.92 -28.94 52.60
C VAL A 204 -53.56 -29.39 53.91
N ARG A 205 -54.47 -30.36 53.81
CA ARG A 205 -55.09 -30.92 54.99
C ARG A 205 -54.39 -32.22 55.32
N LEU A 206 -54.01 -32.37 56.58
CA LEU A 206 -53.30 -33.57 57.03
C LEU A 206 -54.02 -34.25 58.18
N ASP A 207 -53.56 -35.44 58.54
CA ASP A 207 -54.11 -36.11 59.70
C ASP A 207 -53.37 -35.56 60.90
N LEU A 208 -54.10 -34.86 61.76
CA LEU A 208 -53.52 -34.25 62.96
C LEU A 208 -53.98 -34.97 64.20
N SER A 209 -54.55 -36.16 64.03
CA SER A 209 -55.10 -36.91 65.14
C SER A 209 -54.06 -37.33 66.18
N ALA A 210 -52.88 -37.73 65.70
CA ALA A 210 -51.86 -38.37 66.55
C ALA A 210 -51.58 -37.72 67.93
N PRO A 211 -51.47 -38.55 69.00
CA PRO A 211 -51.23 -37.98 70.32
C PRO A 211 -49.76 -37.64 70.55
N ARG A 212 -49.50 -36.81 71.56
CA ARG A 212 -48.15 -36.36 71.87
C ARG A 212 -47.25 -37.49 72.42
N VAL A 213 -46.01 -37.53 71.95
CA VAL A 213 -45.05 -38.55 72.37
C VAL A 213 -43.96 -37.99 73.28
N ILE A 214 -43.25 -36.97 72.82
CA ILE A 214 -42.24 -36.30 73.65
C ILE A 214 -42.96 -35.31 74.56
N ALA A 215 -42.82 -35.47 75.89
CA ALA A 215 -43.57 -34.62 76.84
C ALA A 215 -43.07 -33.17 76.92
N ALA A 216 -41.77 -32.98 77.10
CA ALA A 216 -41.23 -31.63 77.26
C ALA A 216 -41.29 -30.81 75.95
N PRO A 217 -41.17 -29.47 76.05
CA PRO A 217 -41.15 -28.59 74.87
C PRO A 217 -39.98 -28.90 73.94
N TYR A 218 -40.23 -28.87 72.64
CA TYR A 218 -39.17 -29.13 71.66
C TYR A 218 -39.37 -28.39 70.33
N VAL A 219 -38.29 -28.25 69.58
CA VAL A 219 -38.31 -27.55 68.28
C VAL A 219 -37.77 -28.45 67.19
N CYS A 220 -38.44 -28.49 66.04
CA CYS A 220 -37.90 -29.24 64.92
C CYS A 220 -37.15 -28.36 63.98
N ILE A 221 -36.14 -28.95 63.34
CA ILE A 221 -35.23 -28.21 62.51
C ILE A 221 -34.89 -28.95 61.22
N ALA A 222 -34.81 -28.21 60.12
CA ALA A 222 -34.46 -28.80 58.82
C ALA A 222 -33.31 -28.03 58.18
N THR A 223 -32.15 -28.67 58.07
CA THR A 223 -30.91 -27.99 57.63
C THR A 223 -30.44 -28.37 56.22
N GLN A 224 -30.93 -29.49 55.70
CA GLN A 224 -30.59 -30.01 54.35
C GLN A 224 -31.50 -29.40 53.26
N SER A 225 -31.05 -29.46 52.00
CA SER A 225 -31.87 -28.99 50.88
C SER A 225 -31.29 -29.46 49.55
N THR A 226 -31.94 -29.10 48.45
CA THR A 226 -31.55 -29.63 47.12
C THR A 226 -30.44 -28.90 46.36
N CYS A 227 -30.20 -27.64 46.68
CA CYS A 227 -29.01 -26.96 46.15
C CYS A 227 -28.37 -26.15 47.25
N GLN A 228 -27.09 -25.84 47.08
CA GLN A 228 -26.33 -25.18 48.16
C GLN A 228 -26.87 -23.81 48.50
N ALA A 229 -27.46 -23.15 47.50
CA ALA A 229 -27.98 -21.79 47.65
C ALA A 229 -29.08 -21.69 48.70
N LYS A 230 -29.90 -22.74 48.81
CA LYS A 230 -30.98 -22.81 49.79
C LYS A 230 -30.51 -23.14 51.22
N TYR A 231 -29.24 -23.52 51.38
CA TYR A 231 -28.68 -23.76 52.72
C TYR A 231 -28.40 -22.43 53.41
N TRP A 232 -28.38 -22.47 54.73
CA TRP A 232 -27.99 -21.31 55.53
C TRP A 232 -26.50 -21.33 55.63
N ASN A 233 -25.83 -20.59 54.75
CA ASN A 233 -24.38 -20.68 54.61
C ASN A 233 -23.57 -19.80 55.54
N ASN A 234 -24.17 -19.37 56.64
CA ASN A 234 -23.45 -18.65 57.67
C ASN A 234 -22.69 -19.65 58.51
N GLY A 235 -21.41 -19.41 58.73
CA GLY A 235 -20.55 -20.39 59.40
C GLY A 235 -21.03 -20.92 60.74
N THR A 236 -21.48 -20.01 61.61
CA THR A 236 -21.89 -20.41 62.96
C THR A 236 -23.39 -20.28 63.21
N GLY A 237 -24.16 -20.03 62.15
CA GLY A 237 -25.61 -19.88 62.26
C GLY A 237 -26.34 -20.95 63.07
N TRP A 238 -26.48 -22.13 62.48
CA TRP A 238 -27.16 -23.23 63.14
C TRP A 238 -26.66 -23.48 64.53
N SER A 239 -25.35 -23.47 64.72
CA SER A 239 -24.83 -23.75 66.04
C SER A 239 -25.29 -22.74 67.08
N GLU A 240 -25.28 -21.45 66.72
CA GLU A 240 -25.71 -20.40 67.67
C GLU A 240 -27.20 -20.49 67.99
N VAL A 241 -27.99 -20.88 66.98
CA VAL A 241 -29.41 -21.09 67.18
C VAL A 241 -29.70 -22.28 68.10
N ILE A 242 -29.10 -23.42 67.80
CA ILE A 242 -29.28 -24.63 68.62
C ILE A 242 -28.91 -24.39 70.09
N ALA A 243 -27.80 -23.67 70.32
CA ALA A 243 -27.37 -23.34 71.68
C ALA A 243 -28.42 -22.50 72.37
N HIS A 244 -28.93 -21.50 71.66
CA HIS A 244 -29.94 -20.59 72.17
C HIS A 244 -31.24 -21.29 72.48
N LEU A 245 -31.65 -22.21 71.61
CA LEU A 245 -32.89 -22.94 71.83
C LEU A 245 -32.84 -23.72 73.13
N LYS A 246 -31.69 -24.32 73.40
CA LYS A 246 -31.53 -25.11 74.60
C LYS A 246 -31.53 -24.21 75.82
N SER A 247 -30.92 -23.04 75.69
CA SER A 247 -30.93 -22.09 76.81
C SER A 247 -32.35 -21.61 77.15
N LEU A 248 -33.30 -21.79 76.21
CA LEU A 248 -34.69 -21.42 76.44
C LEU A 248 -35.52 -22.60 76.91
N GLY A 249 -34.90 -23.75 77.04
CA GLY A 249 -35.59 -24.93 77.55
C GLY A 249 -36.12 -25.90 76.50
N TYR A 250 -35.80 -25.67 75.23
CA TYR A 250 -36.26 -26.59 74.17
C TYR A 250 -35.26 -27.69 73.87
N ARG A 251 -35.78 -28.89 73.63
CA ARG A 251 -35.01 -29.97 72.99
C ARG A 251 -35.02 -29.69 71.47
N VAL A 252 -33.93 -30.01 70.80
CA VAL A 252 -33.81 -29.71 69.39
C VAL A 252 -33.75 -30.99 68.59
N MSE A 253 -34.65 -31.11 67.63
CA MSE A 253 -34.65 -32.27 66.76
C MSE A 253 -34.46 -31.82 65.32
O MSE A 253 -35.22 -30.99 64.80
CB MSE A 253 -35.95 -33.06 66.89
CG MSE A 253 -36.01 -33.96 68.12
SE MSE A 253 -36.68 -33.03 69.70
CE MSE A 253 -37.02 -31.28 68.91
N CYS A 254 -33.45 -32.38 64.67
CA CYS A 254 -33.26 -32.19 63.24
C CYS A 254 -33.95 -33.32 62.51
N ILE A 255 -34.81 -32.95 61.59
CA ILE A 255 -35.67 -33.90 60.92
C ILE A 255 -35.40 -34.09 59.43
N ASP A 256 -34.22 -33.72 58.97
CA ASP A 256 -33.90 -33.85 57.56
C ASP A 256 -33.87 -35.30 57.13
N ARG A 257 -34.17 -35.55 55.87
CA ARG A 257 -34.12 -36.91 55.31
C ARG A 257 -32.71 -37.51 55.33
N ASP A 258 -31.71 -36.70 54.99
CA ASP A 258 -30.33 -37.17 54.90
C ASP A 258 -29.42 -36.44 55.89
N ALA A 259 -28.59 -37.18 56.61
CA ALA A 259 -27.78 -36.58 57.67
C ALA A 259 -26.54 -35.92 57.07
N HIS A 260 -26.21 -36.30 55.83
CA HIS A 260 -25.09 -35.74 55.11
C HIS A 260 -25.52 -35.59 53.70
N TYR A 261 -25.23 -34.44 53.09
CA TYR A 261 -25.62 -34.20 51.72
C TYR A 261 -24.76 -33.09 51.12
N GLY A 262 -24.39 -33.23 49.86
CA GLY A 262 -23.51 -32.28 49.21
C GLY A 262 -22.91 -32.82 47.91
N GLN A 263 -21.91 -32.12 47.39
CA GLN A 263 -21.30 -32.43 46.10
C GLN A 263 -19.84 -31.99 46.15
N GLY A 264 -18.96 -32.62 45.36
CA GLY A 264 -17.53 -32.30 45.40
C GLY A 264 -16.94 -32.24 46.81
N PHE A 265 -16.42 -31.09 47.20
CA PHE A 265 -15.89 -30.95 48.54
C PHE A 265 -16.84 -30.21 49.50
N VAL A 266 -17.97 -29.71 48.97
CA VAL A 266 -18.93 -29.00 49.83
C VAL A 266 -20.00 -29.92 50.37
N TRP A 267 -19.92 -30.18 51.67
CA TRP A 267 -20.82 -31.11 52.32
C TRP A 267 -21.44 -30.57 53.56
N ASN A 268 -22.72 -30.85 53.73
CA ASN A 268 -23.47 -30.39 54.87
C ASN A 268 -23.89 -31.55 55.74
N HIS A 269 -23.74 -31.39 57.05
CA HIS A 269 -24.05 -32.46 57.98
C HIS A 269 -24.96 -32.00 59.05
N ILE A 270 -25.73 -32.94 59.59
CA ILE A 270 -26.54 -32.69 60.75
C ILE A 270 -25.73 -32.00 61.83
N PRO A 271 -26.14 -30.79 62.22
CA PRO A 271 -25.36 -30.00 63.18
C PRO A 271 -25.14 -30.73 64.47
N TRP A 272 -23.93 -30.63 64.99
CA TRP A 272 -23.62 -31.16 66.31
C TRP A 272 -24.56 -30.51 67.30
N GLY A 273 -25.13 -31.32 68.20
CA GLY A 273 -26.03 -30.77 69.23
C GLY A 273 -27.50 -30.99 68.96
N ALA A 274 -27.84 -31.27 67.71
CA ALA A 274 -29.21 -31.61 67.35
C ALA A 274 -29.39 -33.11 67.46
N GLU A 275 -30.61 -33.57 67.73
CA GLU A 275 -30.86 -35.01 67.78
C GLU A 275 -31.61 -35.48 66.53
N ASP A 276 -31.09 -36.53 65.88
CA ASP A 276 -31.69 -37.07 64.68
C ASP A 276 -32.12 -38.52 64.85
N PHE A 277 -33.34 -38.85 64.48
CA PHE A 277 -34.30 -37.89 63.91
C PHE A 277 -34.06 -37.54 62.44
N THR A 278 -33.24 -38.34 61.75
CA THR A 278 -33.00 -38.17 60.32
C THR A 278 -33.15 -39.51 59.61
N GLY A 279 -33.49 -39.49 58.33
CA GLY A 279 -33.73 -40.74 57.61
C GLY A 279 -34.93 -40.71 56.69
N LYS A 280 -35.00 -41.69 55.79
CA LYS A 280 -36.07 -41.77 54.78
C LYS A 280 -37.30 -42.45 55.36
N LEU A 281 -38.13 -41.70 56.06
CA LEU A 281 -39.30 -42.27 56.70
C LEU A 281 -40.59 -41.90 55.96
N PRO A 282 -41.70 -42.59 56.28
CA PRO A 282 -42.98 -42.14 55.72
C PRO A 282 -43.35 -40.79 56.32
N LEU A 283 -43.89 -39.89 55.48
CA LEU A 283 -44.14 -38.51 55.87
C LEU A 283 -45.03 -38.37 57.09
N GLN A 284 -46.00 -39.27 57.22
CA GLN A 284 -46.93 -39.22 58.33
C GLN A 284 -46.24 -39.20 59.69
N GLU A 285 -45.09 -39.88 59.80
CA GLU A 285 -44.33 -39.88 61.05
C GLU A 285 -43.76 -38.51 61.34
N ARG A 286 -43.36 -37.80 60.27
CA ARG A 286 -42.84 -36.43 60.39
C ARG A 286 -43.94 -35.47 60.80
N VAL A 287 -45.12 -35.66 60.20
CA VAL A 287 -46.30 -34.91 60.59
C VAL A 287 -46.60 -35.07 62.08
N ASN A 288 -46.60 -36.32 62.55
CA ASN A 288 -46.91 -36.64 63.95
C ASN A 288 -45.95 -35.97 64.92
N LEU A 289 -44.68 -35.96 64.56
CA LEU A 289 -43.65 -35.34 65.40
C LEU A 289 -43.79 -33.82 65.35
N LEU A 290 -43.99 -33.29 64.13
CA LEU A 290 -44.12 -31.84 63.87
C LEU A 290 -45.28 -31.22 64.65
N ARG A 291 -46.41 -31.91 64.61
CA ARG A 291 -47.65 -31.46 65.24
C ARG A 291 -47.49 -30.91 66.67
N HIS A 292 -46.63 -31.53 67.47
CA HIS A 292 -46.48 -31.13 68.86
C HIS A 292 -45.25 -30.34 69.15
N ALA A 293 -44.56 -29.92 68.10
CA ALA A 293 -43.39 -29.07 68.26
C ALA A 293 -43.85 -27.66 68.61
N SER A 294 -43.17 -27.00 69.54
CA SER A 294 -43.50 -25.61 69.87
C SER A 294 -43.36 -24.74 68.63
N PHE A 295 -42.32 -24.99 67.82
CA PHE A 295 -42.22 -24.41 66.49
C PHE A 295 -41.19 -25.10 65.61
N PHE A 296 -41.00 -24.60 64.39
CA PHE A 296 -40.13 -25.23 63.41
C PHE A 296 -39.23 -24.19 62.77
N ILE A 297 -37.98 -24.59 62.49
CA ILE A 297 -37.03 -23.70 61.81
C ILE A 297 -36.48 -24.42 60.62
N GLY A 298 -36.59 -23.79 59.45
CA GLY A 298 -36.20 -24.47 58.23
C GLY A 298 -35.88 -23.60 57.03
N LEU A 299 -35.78 -24.25 55.89
CA LEU A 299 -35.38 -23.60 54.65
C LEU A 299 -36.54 -23.62 53.65
N PRO A 300 -36.39 -22.91 52.53
CA PRO A 300 -37.49 -22.87 51.56
C PRO A 300 -37.75 -24.22 50.85
N SER A 301 -37.08 -25.28 51.29
CA SER A 301 -37.37 -26.62 50.81
C SER A 301 -38.64 -27.21 51.45
N GLY A 302 -38.95 -28.45 51.06
CA GLY A 302 -40.19 -29.13 51.44
C GLY A 302 -40.71 -29.17 52.87
N LEU A 303 -39.86 -29.54 53.81
CA LEU A 303 -40.35 -29.74 55.17
C LEU A 303 -41.00 -28.49 55.76
N SER A 304 -40.64 -27.32 55.25
CA SER A 304 -41.26 -26.10 55.74
C SER A 304 -42.75 -26.04 55.41
N TRP A 305 -43.11 -26.57 54.25
CA TRP A 305 -44.49 -26.61 53.81
C TRP A 305 -45.27 -27.60 54.61
N LEU A 306 -44.62 -28.69 55.00
CA LEU A 306 -45.26 -29.70 55.84
C LEU A 306 -45.49 -29.12 57.21
N ALA A 307 -44.44 -28.51 57.75
CA ALA A 307 -44.53 -27.85 59.05
C ALA A 307 -45.65 -26.80 59.03
N TRP A 308 -45.78 -26.10 57.92
CA TRP A 308 -46.81 -25.08 57.79
C TRP A 308 -48.18 -25.67 57.94
N ALA A 309 -48.43 -26.76 57.22
CA ALA A 309 -49.72 -27.46 57.24
C ALA A 309 -50.08 -28.16 58.57
N THR A 310 -49.09 -28.40 59.42
CA THR A 310 -49.37 -28.97 60.73
C THR A 310 -49.76 -27.88 61.73
N ARG A 311 -49.94 -26.66 61.22
CA ARG A 311 -50.39 -25.52 62.03
C ARG A 311 -49.48 -25.08 63.20
N ILE A 312 -48.16 -25.23 63.05
CA ILE A 312 -47.23 -24.70 64.05
C ILE A 312 -46.44 -23.51 63.49
N PRO A 313 -45.97 -22.60 64.35
CA PRO A 313 -45.21 -21.45 63.84
C PRO A 313 -43.96 -21.90 63.08
N VAL A 314 -43.71 -21.28 61.92
CA VAL A 314 -42.58 -21.65 61.10
C VAL A 314 -41.60 -20.48 60.93
N VAL A 315 -40.37 -20.67 61.41
CA VAL A 315 -39.31 -19.72 61.14
C VAL A 315 -38.62 -20.15 59.85
N LEU A 316 -38.73 -19.34 58.82
CA LEU A 316 -38.21 -19.70 57.51
C LEU A 316 -37.03 -18.83 57.11
N ILE A 317 -35.87 -19.47 56.96
CA ILE A 317 -34.62 -18.80 56.62
C ILE A 317 -34.32 -18.90 55.13
N SER A 318 -34.34 -17.77 54.42
CA SER A 318 -34.02 -17.83 53.01
C SER A 318 -33.54 -16.48 52.47
N GLY A 319 -32.45 -16.52 51.69
CA GLY A 319 -31.89 -15.34 51.07
C GLY A 319 -31.96 -15.41 49.55
N PHE A 320 -31.97 -16.62 49.01
CA PHE A 320 -31.94 -16.76 47.56
C PHE A 320 -33.31 -16.52 46.91
N SER A 321 -34.36 -16.51 47.73
CA SER A 321 -35.70 -16.17 47.28
C SER A 321 -36.26 -15.03 48.12
N LEU A 322 -37.09 -14.20 47.50
CA LEU A 322 -37.74 -13.07 48.20
C LEU A 322 -38.79 -13.57 49.19
N PRO A 323 -39.07 -12.79 50.24
CA PRO A 323 -40.08 -13.17 51.23
C PRO A 323 -41.40 -13.68 50.62
N ASN A 324 -41.93 -12.97 49.62
CA ASN A 324 -43.19 -13.38 48.97
C ASN A 324 -43.09 -14.62 48.06
N SER A 325 -41.93 -15.25 47.99
CA SER A 325 -41.76 -16.40 47.14
C SER A 325 -42.37 -17.68 47.73
N GLU A 326 -42.60 -17.69 49.03
CA GLU A 326 -43.16 -18.83 49.73
C GLU A 326 -44.37 -18.36 50.48
N PHE A 327 -44.95 -19.24 51.32
CA PHE A 327 -46.12 -18.88 52.13
C PHE A 327 -45.75 -17.77 53.13
N TYR A 328 -46.75 -17.05 53.60
CA TYR A 328 -46.49 -16.01 54.53
C TYR A 328 -46.24 -16.58 55.92
N THR A 329 -45.25 -16.02 56.60
CA THR A 329 -45.01 -16.28 58.02
C THR A 329 -44.39 -15.04 58.66
N PRO A 330 -44.91 -14.61 59.81
CA PRO A 330 -44.32 -13.44 60.44
C PRO A 330 -42.89 -13.70 60.88
N TRP A 331 -42.48 -14.97 60.84
CA TRP A 331 -41.14 -15.40 61.27
C TRP A 331 -40.23 -15.69 60.11
N ARG A 332 -40.52 -15.10 58.97
CA ARG A 332 -39.64 -15.20 57.82
C ARG A 332 -38.36 -14.36 58.08
N VAL A 333 -37.19 -14.96 57.85
CA VAL A 333 -35.91 -14.27 58.00
C VAL A 333 -35.25 -13.99 56.65
N PHE A 334 -34.82 -12.76 56.47
CA PHE A 334 -34.33 -12.30 55.17
C PHE A 334 -33.42 -11.12 55.41
N ASN A 335 -32.36 -11.00 54.61
CA ASN A 335 -31.46 -9.85 54.76
C ASN A 335 -31.35 -9.12 53.44
N SER A 336 -31.56 -7.80 53.45
CA SER A 336 -31.66 -7.03 52.20
C SER A 336 -30.44 -6.15 51.85
N HIS A 337 -29.34 -6.35 52.57
CA HIS A 337 -28.16 -5.53 52.33
C HIS A 337 -27.19 -5.99 51.28
N GLY A 338 -27.32 -7.24 50.81
CA GLY A 338 -26.40 -7.77 49.78
C GLY A 338 -27.12 -8.35 48.59
N CYS A 339 -26.54 -9.38 47.94
CA CYS A 339 -27.23 -10.12 46.87
C CYS A 339 -28.40 -10.82 47.60
N TYR A 340 -29.54 -10.90 46.92
CA TYR A 340 -30.68 -11.70 47.36
C TYR A 340 -31.60 -12.00 46.17
N GLY A 341 -32.42 -13.04 46.29
CA GLY A 341 -33.40 -13.30 45.26
C GLY A 341 -32.92 -13.80 43.91
N CYS A 342 -31.78 -14.50 43.89
CA CYS A 342 -31.26 -15.18 42.69
C CYS A 342 -32.51 -15.86 42.01
N TRP A 343 -33.29 -16.56 42.83
CA TRP A 343 -34.36 -17.44 42.38
C TRP A 343 -35.55 -16.83 41.67
N ASP A 344 -35.90 -15.61 42.06
CA ASP A 344 -37.08 -14.94 41.52
C ASP A 344 -36.76 -14.07 40.32
N ASP A 345 -35.47 -13.84 40.08
CA ASP A 345 -35.01 -12.90 39.07
C ASP A 345 -35.20 -13.44 37.63
N THR A 346 -36.05 -12.79 36.84
CA THR A 346 -36.37 -13.28 35.51
C THR A 346 -35.26 -13.13 34.48
N SER A 347 -34.22 -12.37 34.83
CA SER A 347 -33.10 -12.22 33.91
C SER A 347 -32.06 -13.34 34.06
N LEU A 348 -32.17 -14.10 35.15
CA LEU A 348 -31.26 -15.21 35.45
C LEU A 348 -31.95 -16.55 35.23
N ASN A 349 -31.21 -17.64 35.30
CA ASN A 349 -31.78 -18.98 35.07
C ASN A 349 -31.26 -20.07 35.98
N PHE A 350 -32.17 -20.68 36.74
CA PHE A 350 -31.80 -21.79 37.59
C PHE A 350 -31.18 -22.96 36.79
N ASP A 351 -30.09 -23.52 37.33
CA ASP A 351 -29.37 -24.64 36.73
C ASP A 351 -29.63 -25.90 37.54
N HIS A 352 -30.37 -26.84 36.96
CA HIS A 352 -30.73 -28.09 37.67
C HIS A 352 -29.53 -28.97 37.90
N HIS A 353 -28.48 -28.76 37.10
CA HIS A 353 -27.29 -29.62 37.12
C HIS A 353 -26.16 -29.12 37.97
N ASP A 354 -26.26 -27.89 38.45
CA ASP A 354 -25.22 -27.31 39.26
C ASP A 354 -25.67 -27.13 40.73
N PHE A 355 -25.16 -27.95 41.62
CA PHE A 355 -25.54 -27.89 43.02
C PHE A 355 -24.95 -26.66 43.68
N LEU A 356 -23.89 -26.12 43.07
CA LEU A 356 -23.21 -24.96 43.62
C LEU A 356 -23.57 -23.69 42.87
N TRP A 357 -24.77 -23.69 42.29
CA TRP A 357 -25.29 -22.56 41.53
C TRP A 357 -25.35 -21.27 42.34
N CYS A 358 -24.66 -20.22 41.87
CA CYS A 358 -24.82 -18.83 42.33
C CYS A 358 -24.59 -17.96 41.08
N PRO A 359 -25.68 -17.62 40.35
CA PRO A 359 -25.52 -16.90 39.07
C PRO A 359 -24.73 -15.61 39.16
N ARG A 360 -24.90 -14.87 40.25
CA ARG A 360 -24.21 -13.60 40.39
C ARG A 360 -22.83 -13.65 41.03
N HIS A 361 -22.52 -14.66 41.85
CA HIS A 361 -21.23 -14.68 42.55
C HIS A 361 -20.45 -15.97 42.62
N LYS A 362 -20.83 -16.96 41.81
CA LYS A 362 -20.13 -18.24 41.80
C LYS A 362 -18.66 -18.06 41.64
N ASN A 363 -17.89 -18.81 42.43
CA ASN A 363 -16.44 -18.78 42.37
C ASN A 363 -15.83 -17.44 42.73
N THR A 364 -16.44 -16.72 43.67
CA THR A 364 -15.90 -15.45 44.13
C THR A 364 -16.03 -15.35 45.64
N ASP A 365 -15.52 -14.26 46.21
CA ASP A 365 -15.61 -13.99 47.65
C ASP A 365 -17.04 -13.91 48.13
N ARG A 366 -17.93 -13.51 47.24
CA ARG A 366 -19.29 -13.17 47.64
C ARG A 366 -20.28 -14.32 47.47
N GLN A 367 -19.79 -15.48 47.06
CA GLN A 367 -20.68 -16.61 46.83
C GLN A 367 -21.50 -16.89 48.05
N PHE A 368 -22.79 -16.99 47.85
CA PHE A 368 -23.77 -17.29 48.89
C PHE A 368 -23.88 -16.21 49.95
N GLU A 369 -23.51 -15.00 49.56
CA GLU A 369 -23.71 -13.81 50.37
C GLU A 369 -25.18 -13.73 50.79
N CYS A 370 -26.04 -14.30 49.92
CA CYS A 370 -27.50 -14.42 50.10
C CYS A 370 -27.76 -14.71 51.62
N THR A 371 -27.04 -15.68 52.18
CA THR A 371 -27.35 -16.22 53.50
C THR A 371 -26.28 -16.00 54.55
N ARG A 372 -25.03 -15.76 54.13
CA ARG A 372 -23.99 -15.46 55.11
C ARG A 372 -24.27 -14.18 55.87
N LEU A 373 -24.99 -13.26 55.23
CA LEU A 373 -25.43 -12.07 55.90
C LEU A 373 -26.50 -12.34 56.94
N ILE A 374 -27.11 -13.52 56.91
CA ILE A 374 -28.10 -13.85 57.94
C ILE A 374 -27.38 -14.50 59.12
N THR A 375 -27.19 -13.71 60.17
CA THR A 375 -26.43 -14.18 61.32
C THR A 375 -27.28 -14.96 62.29
N GLY A 376 -26.61 -15.68 63.21
CA GLY A 376 -27.31 -16.39 64.28
C GLY A 376 -28.06 -15.39 65.12
N ALA A 377 -27.47 -14.20 65.34
CA ALA A 377 -28.10 -13.14 66.14
C ALA A 377 -29.40 -12.74 65.50
N GLN A 378 -29.39 -12.58 64.18
CA GLN A 378 -30.59 -12.22 63.48
C GLN A 378 -31.68 -13.27 63.71
N VAL A 379 -31.35 -14.55 63.53
CA VAL A 379 -32.34 -15.61 63.67
C VAL A 379 -32.80 -15.76 65.13
N ASN A 380 -31.88 -15.59 66.06
CA ASN A 380 -32.21 -15.64 67.48
C ASN A 380 -33.11 -14.47 67.90
N GLY A 381 -32.92 -13.31 67.28
CA GLY A 381 -33.82 -12.19 67.54
C GLY A 381 -35.26 -12.56 67.17
N VAL A 382 -35.43 -13.19 66.03
CA VAL A 382 -36.75 -13.62 65.59
C VAL A 382 -37.27 -14.68 66.52
N ILE A 383 -36.43 -15.64 66.87
CA ILE A 383 -36.85 -16.68 67.81
C ILE A 383 -37.31 -16.06 69.14
N ASN A 384 -36.59 -15.04 69.59
CA ASN A 384 -36.95 -14.36 70.84
C ASN A 384 -38.35 -13.75 70.80
N LYS A 385 -38.68 -13.09 69.69
CA LYS A 385 -40.04 -12.53 69.52
C LYS A 385 -41.09 -13.62 69.55
N LEU A 386 -40.86 -14.68 68.76
CA LEU A 386 -41.78 -15.80 68.71
C LEU A 386 -41.89 -16.47 70.06
N HIS A 387 -40.78 -16.61 70.77
CA HIS A 387 -40.81 -17.25 72.09
C HIS A 387 -41.63 -16.44 73.05
N ARG A 388 -41.39 -15.14 73.10
CA ARG A 388 -42.12 -14.22 73.97
C ARG A 388 -43.62 -14.30 73.67
N SER A 389 -43.95 -14.23 72.38
CA SER A 389 -45.32 -14.35 71.96
C SER A 389 -45.94 -15.70 72.36
N LEU A 390 -45.17 -16.77 72.40
CA LEU A 390 -45.72 -18.07 72.79
C LEU A 390 -46.07 -18.13 74.27
N THR A 391 -45.43 -17.30 75.08
CA THR A 391 -45.69 -17.28 76.52
C THR A 391 -45.92 -15.87 77.04
N PHE B 9 10.51 -12.73 63.24
CA PHE B 9 10.46 -11.24 63.39
C PHE B 9 11.36 -10.76 64.55
N ILE B 10 12.48 -11.45 64.76
CA ILE B 10 13.45 -11.08 65.82
C ILE B 10 14.79 -10.59 65.26
N THR B 11 15.05 -9.30 65.44
CA THR B 11 16.13 -8.64 64.70
C THR B 11 17.52 -8.72 65.34
N PRO B 12 18.56 -8.76 64.50
CA PRO B 12 19.91 -8.80 65.03
C PRO B 12 20.30 -7.45 65.60
N PRO B 13 21.31 -7.44 66.48
CA PRO B 13 21.84 -6.20 67.03
C PRO B 13 22.16 -5.20 65.92
N ASP B 14 22.04 -3.91 66.21
CA ASP B 14 22.37 -2.86 65.25
C ASP B 14 23.87 -2.75 65.03
N THR B 15 24.63 -3.22 66.00
CA THR B 15 26.06 -3.17 65.94
C THR B 15 26.63 -4.54 66.32
N PRO B 16 27.59 -5.06 65.51
CA PRO B 16 28.12 -6.39 65.76
C PRO B 16 28.77 -6.53 67.13
N THR B 17 28.60 -7.71 67.72
CA THR B 17 28.90 -7.93 69.11
C THR B 17 30.34 -8.36 69.49
N GLN B 18 31.23 -8.45 68.51
CA GLN B 18 32.69 -8.65 68.74
C GLN B 18 33.51 -7.60 67.98
N ALA B 19 34.47 -6.99 68.67
CA ALA B 19 35.14 -5.76 68.18
C ALA B 19 36.30 -5.86 67.18
N GLY B 20 37.35 -6.63 67.49
CA GLY B 20 38.56 -6.64 66.66
C GLY B 20 39.47 -5.43 66.90
N PRO B 21 40.61 -5.41 66.21
CA PRO B 21 41.50 -4.25 66.26
C PRO B 21 40.86 -3.04 65.57
N GLU B 22 41.09 -1.84 66.11
CA GLU B 22 40.55 -0.63 65.52
C GLU B 22 39.02 -0.66 65.38
N ASN B 23 38.35 -1.20 66.40
CA ASN B 23 36.90 -1.28 66.39
C ASN B 23 36.35 -2.08 65.21
N ILE B 24 36.96 -3.21 64.91
CA ILE B 24 36.60 -3.99 63.73
C ILE B 24 35.15 -4.47 63.74
N PHE B 25 34.64 -4.91 64.89
CA PHE B 25 33.23 -5.28 64.98
C PHE B 25 32.79 -6.41 64.03
N TYR B 26 32.55 -7.61 64.57
CA TYR B 26 32.08 -8.73 63.76
C TYR B 26 31.15 -9.63 64.54
N ASP B 27 30.35 -10.41 63.84
CA ASP B 27 29.55 -11.44 64.50
C ASP B 27 28.97 -12.47 63.54
N PHE B 28 28.09 -13.32 64.07
CA PHE B 28 27.49 -14.41 63.31
C PHE B 28 26.01 -14.44 63.60
N ASN B 29 25.49 -13.29 63.98
CA ASN B 29 24.11 -13.14 64.44
C ASN B 29 23.07 -13.15 63.36
N ASP B 30 23.38 -12.60 62.20
CA ASP B 30 22.49 -12.77 61.06
C ASP B 30 23.19 -13.68 60.05
N GLY B 31 23.97 -13.13 59.15
CA GLY B 31 24.88 -13.98 58.39
C GLY B 31 26.18 -13.95 59.19
N ALA B 32 27.30 -14.25 58.55
CA ALA B 32 28.58 -13.81 59.10
C ALA B 32 28.61 -12.33 58.78
N ARG B 33 28.79 -11.47 59.78
CA ARG B 33 28.74 -10.01 59.53
C ARG B 33 29.99 -9.32 59.99
N VAL B 34 30.39 -8.28 59.25
CA VAL B 34 31.48 -7.41 59.69
C VAL B 34 31.23 -5.96 59.28
N LEU B 35 31.42 -5.06 60.25
CA LEU B 35 31.23 -3.62 60.05
C LEU B 35 32.56 -2.90 60.16
N LEU B 36 32.95 -2.17 59.11
CA LEU B 36 34.18 -1.39 59.14
C LEU B 36 34.04 0.07 58.69
N PRO B 37 34.68 0.99 59.42
CA PRO B 37 34.50 2.38 59.06
C PRO B 37 35.62 2.91 58.16
N GLU B 38 36.76 2.28 58.21
CA GLU B 38 37.91 2.90 57.59
C GLU B 38 38.01 2.82 56.12
N GLY B 39 38.72 3.78 55.55
CA GLY B 39 38.84 3.92 54.09
C GLY B 39 39.18 2.71 53.25
N LYS B 40 40.27 2.00 53.54
CA LYS B 40 40.71 0.93 52.61
C LYS B 40 40.67 -0.49 53.17
N TRP B 41 39.79 -1.34 52.62
CA TRP B 41 39.67 -2.73 53.10
C TRP B 41 39.38 -3.77 52.02
N HIS B 42 39.96 -4.96 52.21
CA HIS B 42 39.64 -6.15 51.41
C HIS B 42 39.18 -7.22 52.35
N VAL B 43 37.98 -7.71 52.13
CA VAL B 43 37.39 -8.65 53.04
C VAL B 43 37.09 -9.98 52.38
N ARG B 44 37.21 -11.06 53.12
CA ARG B 44 36.72 -12.29 52.58
C ARG B 44 36.29 -13.31 53.59
N LEU B 45 35.33 -14.11 53.21
CA LEU B 45 34.97 -15.10 54.13
C LEU B 45 34.97 -16.48 53.55
N LEU B 46 35.33 -17.41 54.42
CA LEU B 46 35.62 -18.75 54.02
C LEU B 46 34.75 -19.74 54.73
N ASP B 47 34.64 -20.91 54.13
CA ASP B 47 34.06 -22.05 54.80
C ASP B 47 35.25 -22.79 55.40
N ALA B 48 35.37 -22.77 56.72
CA ALA B 48 36.53 -23.38 57.39
C ALA B 48 36.66 -24.85 57.07
N ASP B 49 35.52 -25.52 56.87
CA ASP B 49 35.54 -26.97 56.61
C ASP B 49 36.14 -27.35 55.24
N SER B 50 35.78 -26.60 54.20
CA SER B 50 36.28 -26.84 52.84
C SER B 50 37.45 -25.94 52.46
N GLU B 51 37.62 -24.84 53.19
CA GLU B 51 38.63 -23.83 52.87
C GLU B 51 38.29 -23.00 51.62
N ASN B 52 37.07 -23.14 51.12
CA ASN B 52 36.61 -22.36 49.97
C ASN B 52 36.42 -20.88 50.32
N ILE B 53 36.78 -20.01 49.37
CA ILE B 53 36.52 -18.58 49.47
C ILE B 53 35.09 -18.34 49.03
N LEU B 54 34.17 -18.10 49.96
CA LEU B 54 32.74 -17.94 49.63
C LEU B 54 32.42 -16.61 49.00
N PHE B 55 33.00 -15.56 49.54
CA PHE B 55 32.77 -14.22 49.07
C PHE B 55 34.04 -13.41 49.29
N CYS B 56 34.28 -12.48 48.37
CA CYS B 56 35.55 -11.75 48.34
C CYS B 56 35.24 -10.35 47.80
N CYS B 57 35.68 -9.31 48.51
CA CYS B 57 35.21 -7.95 48.24
C CYS B 57 36.18 -6.83 48.64
N ASP B 58 36.17 -5.74 47.89
CA ASP B 58 36.91 -4.51 48.27
C ASP B 58 35.89 -3.50 48.77
N VAL B 59 36.11 -2.97 49.98
CA VAL B 59 35.17 -2.03 50.60
C VAL B 59 35.89 -0.90 51.36
N ASP B 60 35.16 0.20 51.62
CA ASP B 60 35.67 1.35 52.38
C ASP B 60 34.93 1.56 53.72
N LYS B 61 33.60 1.56 53.69
CA LYS B 61 32.80 1.78 54.91
C LYS B 61 31.71 0.72 55.17
N GLY B 62 31.16 0.13 54.13
CA GLY B 62 29.97 -0.71 54.28
C GLY B 62 29.90 -1.83 55.31
N TRP B 63 28.76 -2.52 55.25
CA TRP B 63 28.58 -3.79 55.91
C TRP B 63 29.02 -4.81 54.91
N VAL B 64 29.44 -5.96 55.41
CA VAL B 64 29.65 -7.12 54.56
C VAL B 64 29.09 -8.30 55.32
N THR B 65 28.04 -8.89 54.77
CA THR B 65 27.41 -10.06 55.38
C THR B 65 27.36 -11.17 54.34
N SER B 66 27.47 -12.40 54.82
CA SER B 66 27.45 -13.56 53.94
C SER B 66 26.07 -13.68 53.33
N SER B 67 26.03 -14.10 52.07
CA SER B 67 24.79 -14.38 51.39
C SER B 67 24.02 -15.51 52.14
N LYS B 68 24.77 -16.50 52.63
CA LYS B 68 24.17 -17.64 53.32
C LYS B 68 23.89 -17.30 54.76
N LYS B 69 22.69 -17.63 55.22
CA LYS B 69 22.29 -17.30 56.60
C LYS B 69 22.20 -18.53 57.50
N TYR B 70 22.29 -19.72 56.91
CA TYR B 70 22.17 -20.93 57.72
C TYR B 70 23.50 -21.24 58.33
N PHE B 71 23.56 -22.29 59.14
CA PHE B 71 24.85 -22.66 59.74
C PHE B 71 25.97 -22.95 58.73
N VAL B 72 27.07 -22.21 58.86
CA VAL B 72 28.32 -22.49 58.15
C VAL B 72 29.43 -22.16 59.14
N ARG B 73 30.46 -22.99 59.19
CA ARG B 73 31.61 -22.68 60.05
C ARG B 73 32.42 -21.62 59.31
N PHE B 74 31.91 -20.39 59.31
CA PHE B 74 32.55 -19.29 58.61
C PHE B 74 33.90 -18.92 59.20
N ARG B 75 34.72 -18.30 58.36
CA ARG B 75 36.01 -17.77 58.76
C ARG B 75 36.12 -16.38 58.14
N ILE B 76 36.16 -15.35 58.98
CA ILE B 76 36.22 -13.98 58.48
C ILE B 76 37.66 -13.49 58.44
N GLN B 77 38.03 -12.88 57.31
CA GLN B 77 39.36 -12.30 57.12
C GLN B 77 39.22 -10.87 56.57
N VAL B 78 39.81 -9.92 57.29
CA VAL B 78 39.81 -8.52 56.84
C VAL B 78 41.25 -8.15 56.51
N PHE B 79 41.48 -7.65 55.30
CA PHE B 79 42.81 -7.27 54.85
C PHE B 79 42.92 -5.76 54.65
N ARG B 80 44.12 -5.21 54.86
CA ARG B 80 44.41 -3.85 54.39
C ARG B 80 44.54 -4.02 52.89
N GLN B 81 44.23 -2.97 52.14
CA GLN B 81 44.13 -3.09 50.70
C GLN B 81 45.15 -4.02 50.04
N GLY B 82 46.43 -3.91 50.36
CA GLY B 82 47.41 -4.78 49.69
C GLY B 82 48.26 -5.65 50.60
N ALA B 83 47.71 -6.13 51.70
CA ALA B 83 48.48 -6.85 52.73
C ALA B 83 48.65 -8.36 52.46
N ALA B 84 49.64 -8.97 53.12
CA ALA B 84 49.91 -10.40 52.97
C ALA B 84 49.15 -11.25 54.01
N THR B 85 49.19 -10.80 55.27
CA THR B 85 48.43 -11.46 56.35
C THR B 85 47.19 -10.61 56.67
N PRO B 86 46.10 -11.25 57.11
CA PRO B 86 44.96 -10.42 57.45
C PRO B 86 45.12 -9.77 58.82
N LEU B 87 44.55 -8.57 58.96
CA LEU B 87 44.52 -7.85 60.23
C LEU B 87 43.81 -8.68 61.29
N LEU B 88 42.65 -9.24 60.91
CA LEU B 88 42.03 -10.27 61.76
C LEU B 88 41.44 -11.45 60.99
N ASP B 89 41.55 -12.60 61.62
CA ASP B 89 41.24 -13.86 61.01
C ASP B 89 40.60 -14.73 62.09
N GLU B 90 39.30 -14.52 62.27
CA GLU B 90 38.58 -15.28 63.26
C GLU B 90 37.62 -16.28 62.64
N THR B 91 37.63 -17.49 63.17
CA THR B 91 36.78 -18.57 62.67
C THR B 91 35.82 -18.92 63.79
N LEU B 92 34.54 -18.98 63.48
CA LEU B 92 33.55 -19.13 64.53
C LEU B 92 33.73 -20.44 65.28
N LYS B 93 33.73 -20.33 66.60
CA LYS B 93 33.72 -21.47 67.49
C LYS B 93 32.57 -21.23 68.46
N LEU B 94 31.73 -22.23 68.67
CA LEU B 94 30.56 -22.03 69.49
C LEU B 94 30.67 -22.52 70.92
N LYS B 95 31.72 -23.26 71.25
CA LYS B 95 31.83 -23.80 72.59
C LYS B 95 31.70 -22.71 73.68
N ASP B 96 30.78 -22.94 74.62
CA ASP B 96 30.57 -22.04 75.77
C ASP B 96 30.20 -20.61 75.37
N ARG B 97 29.48 -20.46 74.27
CA ARG B 97 29.16 -19.12 73.77
C ARG B 97 27.65 -18.88 73.66
N PRO B 98 27.22 -17.62 73.77
CA PRO B 98 25.80 -17.32 73.66
C PRO B 98 25.28 -17.48 72.23
N VAL B 99 24.42 -18.49 72.03
CA VAL B 99 23.82 -18.69 70.72
C VAL B 99 22.32 -18.52 70.83
N LEU B 100 21.76 -17.95 69.79
CA LEU B 100 20.35 -17.67 69.77
C LEU B 100 19.68 -18.37 68.57
N ILE B 101 18.69 -19.21 68.86
CA ILE B 101 17.91 -19.82 67.80
C ILE B 101 16.52 -19.23 67.87
N SER B 102 16.11 -18.57 66.80
CA SER B 102 14.85 -17.89 66.77
C SER B 102 13.83 -18.60 65.89
N PHE B 103 12.76 -19.09 66.49
CA PHE B 103 11.65 -19.64 65.70
C PHE B 103 10.61 -18.56 65.50
N PRO B 104 9.77 -18.68 64.45
CA PRO B 104 8.68 -17.74 64.29
C PRO B 104 7.53 -18.19 65.16
N THR B 105 6.49 -17.38 65.26
CA THR B 105 5.31 -17.76 66.02
C THR B 105 4.39 -18.60 65.12
N GLY B 106 5.01 -19.48 64.32
CA GLY B 106 4.28 -20.31 63.36
C GLY B 106 3.42 -21.32 64.08
N THR B 107 2.65 -22.09 63.31
CA THR B 107 1.74 -23.05 63.91
C THR B 107 2.45 -24.08 64.80
N LEU B 108 1.65 -24.87 65.53
CA LEU B 108 2.15 -25.85 66.49
C LEU B 108 3.00 -26.97 65.87
N GLY B 109 2.57 -27.49 64.72
CA GLY B 109 3.26 -28.62 64.08
C GLY B 109 4.63 -28.24 63.60
N ASP B 110 4.78 -26.97 63.22
CA ASP B 110 6.06 -26.43 62.81
C ASP B 110 7.08 -26.55 63.94
N LEU B 111 6.73 -26.00 65.10
CA LEU B 111 7.62 -25.97 66.27
C LEU B 111 7.99 -27.35 66.80
N LEU B 112 6.99 -28.21 66.92
CA LEU B 112 7.21 -29.57 67.40
C LEU B 112 8.12 -30.36 66.44
N GLY B 113 8.04 -30.03 65.16
CA GLY B 113 8.87 -30.66 64.16
C GLY B 113 10.30 -30.17 64.23
N TRP B 114 10.44 -28.85 64.29
CA TRP B 114 11.73 -28.15 64.35
C TRP B 114 12.57 -28.32 65.62
N PHE B 115 11.92 -28.33 66.78
CA PHE B 115 12.60 -28.07 68.05
C PHE B 115 13.71 -29.04 68.43
N PRO B 116 13.52 -30.32 68.16
CA PRO B 116 14.50 -31.31 68.59
C PRO B 116 15.85 -30.98 67.97
N TYR B 117 15.84 -30.51 66.74
CA TYR B 117 17.06 -30.16 66.01
C TYR B 117 17.85 -29.10 66.76
N ALA B 118 17.14 -28.26 67.52
CA ALA B 118 17.79 -27.23 68.33
C ALA B 118 18.52 -27.87 69.50
N GLU B 119 17.93 -28.92 70.07
CA GLU B 119 18.63 -29.64 71.12
C GLU B 119 19.88 -30.29 70.58
N ARG B 120 19.81 -30.80 69.36
CA ARG B 120 20.98 -31.49 68.76
C ARG B 120 22.09 -30.52 68.52
N PHE B 121 21.73 -29.33 68.08
CA PHE B 121 22.70 -28.30 67.80
C PHE B 121 23.52 -28.01 69.04
N GLN B 122 22.87 -28.00 70.20
CA GLN B 122 23.58 -27.71 71.43
C GLN B 122 24.43 -28.86 71.95
N SER B 123 23.90 -30.07 71.86
CA SER B 123 24.62 -31.23 72.31
C SER B 123 25.88 -31.42 71.47
N LEU B 124 25.82 -30.99 70.22
CA LEU B 124 26.94 -31.11 69.32
C LEU B 124 27.99 -30.06 69.65
N HIS B 125 27.56 -28.80 69.75
CA HIS B 125 28.49 -27.69 69.92
C HIS B 125 28.79 -27.25 71.31
N LYS B 126 28.06 -27.80 72.28
CA LYS B 126 28.24 -27.48 73.70
C LYS B 126 28.23 -25.95 73.93
N CYS B 127 27.23 -25.28 73.36
CA CYS B 127 27.12 -23.82 73.51
C CYS B 127 26.09 -23.48 74.59
N ARG B 128 25.94 -22.18 74.86
CA ARG B 128 24.92 -21.70 75.78
C ARG B 128 23.76 -21.25 74.92
N LEU B 129 22.72 -22.08 74.86
CA LEU B 129 21.68 -21.86 73.88
C LEU B 129 20.40 -21.25 74.46
N GLU B 130 19.93 -20.21 73.80
CA GLU B 130 18.64 -19.64 74.13
C GLU B 130 17.73 -19.72 72.92
N CYS B 131 16.48 -20.11 73.13
CA CYS B 131 15.50 -20.21 72.05
C CYS B 131 14.32 -19.26 72.28
N THR B 132 13.76 -18.72 71.20
CA THR B 132 12.66 -17.77 71.29
C THR B 132 11.41 -18.30 70.56
N MSE B 133 10.26 -18.26 71.24
CA MSE B 133 9.00 -18.78 70.68
C MSE B 133 7.86 -18.41 71.59
O MSE B 133 8.07 -17.86 72.66
CB MSE B 133 9.12 -20.29 70.64
CG MSE B 133 10.13 -20.73 71.69
SE MSE B 133 9.84 -22.62 72.07
CE MSE B 133 11.59 -23.29 71.44
N SER B 134 6.63 -18.74 71.18
CA SER B 134 5.44 -18.40 71.97
C SER B 134 5.50 -19.00 73.35
N GLN B 135 4.87 -18.32 74.31
CA GLN B 135 4.84 -18.77 75.70
C GLN B 135 4.19 -20.15 75.85
N ASP B 136 3.15 -20.42 75.08
CA ASP B 136 2.43 -21.67 75.22
C ASP B 136 3.26 -22.91 74.90
N ILE B 137 4.23 -22.75 74.01
CA ILE B 137 5.14 -23.85 73.71
C ILE B 137 6.20 -23.97 74.81
N ILE B 138 6.66 -22.82 75.31
CA ILE B 138 7.63 -22.79 76.40
C ILE B 138 7.10 -23.57 77.59
N ASP B 139 5.82 -23.35 77.92
CA ASP B 139 5.18 -24.04 79.03
C ASP B 139 5.14 -25.53 78.80
N LEU B 140 5.07 -25.93 77.53
CA LEU B 140 4.97 -27.33 77.18
C LEU B 140 6.33 -28.05 77.23
N LEU B 141 7.39 -27.33 76.83
CA LEU B 141 8.70 -27.94 76.63
C LEU B 141 9.78 -27.67 77.69
N ALA B 142 9.87 -26.41 78.11
CA ALA B 142 10.97 -25.98 78.98
C ALA B 142 11.40 -26.95 80.08
N PRO B 143 10.43 -27.49 80.85
CA PRO B 143 10.79 -28.42 81.92
C PRO B 143 11.61 -29.62 81.47
N GLN B 144 11.50 -30.03 80.22
CA GLN B 144 12.23 -31.23 79.73
C GLN B 144 13.56 -30.94 79.05
N TYR B 145 13.85 -29.66 78.87
CA TYR B 145 15.11 -29.22 78.29
C TYR B 145 15.77 -28.21 79.24
N PRO B 146 16.20 -28.69 80.42
CA PRO B 146 16.79 -27.80 81.43
C PRO B 146 18.04 -27.10 80.90
N GLN B 147 18.73 -27.74 79.97
CA GLN B 147 19.99 -27.22 79.49
C GLN B 147 19.85 -26.07 78.53
N ILE B 148 18.61 -25.79 78.12
CA ILE B 148 18.33 -24.71 77.17
C ILE B 148 17.49 -23.63 77.85
N GLN B 149 17.80 -22.37 77.56
CA GLN B 149 17.03 -21.26 78.10
C GLN B 149 15.96 -20.77 77.12
N PHE B 150 14.71 -20.74 77.60
CA PHE B 150 13.60 -20.35 76.75
C PHE B 150 13.14 -18.92 77.06
N SER B 151 12.77 -18.19 76.00
CA SER B 151 12.26 -16.84 76.14
C SER B 151 11.26 -16.55 75.04
N THR B 152 10.68 -15.36 75.06
CA THR B 152 9.77 -14.95 73.99
C THR B 152 10.54 -13.96 73.13
N PRO B 153 10.10 -13.77 71.87
CA PRO B 153 10.82 -12.88 70.95
C PRO B 153 10.97 -11.43 71.45
N ASP B 154 10.03 -10.96 72.27
CA ASP B 154 10.09 -9.59 72.76
C ASP B 154 10.97 -9.38 74.00
N LYS B 155 11.25 -10.47 74.72
CA LYS B 155 12.05 -10.40 75.94
C LYS B 155 13.19 -11.41 75.97
N PRO B 156 14.14 -11.31 75.04
CA PRO B 156 15.28 -12.24 75.07
C PRO B 156 16.25 -11.91 76.20
N ARG B 157 16.75 -12.94 76.88
CA ARG B 157 17.55 -12.74 78.06
C ARG B 157 19.01 -12.37 77.84
N THR B 158 19.52 -12.56 76.63
CA THR B 158 20.90 -12.11 76.36
C THR B 158 21.05 -10.87 75.44
N VAL B 159 21.70 -9.84 75.96
CA VAL B 159 21.93 -8.61 75.19
C VAL B 159 22.69 -8.86 73.89
N ALA B 160 23.85 -9.49 74.00
CA ALA B 160 24.76 -9.68 72.87
C ALA B 160 25.09 -11.15 72.59
N PRO B 161 24.42 -11.73 71.57
CA PRO B 161 24.68 -13.11 71.22
C PRO B 161 25.83 -13.23 70.22
N TYR B 162 26.57 -14.33 70.29
CA TYR B 162 27.69 -14.59 69.39
C TYR B 162 27.19 -15.00 68.00
N ALA B 163 26.21 -15.90 67.97
CA ALA B 163 25.61 -16.39 66.73
C ALA B 163 24.10 -16.55 66.87
N THR B 164 23.39 -16.25 65.79
CA THR B 164 21.95 -16.38 65.72
C THR B 164 21.55 -17.19 64.48
N TYR B 165 20.55 -18.05 64.64
CA TYR B 165 20.01 -18.82 63.53
C TYR B 165 18.50 -18.74 63.51
N ARG B 166 17.94 -18.40 62.36
CA ARG B 166 16.50 -18.27 62.23
C ARG B 166 15.87 -19.47 61.51
N VAL B 167 15.38 -20.42 62.30
CA VAL B 167 14.71 -21.58 61.79
C VAL B 167 13.28 -21.27 61.37
N GLY B 168 12.95 -21.55 60.12
CA GLY B 168 11.58 -21.37 59.63
C GLY B 168 11.40 -21.89 58.21
N LEU B 169 10.22 -21.66 57.65
CA LEU B 169 9.98 -22.06 56.28
C LEU B 169 10.26 -20.90 55.37
N TYR B 170 10.97 -21.15 54.29
CA TYR B 170 11.24 -20.12 53.29
C TYR B 170 10.77 -20.61 51.93
N PHE B 171 9.89 -19.83 51.33
CA PHE B 171 9.17 -20.25 50.16
C PHE B 171 9.81 -19.79 48.88
N GLY B 172 9.21 -20.20 47.76
CA GLY B 172 9.70 -19.83 46.43
C GLY B 172 11.04 -20.44 46.05
N GLY B 173 11.46 -21.48 46.77
CA GLY B 173 12.74 -22.10 46.52
C GLY B 173 13.96 -21.32 47.03
N ASP B 174 13.74 -20.44 48.01
CA ASP B 174 14.83 -19.75 48.67
C ASP B 174 15.91 -20.72 49.12
N THR B 175 17.16 -20.38 48.78
CA THR B 175 18.35 -21.18 49.18
C THR B 175 19.41 -20.37 49.93
N ASN B 176 19.05 -19.17 50.42
CA ASN B 176 19.97 -18.38 51.21
C ASN B 176 19.75 -18.54 52.70
N ASN B 177 18.49 -18.71 53.08
CA ASN B 177 18.14 -18.90 54.49
C ASN B 177 18.00 -20.36 54.87
N GLN B 178 17.92 -21.21 53.85
CA GLN B 178 17.94 -22.68 54.02
C GLN B 178 18.87 -23.24 52.95
N PRO B 179 19.67 -24.25 53.29
CA PRO B 179 20.63 -24.80 52.34
C PRO B 179 19.91 -25.43 51.14
N VAL B 180 18.83 -26.16 51.42
CA VAL B 180 18.02 -26.82 50.40
C VAL B 180 16.54 -26.44 50.58
N ASP B 181 15.81 -26.34 49.47
CA ASP B 181 14.37 -26.06 49.49
C ASP B 181 13.67 -27.07 50.41
N PHE B 182 12.91 -26.58 51.38
CA PHE B 182 12.34 -27.46 52.38
C PHE B 182 11.42 -28.52 51.78
N ARG B 183 10.88 -28.23 50.61
CA ARG B 183 9.98 -29.15 49.95
C ARG B 183 10.67 -30.42 49.48
N LYS B 184 11.98 -30.35 49.32
CA LYS B 184 12.76 -31.49 48.85
C LYS B 184 13.18 -32.43 49.98
N VAL B 185 13.16 -31.95 51.21
CA VAL B 185 13.66 -32.71 52.35
C VAL B 185 12.65 -32.94 53.46
N GLY B 186 11.52 -32.22 53.41
CA GLY B 186 10.50 -32.25 54.48
C GLY B 186 10.55 -30.97 55.31
N PHE B 187 9.40 -30.34 55.55
CA PHE B 187 9.37 -29.03 56.23
C PHE B 187 10.03 -29.07 57.62
N HIS B 188 9.87 -30.18 58.33
CA HIS B 188 10.46 -30.31 59.66
C HIS B 188 11.94 -30.62 59.64
N ARG B 189 12.36 -31.50 58.75
CA ARG B 189 13.79 -31.87 58.63
C ARG B 189 14.63 -30.71 58.15
N SER B 190 14.01 -29.74 57.48
CA SER B 190 14.72 -28.56 57.01
C SER B 190 15.45 -27.86 58.16
N ALA B 191 14.88 -27.92 59.37
CA ALA B 191 15.54 -27.33 60.55
C ALA B 191 16.91 -27.94 60.78
N GLY B 192 17.03 -29.24 60.56
CA GLY B 192 18.29 -29.93 60.73
C GLY B 192 19.30 -29.49 59.71
N TYR B 193 18.85 -29.26 58.48
CA TYR B 193 19.73 -28.79 57.42
C TYR B 193 20.21 -27.37 57.70
N ILE B 194 19.28 -26.51 58.11
CA ILE B 194 19.62 -25.14 58.47
C ILE B 194 20.71 -25.11 59.55
N LEU B 195 20.58 -25.98 60.55
CA LEU B 195 21.49 -26.00 61.68
C LEU B 195 22.70 -26.90 61.46
N GLY B 196 22.69 -27.61 60.33
CA GLY B 196 23.77 -28.53 59.96
C GLY B 196 23.93 -29.70 60.91
N VAL B 197 22.84 -30.24 61.39
CA VAL B 197 22.90 -31.43 62.25
C VAL B 197 22.24 -32.64 61.57
N ASP B 198 22.34 -33.80 62.24
CA ASP B 198 21.71 -35.02 61.76
C ASP B 198 20.25 -34.63 61.45
N PRO B 199 19.82 -34.81 60.20
CA PRO B 199 18.52 -34.32 59.78
C PRO B 199 17.38 -35.29 60.05
N ARG B 200 17.68 -36.40 60.71
CA ARG B 200 16.66 -37.40 60.99
C ARG B 200 15.62 -36.97 62.04
N GLU B 201 14.35 -37.14 61.69
CA GLU B 201 13.25 -36.67 62.54
C GLU B 201 13.24 -37.34 63.89
N ALA B 202 12.78 -36.60 64.90
CA ALA B 202 12.59 -37.12 66.26
C ALA B 202 11.40 -36.42 66.93
N PRO B 203 10.77 -37.09 67.92
CA PRO B 203 9.70 -36.44 68.68
C PRO B 203 10.27 -35.57 69.81
N VAL B 204 9.55 -34.54 70.23
CA VAL B 204 9.98 -33.74 71.40
C VAL B 204 9.78 -34.57 72.68
N ARG B 205 10.40 -34.12 73.77
CA ARG B 205 10.24 -34.75 75.07
C ARG B 205 9.16 -34.01 75.84
N LEU B 206 8.22 -34.76 76.39
CA LEU B 206 7.07 -34.17 77.08
C LEU B 206 6.90 -34.72 78.48
N ASP B 207 6.04 -34.08 79.27
CA ASP B 207 5.72 -34.54 80.61
C ASP B 207 4.61 -35.57 80.50
N LEU B 208 4.96 -36.83 80.55
CA LEU B 208 3.98 -37.90 80.33
C LEU B 208 3.59 -38.57 81.63
N SER B 209 3.64 -37.80 82.71
CA SER B 209 3.43 -38.32 84.05
C SER B 209 1.97 -38.30 84.48
N ALA B 210 1.17 -37.47 83.82
CA ALA B 210 -0.23 -37.29 84.19
C ALA B 210 -1.01 -38.60 84.25
N PRO B 211 -1.81 -38.77 85.32
CA PRO B 211 -2.56 -40.00 85.53
C PRO B 211 -3.83 -40.03 84.71
N ARG B 212 -4.29 -41.22 84.36
CA ARG B 212 -5.45 -41.40 83.51
C ARG B 212 -6.73 -40.90 84.14
N VAL B 213 -7.54 -40.19 83.36
CA VAL B 213 -8.81 -39.68 83.84
C VAL B 213 -10.02 -40.43 83.27
N ILE B 214 -10.11 -40.51 81.94
CA ILE B 214 -11.18 -41.31 81.33
C ILE B 214 -10.84 -42.81 81.43
N ALA B 215 -11.71 -43.57 82.07
CA ALA B 215 -11.40 -44.96 82.34
C ALA B 215 -11.49 -45.89 81.10
N ALA B 216 -12.60 -45.80 80.37
CA ALA B 216 -12.83 -46.68 79.20
C ALA B 216 -11.85 -46.36 78.07
N PRO B 217 -11.68 -47.30 77.11
CA PRO B 217 -10.82 -46.99 75.97
C PRO B 217 -11.41 -45.86 75.11
N TYR B 218 -10.55 -44.98 74.62
CA TYR B 218 -11.02 -43.87 73.80
C TYR B 218 -10.02 -43.47 72.73
N VAL B 219 -10.52 -42.78 71.71
CA VAL B 219 -9.68 -42.32 70.61
C VAL B 219 -9.82 -40.81 70.47
N CYS B 220 -8.71 -40.11 70.26
CA CYS B 220 -8.79 -38.67 69.99
C CYS B 220 -8.73 -38.37 68.50
N ILE B 221 -9.44 -37.32 68.07
CA ILE B 221 -9.44 -36.90 66.67
C ILE B 221 -9.26 -35.39 66.52
N ALA B 222 -8.65 -35.00 65.41
CA ALA B 222 -8.46 -33.61 65.06
C ALA B 222 -8.92 -33.42 63.63
N THR B 223 -10.01 -32.69 63.45
CA THR B 223 -10.64 -32.50 62.14
C THR B 223 -10.38 -31.15 61.49
N GLN B 224 -9.99 -30.15 62.30
CA GLN B 224 -9.74 -28.76 61.89
C GLN B 224 -8.31 -28.58 61.36
N SER B 225 -8.09 -27.54 60.57
CA SER B 225 -6.75 -27.16 60.17
C SER B 225 -6.67 -25.72 59.63
N THR B 226 -5.49 -25.32 59.15
CA THR B 226 -5.27 -23.91 58.74
C THR B 226 -5.67 -23.54 57.32
N CYS B 227 -5.79 -24.53 56.45
CA CYS B 227 -6.27 -24.27 55.09
C CYS B 227 -7.16 -25.41 54.70
N GLN B 228 -8.05 -25.17 53.74
CA GLN B 228 -9.06 -26.19 53.38
C GLN B 228 -8.47 -27.47 52.81
N ALA B 229 -7.33 -27.36 52.13
CA ALA B 229 -6.67 -28.52 51.52
C ALA B 229 -6.23 -29.56 52.55
N LYS B 230 -5.93 -29.11 53.77
CA LYS B 230 -5.49 -29.98 54.86
C LYS B 230 -6.63 -30.72 55.53
N TYR B 231 -7.85 -30.30 55.23
CA TYR B 231 -9.02 -31.03 55.75
C TYR B 231 -9.24 -32.32 54.98
N TRP B 232 -9.92 -33.27 55.60
CA TRP B 232 -10.33 -34.49 54.91
C TRP B 232 -11.62 -34.21 54.19
N ASN B 233 -11.53 -33.85 52.91
CA ASN B 233 -12.71 -33.36 52.19
C ASN B 233 -13.65 -34.38 51.60
N ASN B 234 -13.64 -35.59 52.15
CA ASN B 234 -14.58 -36.60 51.72
C ASN B 234 -15.87 -36.38 52.47
N GLY B 235 -16.97 -36.38 51.73
CA GLY B 235 -18.26 -36.05 52.31
C GLY B 235 -18.65 -36.79 53.57
N THR B 236 -18.50 -38.11 53.55
CA THR B 236 -18.99 -38.93 54.65
C THR B 236 -17.87 -39.59 55.44
N GLY B 237 -16.63 -39.27 55.09
CA GLY B 237 -15.46 -39.79 55.80
C GLY B 237 -15.55 -39.79 57.32
N TRP B 238 -15.45 -38.59 57.96
CA TRP B 238 -15.49 -38.52 59.43
C TRP B 238 -16.65 -39.23 60.05
N SER B 239 -17.84 -39.04 59.49
CA SER B 239 -19.02 -39.68 60.09
C SER B 239 -18.90 -41.21 60.05
N GLU B 240 -18.43 -41.78 58.94
CA GLU B 240 -18.22 -43.23 58.85
C GLU B 240 -17.14 -43.74 59.82
N VAL B 241 -16.10 -42.96 60.02
CA VAL B 241 -15.03 -43.35 60.94
C VAL B 241 -15.52 -43.31 62.38
N ILE B 242 -16.16 -42.21 62.77
CA ILE B 242 -16.69 -42.11 64.12
C ILE B 242 -17.68 -43.24 64.44
N ALA B 243 -18.56 -43.57 63.48
CA ALA B 243 -19.51 -44.70 63.67
C ALA B 243 -18.75 -46.01 63.90
N HIS B 244 -17.73 -46.23 63.10
CA HIS B 244 -16.94 -47.43 63.21
C HIS B 244 -16.18 -47.54 64.51
N LEU B 245 -15.61 -46.44 64.95
CA LEU B 245 -14.88 -46.43 66.21
C LEU B 245 -15.78 -46.85 67.37
N LYS B 246 -17.01 -46.35 67.36
CA LYS B 246 -17.97 -46.70 68.39
C LYS B 246 -18.38 -48.16 68.35
N SER B 247 -18.53 -48.70 67.15
CA SER B 247 -18.85 -50.11 67.00
C SER B 247 -17.70 -51.00 67.49
N LEU B 248 -16.48 -50.45 67.60
CA LEU B 248 -15.33 -51.20 68.14
C LEU B 248 -15.14 -50.96 69.61
N GLY B 249 -16.04 -50.19 70.22
CA GLY B 249 -15.97 -49.95 71.64
C GLY B 249 -15.25 -48.70 72.10
N TYR B 250 -14.82 -47.86 71.17
CA TYR B 250 -14.13 -46.63 71.56
C TYR B 250 -15.07 -45.43 71.75
N ARG B 251 -14.78 -44.64 72.78
CA ARG B 251 -15.38 -43.31 72.90
C ARG B 251 -14.52 -42.37 72.03
N VAL B 252 -15.14 -41.34 71.45
CA VAL B 252 -14.45 -40.45 70.50
C VAL B 252 -14.44 -38.99 70.93
N MSE B 253 -13.26 -38.40 71.06
CA MSE B 253 -13.10 -37.02 71.52
C MSE B 253 -12.49 -36.17 70.46
O MSE B 253 -11.49 -36.55 69.87
CB MSE B 253 -12.14 -37.00 72.71
CG MSE B 253 -12.86 -37.22 74.03
SE MSE B 253 -13.26 -39.11 74.50
CE MSE B 253 -12.05 -39.88 73.15
N CYS B 254 -13.09 -35.03 70.18
CA CYS B 254 -12.50 -34.09 69.25
C CYS B 254 -11.75 -33.04 70.04
N ILE B 255 -10.48 -32.83 69.72
CA ILE B 255 -9.64 -31.96 70.50
C ILE B 255 -9.16 -30.75 69.72
N ASP B 256 -9.92 -30.37 68.70
CA ASP B 256 -9.55 -29.22 67.91
C ASP B 256 -9.70 -27.94 68.66
N ARG B 257 -8.88 -26.96 68.34
CA ARG B 257 -8.93 -25.68 69.02
C ARG B 257 -10.29 -24.99 68.84
N ASP B 258 -10.79 -24.99 67.61
CA ASP B 258 -12.05 -24.37 67.28
C ASP B 258 -13.07 -25.44 66.94
N ALA B 259 -14.33 -25.17 67.23
CA ALA B 259 -15.40 -26.10 66.91
C ALA B 259 -15.97 -25.80 65.52
N HIS B 260 -15.76 -24.57 65.05
CA HIS B 260 -16.18 -24.19 63.71
C HIS B 260 -15.11 -23.34 63.12
N TYR B 261 -14.72 -23.62 61.88
CA TYR B 261 -13.66 -22.86 61.24
C TYR B 261 -13.85 -22.94 59.75
N GLY B 262 -13.56 -21.85 59.07
CA GLY B 262 -13.79 -21.78 57.64
C GLY B 262 -13.71 -20.34 57.15
N GLN B 263 -14.07 -20.09 55.91
CA GLN B 263 -13.88 -18.75 55.39
C GLN B 263 -15.05 -18.09 54.67
N GLY B 264 -15.42 -18.57 53.51
CA GLY B 264 -16.50 -17.87 52.78
C GLY B 264 -17.83 -18.47 53.17
N PHE B 265 -18.31 -19.34 52.30
CA PHE B 265 -19.45 -20.18 52.63
C PHE B 265 -18.98 -21.56 53.06
N VAL B 266 -17.67 -21.82 53.01
CA VAL B 266 -17.12 -23.13 53.35
C VAL B 266 -16.74 -23.21 54.83
N TRP B 267 -17.55 -23.93 55.60
CA TRP B 267 -17.34 -24.04 57.04
C TRP B 267 -17.27 -25.45 57.48
N ASN B 268 -16.32 -25.73 58.36
CA ASN B 268 -16.10 -27.07 58.88
C ASN B 268 -16.44 -27.10 60.37
N HIS B 269 -17.20 -28.11 60.77
CA HIS B 269 -17.69 -28.20 62.15
C HIS B 269 -17.32 -29.47 62.82
N ILE B 270 -17.14 -29.41 64.14
CA ILE B 270 -16.93 -30.60 64.91
C ILE B 270 -17.99 -31.62 64.51
N PRO B 271 -17.58 -32.81 64.07
CA PRO B 271 -18.56 -33.74 63.55
C PRO B 271 -19.54 -34.21 64.62
N TRP B 272 -20.80 -34.35 64.23
CA TRP B 272 -21.80 -34.86 65.13
C TRP B 272 -21.36 -36.27 65.49
N GLY B 273 -21.45 -36.61 66.77
CA GLY B 273 -21.02 -37.94 67.21
C GLY B 273 -19.74 -37.93 68.02
N ALA B 274 -18.88 -36.95 67.73
CA ALA B 274 -17.66 -36.72 68.50
C ALA B 274 -18.00 -35.98 69.78
N GLU B 275 -17.40 -36.38 70.89
CA GLU B 275 -17.54 -35.65 72.13
C GLU B 275 -16.78 -34.33 72.04
N ASP B 276 -17.29 -33.30 72.69
CA ASP B 276 -16.73 -31.98 72.57
C ASP B 276 -15.60 -31.68 73.56
N PHE B 277 -14.35 -31.91 73.14
CA PHE B 277 -13.21 -31.47 73.95
C PHE B 277 -12.46 -30.36 73.21
N THR B 278 -13.18 -29.53 72.49
CA THR B 278 -12.56 -28.45 71.74
C THR B 278 -12.27 -27.24 72.65
N GLY B 279 -11.68 -26.19 72.07
CA GLY B 279 -11.33 -24.99 72.82
C GLY B 279 -9.83 -24.71 72.83
N LYS B 280 -9.47 -23.45 73.04
CA LYS B 280 -8.06 -23.06 73.14
C LYS B 280 -7.54 -23.24 74.58
N LEU B 281 -7.07 -24.45 74.89
CA LEU B 281 -6.55 -24.77 76.22
C LEU B 281 -5.02 -24.80 76.19
N PRO B 282 -4.37 -24.83 77.37
CA PRO B 282 -2.90 -25.04 77.35
C PRO B 282 -2.58 -26.45 76.81
N LEU B 283 -1.47 -26.56 76.10
CA LEU B 283 -1.13 -27.79 75.38
C LEU B 283 -0.93 -28.99 76.33
N GLN B 284 -0.41 -28.73 77.52
CA GLN B 284 -0.22 -29.81 78.48
C GLN B 284 -1.49 -30.62 78.75
N GLU B 285 -2.63 -29.95 78.62
CA GLU B 285 -3.93 -30.56 78.89
C GLU B 285 -4.29 -31.51 77.76
N ARG B 286 -3.93 -31.11 76.54
CA ARG B 286 -4.04 -31.97 75.35
C ARG B 286 -3.12 -33.18 75.48
N VAL B 287 -1.89 -32.95 75.92
CA VAL B 287 -0.93 -34.02 76.15
C VAL B 287 -1.50 -35.04 77.12
N ASN B 288 -2.08 -34.57 78.22
CA ASN B 288 -2.56 -35.46 79.27
C ASN B 288 -3.67 -36.33 78.78
N LEU B 289 -4.54 -35.77 77.96
CA LEU B 289 -5.66 -36.51 77.43
C LEU B 289 -5.18 -37.49 76.34
N LEU B 290 -4.25 -37.02 75.51
CA LEU B 290 -3.73 -37.81 74.41
C LEU B 290 -2.95 -39.03 74.91
N ARG B 291 -2.09 -38.80 75.89
CA ARG B 291 -1.27 -39.88 76.44
C ARG B 291 -2.00 -41.19 76.76
N HIS B 292 -3.27 -41.11 77.15
CA HIS B 292 -4.03 -42.34 77.48
C HIS B 292 -5.02 -42.78 76.43
N ALA B 293 -4.97 -42.14 75.26
CA ALA B 293 -5.84 -42.53 74.16
C ALA B 293 -5.27 -43.79 73.52
N SER B 294 -6.14 -44.69 73.11
CA SER B 294 -5.71 -45.90 72.41
C SER B 294 -4.93 -45.54 71.15
N PHE B 295 -5.41 -44.52 70.43
CA PHE B 295 -4.71 -43.95 69.29
C PHE B 295 -5.35 -42.64 68.86
N PHE B 296 -4.78 -42.03 67.82
CA PHE B 296 -5.18 -40.70 67.40
C PHE B 296 -5.38 -40.67 65.93
N ILE B 297 -6.38 -39.92 65.48
CA ILE B 297 -6.61 -39.75 64.04
C ILE B 297 -6.63 -38.28 63.74
N GLY B 298 -5.81 -37.87 62.79
CA GLY B 298 -5.64 -36.46 62.51
C GLY B 298 -5.11 -36.08 61.14
N LEU B 299 -4.71 -34.82 61.04
CA LEU B 299 -4.32 -34.23 59.78
C LEU B 299 -2.89 -33.74 59.89
N PRO B 300 -2.32 -33.26 58.79
CA PRO B 300 -0.94 -32.82 58.87
C PRO B 300 -0.76 -31.50 59.68
N SER B 301 -1.83 -31.10 60.39
CA SER B 301 -1.79 -30.00 61.36
C SER B 301 -1.01 -30.38 62.62
N GLY B 302 -0.78 -29.38 63.47
CA GLY B 302 -0.01 -29.51 64.70
C GLY B 302 -0.34 -30.63 65.66
N LEU B 303 -1.61 -30.88 65.94
CA LEU B 303 -1.96 -31.89 66.93
C LEU B 303 -1.41 -33.29 66.64
N SER B 304 -1.18 -33.60 65.35
CA SER B 304 -0.62 -34.90 64.99
C SER B 304 0.81 -35.06 65.52
N TRP B 305 1.57 -33.97 65.48
CA TRP B 305 2.92 -33.98 66.02
C TRP B 305 2.91 -34.11 67.52
N LEU B 306 1.88 -33.55 68.14
CA LEU B 306 1.76 -33.66 69.58
C LEU B 306 1.40 -35.10 69.93
N ALA B 307 0.41 -35.64 69.21
CA ALA B 307 0.03 -37.05 69.36
C ALA B 307 1.21 -37.96 69.18
N TRP B 308 2.03 -37.66 68.19
CA TRP B 308 3.23 -38.44 67.94
C TRP B 308 4.09 -38.53 69.14
N ALA B 309 4.40 -37.37 69.72
CA ALA B 309 5.32 -37.24 70.86
C ALA B 309 4.82 -37.82 72.15
N THR B 310 3.50 -37.98 72.28
CA THR B 310 2.92 -38.66 73.45
C THR B 310 3.02 -40.17 73.33
N ARG B 311 3.71 -40.64 72.28
CA ARG B 311 4.02 -42.06 72.10
C ARG B 311 2.82 -42.94 71.87
N ILE B 312 1.81 -42.42 71.17
CA ILE B 312 0.65 -43.25 70.80
C ILE B 312 0.59 -43.43 69.29
N PRO B 313 -0.02 -44.51 68.82
CA PRO B 313 -0.13 -44.66 67.35
C PRO B 313 -0.93 -43.50 66.71
N VAL B 314 -0.46 -43.01 65.56
CA VAL B 314 -1.12 -41.90 64.90
C VAL B 314 -1.59 -42.25 63.51
N VAL B 315 -2.89 -42.18 63.28
CA VAL B 315 -3.43 -42.35 61.93
C VAL B 315 -3.46 -40.99 61.28
N LEU B 316 -2.64 -40.79 60.27
CA LEU B 316 -2.47 -39.51 59.64
C LEU B 316 -3.08 -39.48 58.24
N ILE B 317 -4.14 -38.69 58.07
CA ILE B 317 -4.82 -38.57 56.77
C ILE B 317 -4.39 -37.28 56.03
N SER B 318 -3.81 -37.44 54.85
CA SER B 318 -3.36 -36.29 54.08
C SER B 318 -3.14 -36.66 52.62
N GLY B 319 -3.64 -35.81 51.72
CA GLY B 319 -3.51 -36.01 50.29
C GLY B 319 -2.76 -34.86 49.63
N PHE B 320 -2.74 -33.72 50.31
CA PHE B 320 -2.10 -32.55 49.72
C PHE B 320 -0.60 -32.58 49.89
N SER B 321 -0.12 -33.45 50.78
CA SER B 321 1.32 -33.69 50.97
C SER B 321 1.64 -35.19 50.78
N LEU B 322 2.87 -35.51 50.39
CA LEU B 322 3.31 -36.90 50.20
C LEU B 322 3.58 -37.54 51.54
N PRO B 323 3.48 -38.86 51.60
CA PRO B 323 3.74 -39.57 52.85
C PRO B 323 5.05 -39.16 53.52
N ASN B 324 6.13 -38.99 52.78
CA ASN B 324 7.42 -38.59 53.43
C ASN B 324 7.50 -37.13 53.91
N SER B 325 6.42 -36.38 53.75
CA SER B 325 6.43 -34.97 54.10
C SER B 325 6.31 -34.72 55.60
N GLU B 326 5.81 -35.72 56.33
CA GLU B 326 5.66 -35.64 57.77
C GLU B 326 6.41 -36.80 58.40
N PHE B 327 6.26 -36.98 59.70
CA PHE B 327 6.93 -38.09 60.40
C PHE B 327 6.42 -39.43 59.88
N TYR B 328 7.21 -40.48 60.04
CA TYR B 328 6.79 -41.80 59.61
C TYR B 328 5.75 -42.39 60.57
N THR B 329 4.70 -42.98 60.00
CA THR B 329 3.74 -43.74 60.78
C THR B 329 3.16 -44.85 59.89
N PRO B 330 3.14 -46.09 60.39
CA PRO B 330 2.61 -47.17 59.56
C PRO B 330 1.13 -46.96 59.24
N TRP B 331 0.51 -45.96 59.87
CA TRP B 331 -0.93 -45.69 59.74
C TRP B 331 -1.19 -44.46 58.92
N ARG B 332 -0.25 -44.10 58.05
CA ARG B 332 -0.42 -42.95 57.18
C ARG B 332 -1.38 -43.34 56.06
N VAL B 333 -2.35 -42.48 55.79
CA VAL B 333 -3.38 -42.72 54.78
C VAL B 333 -3.20 -41.75 53.64
N PHE B 334 -3.16 -42.29 52.44
CA PHE B 334 -2.82 -41.50 51.25
C PHE B 334 -3.42 -42.21 50.05
N ASN B 335 -3.82 -41.46 49.03
CA ASN B 335 -4.37 -42.04 47.82
C ASN B 335 -3.65 -41.51 46.60
N SER B 336 -3.13 -42.41 45.74
CA SER B 336 -2.27 -41.98 44.61
C SER B 336 -2.91 -42.00 43.22
N HIS B 337 -4.22 -42.19 43.17
CA HIS B 337 -4.94 -42.23 41.90
C HIS B 337 -5.34 -40.91 41.26
N GLY B 338 -5.29 -39.80 41.99
CA GLY B 338 -5.70 -38.48 41.43
C GLY B 338 -4.63 -37.43 41.67
N CYS B 339 -4.99 -36.14 41.74
CA CYS B 339 -4.03 -35.08 42.19
C CYS B 339 -3.62 -35.46 43.64
N TYR B 340 -2.33 -35.24 43.96
CA TYR B 340 -1.83 -35.34 45.33
C TYR B 340 -0.56 -34.51 45.44
N GLY B 341 -0.15 -34.18 46.66
CA GLY B 341 1.12 -33.49 46.86
C GLY B 341 1.28 -32.08 46.34
N CYS B 342 0.19 -31.33 46.27
CA CYS B 342 0.20 -29.86 45.96
C CYS B 342 1.44 -29.27 46.75
N TRP B 343 1.51 -29.61 48.04
CA TRP B 343 2.41 -28.99 48.99
C TRP B 343 3.89 -29.20 48.80
N ASP B 344 4.26 -30.35 48.25
CA ASP B 344 5.67 -30.69 48.09
C ASP B 344 6.19 -30.32 46.70
N ASP B 345 5.29 -29.94 45.81
CA ASP B 345 5.63 -29.64 44.41
C ASP B 345 6.40 -28.30 44.24
N THR B 346 7.66 -28.39 43.82
CA THR B 346 8.52 -27.22 43.70
C THR B 346 8.16 -26.26 42.55
N SER B 347 7.25 -26.67 41.69
CA SER B 347 6.85 -25.81 40.57
C SER B 347 5.64 -24.94 40.95
N LEU B 348 5.03 -25.21 42.10
CA LEU B 348 3.87 -24.44 42.56
C LEU B 348 4.28 -23.61 43.76
N ASN B 349 3.37 -22.79 44.27
CA ASN B 349 3.65 -21.95 45.43
C ASN B 349 2.46 -21.82 46.37
N PHE B 350 2.66 -22.16 47.63
CA PHE B 350 1.63 -22.02 48.61
C PHE B 350 1.24 -20.55 48.75
N ASP B 351 -0.06 -20.30 48.84
CA ASP B 351 -0.63 -18.97 49.03
C ASP B 351 -1.11 -18.86 50.46
N HIS B 352 -0.42 -18.05 51.26
CA HIS B 352 -0.75 -17.87 52.68
C HIS B 352 -2.05 -17.15 52.89
N HIS B 353 -2.53 -16.46 51.87
CA HIS B 353 -3.72 -15.63 52.00
C HIS B 353 -4.99 -16.28 51.57
N ASP B 354 -4.88 -17.36 50.80
CA ASP B 354 -6.04 -18.03 50.22
C ASP B 354 -6.33 -19.33 50.96
N PHE B 355 -7.39 -19.33 51.75
CA PHE B 355 -7.77 -20.49 52.53
C PHE B 355 -8.26 -21.64 51.64
N LEU B 356 -8.74 -21.30 50.45
CA LEU B 356 -9.32 -22.28 49.55
C LEU B 356 -8.36 -22.59 48.42
N TRP B 357 -7.08 -22.43 48.69
CA TRP B 357 -6.06 -22.69 47.69
C TRP B 357 -6.00 -24.14 47.25
N CYS B 358 -6.28 -24.39 45.97
CA CYS B 358 -5.88 -25.64 45.29
C CYS B 358 -5.17 -25.19 44.00
N PRO B 359 -3.83 -25.39 43.91
CA PRO B 359 -3.15 -24.89 42.72
C PRO B 359 -3.63 -25.53 41.41
N ARG B 360 -3.81 -26.85 41.39
CA ARG B 360 -4.19 -27.56 40.18
C ARG B 360 -5.69 -27.50 39.82
N HIS B 361 -6.58 -27.45 40.82
CA HIS B 361 -8.04 -27.59 40.55
C HIS B 361 -9.01 -26.61 41.15
N LYS B 362 -8.54 -25.49 41.67
CA LYS B 362 -9.44 -24.51 42.28
C LYS B 362 -10.55 -24.15 41.32
N ASN B 363 -11.77 -24.04 41.86
CA ASN B 363 -12.93 -23.62 41.08
C ASN B 363 -13.28 -24.55 39.94
N THR B 364 -13.12 -25.84 40.19
CA THR B 364 -13.53 -26.87 39.25
C THR B 364 -14.14 -27.99 40.09
N ASP B 365 -14.76 -28.95 39.42
CA ASP B 365 -15.38 -30.06 40.15
C ASP B 365 -14.36 -31.03 40.72
N ARG B 366 -13.11 -30.93 40.29
CA ARG B 366 -12.02 -31.75 40.89
C ARG B 366 -11.34 -31.14 42.16
N GLN B 367 -11.78 -29.96 42.55
CA GLN B 367 -11.19 -29.30 43.68
C GLN B 367 -11.14 -30.23 44.90
N PHE B 368 -9.98 -30.31 45.52
CA PHE B 368 -9.71 -31.13 46.70
C PHE B 368 -9.87 -32.61 46.51
N GLU B 369 -9.75 -33.03 45.25
CA GLU B 369 -9.69 -34.43 44.90
C GLU B 369 -8.63 -35.15 45.76
N CYS B 370 -7.62 -34.37 46.20
CA CYS B 370 -6.54 -34.81 47.10
C CYS B 370 -7.16 -35.76 48.17
N THR B 371 -8.22 -35.30 48.82
CA THR B 371 -8.79 -35.99 49.98
C THR B 371 -10.16 -36.62 49.76
N ARG B 372 -10.86 -36.20 48.70
CA ARG B 372 -12.16 -36.79 48.35
C ARG B 372 -12.01 -38.25 47.98
N LEU B 373 -10.86 -38.59 47.41
CA LEU B 373 -10.60 -39.96 47.06
C LEU B 373 -10.30 -40.82 48.28
N ILE B 374 -10.05 -40.20 49.42
CA ILE B 374 -9.80 -40.98 50.61
C ILE B 374 -11.12 -41.28 51.31
N THR B 375 -11.63 -42.47 51.10
CA THR B 375 -12.94 -42.83 51.62
C THR B 375 -12.90 -43.26 53.07
N GLY B 376 -14.07 -43.32 53.67
CA GLY B 376 -14.19 -43.76 55.05
C GLY B 376 -13.78 -45.21 55.14
N ALA B 377 -14.15 -45.97 54.09
CA ALA B 377 -13.76 -47.37 53.97
C ALA B 377 -12.25 -47.51 54.07
N GLN B 378 -11.55 -46.67 53.30
CA GLN B 378 -10.11 -46.68 53.29
C GLN B 378 -9.57 -46.45 54.67
N VAL B 379 -10.07 -45.43 55.35
CA VAL B 379 -9.53 -45.11 56.67
C VAL B 379 -9.91 -46.18 57.70
N ASN B 380 -11.12 -46.72 57.58
CA ASN B 380 -11.55 -47.80 58.48
C ASN B 380 -10.74 -49.06 58.27
N GLY B 381 -10.27 -49.27 57.04
CA GLY B 381 -9.36 -50.36 56.75
C GLY B 381 -8.09 -50.23 57.58
N VAL B 382 -7.53 -49.03 57.58
CA VAL B 382 -6.31 -48.77 58.36
C VAL B 382 -6.59 -48.88 59.85
N ILE B 383 -7.73 -48.34 60.29
CA ILE B 383 -8.12 -48.47 61.67
C ILE B 383 -8.21 -49.93 62.08
N ASN B 384 -8.81 -50.75 61.21
CA ASN B 384 -8.95 -52.18 61.47
C ASN B 384 -7.63 -52.88 61.71
N LYS B 385 -6.64 -52.60 60.86
CA LYS B 385 -5.30 -53.19 61.03
C LYS B 385 -4.70 -52.80 62.36
N LEU B 386 -4.77 -51.49 62.66
CA LEU B 386 -4.23 -50.94 63.88
C LEU B 386 -4.93 -51.53 65.06
N HIS B 387 -6.24 -51.64 64.96
CA HIS B 387 -7.02 -52.21 66.05
C HIS B 387 -6.61 -53.63 66.35
N ARG B 388 -6.51 -54.46 65.30
CA ARG B 388 -6.11 -55.86 65.48
C ARG B 388 -4.75 -55.96 66.14
N SER B 389 -3.81 -55.20 65.64
CA SER B 389 -2.50 -55.16 66.22
C SER B 389 -2.52 -54.69 67.68
N LEU B 390 -3.47 -53.83 68.06
CA LEU B 390 -3.56 -53.39 69.45
C LEU B 390 -4.05 -54.48 70.41
N THR B 391 -4.85 -55.41 69.91
CA THR B 391 -5.29 -56.53 70.75
C THR B 391 -4.04 -57.32 71.17
N ILE C 10 2.08 58.23 -36.11
CA ILE C 10 1.89 56.95 -35.36
C ILE C 10 1.26 57.11 -33.97
N THR C 11 2.05 57.16 -32.90
CA THR C 11 1.43 57.20 -31.56
C THR C 11 0.57 58.46 -31.35
N PRO C 12 -0.56 58.32 -30.67
CA PRO C 12 -1.45 59.46 -30.52
C PRO C 12 -0.96 60.48 -29.47
N PRO C 13 -1.45 61.72 -29.55
CA PRO C 13 -1.14 62.74 -28.53
C PRO C 13 -1.34 62.17 -27.11
N ASP C 14 -0.60 62.70 -26.13
CA ASP C 14 -0.78 62.29 -24.71
C ASP C 14 -2.07 62.84 -24.12
N THR C 15 -2.58 63.92 -24.71
CA THR C 15 -3.81 64.53 -24.27
C THR C 15 -4.71 64.75 -25.46
N PRO C 16 -6.00 64.37 -25.32
CA PRO C 16 -6.98 64.53 -26.38
C PRO C 16 -7.04 65.95 -26.92
N THR C 17 -7.16 66.05 -28.23
CA THR C 17 -7.02 67.32 -28.95
C THR C 17 -8.27 68.21 -28.95
N GLN C 18 -9.38 67.70 -28.45
CA GLN C 18 -10.61 68.46 -28.49
C GLN C 18 -11.02 68.91 -27.09
N ALA C 19 -11.37 70.19 -26.96
CA ALA C 19 -11.73 70.75 -25.68
C ALA C 19 -13.23 70.68 -25.45
N GLY C 20 -13.64 70.02 -24.38
CA GLY C 20 -15.05 69.97 -24.01
C GLY C 20 -15.29 70.97 -22.91
N PRO C 21 -16.56 71.34 -22.66
CA PRO C 21 -16.83 72.23 -21.52
C PRO C 21 -16.53 71.51 -20.21
N GLU C 22 -16.25 72.26 -19.14
CA GLU C 22 -16.06 71.65 -17.83
C GLU C 22 -14.76 70.79 -17.71
N ASN C 23 -13.71 71.25 -18.40
CA ASN C 23 -12.37 70.61 -18.40
C ASN C 23 -12.31 69.16 -18.90
N ILE C 24 -13.06 68.84 -19.93
CA ILE C 24 -13.04 67.49 -20.48
C ILE C 24 -12.45 67.49 -21.89
N PHE C 25 -11.50 66.58 -22.15
CA PHE C 25 -10.88 66.50 -23.47
C PHE C 25 -11.24 65.20 -24.17
N TYR C 26 -11.70 65.29 -25.41
CA TYR C 26 -12.10 64.11 -26.16
C TYR C 26 -11.40 64.02 -27.51
N ASP C 27 -11.33 62.80 -28.02
CA ASP C 27 -10.47 62.49 -29.12
C ASP C 27 -11.04 61.37 -29.99
N PHE C 28 -10.56 61.28 -31.23
CA PHE C 28 -10.86 60.17 -32.14
C PHE C 28 -9.59 59.62 -32.78
N ASN C 29 -8.46 59.95 -32.17
CA ASN C 29 -7.19 59.33 -32.51
C ASN C 29 -7.12 58.06 -31.66
N ASP C 30 -6.71 56.95 -32.24
CA ASP C 30 -6.78 55.65 -31.54
C ASP C 30 -8.18 55.27 -30.99
N GLY C 31 -9.21 55.37 -31.82
CA GLY C 31 -10.57 55.00 -31.42
C GLY C 31 -11.39 56.22 -31.03
N ALA C 32 -12.19 56.11 -29.98
CA ALA C 32 -12.87 57.25 -29.40
C ALA C 32 -12.25 57.29 -28.01
N ARG C 33 -11.67 58.43 -27.65
CA ARG C 33 -10.95 58.58 -26.39
C ARG C 33 -11.45 59.78 -25.60
N VAL C 34 -11.50 59.65 -24.28
CA VAL C 34 -11.86 60.75 -23.41
C VAL C 34 -11.17 60.61 -22.06
N LEU C 35 -10.57 61.70 -21.56
CA LEU C 35 -10.09 61.76 -20.15
C LEU C 35 -10.73 62.91 -19.41
N LEU C 36 -11.33 62.57 -18.27
CA LEU C 36 -12.08 63.56 -17.49
C LEU C 36 -11.38 63.99 -16.20
N PRO C 37 -11.57 65.28 -15.83
CA PRO C 37 -11.00 65.83 -14.62
C PRO C 37 -11.51 65.07 -13.40
N GLU C 38 -10.84 65.27 -12.28
CA GLU C 38 -11.31 64.70 -11.04
C GLU C 38 -12.84 64.88 -10.85
N GLY C 39 -13.51 63.82 -10.41
CA GLY C 39 -14.95 63.88 -10.16
C GLY C 39 -15.61 62.51 -10.18
N LYS C 40 -16.92 62.51 -10.48
CA LYS C 40 -17.70 61.27 -10.64
C LYS C 40 -18.58 61.35 -11.90
N TRP C 41 -18.25 60.55 -12.91
CA TRP C 41 -18.93 60.60 -14.20
C TRP C 41 -19.42 59.28 -14.73
N HIS C 42 -20.43 59.37 -15.60
CA HIS C 42 -20.94 58.22 -16.36
C HIS C 42 -20.75 58.52 -17.82
N VAL C 43 -20.11 57.59 -18.54
CA VAL C 43 -19.71 57.77 -19.94
C VAL C 43 -20.44 56.79 -20.86
N ARG C 44 -20.78 57.24 -22.07
CA ARG C 44 -21.41 56.37 -23.04
C ARG C 44 -20.76 56.55 -24.41
N LEU C 45 -20.42 55.43 -25.05
CA LEU C 45 -19.94 55.44 -26.44
C LEU C 45 -21.05 54.85 -27.30
N LEU C 46 -21.46 55.57 -28.33
CA LEU C 46 -22.52 55.09 -29.21
C LEU C 46 -22.07 55.02 -30.67
N ASP C 47 -22.73 54.18 -31.45
CA ASP C 47 -22.58 54.21 -32.89
C ASP C 47 -23.72 55.09 -33.40
N ALA C 48 -23.41 56.27 -33.92
CA ALA C 48 -24.45 57.19 -34.36
C ALA C 48 -25.33 56.63 -35.46
N ASP C 49 -24.78 55.77 -36.28
CA ASP C 49 -25.55 55.20 -37.39
C ASP C 49 -26.63 54.20 -36.94
N SER C 50 -26.32 53.39 -35.92
CA SER C 50 -27.27 52.41 -35.39
C SER C 50 -27.94 52.85 -34.09
N GLU C 51 -27.32 53.81 -33.42
CA GLU C 51 -27.74 54.27 -32.08
C GLU C 51 -27.51 53.24 -30.99
N ASN C 52 -26.74 52.20 -31.30
CA ASN C 52 -26.40 51.20 -30.31
C ASN C 52 -25.44 51.77 -29.26
N ILE C 53 -25.62 51.37 -28.02
CA ILE C 53 -24.69 51.67 -26.95
C ILE C 53 -23.54 50.66 -27.05
N LEU C 54 -22.38 51.11 -27.51
CA LEU C 54 -21.20 50.23 -27.66
C LEU C 54 -20.56 49.87 -26.31
N PHE C 55 -20.46 50.87 -25.45
CA PHE C 55 -19.81 50.72 -24.16
C PHE C 55 -20.36 51.78 -23.20
N CYS C 56 -20.55 51.40 -21.95
CA CYS C 56 -21.03 52.34 -20.94
C CYS C 56 -20.43 52.03 -19.57
N CYS C 57 -20.07 53.08 -18.86
CA CYS C 57 -19.26 52.93 -17.66
C CYS C 57 -19.40 54.12 -16.73
N ASP C 58 -19.29 53.86 -15.42
CA ASP C 58 -19.11 54.93 -14.43
C ASP C 58 -17.81 54.76 -13.64
N VAL C 59 -16.77 55.50 -14.05
CA VAL C 59 -15.49 55.55 -13.34
C VAL C 59 -15.20 57.00 -12.93
N ASP C 60 -14.54 57.16 -11.79
CA ASP C 60 -14.07 58.45 -11.28
C ASP C 60 -12.95 59.14 -12.06
N LYS C 61 -12.02 58.31 -12.55
CA LYS C 61 -10.78 58.74 -13.22
C LYS C 61 -10.88 59.07 -14.72
N GLY C 62 -9.77 59.59 -15.26
CA GLY C 62 -9.67 60.12 -16.60
C GLY C 62 -9.87 59.34 -17.89
N TRP C 63 -9.41 58.11 -17.96
CA TRP C 63 -9.32 57.41 -19.26
C TRP C 63 -10.44 56.47 -19.64
N VAL C 64 -10.96 56.65 -20.85
CA VAL C 64 -11.98 55.77 -21.44
C VAL C 64 -11.80 55.73 -22.97
N THR C 65 -11.45 54.57 -23.51
CA THR C 65 -11.28 54.43 -24.97
C THR C 65 -12.14 53.29 -25.51
N SER C 66 -12.65 53.45 -26.73
CA SER C 66 -13.43 52.37 -27.36
C SER C 66 -12.50 51.21 -27.67
N SER C 67 -13.00 49.98 -27.53
CA SER C 67 -12.19 48.81 -27.88
C SER C 67 -12.00 48.75 -29.41
N LYS C 68 -12.98 49.26 -30.16
CA LYS C 68 -12.89 49.33 -31.62
C LYS C 68 -12.04 50.50 -32.07
N LYS C 69 -11.05 50.24 -32.92
CA LYS C 69 -10.13 51.28 -33.39
C LYS C 69 -10.33 51.74 -34.84
N TYR C 70 -11.11 50.99 -35.60
CA TYR C 70 -11.38 51.34 -36.99
C TYR C 70 -12.44 52.41 -37.10
N PHE C 71 -12.76 52.84 -38.30
CA PHE C 71 -13.75 53.88 -38.46
C PHE C 71 -15.13 53.47 -37.98
N VAL C 72 -15.68 54.30 -37.10
CA VAL C 72 -17.05 54.17 -36.62
C VAL C 72 -17.49 55.62 -36.44
N ARG C 73 -18.70 55.97 -36.87
CA ARG C 73 -19.20 57.33 -36.58
C ARG C 73 -19.59 57.40 -35.10
N PHE C 74 -18.59 57.46 -34.23
CA PHE C 74 -18.83 57.43 -32.80
C PHE C 74 -19.66 58.61 -32.30
N ARG C 75 -20.27 58.42 -31.14
CA ARG C 75 -20.95 59.50 -30.43
C ARG C 75 -20.55 59.42 -28.96
N ILE C 76 -19.83 60.42 -28.47
CA ILE C 76 -19.40 60.41 -27.07
C ILE C 76 -20.37 61.21 -26.18
N GLN C 77 -20.78 60.60 -25.07
CA GLN C 77 -21.67 61.24 -24.10
C GLN C 77 -21.11 61.09 -22.69
N VAL C 78 -20.95 62.21 -21.99
CA VAL C 78 -20.58 62.17 -20.57
C VAL C 78 -21.74 62.68 -19.71
N PHE C 79 -21.90 62.05 -18.55
CA PHE C 79 -22.92 62.42 -17.59
C PHE C 79 -22.26 62.50 -16.23
N ARG C 80 -22.80 63.33 -15.35
CA ARG C 80 -22.59 63.12 -13.93
C ARG C 80 -23.62 62.10 -13.51
N GLN C 81 -23.32 61.30 -12.50
CA GLN C 81 -23.98 60.02 -12.34
C GLN C 81 -25.49 60.15 -12.24
N GLY C 82 -25.98 61.21 -11.60
CA GLY C 82 -27.41 61.43 -11.51
C GLY C 82 -28.10 62.15 -12.66
N ALA C 83 -27.32 62.62 -13.63
CA ALA C 83 -27.82 63.56 -14.64
C ALA C 83 -28.96 63.08 -15.54
N ALA C 84 -29.89 64.01 -15.83
CA ALA C 84 -31.00 63.78 -16.72
C ALA C 84 -30.58 63.87 -18.17
N THR C 85 -29.72 64.84 -18.48
CA THR C 85 -29.29 65.02 -19.86
C THR C 85 -27.79 64.94 -19.90
N PRO C 86 -27.17 65.06 -21.06
CA PRO C 86 -25.71 64.91 -21.06
C PRO C 86 -24.93 66.21 -21.01
N LEU C 87 -23.85 66.21 -20.21
CA LEU C 87 -22.96 67.36 -20.05
C LEU C 87 -22.24 67.67 -21.37
N LEU C 88 -21.83 66.60 -22.07
CA LEU C 88 -21.12 66.72 -23.33
C LEU C 88 -21.60 65.63 -24.28
N ASP C 89 -22.11 66.04 -25.44
CA ASP C 89 -22.65 65.10 -26.42
C ASP C 89 -22.19 65.44 -27.82
N GLU C 90 -21.05 64.87 -28.22
CA GLU C 90 -20.49 65.15 -29.54
C GLU C 90 -20.35 63.89 -30.38
N THR C 91 -20.95 63.93 -31.57
CA THR C 91 -20.82 62.82 -32.50
C THR C 91 -19.83 63.24 -33.61
N LEU C 92 -18.93 62.33 -33.95
CA LEU C 92 -17.87 62.62 -34.91
C LEU C 92 -18.33 63.17 -36.24
N LYS C 93 -17.74 64.30 -36.65
CA LYS C 93 -17.93 64.89 -37.98
C LYS C 93 -16.54 65.15 -38.51
N LEU C 94 -16.28 64.80 -39.76
CA LEU C 94 -14.94 64.94 -40.28
C LEU C 94 -14.76 66.08 -41.28
N LYS C 95 -15.86 66.64 -41.79
CA LYS C 95 -15.76 67.71 -42.77
C LYS C 95 -14.79 68.82 -42.34
N ASP C 96 -13.86 69.14 -43.22
CA ASP C 96 -12.89 70.23 -43.02
C ASP C 96 -12.06 70.07 -41.75
N ARG C 97 -11.76 68.84 -41.36
CA ARG C 97 -11.03 68.60 -40.12
C ARG C 97 -9.72 67.81 -40.33
N PRO C 98 -8.75 67.98 -39.42
CA PRO C 98 -7.49 67.28 -39.59
C PRO C 98 -7.60 65.79 -39.30
N VAL C 99 -7.37 64.98 -40.33
CA VAL C 99 -7.37 63.54 -40.18
C VAL C 99 -6.00 62.97 -40.54
N LEU C 100 -5.57 61.99 -39.75
CA LEU C 100 -4.33 61.31 -39.99
C LEU C 100 -4.58 59.83 -40.32
N ILE C 101 -4.10 59.38 -41.48
CA ILE C 101 -4.11 57.97 -41.83
C ILE C 101 -2.67 57.50 -41.82
N SER C 102 -2.36 56.60 -40.92
CA SER C 102 -1.03 56.15 -40.70
C SER C 102 -0.81 54.73 -41.22
N PHE C 103 0.06 54.59 -42.22
CA PHE C 103 0.46 53.29 -42.74
C PHE C 103 1.74 52.88 -42.04
N PRO C 104 2.05 51.57 -42.02
CA PRO C 104 3.37 51.16 -41.51
C PRO C 104 4.36 51.27 -42.64
N THR C 105 5.63 51.04 -42.35
CA THR C 105 6.61 50.87 -43.43
C THR C 105 6.45 49.40 -43.73
N GLY C 106 6.03 49.06 -44.95
CA GLY C 106 5.76 47.68 -45.29
C GLY C 106 6.15 47.44 -46.72
N THR C 107 6.01 46.20 -47.18
CA THR C 107 6.32 45.88 -48.55
C THR C 107 5.52 46.82 -49.45
N LEU C 108 6.10 47.13 -50.60
CA LEU C 108 5.49 48.00 -51.58
C LEU C 108 4.05 47.57 -51.88
N GLY C 109 3.82 46.27 -51.91
CA GLY C 109 2.54 45.73 -52.32
C GLY C 109 1.44 46.14 -51.37
N ASP C 110 1.81 46.22 -50.09
CA ASP C 110 0.87 46.60 -49.06
C ASP C 110 0.32 47.97 -49.35
N LEU C 111 1.24 48.92 -49.55
CA LEU C 111 0.85 50.31 -49.71
C LEU C 111 0.11 50.62 -50.98
N LEU C 112 0.57 50.06 -52.06
CA LEU C 112 -0.11 50.23 -53.33
C LEU C 112 -1.54 49.68 -53.25
N GLY C 113 -1.72 48.62 -52.45
CA GLY C 113 -3.02 48.01 -52.28
C GLY C 113 -3.95 48.86 -51.42
N TRP C 114 -3.43 49.35 -50.30
CA TRP C 114 -4.21 50.19 -49.40
C TRP C 114 -4.51 51.59 -49.85
N PHE C 115 -3.56 52.24 -50.52
CA PHE C 115 -3.72 53.66 -50.75
C PHE C 115 -5.01 54.15 -51.36
N PRO C 116 -5.49 53.49 -52.41
CA PRO C 116 -6.69 54.06 -53.08
C PRO C 116 -7.85 54.25 -52.11
N TYR C 117 -7.89 53.43 -51.06
CA TYR C 117 -8.96 53.52 -50.07
C TYR C 117 -8.86 54.80 -49.24
N ALA C 118 -7.64 55.27 -49.02
CA ALA C 118 -7.43 56.53 -48.29
C ALA C 118 -7.95 57.69 -49.13
N GLU C 119 -7.74 57.66 -50.44
CA GLU C 119 -8.28 58.70 -51.27
C GLU C 119 -9.79 58.70 -51.23
N ARG C 120 -10.40 57.51 -51.21
CA ARG C 120 -11.86 57.38 -51.18
C ARG C 120 -12.42 57.95 -49.91
N PHE C 121 -11.72 57.70 -48.82
CA PHE C 121 -12.13 58.18 -47.53
C PHE C 121 -12.26 59.70 -47.54
N GLN C 122 -11.34 60.36 -48.23
CA GLN C 122 -11.28 61.81 -48.22
C GLN C 122 -12.32 62.39 -49.18
N SER C 123 -12.51 61.77 -50.32
CA SER C 123 -13.51 62.21 -51.26
C SER C 123 -14.91 62.07 -50.65
N LEU C 124 -15.08 61.09 -49.78
CA LEU C 124 -16.37 60.85 -49.18
C LEU C 124 -16.62 61.86 -48.06
N HIS C 125 -15.66 62.02 -47.16
CA HIS C 125 -15.82 62.90 -46.00
C HIS C 125 -15.43 64.33 -46.16
N LYS C 126 -14.74 64.66 -47.24
CA LYS C 126 -14.26 66.03 -47.48
C LYS C 126 -13.46 66.59 -46.28
N CYS C 127 -12.51 65.82 -45.78
CA CYS C 127 -11.67 66.26 -44.67
C CYS C 127 -10.31 66.77 -45.16
N ARG C 128 -9.47 67.23 -44.23
CA ARG C 128 -8.09 67.65 -44.53
C ARG C 128 -7.22 66.46 -44.17
N LEU C 129 -6.81 65.69 -45.17
CA LEU C 129 -6.16 64.41 -44.92
C LEU C 129 -4.65 64.42 -45.09
N GLU C 130 -3.96 63.84 -44.13
CA GLU C 130 -2.53 63.65 -44.22
C GLU C 130 -2.19 62.17 -44.03
N CYS C 131 -1.26 61.67 -44.84
CA CYS C 131 -0.88 60.27 -44.79
C CYS C 131 0.60 60.12 -44.51
N THR C 132 0.96 59.08 -43.75
CA THR C 132 2.36 58.87 -43.40
C THR C 132 2.89 57.54 -43.94
N MSE C 133 4.06 57.59 -44.59
CA MSE C 133 4.65 56.41 -45.24
C MSE C 133 6.06 56.68 -45.64
O MSE C 133 6.52 57.81 -45.52
CB MSE C 133 3.87 56.17 -46.52
CG MSE C 133 3.74 57.47 -47.29
SE MSE C 133 2.38 57.19 -48.69
CE MSE C 133 0.78 57.70 -47.66
N SER C 134 6.76 55.68 -46.18
CA SER C 134 8.15 55.82 -46.60
C SER C 134 8.27 56.89 -47.64
N GLN C 135 9.45 57.53 -47.69
CA GLN C 135 9.74 58.56 -48.66
C GLN C 135 9.59 58.07 -50.13
N ASP C 136 9.97 56.81 -50.38
CA ASP C 136 9.93 56.24 -51.74
C ASP C 136 8.55 56.23 -52.33
N ILE C 137 7.54 56.00 -51.48
CA ILE C 137 6.17 55.93 -51.95
C ILE C 137 5.67 57.34 -52.13
N ILE C 138 6.09 58.24 -51.25
CA ILE C 138 5.67 59.63 -51.34
C ILE C 138 6.15 60.24 -52.66
N ASP C 139 7.36 59.90 -53.06
CA ASP C 139 7.91 60.36 -54.35
C ASP C 139 7.11 59.82 -55.52
N LEU C 140 6.57 58.62 -55.34
CA LEU C 140 5.88 57.91 -56.41
C LEU C 140 4.42 58.35 -56.57
N LEU C 141 3.77 58.69 -55.46
CA LEU C 141 2.34 59.02 -55.46
C LEU C 141 1.98 60.48 -55.32
N ALA C 142 2.71 61.21 -54.48
CA ALA C 142 2.32 62.57 -54.12
C ALA C 142 1.81 63.45 -55.26
N PRO C 143 2.55 63.51 -56.36
CA PRO C 143 2.13 64.33 -57.50
C PRO C 143 0.71 64.06 -58.00
N GLN C 144 0.21 62.83 -57.81
CA GLN C 144 -1.11 62.45 -58.38
C GLN C 144 -2.27 62.64 -57.43
N TYR C 145 -1.94 62.98 -56.20
CA TYR C 145 -2.94 63.19 -55.18
C TYR C 145 -2.68 64.54 -54.54
N PRO C 146 -2.93 65.63 -55.32
CA PRO C 146 -2.68 66.98 -54.82
C PRO C 146 -3.52 67.29 -53.58
N GLN C 147 -4.71 66.70 -53.48
CA GLN C 147 -5.63 66.99 -52.39
C GLN C 147 -5.26 66.32 -51.07
N ILE C 148 -4.23 65.49 -51.08
CA ILE C 148 -3.76 64.84 -49.87
C ILE C 148 -2.31 65.24 -49.54
N GLN C 149 -2.00 65.43 -48.27
CA GLN C 149 -0.64 65.73 -47.86
C GLN C 149 0.09 64.54 -47.36
N PHE C 150 1.28 64.34 -47.91
CA PHE C 150 2.10 63.18 -47.57
C PHE C 150 3.27 63.58 -46.68
N SER C 151 3.63 62.74 -45.71
CA SER C 151 4.75 63.01 -44.82
C SER C 151 5.34 61.70 -44.37
N THR C 152 6.40 61.75 -43.59
CA THR C 152 6.97 60.52 -43.05
C THR C 152 6.55 60.40 -41.60
N PRO C 153 6.58 59.16 -41.07
CA PRO C 153 6.20 58.87 -39.70
C PRO C 153 6.87 59.77 -38.63
N ASP C 154 8.13 60.14 -38.86
CA ASP C 154 8.84 60.96 -37.87
C ASP C 154 8.57 62.48 -37.96
N LYS C 155 8.07 62.95 -39.10
CA LYS C 155 7.87 64.37 -39.34
C LYS C 155 6.45 64.71 -39.81
N PRO C 156 5.42 64.33 -39.03
CA PRO C 156 4.04 64.65 -39.45
C PRO C 156 3.68 66.13 -39.27
N ARG C 157 2.96 66.69 -40.23
CA ARG C 157 2.68 68.13 -40.25
C ARG C 157 1.88 68.58 -39.03
N THR C 158 0.90 67.78 -38.61
CA THR C 158 0.12 68.11 -37.44
C THR C 158 0.37 67.12 -36.30
N VAL C 159 0.74 67.63 -35.14
CA VAL C 159 1.00 66.80 -33.97
C VAL C 159 -0.26 66.07 -33.53
N ALA C 160 -1.39 66.79 -33.55
CA ALA C 160 -2.66 66.22 -33.14
C ALA C 160 -3.69 66.31 -34.27
N PRO C 161 -4.35 65.19 -34.55
CA PRO C 161 -5.39 65.16 -35.58
C PRO C 161 -6.75 64.78 -35.00
N TYR C 162 -7.77 65.56 -35.31
CA TYR C 162 -9.10 65.29 -34.82
C TYR C 162 -9.33 63.79 -34.73
N ALA C 163 -8.97 63.10 -35.82
CA ALA C 163 -9.12 61.65 -35.94
C ALA C 163 -7.90 61.01 -36.61
N THR C 164 -7.54 59.84 -36.11
CA THR C 164 -6.43 59.06 -36.66
C THR C 164 -6.91 57.64 -36.95
N TYR C 165 -6.42 57.07 -38.03
CA TYR C 165 -6.76 55.71 -38.41
C TYR C 165 -5.51 54.97 -38.83
N ARG C 166 -5.27 53.82 -38.23
CA ARG C 166 -4.09 53.03 -38.54
C ARG C 166 -4.37 51.83 -39.45
N VAL C 167 -4.14 52.03 -40.74
CA VAL C 167 -4.31 50.98 -41.74
C VAL C 167 -3.13 50.02 -41.73
N GLY C 168 -3.41 48.73 -41.55
CA GLY C 168 -2.36 47.71 -41.58
C GLY C 168 -2.89 46.29 -41.47
N LEU C 169 -1.99 45.33 -41.42
CA LEU C 169 -2.39 43.94 -41.25
C LEU C 169 -2.36 43.59 -39.76
N TYR C 170 -3.44 42.99 -39.26
CA TYR C 170 -3.46 42.55 -37.87
C TYR C 170 -3.76 41.06 -37.83
N PHE C 171 -2.85 40.31 -37.20
CA PHE C 171 -2.91 38.88 -37.29
C PHE C 171 -3.65 38.24 -36.12
N GLY C 172 -3.73 36.90 -36.14
CA GLY C 172 -4.39 36.14 -35.07
C GLY C 172 -5.89 36.35 -35.03
N GLY C 173 -6.46 36.91 -36.10
CA GLY C 173 -7.89 37.15 -36.17
C GLY C 173 -8.35 38.35 -35.35
N ASP C 174 -7.42 39.27 -35.05
CA ASP C 174 -7.72 40.53 -34.37
C ASP C 174 -8.96 41.14 -35.01
N THR C 175 -9.92 41.55 -34.18
CA THR C 175 -11.12 42.23 -34.69
C THR C 175 -11.35 43.59 -34.05
N ASN C 176 -10.33 44.11 -33.37
CA ASN C 176 -10.43 45.42 -32.76
C ASN C 176 -9.83 46.54 -33.60
N ASN C 177 -8.73 46.25 -34.29
CA ASN C 177 -8.11 47.23 -35.16
C ASN C 177 -8.58 47.11 -36.59
N GLN C 178 -9.24 45.99 -36.89
CA GLN C 178 -9.90 45.79 -38.18
C GLN C 178 -11.29 45.20 -37.93
N PRO C 179 -12.31 45.65 -38.67
CA PRO C 179 -13.67 45.13 -38.46
C PRO C 179 -13.74 43.62 -38.70
N VAL C 180 -13.13 43.17 -39.80
CA VAL C 180 -13.11 41.77 -40.17
C VAL C 180 -11.66 41.31 -40.38
N ASP C 181 -11.39 40.05 -40.05
CA ASP C 181 -10.07 39.45 -40.26
C ASP C 181 -9.70 39.63 -41.74
N PHE C 182 -8.55 40.25 -42.00
CA PHE C 182 -8.15 40.56 -43.36
C PHE C 182 -8.06 39.31 -44.26
N ARG C 183 -7.85 38.15 -43.66
CA ARG C 183 -7.72 36.94 -44.43
C ARG C 183 -9.02 36.54 -45.09
N LYS C 184 -10.13 37.05 -44.57
CA LYS C 184 -11.44 36.73 -45.13
C LYS C 184 -11.86 37.65 -46.25
N VAL C 185 -11.27 38.85 -46.30
CA VAL C 185 -11.67 39.85 -47.30
C VAL C 185 -10.59 40.21 -48.33
N GLY C 186 -9.34 39.85 -48.03
CA GLY C 186 -8.20 40.20 -48.88
C GLY C 186 -7.38 41.26 -48.18
N PHE C 187 -6.06 41.06 -48.13
CA PHE C 187 -5.19 41.94 -47.35
C PHE C 187 -5.31 43.43 -47.74
N HIS C 188 -5.47 43.70 -49.04
CA HIS C 188 -5.60 45.06 -49.51
C HIS C 188 -6.96 45.64 -49.26
N ARG C 189 -8.01 44.86 -49.48
CA ARG C 189 -9.39 45.34 -49.30
C ARG C 189 -9.68 45.69 -47.84
N SER C 190 -8.87 45.15 -46.93
CA SER C 190 -9.06 45.35 -45.51
C SER C 190 -9.02 46.82 -45.18
N ALA C 191 -8.25 47.56 -45.94
CA ALA C 191 -8.16 48.99 -45.75
C ALA C 191 -9.52 49.68 -45.96
N GLY C 192 -10.27 49.22 -46.94
CA GLY C 192 -11.58 49.77 -47.18
C GLY C 192 -12.52 49.49 -46.01
N TYR C 193 -12.39 48.31 -45.41
CA TYR C 193 -13.23 48.00 -44.26
C TYR C 193 -12.82 48.84 -43.05
N ILE C 194 -11.53 48.93 -42.78
CA ILE C 194 -11.05 49.77 -41.70
C ILE C 194 -11.55 51.22 -41.79
N LEU C 195 -11.57 51.77 -43.00
CA LEU C 195 -11.99 53.14 -43.21
C LEU C 195 -13.48 53.24 -43.53
N GLY C 196 -14.14 52.09 -43.69
CA GLY C 196 -15.57 52.04 -44.00
C GLY C 196 -15.94 52.60 -45.37
N VAL C 197 -15.11 52.37 -46.37
CA VAL C 197 -15.45 52.79 -47.72
C VAL C 197 -15.71 51.61 -48.67
N ASP C 198 -16.19 51.92 -49.86
CA ASP C 198 -16.30 50.92 -50.91
C ASP C 198 -15.04 50.05 -50.88
N PRO C 199 -15.20 48.75 -50.59
CA PRO C 199 -14.03 47.88 -50.44
C PRO C 199 -13.50 47.33 -51.77
N ARG C 200 -14.09 47.74 -52.89
CA ARG C 200 -13.62 47.28 -54.19
C ARG C 200 -12.23 47.77 -54.56
N GLU C 201 -11.39 46.85 -54.98
CA GLU C 201 -10.00 47.17 -55.29
C GLU C 201 -9.87 48.17 -56.43
N ALA C 202 -8.78 48.93 -56.40
CA ALA C 202 -8.42 49.86 -57.47
C ALA C 202 -6.90 49.96 -57.56
N PRO C 203 -6.37 50.27 -58.74
CA PRO C 203 -4.95 50.60 -58.88
C PRO C 203 -4.67 52.08 -58.46
N VAL C 204 -3.48 52.35 -57.98
CA VAL C 204 -3.08 53.71 -57.65
C VAL C 204 -2.90 54.50 -58.94
N ARG C 205 -2.87 55.83 -58.84
CA ARG C 205 -2.62 56.67 -59.99
C ARG C 205 -1.14 56.98 -60.04
N LEU C 206 -0.54 56.84 -61.21
CA LEU C 206 0.89 57.06 -61.35
C LEU C 206 1.18 58.03 -62.48
N ASP C 207 2.44 58.45 -62.57
CA ASP C 207 2.88 59.27 -63.70
C ASP C 207 3.25 58.35 -64.85
N LEU C 208 2.36 58.24 -65.82
CA LEU C 208 2.58 57.34 -66.96
C LEU C 208 2.96 58.08 -68.24
N SER C 209 3.76 59.12 -68.11
CA SER C 209 4.01 60.02 -69.25
C SER C 209 5.34 59.76 -69.94
N ALA C 210 6.21 58.99 -69.27
CA ALA C 210 7.56 58.72 -69.79
C ALA C 210 7.54 58.08 -71.17
N PRO C 211 8.45 58.52 -72.05
CA PRO C 211 8.56 58.00 -73.41
C PRO C 211 9.29 56.62 -73.47
N ARG C 212 8.96 55.83 -74.48
CA ARG C 212 9.55 54.52 -74.69
C ARG C 212 11.04 54.58 -75.01
N VAL C 213 11.85 53.76 -74.34
CA VAL C 213 13.28 53.71 -74.63
C VAL C 213 13.72 52.43 -75.36
N ILE C 214 13.33 51.27 -74.84
CA ILE C 214 13.63 49.97 -75.44
C ILE C 214 12.73 49.79 -76.67
N ALA C 215 13.34 49.52 -77.82
CA ALA C 215 12.57 49.51 -79.06
C ALA C 215 11.69 48.28 -79.22
N ALA C 216 12.31 47.12 -79.09
CA ALA C 216 11.64 45.87 -79.37
C ALA C 216 10.67 45.53 -78.24
N PRO C 217 9.80 44.54 -78.47
CA PRO C 217 8.91 44.12 -77.40
C PRO C 217 9.69 43.42 -76.31
N TYR C 218 9.25 43.63 -75.07
CA TYR C 218 9.90 43.01 -73.94
C TYR C 218 8.95 42.70 -72.80
N VAL C 219 9.41 41.82 -71.92
CA VAL C 219 8.58 41.40 -70.81
C VAL C 219 9.35 41.60 -69.55
N CYS C 220 8.69 42.08 -68.50
CA CYS C 220 9.34 42.25 -67.22
C CYS C 220 9.00 41.12 -66.29
N ILE C 221 9.98 40.65 -65.55
CA ILE C 221 9.74 39.66 -64.53
C ILE C 221 10.26 40.07 -63.13
N ALA C 222 9.59 39.57 -62.10
CA ALA C 222 10.03 39.72 -60.74
C ALA C 222 10.03 38.33 -60.11
N THR C 223 11.21 37.84 -59.76
CA THR C 223 11.38 36.50 -59.22
C THR C 223 11.57 36.46 -57.71
N GLN C 224 12.00 37.59 -57.13
CA GLN C 224 12.32 37.68 -55.71
C GLN C 224 11.10 38.00 -54.87
N SER C 225 11.13 37.64 -53.59
CA SER C 225 10.04 38.02 -52.69
C SER C 225 10.46 38.00 -51.22
N THR C 226 9.52 38.38 -50.37
CA THR C 226 9.78 38.52 -48.92
C THR C 226 9.89 37.22 -48.08
N CYS C 227 9.21 36.15 -48.48
CA CYS C 227 9.40 34.84 -47.86
C CYS C 227 9.42 33.74 -48.92
N GLN C 228 9.95 32.58 -48.59
CA GLN C 228 10.17 31.54 -49.59
C GLN C 228 8.90 30.99 -50.20
N ALA C 229 7.80 31.02 -49.46
CA ALA C 229 6.53 30.45 -49.97
C ALA C 229 6.01 31.23 -51.13
N LYS C 230 6.32 32.52 -51.20
CA LYS C 230 5.88 33.38 -52.30
C LYS C 230 6.73 33.21 -53.55
N TYR C 231 7.86 32.56 -53.42
CA TYR C 231 8.68 32.22 -54.58
C TYR C 231 8.03 31.15 -55.42
N TRP C 232 8.39 31.09 -56.68
CA TRP C 232 7.94 29.98 -57.54
C TRP C 232 8.97 28.88 -57.38
N ASN C 233 8.67 27.94 -56.48
CA ASN C 233 9.62 26.89 -56.13
C ASN C 233 9.75 25.68 -57.07
N ASN C 234 9.26 25.82 -58.29
CA ASN C 234 9.40 24.80 -59.26
C ASN C 234 10.79 24.88 -59.84
N GLY C 235 11.45 23.74 -59.92
CA GLY C 235 12.84 23.68 -60.30
C GLY C 235 13.18 24.32 -61.62
N THR C 236 12.37 24.07 -62.63
CA THR C 236 12.71 24.51 -63.99
C THR C 236 11.72 25.56 -64.53
N GLY C 237 10.75 25.93 -63.69
CA GLY C 237 9.75 26.95 -64.05
C GLY C 237 10.30 28.18 -64.76
N TRP C 238 10.99 29.06 -64.03
CA TRP C 238 11.49 30.29 -64.63
C TRP C 238 12.30 30.06 -65.85
N SER C 239 13.20 29.08 -65.85
CA SER C 239 14.02 28.86 -67.03
C SER C 239 13.15 28.51 -68.24
N GLU C 240 12.13 27.69 -68.04
CA GLU C 240 11.23 27.34 -69.16
C GLU C 240 10.44 28.52 -69.68
N VAL C 241 9.97 29.36 -68.77
CA VAL C 241 9.23 30.56 -69.15
C VAL C 241 10.11 31.57 -69.90
N ILE C 242 11.29 31.85 -69.36
CA ILE C 242 12.24 32.76 -70.01
C ILE C 242 12.60 32.28 -71.42
N ALA C 243 12.86 30.98 -71.56
CA ALA C 243 13.18 30.43 -72.91
C ALA C 243 12.02 30.65 -73.84
N HIS C 244 10.81 30.43 -73.32
CA HIS C 244 9.60 30.53 -74.12
C HIS C 244 9.28 31.92 -74.57
N LEU C 245 9.39 32.89 -73.66
CA LEU C 245 9.25 34.31 -74.01
C LEU C 245 10.20 34.72 -75.14
N LYS C 246 11.44 34.26 -75.07
CA LYS C 246 12.37 34.55 -76.16
C LYS C 246 11.92 33.90 -77.46
N SER C 247 11.37 32.68 -77.39
CA SER C 247 10.98 32.02 -78.63
C SER C 247 9.76 32.72 -79.24
N LEU C 248 9.05 33.51 -78.43
CA LEU C 248 7.98 34.36 -78.94
C LEU C 248 8.46 35.78 -79.34
N GLY C 249 9.78 36.03 -79.25
CA GLY C 249 10.35 37.29 -79.69
C GLY C 249 10.48 38.39 -78.64
N TYR C 250 10.27 38.04 -77.37
CA TYR C 250 10.39 39.03 -76.32
C TYR C 250 11.82 39.06 -75.75
N ARG C 251 12.27 40.26 -75.39
CA ARG C 251 13.45 40.43 -74.55
C ARG C 251 12.91 40.24 -73.13
N VAL C 252 13.72 39.69 -72.23
CA VAL C 252 13.24 39.44 -70.85
C VAL C 252 14.09 40.17 -69.83
N MSE C 253 13.47 41.03 -69.02
CA MSE C 253 14.23 41.81 -68.02
C MSE C 253 13.77 41.52 -66.63
O MSE C 253 12.56 41.54 -66.33
CB MSE C 253 14.16 43.33 -68.19
CG MSE C 253 13.25 43.83 -69.29
SE MSE C 253 14.19 44.01 -71.04
CE MSE C 253 15.36 42.44 -70.99
N CYS C 254 14.72 41.25 -65.75
CA CYS C 254 14.41 41.09 -64.35
C CYS C 254 14.55 42.44 -63.61
N ILE C 255 13.50 42.86 -62.91
CA ILE C 255 13.47 44.15 -62.25
C ILE C 255 13.37 44.03 -60.75
N ASP C 256 13.83 42.91 -60.19
CA ASP C 256 13.86 42.75 -58.75
C ASP C 256 14.80 43.74 -58.09
N ARG C 257 14.49 44.15 -56.88
CA ARG C 257 15.36 45.05 -56.15
C ARG C 257 16.73 44.38 -55.88
N ASP C 258 16.70 43.11 -55.49
CA ASP C 258 17.93 42.37 -55.22
C ASP C 258 18.15 41.29 -56.28
N ALA C 259 19.40 40.94 -56.54
CA ALA C 259 19.72 39.91 -57.53
C ALA C 259 19.87 38.58 -56.83
N HIS C 260 20.14 38.64 -55.53
CA HIS C 260 20.23 37.44 -54.71
C HIS C 260 19.56 37.74 -53.41
N TYR C 261 18.71 36.83 -52.95
CA TYR C 261 18.01 37.03 -51.70
C TYR C 261 17.65 35.69 -51.10
N GLY C 262 17.72 35.60 -49.78
CA GLY C 262 17.46 34.35 -49.08
C GLY C 262 17.94 34.32 -47.64
N GLN C 263 17.90 33.14 -47.04
CA GLN C 263 18.15 32.92 -45.61
C GLN C 263 18.91 31.61 -45.51
N GLY C 264 19.75 31.43 -44.50
CA GLY C 264 20.48 30.16 -44.28
C GLY C 264 21.17 29.64 -45.53
N PHE C 265 20.80 28.44 -45.99
CA PHE C 265 21.36 27.92 -47.24
C PHE C 265 20.43 28.09 -48.45
N VAL C 266 19.23 28.61 -48.23
CA VAL C 266 18.26 28.78 -49.29
C VAL C 266 18.36 30.15 -49.92
N TRP C 267 18.96 30.19 -51.12
CA TRP C 267 19.15 31.46 -51.82
C TRP C 267 18.59 31.44 -53.19
N ASN C 268 17.93 32.53 -53.55
CA ASN C 268 17.30 32.69 -54.84
C ASN C 268 18.04 33.74 -55.65
N HIS C 269 18.30 33.44 -56.92
CA HIS C 269 19.08 34.31 -57.79
C HIS C 269 18.37 34.73 -59.05
N ILE C 270 18.71 35.91 -59.55
CA ILE C 270 18.24 36.33 -60.87
C ILE C 270 18.50 35.20 -61.87
N PRO C 271 17.46 34.75 -62.57
CA PRO C 271 17.62 33.58 -63.42
C PRO C 271 18.53 33.86 -64.57
N TRP C 272 19.44 32.90 -64.84
CA TRP C 272 20.28 32.95 -66.04
C TRP C 272 19.38 33.23 -67.20
N GLY C 273 19.77 34.12 -68.08
CA GLY C 273 18.94 34.32 -69.28
C GLY C 273 18.08 35.55 -69.29
N ALA C 274 17.71 36.01 -68.12
CA ALA C 274 17.05 37.30 -67.96
C ALA C 274 18.09 38.43 -67.97
N GLU C 275 17.77 39.54 -68.59
CA GLU C 275 18.67 40.70 -68.55
C GLU C 275 18.61 41.31 -67.15
N ASP C 276 19.74 41.89 -66.72
CA ASP C 276 19.84 42.39 -65.34
C ASP C 276 19.44 43.84 -65.17
N PHE C 277 18.19 44.06 -64.81
CA PHE C 277 17.73 45.41 -64.51
C PHE C 277 17.43 45.52 -63.01
N THR C 278 18.20 44.80 -62.21
CA THR C 278 17.97 44.78 -60.77
C THR C 278 18.60 45.98 -60.07
N GLY C 279 18.44 46.06 -58.76
CA GLY C 279 19.04 47.14 -57.99
C GLY C 279 18.01 47.99 -57.28
N LYS C 280 18.48 48.75 -56.29
CA LYS C 280 17.63 49.64 -55.52
C LYS C 280 17.50 51.00 -56.23
N LEU C 281 16.57 51.08 -57.17
CA LEU C 281 16.35 52.33 -57.93
C LEU C 281 15.08 52.98 -57.45
N PRO C 282 14.89 54.27 -57.78
CA PRO C 282 13.60 54.89 -57.42
C PRO C 282 12.47 54.20 -58.18
N LEU C 283 11.31 54.07 -57.55
CA LEU C 283 10.21 53.35 -58.16
C LEU C 283 9.79 53.96 -59.49
N GLN C 284 9.92 55.26 -59.64
CA GLN C 284 9.49 55.87 -60.86
C GLN C 284 10.24 55.30 -62.08
N GLU C 285 11.47 54.85 -61.87
CA GLU C 285 12.21 54.24 -62.98
C GLU C 285 11.66 52.87 -63.35
N ARG C 286 11.19 52.12 -62.34
CA ARG C 286 10.48 50.88 -62.54
C ARG C 286 9.19 51.15 -63.32
N VAL C 287 8.45 52.17 -62.91
CA VAL C 287 7.24 52.56 -63.62
C VAL C 287 7.50 52.85 -65.08
N ASN C 288 8.58 53.57 -65.37
CA ASN C 288 8.87 53.98 -66.74
C ASN C 288 9.24 52.82 -67.61
N LEU C 289 9.94 51.86 -67.04
CA LEU C 289 10.28 50.66 -67.77
C LEU C 289 9.05 49.77 -67.94
N LEU C 290 8.25 49.66 -66.89
CA LEU C 290 7.08 48.80 -66.92
C LEU C 290 6.07 49.32 -67.90
N ARG C 291 5.91 50.64 -67.93
CA ARG C 291 4.91 51.29 -68.80
C ARG C 291 4.90 50.78 -70.27
N HIS C 292 6.07 50.45 -70.82
CA HIS C 292 6.17 50.01 -72.20
C HIS C 292 6.44 48.54 -72.37
N ALA C 293 6.31 47.78 -71.29
CA ALA C 293 6.49 46.33 -71.36
C ALA C 293 5.24 45.74 -71.94
N SER C 294 5.38 44.72 -72.78
CA SER C 294 4.22 44.04 -73.36
C SER C 294 3.37 43.49 -72.24
N PHE C 295 4.03 42.90 -71.23
CA PHE C 295 3.36 42.43 -70.04
C PHE C 295 4.35 42.09 -68.95
N PHE C 296 3.82 41.70 -67.78
CA PHE C 296 4.66 41.48 -66.61
C PHE C 296 4.36 40.16 -65.97
N ILE C 297 5.39 39.48 -65.48
CA ILE C 297 5.17 38.22 -64.80
C ILE C 297 5.79 38.31 -63.42
N GLY C 298 5.01 38.05 -62.38
CA GLY C 298 5.56 38.08 -61.04
C GLY C 298 4.84 37.29 -59.98
N LEU C 299 5.14 37.62 -58.74
CA LEU C 299 4.61 36.92 -57.59
C LEU C 299 3.68 37.84 -56.82
N PRO C 300 3.04 37.31 -55.77
CA PRO C 300 2.09 38.13 -55.06
C PRO C 300 2.72 39.29 -54.25
N SER C 301 4.03 39.50 -54.40
CA SER C 301 4.70 40.61 -53.74
C SER C 301 4.52 41.96 -54.49
N GLY C 302 5.15 43.01 -53.97
CA GLY C 302 5.02 44.39 -54.42
C GLY C 302 5.02 44.75 -55.89
N LEU C 303 6.03 44.29 -56.62
CA LEU C 303 6.14 44.73 -58.01
C LEU C 303 4.91 44.43 -58.86
N SER C 304 4.16 43.40 -58.48
CA SER C 304 2.99 43.02 -59.24
C SER C 304 1.93 44.08 -59.15
N TRP C 305 1.85 44.71 -57.98
CA TRP C 305 0.91 45.82 -57.76
C TRP C 305 1.31 47.04 -58.54
N LEU C 306 2.60 47.26 -58.67
CA LEU C 306 3.06 48.41 -59.45
C LEU C 306 2.77 48.15 -60.90
N ALA C 307 3.15 46.97 -61.39
CA ALA C 307 2.88 46.57 -62.77
C ALA C 307 1.39 46.73 -63.08
N TRP C 308 0.54 46.33 -62.13
CA TRP C 308 -0.89 46.46 -62.31
C TRP C 308 -1.27 47.88 -62.61
N ALA C 309 -0.81 48.80 -61.77
CA ALA C 309 -1.16 50.21 -61.88
C ALA C 309 -0.63 50.91 -63.11
N THR C 310 0.47 50.38 -63.68
CA THR C 310 1.00 50.92 -64.95
C THR C 310 0.18 50.47 -66.16
N ARG C 311 -0.95 49.81 -65.90
CA ARG C 311 -1.91 49.46 -66.95
C ARG C 311 -1.43 48.44 -67.97
N ILE C 312 -0.57 47.52 -67.57
CA ILE C 312 -0.17 46.44 -68.46
C ILE C 312 -0.68 45.07 -67.94
N PRO C 313 -0.86 44.08 -68.83
CA PRO C 313 -1.32 42.77 -68.35
C PRO C 313 -0.34 42.12 -67.37
N VAL C 314 -0.87 41.51 -66.31
CA VAL C 314 -0.05 40.94 -65.28
C VAL C 314 -0.28 39.44 -65.12
N VAL C 315 0.77 38.67 -65.33
CA VAL C 315 0.68 37.24 -65.09
C VAL C 315 1.17 37.05 -63.67
N LEU C 316 0.29 36.57 -62.80
CA LEU C 316 0.58 36.50 -61.40
C LEU C 316 0.62 35.04 -60.95
N ILE C 317 1.79 34.58 -60.54
CA ILE C 317 1.95 33.20 -60.12
C ILE C 317 1.95 33.11 -58.60
N SER C 318 1.00 32.37 -58.05
CA SER C 318 0.97 32.22 -56.60
C SER C 318 0.19 30.98 -56.22
N GLY C 319 0.75 30.16 -55.34
CA GLY C 319 0.04 29.00 -54.76
C GLY C 319 -0.22 29.12 -53.24
N PHE C 320 0.51 30.00 -52.56
CA PHE C 320 0.31 30.12 -51.14
C PHE C 320 -0.88 30.95 -50.79
N SER C 321 -1.42 31.68 -51.77
CA SER C 321 -2.61 32.50 -51.57
C SER C 321 -3.62 32.16 -52.65
N LEU C 322 -4.90 32.29 -52.33
CA LEU C 322 -5.95 31.99 -53.30
C LEU C 322 -6.03 33.09 -54.32
N PRO C 323 -6.55 32.75 -55.52
CA PRO C 323 -6.75 33.75 -56.58
C PRO C 323 -7.39 35.06 -56.11
N ASN C 324 -8.38 35.00 -55.22
CA ASN C 324 -9.08 36.21 -54.78
C ASN C 324 -8.33 37.02 -53.70
N SER C 325 -7.14 36.59 -53.30
CA SER C 325 -6.44 37.35 -52.28
C SER C 325 -5.68 38.55 -52.81
N GLU C 326 -5.52 38.64 -54.14
CA GLU C 326 -4.86 39.78 -54.76
C GLU C 326 -5.83 40.39 -55.73
N PHE C 327 -5.38 41.40 -56.48
CA PHE C 327 -6.23 41.98 -57.50
C PHE C 327 -6.59 40.94 -58.58
N TYR C 328 -7.72 41.15 -59.26
CA TYR C 328 -8.13 40.27 -60.31
C TYR C 328 -7.24 40.41 -61.56
N THR C 329 -6.83 39.28 -62.12
CA THR C 329 -6.17 39.27 -63.40
C THR C 329 -6.54 37.99 -64.15
N PRO C 330 -6.95 38.13 -65.41
CA PRO C 330 -7.32 36.91 -66.13
C PRO C 330 -6.12 35.99 -66.34
N TRP C 331 -4.94 36.46 -65.97
CA TRP C 331 -3.70 35.73 -66.18
C TRP C 331 -3.14 35.21 -64.89
N ARG C 332 -4.02 35.05 -63.89
CA ARG C 332 -3.62 34.46 -62.60
C ARG C 332 -3.29 32.97 -62.77
N VAL C 333 -2.16 32.52 -62.25
CA VAL C 333 -1.76 31.12 -62.32
C VAL C 333 -1.80 30.49 -60.95
N PHE C 334 -2.40 29.31 -60.87
CA PHE C 334 -2.72 28.69 -59.58
C PHE C 334 -3.01 27.22 -59.81
N ASN C 335 -2.57 26.37 -58.89
CA ASN C 335 -2.82 24.96 -59.01
C ASN C 335 -3.53 24.43 -57.81
N SER C 336 -4.64 23.73 -58.05
CA SER C 336 -5.51 23.27 -56.98
C SER C 336 -5.46 21.79 -56.61
N HIS C 337 -4.48 21.06 -57.11
CA HIS C 337 -4.40 19.61 -56.83
C HIS C 337 -3.67 19.16 -55.56
N GLY C 338 -3.05 20.08 -54.83
CA GLY C 338 -2.28 19.76 -53.61
C GLY C 338 -2.55 20.78 -52.53
N CYS C 339 -1.58 21.06 -51.63
CA CYS C 339 -1.70 22.16 -50.61
C CYS C 339 -1.77 23.47 -51.43
N TYR C 340 -2.62 24.39 -51.00
CA TYR C 340 -2.61 25.75 -51.51
C TYR C 340 -3.24 26.69 -50.45
N GLY C 341 -2.98 27.98 -50.57
CA GLY C 341 -3.63 28.94 -49.67
C GLY C 341 -3.26 28.96 -48.19
N CYS C 342 -2.03 28.57 -47.84
CA CYS C 342 -1.44 28.72 -46.48
C CYS C 342 -1.98 30.10 -45.96
N TRP C 343 -1.74 31.13 -46.77
CA TRP C 343 -1.91 32.52 -46.38
C TRP C 343 -3.30 32.98 -46.02
N ASP C 344 -4.32 32.42 -46.67
CA ASP C 344 -5.69 32.85 -46.42
C ASP C 344 -6.37 32.08 -45.28
N ASP C 345 -5.74 30.99 -44.85
CA ASP C 345 -6.35 30.06 -43.91
C ASP C 345 -6.40 30.64 -42.49
N THR C 346 -7.61 30.87 -41.99
CA THR C 346 -7.79 31.45 -40.66
C THR C 346 -7.43 30.54 -39.46
N SER C 347 -7.20 29.25 -39.70
CA SER C 347 -6.83 28.33 -38.61
C SER C 347 -5.33 28.27 -38.39
N LEU C 348 -4.57 28.87 -39.32
CA LEU C 348 -3.09 28.90 -39.27
C LEU C 348 -2.63 30.31 -38.95
N ASN C 349 -1.33 30.52 -38.75
CA ASN C 349 -0.78 31.88 -38.48
C ASN C 349 0.57 32.16 -39.15
N PHE C 350 0.63 33.22 -39.95
CA PHE C 350 1.86 33.62 -40.59
C PHE C 350 2.98 33.91 -39.58
N ASP C 351 4.19 33.42 -39.86
CA ASP C 351 5.35 33.66 -39.00
C ASP C 351 6.30 34.66 -39.67
N HIS C 352 6.39 35.85 -39.08
CA HIS C 352 7.19 36.95 -39.65
C HIS C 352 8.65 36.67 -39.55
N HIS C 353 9.01 35.76 -38.66
CA HIS C 353 10.41 35.48 -38.34
C HIS C 353 10.97 34.30 -39.08
N ASP C 354 10.11 33.52 -39.72
CA ASP C 354 10.54 32.30 -40.41
C ASP C 354 10.41 32.45 -41.91
N PHE C 355 11.54 32.59 -42.58
CA PHE C 355 11.56 32.78 -44.02
C PHE C 355 11.17 31.50 -44.75
N LEU C 356 11.35 30.34 -44.12
CA LEU C 356 10.96 29.06 -44.72
C LEU C 356 9.60 28.56 -44.19
N TRP C 357 8.73 29.50 -43.81
CA TRP C 357 7.41 29.18 -43.32
C TRP C 357 6.57 28.33 -44.29
N CYS C 358 6.11 27.17 -43.83
CA CYS C 358 5.15 26.29 -44.52
C CYS C 358 4.38 25.53 -43.43
N PRO C 359 3.28 26.12 -42.90
CA PRO C 359 2.58 25.53 -41.78
C PRO C 359 2.21 24.09 -41.95
N ARG C 360 1.84 23.67 -43.15
CA ARG C 360 1.36 22.28 -43.30
C ARG C 360 2.42 21.28 -43.71
N HIS C 361 3.52 21.73 -44.30
CA HIS C 361 4.52 20.78 -44.82
C HIS C 361 5.96 21.08 -44.56
N LYS C 362 6.25 22.08 -43.75
CA LYS C 362 7.64 22.40 -43.42
C LYS C 362 8.44 21.16 -43.06
N ASN C 363 9.66 21.06 -43.59
CA ASN C 363 10.58 19.98 -43.26
C ASN C 363 10.12 18.62 -43.72
N THR C 364 9.37 18.57 -44.82
CA THR C 364 8.92 17.32 -45.40
C THR C 364 9.10 17.36 -46.92
N ASP C 365 8.79 16.25 -47.58
CA ASP C 365 8.88 16.15 -49.04
C ASP C 365 8.02 17.18 -49.74
N ARG C 366 6.92 17.53 -49.09
CA ARG C 366 5.89 18.29 -49.72
C ARG C 366 6.05 19.79 -49.48
N GLN C 367 7.14 20.18 -48.82
CA GLN C 367 7.35 21.57 -48.58
C GLN C 367 7.26 22.38 -49.87
N PHE C 368 6.48 23.43 -49.83
CA PHE C 368 6.27 24.31 -50.95
C PHE C 368 5.57 23.71 -52.19
N GLU C 369 4.85 22.61 -51.98
CA GLU C 369 3.99 22.02 -52.99
C GLU C 369 3.07 23.09 -53.58
N CYS C 370 2.83 24.14 -52.80
CA CYS C 370 2.02 25.30 -53.20
C CYS C 370 2.36 25.59 -54.71
N THR C 371 3.65 25.62 -55.04
CA THR C 371 4.11 26.14 -56.31
C THR C 371 4.99 25.17 -57.11
N ARG C 372 5.46 24.10 -56.49
CA ARG C 372 6.14 23.05 -57.22
C ARG C 372 5.19 22.37 -58.24
N LEU C 373 3.90 22.37 -57.91
CA LEU C 373 2.88 21.89 -58.84
C LEU C 373 2.63 22.84 -60.00
N ILE C 374 3.04 24.10 -59.88
CA ILE C 374 2.89 25.04 -60.99
C ILE C 374 4.07 24.88 -61.93
N THR C 375 3.86 24.20 -63.03
CA THR C 375 4.95 23.92 -63.94
C THR C 375 5.19 25.07 -64.91
N GLY C 376 6.34 25.06 -65.55
CA GLY C 376 6.59 25.99 -66.62
C GLY C 376 5.57 25.83 -67.73
N ALA C 377 5.20 24.58 -68.05
CA ALA C 377 4.17 24.33 -69.08
C ALA C 377 2.87 25.07 -68.74
N GLN C 378 2.47 24.98 -67.48
CA GLN C 378 1.27 25.61 -67.06
C GLN C 378 1.37 27.11 -67.27
N VAL C 379 2.49 27.70 -66.87
CA VAL C 379 2.62 29.15 -67.03
C VAL C 379 2.70 29.53 -68.50
N ASN C 380 3.39 28.69 -69.29
CA ASN C 380 3.53 28.96 -70.72
C ASN C 380 2.19 28.88 -71.47
N GLY C 381 1.30 28.05 -70.94
CA GLY C 381 -0.03 27.95 -71.49
C GLY C 381 -0.70 29.29 -71.39
N VAL C 382 -0.65 29.86 -70.20
CA VAL C 382 -1.25 31.17 -69.95
C VAL C 382 -0.57 32.24 -70.78
N ILE C 383 0.76 32.20 -70.82
CA ILE C 383 1.47 33.16 -71.65
C ILE C 383 1.00 33.10 -73.11
N ASN C 384 0.85 31.87 -73.66
CA ASN C 384 0.37 31.70 -75.03
C ASN C 384 -0.96 32.41 -75.29
N LYS C 385 -1.91 32.22 -74.38
CA LYS C 385 -3.22 32.84 -74.52
C LYS C 385 -3.07 34.36 -74.51
N LEU C 386 -2.33 34.88 -73.54
CA LEU C 386 -2.13 36.31 -73.45
C LEU C 386 -1.44 36.86 -74.70
N HIS C 387 -0.41 36.15 -75.17
CA HIS C 387 0.30 36.57 -76.37
C HIS C 387 -0.63 36.63 -77.59
N ARG C 388 -1.46 35.58 -77.79
CA ARG C 388 -2.40 35.57 -78.93
C ARG C 388 -3.37 36.73 -78.80
N SER C 389 -3.92 36.90 -77.62
CA SER C 389 -4.84 38.01 -77.36
C SER C 389 -4.21 39.36 -77.65
N LEU C 390 -2.91 39.50 -77.39
CA LEU C 390 -2.23 40.78 -77.66
C LEU C 390 -2.06 41.07 -79.14
N THR C 391 -1.62 40.07 -79.89
CA THR C 391 -1.38 40.27 -81.31
C THR C 391 -2.71 40.46 -82.09
N GLU C 392 -3.69 39.59 -81.83
CA GLU C 392 -4.97 39.59 -82.55
C GLU C 392 -5.85 40.76 -82.21
N GLN C 393 -6.27 40.86 -80.96
CA GLN C 393 -6.97 42.06 -80.50
C GLN C 393 -5.90 43.04 -80.10
N GLY C 394 -6.24 44.14 -79.45
CA GLY C 394 -5.18 45.07 -79.02
C GLY C 394 -4.83 44.91 -77.55
N VAL C 395 -4.04 45.85 -77.03
CA VAL C 395 -3.79 45.91 -75.60
C VAL C 395 -5.10 46.28 -74.92
N GLU C 396 -5.81 47.27 -75.47
CA GLU C 396 -7.04 47.76 -74.84
C GLU C 396 -8.08 46.66 -74.75
N ALA C 397 -8.20 45.87 -75.80
CA ALA C 397 -9.14 44.75 -75.81
C ALA C 397 -8.80 43.66 -74.77
N THR C 398 -7.57 43.66 -74.28
CA THR C 398 -7.08 42.63 -73.36
C THR C 398 -7.29 42.97 -71.85
N ILE D 10 -43.53 49.63 0.44
CA ILE D 10 -44.53 50.25 1.36
C ILE D 10 -44.26 49.93 2.84
N THR D 11 -43.54 50.83 3.49
CA THR D 11 -43.01 50.56 4.82
C THR D 11 -44.01 50.80 5.95
N PRO D 12 -44.03 49.88 6.94
CA PRO D 12 -44.85 50.17 8.11
C PRO D 12 -44.19 51.27 8.95
N PRO D 13 -44.97 51.96 9.80
CA PRO D 13 -44.42 53.02 10.65
C PRO D 13 -43.22 52.50 11.42
N ASP D 14 -42.29 53.39 11.78
CA ASP D 14 -41.06 52.99 12.47
C ASP D 14 -41.33 52.69 13.94
N THR D 15 -42.44 53.22 14.42
CA THR D 15 -42.89 53.03 15.81
C THR D 15 -44.35 52.67 15.74
N PRO D 16 -44.77 51.64 16.49
CA PRO D 16 -46.16 51.19 16.42
C PRO D 16 -47.18 52.30 16.72
N THR D 17 -48.32 52.22 16.04
CA THR D 17 -49.35 53.26 16.02
C THR D 17 -50.16 53.42 17.29
N GLN D 18 -50.34 52.35 18.04
CA GLN D 18 -51.24 52.38 19.18
C GLN D 18 -50.48 52.50 20.50
N ALA D 19 -51.02 53.29 21.43
CA ALA D 19 -50.33 53.57 22.67
C ALA D 19 -50.75 52.64 23.82
N GLY D 20 -49.78 52.02 24.46
CA GLY D 20 -50.06 51.19 25.64
C GLY D 20 -49.58 51.86 26.93
N PRO D 21 -49.88 51.25 28.09
CA PRO D 21 -49.35 51.71 29.38
C PRO D 21 -47.87 51.36 29.58
N GLU D 22 -47.11 52.13 30.36
CA GLU D 22 -45.69 51.86 30.54
C GLU D 22 -44.87 52.04 29.28
N ASN D 23 -45.20 53.01 28.44
CA ASN D 23 -44.46 53.28 27.21
C ASN D 23 -44.39 52.11 26.24
N ILE D 24 -45.52 51.42 26.07
CA ILE D 24 -45.60 50.30 25.15
C ILE D 24 -46.49 50.65 23.97
N PHE D 25 -45.97 50.43 22.76
CA PHE D 25 -46.72 50.72 21.54
C PHE D 25 -46.95 49.45 20.76
N TYR D 26 -48.19 49.24 20.31
CA TYR D 26 -48.53 48.02 19.59
C TYR D 26 -49.30 48.33 18.29
N ASP D 27 -49.25 47.44 17.33
CA ASP D 27 -50.08 47.59 16.14
C ASP D 27 -50.24 46.30 15.33
N PHE D 28 -50.78 46.46 14.12
CA PHE D 28 -51.13 45.34 13.28
C PHE D 28 -50.75 45.65 11.85
N ASN D 29 -49.79 46.57 11.69
CA ASN D 29 -49.20 46.85 10.39
C ASN D 29 -48.04 45.88 10.31
N ASP D 30 -47.87 45.20 9.16
CA ASP D 30 -46.94 44.06 9.08
C ASP D 30 -47.16 42.95 10.15
N GLY D 31 -48.38 42.46 10.27
CA GLY D 31 -48.69 41.46 11.28
C GLY D 31 -48.86 42.13 12.62
N ALA D 32 -48.95 41.35 13.68
CA ALA D 32 -49.08 41.91 15.01
C ALA D 32 -47.70 42.29 15.49
N ARG D 33 -47.52 43.56 15.84
CA ARG D 33 -46.24 44.03 16.37
C ARG D 33 -46.42 44.66 17.74
N VAL D 34 -45.43 44.47 18.60
CA VAL D 34 -45.40 45.18 19.87
C VAL D 34 -43.96 45.53 20.20
N LEU D 35 -43.75 46.77 20.62
CA LEU D 35 -42.42 47.27 20.94
C LEU D 35 -42.38 47.53 22.41
N LEU D 36 -41.50 46.79 23.09
CA LEU D 36 -41.40 46.89 24.54
C LEU D 36 -40.29 47.86 24.97
N PRO D 37 -40.60 48.71 25.97
CA PRO D 37 -39.56 49.53 26.58
C PRO D 37 -38.77 48.66 27.54
N GLU D 38 -37.77 49.24 28.18
CA GLU D 38 -36.97 48.52 29.14
C GLU D 38 -37.81 47.82 30.22
N GLY D 39 -37.42 46.61 30.61
CA GLY D 39 -38.13 45.88 31.64
C GLY D 39 -38.03 44.37 31.53
N LYS D 40 -38.79 43.68 32.38
CA LYS D 40 -38.83 42.21 32.37
C LYS D 40 -40.26 41.67 32.13
N TRP D 41 -40.51 41.17 30.91
CA TRP D 41 -41.83 40.64 30.56
C TRP D 41 -41.94 39.43 29.70
N HIS D 42 -43.19 38.97 29.64
CA HIS D 42 -43.62 37.80 28.92
C HIS D 42 -44.74 38.20 28.00
N VAL D 43 -44.55 38.01 26.69
CA VAL D 43 -45.58 38.39 25.70
C VAL D 43 -46.24 37.18 25.06
N ARG D 44 -47.56 37.28 24.82
CA ARG D 44 -48.30 36.22 24.16
C ARG D 44 -49.13 36.75 22.99
N LEU D 45 -49.06 36.06 21.87
CA LEU D 45 -49.92 36.33 20.71
C LEU D 45 -50.95 35.21 20.60
N LEU D 46 -52.21 35.59 20.52
CA LEU D 46 -53.30 34.62 20.43
C LEU D 46 -54.12 34.86 19.18
N ASP D 47 -54.80 33.82 18.73
CA ASP D 47 -55.81 33.97 17.69
C ASP D 47 -57.13 34.06 18.46
N ALA D 48 -57.74 35.23 18.46
CA ALA D 48 -59.01 35.44 19.17
C ALA D 48 -60.11 34.46 18.78
N ASP D 49 -60.14 34.10 17.51
CA ASP D 49 -61.17 33.22 17.01
C ASP D 49 -61.08 31.79 17.55
N SER D 50 -59.86 31.25 17.64
CA SER D 50 -59.62 29.89 18.10
C SER D 50 -59.15 29.84 19.55
N GLU D 51 -58.66 30.98 20.04
CA GLU D 51 -58.08 31.08 21.40
C GLU D 51 -56.73 30.36 21.54
N ASN D 52 -56.19 29.89 20.42
CA ASN D 52 -54.87 29.28 20.36
C ASN D 52 -53.74 30.27 20.68
N ILE D 53 -52.72 29.82 21.40
CA ILE D 53 -51.54 30.65 21.62
C ILE D 53 -50.60 30.44 20.45
N LEU D 54 -50.56 31.40 19.53
CA LEU D 54 -49.72 31.32 18.34
C LEU D 54 -48.22 31.37 18.65
N PHE D 55 -47.84 32.23 19.59
CA PHE D 55 -46.44 32.47 19.90
C PHE D 55 -46.37 32.97 21.33
N CYS D 56 -45.26 32.71 22.01
CA CYS D 56 -45.08 33.21 23.39
C CYS D 56 -43.61 33.18 23.77
N CYS D 57 -43.17 34.19 24.54
CA CYS D 57 -41.75 34.34 24.84
C CYS D 57 -41.47 35.38 25.94
N ASP D 58 -40.25 35.29 26.49
CA ASP D 58 -39.76 36.25 27.49
C ASP D 58 -38.74 37.17 26.85
N VAL D 59 -38.96 38.47 26.96
CA VAL D 59 -38.00 39.45 26.45
C VAL D 59 -37.85 40.65 27.39
N ASP D 60 -36.71 41.32 27.30
CA ASP D 60 -36.40 42.46 28.15
C ASP D 60 -36.74 43.78 27.48
N LYS D 61 -36.38 43.91 26.21
CA LYS D 61 -36.61 45.12 25.46
C LYS D 61 -36.39 44.80 24.01
N GLY D 62 -37.40 45.00 23.17
CA GLY D 62 -37.22 44.77 21.75
C GLY D 62 -38.52 44.69 21.02
N TRP D 63 -38.46 44.18 19.79
CA TRP D 63 -39.65 43.97 18.98
C TRP D 63 -40.13 42.57 19.13
N VAL D 64 -41.44 42.39 19.06
CA VAL D 64 -42.03 41.06 18.96
C VAL D 64 -43.09 41.10 17.87
N THR D 65 -42.87 40.31 16.82
CA THR D 65 -43.77 40.26 15.68
C THR D 65 -44.29 38.85 15.47
N SER D 66 -45.55 38.75 15.07
CA SER D 66 -46.10 37.47 14.66
C SER D 66 -45.40 37.05 13.36
N SER D 67 -45.15 35.75 13.21
CA SER D 67 -44.55 35.30 11.96
C SER D 67 -45.60 35.42 10.84
N LYS D 68 -46.88 35.28 11.20
CA LYS D 68 -47.97 35.40 10.23
C LYS D 68 -48.30 36.87 9.92
N LYS D 69 -48.38 37.22 8.64
CA LYS D 69 -48.58 38.62 8.20
C LYS D 69 -49.95 38.88 7.55
N TYR D 70 -50.66 37.79 7.21
CA TYR D 70 -51.97 37.94 6.60
C TYR D 70 -52.98 38.22 7.71
N PHE D 71 -54.24 38.41 7.34
CA PHE D 71 -55.25 38.70 8.34
C PHE D 71 -55.46 37.60 9.40
N VAL D 72 -55.32 37.99 10.65
CA VAL D 72 -55.68 37.13 11.77
C VAL D 72 -56.28 38.07 12.82
N ARG D 73 -57.37 37.67 13.46
CA ARG D 73 -57.88 38.47 14.57
C ARG D 73 -56.95 38.24 15.77
N PHE D 74 -55.76 38.86 15.73
CA PHE D 74 -54.77 38.67 16.79
C PHE D 74 -55.25 39.20 18.11
N ARG D 75 -54.66 38.69 19.17
CA ARG D 75 -54.88 39.19 20.50
C ARG D 75 -53.53 39.29 21.18
N ILE D 76 -53.09 40.52 21.44
CA ILE D 76 -51.80 40.74 22.06
C ILE D 76 -51.94 40.90 23.56
N GLN D 77 -51.04 40.27 24.31
CA GLN D 77 -50.96 40.52 25.73
C GLN D 77 -49.54 40.47 26.24
N VAL D 78 -49.21 41.44 27.08
CA VAL D 78 -47.93 41.48 27.73
C VAL D 78 -48.11 41.27 29.21
N PHE D 79 -47.35 40.34 29.75
CA PHE D 79 -47.43 39.98 31.14
C PHE D 79 -46.17 40.44 31.84
N ARG D 80 -46.33 40.86 33.08
CA ARG D 80 -45.18 41.13 33.89
C ARG D 80 -44.56 39.77 34.17
N GLN D 81 -43.24 39.71 34.10
CA GLN D 81 -42.52 38.44 34.26
C GLN D 81 -42.91 37.88 35.62
N GLY D 82 -43.07 38.77 36.60
CA GLY D 82 -43.60 38.36 37.88
C GLY D 82 -45.01 37.82 37.67
N ALA D 83 -45.76 38.48 36.79
CA ALA D 83 -47.09 38.00 36.40
C ALA D 83 -48.15 38.26 37.46
N ALA D 84 -49.26 37.54 37.38
CA ALA D 84 -49.49 36.58 36.30
C ALA D 84 -50.55 37.03 35.28
N THR D 85 -51.03 38.26 35.42
CA THR D 85 -52.16 38.74 34.61
C THR D 85 -51.65 39.72 33.55
N PRO D 86 -52.35 39.90 32.43
CA PRO D 86 -51.73 40.80 31.44
C PRO D 86 -51.86 42.26 31.81
N LEU D 87 -50.74 42.96 31.77
CA LEU D 87 -50.73 44.40 31.93
C LEU D 87 -51.46 45.00 30.76
N LEU D 88 -51.25 44.40 29.60
CA LEU D 88 -51.87 44.82 28.35
C LEU D 88 -52.62 43.65 27.72
N ASP D 89 -53.85 43.85 27.25
CA ASP D 89 -54.54 42.76 26.56
C ASP D 89 -55.49 43.31 25.50
N GLU D 90 -55.00 43.41 24.27
CA GLU D 90 -55.76 44.04 23.21
C GLU D 90 -56.04 43.13 22.03
N THR D 91 -57.26 43.18 21.52
CA THR D 91 -57.69 42.34 20.42
C THR D 91 -58.03 43.18 19.21
N LEU D 92 -57.54 42.77 18.04
CA LEU D 92 -57.78 43.49 16.80
C LEU D 92 -59.26 43.73 16.57
N LYS D 93 -59.64 44.99 16.41
CA LYS D 93 -61.02 45.36 16.07
C LYS D 93 -60.94 46.47 15.04
N LEU D 94 -61.44 46.21 13.84
CA LEU D 94 -61.21 47.10 12.70
C LEU D 94 -62.26 48.18 12.45
N LYS D 95 -63.43 48.06 13.09
CA LYS D 95 -64.50 48.99 12.83
C LYS D 95 -64.07 50.43 13.02
N ASP D 96 -64.36 51.26 12.01
CA ASP D 96 -64.08 52.71 12.02
C ASP D 96 -62.60 53.05 12.23
N ARG D 97 -61.70 52.20 11.74
CA ARG D 97 -60.27 52.40 11.98
C ARG D 97 -59.46 52.50 10.70
N PRO D 98 -58.32 53.21 10.75
CA PRO D 98 -57.49 53.38 9.55
C PRO D 98 -56.78 52.08 9.15
N VAL D 99 -57.13 51.55 7.98
CA VAL D 99 -56.53 50.32 7.46
C VAL D 99 -55.90 50.56 6.09
N LEU D 100 -54.69 50.04 5.90
CA LEU D 100 -54.03 50.07 4.60
C LEU D 100 -53.98 48.69 3.93
N ILE D 101 -54.42 48.62 2.69
CA ILE D 101 -54.19 47.44 1.89
C ILE D 101 -53.28 47.89 0.78
N SER D 102 -52.07 47.35 0.77
CA SER D 102 -51.08 47.75 -0.20
C SER D 102 -50.87 46.70 -1.30
N PHE D 103 -51.17 47.08 -2.53
CA PHE D 103 -50.89 46.21 -3.67
C PHE D 103 -49.55 46.61 -4.25
N PRO D 104 -48.88 45.68 -4.96
CA PRO D 104 -47.64 46.02 -5.59
C PRO D 104 -47.96 46.64 -6.94
N THR D 105 -46.93 47.09 -7.64
CA THR D 105 -47.13 47.59 -8.99
C THR D 105 -46.99 46.36 -9.83
N GLY D 106 -48.13 45.76 -10.14
CA GLY D 106 -48.18 44.41 -10.64
C GLY D 106 -49.04 44.37 -11.86
N THR D 107 -48.91 43.31 -12.65
CA THR D 107 -49.56 43.29 -13.93
C THR D 107 -51.06 43.42 -13.77
N LEU D 108 -51.63 44.18 -14.70
CA LEU D 108 -53.04 44.52 -14.72
C LEU D 108 -53.94 43.41 -14.20
N GLY D 109 -53.71 42.19 -14.67
CA GLY D 109 -54.54 41.04 -14.35
C GLY D 109 -54.51 40.73 -12.87
N ASP D 110 -53.34 41.00 -12.26
CA ASP D 110 -53.17 40.81 -10.84
C ASP D 110 -54.17 41.66 -10.06
N LEU D 111 -54.16 42.96 -10.32
CA LEU D 111 -54.97 43.92 -9.59
C LEU D 111 -56.45 43.81 -9.82
N LEU D 112 -56.84 43.57 -11.07
CA LEU D 112 -58.24 43.38 -11.38
C LEU D 112 -58.79 42.11 -10.72
N GLY D 113 -57.91 41.13 -10.55
CA GLY D 113 -58.26 39.89 -9.87
C GLY D 113 -58.38 40.08 -8.38
N TRP D 114 -57.45 40.86 -7.81
CA TRP D 114 -57.42 41.05 -6.37
C TRP D 114 -58.42 42.00 -5.83
N PHE D 115 -58.76 43.02 -6.60
CA PHE D 115 -59.43 44.17 -6.00
C PHE D 115 -60.75 43.92 -5.30
N PRO D 116 -61.64 43.16 -5.94
CA PRO D 116 -62.94 42.88 -5.31
C PRO D 116 -62.83 42.39 -3.87
N TYR D 117 -61.74 41.70 -3.54
CA TYR D 117 -61.56 41.13 -2.21
C TYR D 117 -61.32 42.23 -1.19
N ALA D 118 -60.74 43.34 -1.65
CA ALA D 118 -60.48 44.49 -0.78
C ALA D 118 -61.80 45.15 -0.39
N GLU D 119 -62.72 45.26 -1.35
CA GLU D 119 -64.02 45.79 -1.03
C GLU D 119 -64.75 44.89 -0.04
N ARG D 120 -64.62 43.57 -0.20
CA ARG D 120 -65.30 42.61 0.67
C ARG D 120 -64.81 42.74 2.08
N PHE D 121 -63.51 42.93 2.22
CA PHE D 121 -62.88 43.14 3.50
C PHE D 121 -63.47 44.35 4.24
N GLN D 122 -63.80 45.42 3.52
CA GLN D 122 -64.35 46.61 4.17
C GLN D 122 -65.85 46.50 4.51
N SER D 123 -66.63 45.86 3.63
CA SER D 123 -68.05 45.61 3.90
C SER D 123 -68.19 44.70 5.09
N LEU D 124 -67.26 43.76 5.23
CA LEU D 124 -67.31 42.80 6.31
C LEU D 124 -66.98 43.50 7.61
N HIS D 125 -65.87 44.26 7.60
CA HIS D 125 -65.27 44.84 8.81
C HIS D 125 -65.51 46.32 9.21
N LYS D 126 -66.03 47.12 8.28
CA LYS D 126 -66.46 48.49 8.57
C LYS D 126 -65.29 49.44 8.81
N CYS D 127 -64.10 48.99 8.44
CA CYS D 127 -62.89 49.80 8.56
C CYS D 127 -62.86 50.85 7.47
N ARG D 128 -62.10 51.92 7.70
CA ARG D 128 -61.85 52.88 6.63
C ARG D 128 -60.68 52.30 5.86
N LEU D 129 -60.90 52.04 4.57
CA LEU D 129 -59.91 51.31 3.78
C LEU D 129 -59.27 52.13 2.68
N GLU D 130 -57.95 52.07 2.62
CA GLU D 130 -57.20 52.73 1.57
C GLU D 130 -56.42 51.70 0.76
N CYS D 131 -56.54 51.78 -0.56
CA CYS D 131 -55.88 50.82 -1.44
C CYS D 131 -54.85 51.51 -2.31
N THR D 132 -53.64 50.95 -2.38
CA THR D 132 -52.57 51.55 -3.15
C THR D 132 -52.23 50.71 -4.39
N MSE D 133 -51.85 51.78 -5.31
CA MSE D 133 -51.55 51.12 -6.60
C MSE D 133 -51.20 52.19 -7.60
O MSE D 133 -51.33 53.37 -7.30
CB MSE D 133 -52.76 50.37 -7.13
CG MSE D 133 -53.95 51.31 -7.17
SE MSE D 133 -55.56 50.44 -6.46
CE MSE D 133 -56.52 50.10 -8.10
N SER D 134 -50.76 51.78 -8.78
CA SER D 134 -50.44 52.73 -9.84
C SER D 134 -51.64 53.62 -10.22
N GLN D 135 -51.33 54.82 -10.71
CA GLN D 135 -52.34 55.81 -11.02
C GLN D 135 -53.35 55.35 -12.07
N ASP D 136 -52.86 54.65 -13.08
CA ASP D 136 -53.73 54.17 -14.16
C ASP D 136 -54.88 53.25 -13.72
N ILE D 137 -54.66 52.48 -12.65
CA ILE D 137 -55.73 51.63 -12.14
C ILE D 137 -56.70 52.46 -11.32
N ILE D 138 -56.15 53.39 -10.55
CA ILE D 138 -56.96 54.33 -9.76
C ILE D 138 -57.96 55.05 -10.64
N ASP D 139 -57.50 55.57 -11.78
CA ASP D 139 -58.39 56.25 -12.73
C ASP D 139 -59.51 55.32 -13.22
N LEU D 140 -59.22 54.02 -13.28
CA LEU D 140 -60.19 53.05 -13.78
C LEU D 140 -61.24 52.66 -12.74
N LEU D 141 -60.82 52.57 -11.48
CA LEU D 141 -61.67 52.01 -10.44
C LEU D 141 -62.29 53.01 -9.46
N ALA D 142 -61.48 53.96 -8.98
CA ALA D 142 -61.90 54.89 -7.92
C ALA D 142 -63.37 55.37 -7.97
N PRO D 143 -63.82 55.86 -9.13
CA PRO D 143 -65.22 56.29 -9.27
C PRO D 143 -66.28 55.28 -8.80
N GLN D 144 -66.00 53.98 -8.93
CA GLN D 144 -66.99 52.95 -8.57
C GLN D 144 -66.86 52.45 -7.13
N TYR D 145 -65.86 52.94 -6.41
CA TYR D 145 -65.65 52.53 -5.02
C TYR D 145 -65.48 53.79 -4.18
N PRO D 146 -66.59 54.53 -4.01
CA PRO D 146 -66.48 55.77 -3.24
C PRO D 146 -66.19 55.50 -1.76
N GLN D 147 -66.47 54.27 -1.26
CA GLN D 147 -66.16 53.88 0.14
C GLN D 147 -64.69 53.92 0.40
N ILE D 148 -63.92 53.63 -0.63
CA ILE D 148 -62.50 53.38 -0.48
C ILE D 148 -61.66 54.54 -1.00
N GLN D 149 -60.58 54.82 -0.30
CA GLN D 149 -59.66 55.86 -0.69
C GLN D 149 -58.49 55.27 -1.45
N PHE D 150 -58.26 55.76 -2.66
CA PHE D 150 -57.16 55.32 -3.47
C PHE D 150 -56.02 56.35 -3.42
N SER D 151 -54.79 55.84 -3.41
CA SER D 151 -53.59 56.66 -3.42
C SER D 151 -52.52 55.91 -4.16
N THR D 152 -51.35 56.54 -4.33
CA THR D 152 -50.21 55.84 -4.89
C THR D 152 -49.28 55.50 -3.73
N PRO D 153 -48.40 54.51 -3.94
CA PRO D 153 -47.44 54.06 -2.90
C PRO D 153 -46.60 55.19 -2.32
N ASP D 154 -46.26 56.19 -3.13
CA ASP D 154 -45.41 57.28 -2.64
C ASP D 154 -46.10 58.37 -1.83
N LYS D 155 -47.41 58.55 -2.03
CA LYS D 155 -48.17 59.58 -1.31
C LYS D 155 -49.41 59.02 -0.60
N PRO D 156 -49.18 58.19 0.43
CA PRO D 156 -50.24 57.55 1.18
C PRO D 156 -50.91 58.55 2.13
N ARG D 157 -52.22 58.65 2.07
CA ARG D 157 -52.94 59.62 2.88
C ARG D 157 -52.87 59.42 4.40
N THR D 158 -53.07 58.19 4.85
CA THR D 158 -53.03 57.88 6.27
C THR D 158 -51.62 58.06 6.83
N ALA D 160 -50.64 57.39 11.48
CA ALA D 160 -50.30 55.98 11.36
C ALA D 160 -51.57 55.13 11.24
N PRO D 161 -51.56 54.15 10.34
CA PRO D 161 -52.62 53.18 10.24
C PRO D 161 -52.66 52.21 11.42
N TYR D 162 -53.85 51.69 11.71
CA TYR D 162 -54.04 50.72 12.79
C TYR D 162 -53.60 49.32 12.32
N ALA D 163 -53.96 48.97 11.09
CA ALA D 163 -53.61 47.68 10.50
C ALA D 163 -53.32 47.82 9.02
N THR D 164 -52.37 47.02 8.53
CA THR D 164 -51.98 47.04 7.14
C THR D 164 -51.95 45.62 6.63
N TYR D 165 -52.27 45.43 5.35
CA TYR D 165 -52.20 44.13 4.72
C TYR D 165 -51.58 44.24 3.33
N ARG D 166 -50.59 43.41 3.04
CA ARG D 166 -49.93 43.45 1.74
C ARG D 166 -50.32 42.30 0.85
N VAL D 167 -51.21 42.60 -0.08
CA VAL D 167 -51.68 41.62 -1.01
C VAL D 167 -50.71 41.50 -2.15
N GLY D 168 -50.32 40.28 -2.49
CA GLY D 168 -49.52 40.04 -3.70
C GLY D 168 -49.24 38.58 -3.90
N LEU D 169 -48.35 38.25 -4.83
CA LEU D 169 -47.92 36.85 -5.00
C LEU D 169 -46.67 36.57 -4.19
N TYR D 170 -46.66 35.48 -3.45
CA TYR D 170 -45.47 35.08 -2.72
C TYR D 170 -45.04 33.69 -3.16
N PHE D 171 -43.81 33.61 -3.66
CA PHE D 171 -43.35 32.39 -4.31
C PHE D 171 -42.59 31.45 -3.38
N GLY D 172 -42.23 30.29 -3.93
CA GLY D 172 -41.48 29.27 -3.19
C GLY D 172 -42.29 28.58 -2.10
N GLY D 173 -43.63 28.70 -2.19
CA GLY D 173 -44.52 28.07 -1.21
C GLY D 173 -44.55 28.81 0.12
N ASP D 174 -44.16 30.08 0.09
CA ASP D 174 -44.24 30.96 1.26
C ASP D 174 -45.57 30.77 1.97
N THR D 175 -45.50 30.69 3.29
CA THR D 175 -46.67 30.46 4.10
C THR D 175 -46.84 31.48 5.23
N ASN D 176 -46.02 32.53 5.22
CA ASN D 176 -46.09 33.56 6.25
C ASN D 176 -46.83 34.80 5.79
N ASN D 177 -46.73 35.12 4.51
CA ASN D 177 -47.43 36.27 3.95
C ASN D 177 -48.74 35.91 3.29
N GLN D 178 -48.95 34.61 3.10
CA GLN D 178 -50.22 34.07 2.59
C GLN D 178 -50.52 32.79 3.38
N PRO D 179 -51.80 32.57 3.72
CA PRO D 179 -52.16 31.42 4.55
C PRO D 179 -51.90 30.11 3.79
N VAL D 180 -52.19 30.13 2.50
CA VAL D 180 -52.02 29.00 1.62
C VAL D 180 -51.24 29.42 0.37
N ASP D 181 -50.41 28.53 -0.15
CA ASP D 181 -49.66 28.77 -1.39
C ASP D 181 -50.67 29.15 -2.47
N PHE D 182 -50.50 30.31 -3.09
CA PHE D 182 -51.46 30.76 -4.08
C PHE D 182 -51.69 29.77 -5.24
N ARG D 183 -50.71 28.91 -5.49
CA ARG D 183 -50.84 27.99 -6.60
C ARG D 183 -51.89 26.91 -6.32
N LYS D 184 -52.26 26.74 -5.06
CA LYS D 184 -53.25 25.74 -4.69
C LYS D 184 -54.68 26.29 -4.87
N VAL D 185 -54.82 27.60 -4.75
CA VAL D 185 -56.13 28.22 -4.73
C VAL D 185 -56.43 29.14 -5.93
N GLY D 186 -55.39 29.51 -6.66
CA GLY D 186 -55.52 30.47 -7.76
C GLY D 186 -54.92 31.82 -7.36
N PHE D 187 -54.15 32.42 -8.26
CA PHE D 187 -53.41 33.65 -7.91
C PHE D 187 -54.32 34.78 -7.45
N HIS D 188 -55.50 34.88 -8.05
CA HIS D 188 -56.43 35.95 -7.69
C HIS D 188 -57.18 35.69 -6.43
N ARG D 189 -57.66 34.45 -6.27
CA ARG D 189 -58.38 34.06 -5.05
C ARG D 189 -57.51 34.17 -3.81
N SER D 190 -56.19 34.12 -3.98
CA SER D 190 -55.27 34.20 -2.86
C SER D 190 -55.49 35.49 -2.04
N ALA D 191 -55.94 36.54 -2.72
CA ALA D 191 -56.20 37.80 -2.07
C ALA D 191 -57.29 37.63 -1.00
N GLY D 192 -58.30 36.82 -1.32
CA GLY D 192 -59.38 36.52 -0.39
C GLY D 192 -58.90 35.77 0.83
N TYR D 193 -57.96 34.87 0.62
CA TYR D 193 -57.42 34.12 1.74
C TYR D 193 -56.57 34.99 2.63
N ILE D 194 -55.72 35.82 2.02
CA ILE D 194 -54.90 36.74 2.77
C ILE D 194 -55.74 37.62 3.68
N LEU D 195 -56.83 38.13 3.13
CA LEU D 195 -57.73 39.04 3.85
C LEU D 195 -58.79 38.31 4.71
N GLY D 196 -58.93 37.01 4.48
CA GLY D 196 -59.85 36.18 5.27
C GLY D 196 -61.31 36.40 4.95
N VAL D 197 -61.61 36.52 3.66
CA VAL D 197 -62.98 36.71 3.21
C VAL D 197 -63.41 35.65 2.19
N ASP D 198 -64.68 35.69 1.82
CA ASP D 198 -65.21 34.82 0.80
C ASP D 198 -64.18 34.82 -0.34
N PRO D 199 -63.62 33.65 -0.64
CA PRO D 199 -62.59 33.54 -1.65
C PRO D 199 -63.09 33.47 -3.08
N ARG D 200 -64.40 33.51 -3.28
CA ARG D 200 -64.97 33.35 -4.64
C ARG D 200 -64.73 34.52 -5.59
N GLU D 201 -64.28 34.22 -6.78
CA GLU D 201 -63.90 35.23 -7.75
C GLU D 201 -65.06 36.10 -8.15
N ALA D 202 -64.75 37.37 -8.42
CA ALA D 202 -65.71 38.35 -8.86
C ALA D 202 -65.01 39.35 -9.80
N PRO D 203 -65.78 39.94 -10.75
CA PRO D 203 -65.23 41.01 -11.57
C PRO D 203 -65.28 42.37 -10.82
N VAL D 204 -64.38 43.28 -11.16
CA VAL D 204 -64.42 44.62 -10.60
C VAL D 204 -65.60 45.36 -11.22
N ARG D 205 -66.00 46.45 -10.59
CA ARG D 205 -67.08 47.28 -11.13
C ARG D 205 -66.49 48.40 -11.98
N LEU D 206 -67.06 48.60 -13.17
CA LEU D 206 -66.60 49.65 -14.07
C LEU D 206 -67.77 50.41 -14.67
N ASP D 207 -67.67 51.74 -14.67
CA ASP D 207 -68.72 52.58 -15.22
C ASP D 207 -68.98 52.28 -16.69
N LEU D 208 -70.01 51.48 -16.96
CA LEU D 208 -70.36 51.10 -18.32
C LEU D 208 -71.48 51.97 -18.85
N SER D 209 -71.14 53.20 -19.22
CA SER D 209 -72.12 54.15 -19.75
C SER D 209 -71.64 54.73 -21.08
N ALA D 210 -70.58 54.16 -21.64
CA ALA D 210 -70.03 54.64 -22.90
C ALA D 210 -70.87 54.16 -24.08
N PRO D 211 -71.23 55.08 -24.96
CA PRO D 211 -72.04 54.76 -26.14
C PRO D 211 -71.23 54.12 -27.26
N ARG D 212 -71.89 53.30 -28.06
CA ARG D 212 -71.22 52.56 -29.12
C ARG D 212 -70.63 53.47 -30.18
N VAL D 213 -69.41 53.18 -30.61
CA VAL D 213 -68.74 53.98 -31.64
C VAL D 213 -68.63 53.25 -32.97
N ILE D 214 -68.06 52.05 -32.95
CA ILE D 214 -68.02 51.23 -34.17
C ILE D 214 -69.39 50.60 -34.38
N ALA D 215 -70.01 50.85 -35.53
CA ALA D 215 -71.37 50.36 -35.76
C ALA D 215 -71.43 48.85 -36.04
N ALA D 216 -70.58 48.38 -36.95
CA ALA D 216 -70.54 46.99 -37.35
C ALA D 216 -70.13 46.05 -36.21
N PRO D 217 -70.47 44.75 -36.33
CA PRO D 217 -70.01 43.79 -35.30
C PRO D 217 -68.47 43.63 -35.33
N TYR D 218 -67.85 43.58 -34.16
CA TYR D 218 -66.39 43.44 -34.09
C TYR D 218 -65.87 42.65 -32.88
N VAL D 219 -64.64 42.17 -32.98
CA VAL D 219 -64.03 41.37 -31.92
C VAL D 219 -62.72 41.98 -31.49
N CYS D 220 -62.47 42.04 -30.19
CA CYS D 220 -61.18 42.49 -29.70
C CYS D 220 -60.26 41.33 -29.38
N ILE D 221 -58.97 41.51 -29.63
CA ILE D 221 -57.98 40.50 -29.30
C ILE D 221 -56.78 41.09 -28.60
N ALA D 222 -56.14 40.28 -27.75
CA ALA D 222 -54.89 40.65 -27.08
C ALA D 222 -53.88 39.51 -27.25
N THR D 223 -52.80 39.79 -27.95
CA THR D 223 -51.79 38.80 -28.30
C THR D 223 -50.50 38.84 -27.45
N GLN D 224 -50.24 39.97 -26.79
CA GLN D 224 -49.00 40.26 -26.02
C GLN D 224 -49.13 39.80 -24.57
N SER D 225 -48.00 39.74 -23.85
CA SER D 225 -48.00 39.34 -22.45
C SER D 225 -46.61 39.51 -21.83
N THR D 226 -46.50 39.26 -20.51
CA THR D 226 -45.24 39.45 -19.75
C THR D 226 -44.15 38.37 -19.86
N CYS D 227 -44.52 37.13 -20.15
CA CYS D 227 -43.51 36.09 -20.46
C CYS D 227 -43.94 35.29 -21.66
N GLN D 228 -42.96 34.67 -22.34
CA GLN D 228 -43.27 33.92 -23.57
C GLN D 228 -44.21 32.78 -23.37
N ALA D 229 -44.19 32.19 -22.16
CA ALA D 229 -45.02 31.04 -21.84
C ALA D 229 -46.50 31.32 -22.00
N LYS D 230 -46.88 32.57 -21.70
CA LYS D 230 -48.26 33.01 -21.74
C LYS D 230 -48.70 33.36 -23.16
N TYR D 231 -47.78 33.36 -24.11
CA TYR D 231 -48.18 33.60 -25.50
C TYR D 231 -48.80 32.35 -26.10
N TRP D 232 -49.59 32.52 -27.15
CA TRP D 232 -50.10 31.40 -27.90
C TRP D 232 -49.05 31.06 -28.92
N ASN D 233 -48.15 30.16 -28.54
CA ASN D 233 -47.00 29.82 -29.38
C ASN D 233 -47.22 28.87 -30.53
N ASN D 234 -48.44 28.80 -31.03
CA ASN D 234 -48.71 28.02 -32.22
C ASN D 234 -48.41 28.88 -33.43
N GLY D 235 -47.66 28.34 -34.38
CA GLY D 235 -47.19 29.11 -35.54
C GLY D 235 -48.27 29.87 -36.29
N THR D 236 -49.35 29.17 -36.65
CA THR D 236 -50.38 29.76 -37.50
C THR D 236 -51.70 30.03 -36.76
N GLY D 237 -51.69 29.85 -35.44
CA GLY D 237 -52.88 30.08 -34.62
C GLY D 237 -53.62 31.38 -34.88
N TRP D 238 -53.08 32.49 -34.38
CA TRP D 238 -53.70 33.79 -34.56
C TRP D 238 -54.10 34.08 -35.98
N SER D 239 -53.22 33.82 -36.94
CA SER D 239 -53.53 34.13 -38.34
C SER D 239 -54.78 33.38 -38.81
N GLU D 240 -54.90 32.10 -38.46
CA GLU D 240 -56.07 31.31 -38.85
C GLU D 240 -57.35 31.80 -38.17
N VAL D 241 -57.22 32.23 -36.91
CA VAL D 241 -58.36 32.76 -36.18
C VAL D 241 -58.83 34.08 -36.79
N ILE D 242 -57.90 35.00 -37.03
CA ILE D 242 -58.26 36.30 -37.60
C ILE D 242 -58.93 36.17 -38.96
N ALA D 243 -58.39 35.32 -39.82
CA ALA D 243 -59.02 35.06 -41.11
C ALA D 243 -60.46 34.54 -40.93
N HIS D 244 -60.63 33.60 -40.00
CA HIS D 244 -61.92 33.03 -39.72
C HIS D 244 -62.92 34.03 -39.16
N LEU D 245 -62.47 34.91 -38.25
CA LEU D 245 -63.35 35.94 -37.71
C LEU D 245 -63.92 36.85 -38.80
N LYS D 246 -63.07 37.18 -39.76
CA LYS D 246 -63.51 37.99 -40.89
C LYS D 246 -64.52 37.26 -41.78
N SER D 247 -64.32 35.97 -41.99
CA SER D 247 -65.25 35.20 -42.79
C SER D 247 -66.62 35.07 -42.07
N LEU D 248 -66.65 35.35 -40.77
CA LEU D 248 -67.91 35.36 -40.00
C LEU D 248 -68.53 36.75 -39.94
N GLY D 249 -67.84 37.71 -40.55
CA GLY D 249 -68.36 39.07 -40.61
C GLY D 249 -67.90 39.99 -39.51
N TYR D 250 -66.91 39.58 -38.73
CA TYR D 250 -66.38 40.44 -37.69
C TYR D 250 -65.20 41.26 -38.19
N ARG D 251 -65.14 42.50 -37.73
CA ARG D 251 -63.93 43.27 -37.85
C ARG D 251 -63.09 42.90 -36.63
N VAL D 252 -61.77 42.88 -36.78
CA VAL D 252 -60.87 42.47 -35.70
C VAL D 252 -59.90 43.58 -35.25
N MSE D 253 -59.90 43.91 -33.96
CA MSE D 253 -58.98 44.92 -33.43
C MSE D 253 -58.07 44.36 -32.37
O MSE D 253 -58.50 43.65 -31.47
CB MSE D 253 -59.64 46.16 -32.77
CG MSE D 253 -61.16 46.15 -32.64
SE MSE D 253 -61.93 46.91 -34.31
CE MSE D 253 -62.56 45.25 -35.12
N CYS D 254 -56.79 44.68 -32.48
CA CYS D 254 -55.82 44.30 -31.47
C CYS D 254 -55.60 45.47 -30.51
N ILE D 255 -55.76 45.22 -29.21
CA ILE D 255 -55.72 46.27 -28.20
C ILE D 255 -54.60 46.13 -27.21
N ASP D 256 -53.53 45.45 -27.60
CA ASP D 256 -52.39 45.26 -26.67
C ASP D 256 -51.74 46.60 -26.40
N ARG D 257 -51.13 46.73 -25.24
CA ARG D 257 -50.39 47.93 -24.90
C ARG D 257 -49.24 48.19 -25.90
N ASP D 258 -48.51 47.14 -26.25
CA ASP D 258 -47.38 47.23 -27.17
C ASP D 258 -47.70 46.52 -28.49
N ALA D 259 -47.13 46.98 -29.59
CA ALA D 259 -47.33 46.32 -30.86
C ALA D 259 -46.21 45.31 -31.13
N HIS D 260 -45.12 45.46 -30.39
CA HIS D 260 -43.98 44.55 -30.50
C HIS D 260 -43.40 44.35 -29.14
N TYR D 261 -43.24 43.09 -28.76
CA TYR D 261 -42.71 42.81 -27.44
C TYR D 261 -41.99 41.47 -27.46
N GLY D 262 -40.90 41.40 -26.69
CA GLY D 262 -40.04 40.23 -26.71
C GLY D 262 -38.70 40.52 -26.08
N GLN D 263 -37.76 39.58 -26.17
CA GLN D 263 -36.50 39.77 -25.46
C GLN D 263 -35.21 39.52 -26.23
N GLY D 264 -34.94 38.29 -26.63
CA GLY D 264 -33.67 38.06 -27.31
C GLY D 264 -33.84 38.26 -28.79
N PHE D 265 -33.97 37.15 -29.49
CA PHE D 265 -34.31 37.17 -30.89
C PHE D 265 -35.77 36.84 -31.03
N VAL D 266 -36.43 36.54 -29.91
CA VAL D 266 -37.84 36.14 -29.91
C VAL D 266 -38.67 37.37 -29.67
N TRP D 267 -39.39 37.76 -30.72
CA TRP D 267 -40.23 38.95 -30.71
C TRP D 267 -41.58 38.66 -31.29
N ASN D 268 -42.61 39.16 -30.63
CA ASN D 268 -43.99 38.96 -31.09
C ASN D 268 -44.59 40.30 -31.53
N HIS D 269 -45.31 40.25 -32.65
CA HIS D 269 -45.85 41.47 -33.25
C HIS D 269 -47.31 41.34 -33.49
N ILE D 270 -48.03 42.46 -33.32
CA ILE D 270 -49.44 42.54 -33.75
C ILE D 270 -49.64 41.82 -35.07
N PRO D 271 -50.52 40.82 -35.09
CA PRO D 271 -50.66 39.96 -36.25
C PRO D 271 -51.16 40.72 -37.45
N TRP D 272 -50.54 40.46 -38.59
CA TRP D 272 -50.99 41.04 -39.84
C TRP D 272 -52.47 40.78 -39.96
N GLY D 273 -53.23 41.79 -40.38
CA GLY D 273 -54.65 41.61 -40.64
C GLY D 273 -55.55 42.07 -39.50
N ALA D 274 -54.96 42.33 -38.34
CA ALA D 274 -55.72 42.88 -37.22
C ALA D 274 -55.67 44.40 -37.24
N GLU D 275 -56.74 45.05 -36.83
CA GLU D 275 -56.74 46.50 -36.69
C GLU D 275 -55.70 46.96 -35.69
N ASP D 276 -55.21 48.19 -35.81
CA ASP D 276 -54.23 48.67 -34.88
C ASP D 276 -54.86 49.55 -33.85
N PHE D 277 -55.17 48.99 -32.70
CA PHE D 277 -55.70 49.77 -31.61
C PHE D 277 -54.75 49.62 -30.43
N THR D 278 -53.48 49.39 -30.72
CA THR D 278 -52.46 49.23 -29.69
C THR D 278 -52.08 50.59 -29.10
N GLY D 279 -51.26 50.54 -28.05
CA GLY D 279 -50.72 51.73 -27.45
C GLY D 279 -51.02 51.82 -25.97
N LYS D 280 -50.24 52.64 -25.27
CA LYS D 280 -50.42 52.92 -23.86
C LYS D 280 -51.53 53.98 -23.65
N LEU D 281 -52.79 53.56 -23.71
CA LEU D 281 -53.92 54.46 -23.46
C LEU D 281 -54.44 54.29 -22.04
N PRO D 282 -55.30 55.22 -21.57
CA PRO D 282 -55.91 54.97 -20.26
C PRO D 282 -56.88 53.80 -20.38
N LEU D 283 -57.03 53.05 -19.29
CA LEU D 283 -57.79 51.80 -19.32
C LEU D 283 -59.24 52.03 -19.69
N GLN D 284 -59.78 53.15 -19.24
CA GLN D 284 -61.15 53.50 -19.55
C GLN D 284 -61.50 53.43 -21.06
N GLU D 285 -60.55 53.78 -21.91
CA GLU D 285 -60.79 53.74 -23.36
C GLU D 285 -60.85 52.31 -23.86
N ARG D 286 -60.09 51.43 -23.22
CA ARG D 286 -60.14 50.00 -23.51
C ARG D 286 -61.50 49.45 -23.10
N VAL D 287 -61.95 49.85 -21.92
CA VAL D 287 -63.27 49.45 -21.44
C VAL D 287 -64.36 49.83 -22.44
N ASN D 288 -64.30 51.08 -22.92
CA ASN D 288 -65.34 51.61 -23.81
C ASN D 288 -65.37 50.85 -25.12
N LEU D 289 -64.20 50.51 -25.64
CA LEU D 289 -64.14 49.74 -26.87
C LEU D 289 -64.61 48.29 -26.65
N LEU D 290 -64.17 47.71 -25.53
CA LEU D 290 -64.46 46.33 -25.18
C LEU D 290 -65.93 46.10 -25.04
N ARG D 291 -66.58 46.94 -24.25
CA ARG D 291 -68.04 46.92 -24.18
C ARG D 291 -68.41 47.19 -25.63
N HIS D 292 -69.36 46.45 -26.16
CA HIS D 292 -69.75 46.61 -27.58
C HIS D 292 -68.97 45.75 -28.53
N ALA D 293 -67.98 45.03 -28.04
CA ALA D 293 -67.38 44.01 -28.89
C ALA D 293 -68.26 42.79 -28.73
N SER D 294 -68.48 42.06 -29.81
CA SER D 294 -69.25 40.80 -29.75
C SER D 294 -68.62 39.83 -28.74
N PHE D 295 -67.30 39.69 -28.78
CA PHE D 295 -66.57 38.97 -27.76
C PHE D 295 -65.07 39.29 -27.80
N PHE D 296 -64.30 38.65 -26.92
CA PHE D 296 -62.88 38.96 -26.77
C PHE D 296 -62.06 37.71 -26.79
N ILE D 297 -60.89 37.77 -27.41
CA ILE D 297 -59.97 36.64 -27.40
C ILE D 297 -58.64 37.07 -26.82
N GLY D 298 -58.17 36.36 -25.81
CA GLY D 298 -56.97 36.78 -25.12
C GLY D 298 -56.18 35.71 -24.41
N LEU D 299 -55.27 36.17 -23.56
CA LEU D 299 -54.35 35.29 -22.86
C LEU D 299 -54.56 35.48 -21.37
N PRO D 300 -53.91 34.64 -20.54
CA PRO D 300 -54.15 34.72 -19.11
C PRO D 300 -53.63 35.99 -18.45
N SER D 301 -53.08 36.91 -19.26
CA SER D 301 -52.61 38.20 -18.76
C SER D 301 -53.77 39.17 -18.60
N GLY D 302 -53.42 40.38 -18.17
CA GLY D 302 -54.37 41.41 -17.75
C GLY D 302 -55.62 41.75 -18.55
N LEU D 303 -55.49 41.96 -19.85
CA LEU D 303 -56.66 42.42 -20.60
C LEU D 303 -57.85 41.48 -20.55
N SER D 304 -57.61 40.20 -20.34
CA SER D 304 -58.69 39.25 -20.23
C SER D 304 -59.56 39.53 -19.01
N TRP D 305 -58.92 39.96 -17.93
CA TRP D 305 -59.64 40.35 -16.72
C TRP D 305 -60.47 41.59 -16.92
N LEU D 306 -59.99 42.50 -17.75
CA LEU D 306 -60.75 43.71 -18.06
C LEU D 306 -61.92 43.33 -18.93
N ALA D 307 -61.65 42.54 -19.97
CA ALA D 307 -62.70 42.07 -20.86
C ALA D 307 -63.79 41.33 -20.07
N TRP D 308 -63.35 40.57 -19.07
CA TRP D 308 -64.28 39.85 -18.22
C TRP D 308 -65.23 40.79 -17.55
N ALA D 309 -64.67 41.84 -16.96
CA ALA D 309 -65.45 42.79 -16.17
C ALA D 309 -66.43 43.63 -16.99
N THR D 310 -66.20 43.71 -18.30
CA THR D 310 -67.08 44.46 -19.17
C THR D 310 -68.27 43.60 -19.58
N ARG D 311 -68.38 42.43 -18.98
CA ARG D 311 -69.55 41.55 -19.19
C ARG D 311 -69.73 41.02 -20.59
N ILE D 312 -68.63 40.81 -21.32
CA ILE D 312 -68.73 40.18 -22.65
C ILE D 312 -68.11 38.79 -22.62
N PRO D 313 -68.49 37.92 -23.53
CA PRO D 313 -67.86 36.58 -23.57
C PRO D 313 -66.34 36.66 -23.78
N VAL D 314 -65.58 35.85 -23.05
CA VAL D 314 -64.13 35.85 -23.16
C VAL D 314 -63.58 34.49 -23.59
N VAL D 315 -62.96 34.43 -24.77
CA VAL D 315 -62.25 33.22 -25.18
C VAL D 315 -60.83 33.34 -24.66
N LEU D 316 -60.45 32.48 -23.73
CA LEU D 316 -59.17 32.61 -23.04
C LEU D 316 -58.28 31.44 -23.39
N ILE D 317 -57.15 31.70 -24.03
CA ILE D 317 -56.25 30.66 -24.47
C ILE D 317 -55.05 30.55 -23.55
N SER D 318 -54.90 29.41 -22.89
CA SER D 318 -53.79 29.22 -21.96
C SER D 318 -53.45 27.78 -21.74
N GLY D 319 -52.15 27.46 -21.80
CA GLY D 319 -51.63 26.10 -21.59
C GLY D 319 -50.66 26.02 -20.41
N PHE D 320 -50.07 27.15 -20.05
CA PHE D 320 -49.08 27.12 -19.01
C PHE D 320 -49.73 27.15 -17.63
N SER D 321 -51.03 27.46 -17.63
CA SER D 321 -51.82 27.42 -16.40
C SER D 321 -53.05 26.51 -16.60
N LEU D 322 -53.54 25.93 -15.50
CA LEU D 322 -54.74 25.07 -15.54
C LEU D 322 -55.99 25.91 -15.67
N PRO D 323 -57.07 25.33 -16.24
CA PRO D 323 -58.33 26.06 -16.39
C PRO D 323 -58.80 26.73 -15.12
N ASN D 324 -58.67 26.07 -13.98
CA ASN D 324 -59.12 26.73 -12.69
C ASN D 324 -58.21 27.83 -12.20
N SER D 325 -57.18 28.17 -12.98
CA SER D 325 -56.19 29.15 -12.54
C SER D 325 -56.68 30.59 -12.73
N GLU D 326 -57.63 30.76 -13.64
CA GLU D 326 -58.21 32.07 -13.89
C GLU D 326 -59.72 32.03 -13.61
N PHE D 327 -60.41 33.12 -13.94
CA PHE D 327 -61.87 33.18 -13.78
C PHE D 327 -62.54 32.17 -14.70
N TYR D 328 -63.80 31.84 -14.40
CA TYR D 328 -64.51 30.83 -15.17
C TYR D 328 -64.99 31.42 -16.48
N THR D 329 -64.80 30.68 -17.56
CA THR D 329 -65.42 31.04 -18.84
C THR D 329 -65.69 29.77 -19.65
N PRO D 330 -66.90 29.65 -20.19
CA PRO D 330 -67.17 28.41 -20.96
C PRO D 330 -66.31 28.33 -22.20
N TRP D 331 -65.61 29.43 -22.50
CA TRP D 331 -64.84 29.55 -23.73
C TRP D 331 -63.36 29.46 -23.46
N ARG D 332 -63.00 28.87 -22.32
CA ARG D 332 -61.59 28.64 -21.98
C ARG D 332 -61.03 27.57 -22.92
N VAL D 333 -59.86 27.83 -23.49
CA VAL D 333 -59.20 26.86 -24.37
C VAL D 333 -57.96 26.29 -23.71
N PHE D 334 -57.84 24.96 -23.75
CA PHE D 334 -56.80 24.24 -23.02
C PHE D 334 -56.54 22.92 -23.73
N ASN D 335 -55.31 22.45 -23.73
CA ASN D 335 -54.99 21.16 -24.34
C ASN D 335 -54.32 20.29 -23.31
N SER D 336 -54.84 19.09 -23.08
CA SER D 336 -54.35 18.23 -21.99
C SER D 336 -53.43 17.07 -22.38
N HIS D 337 -53.03 17.00 -23.64
CA HIS D 337 -52.25 15.87 -24.14
C HIS D 337 -50.73 15.92 -24.04
N GLY D 338 -50.15 17.03 -23.58
CA GLY D 338 -48.68 17.16 -23.48
C GLY D 338 -48.34 17.88 -22.19
N CYS D 339 -47.22 18.63 -22.13
CA CYS D 339 -46.93 19.48 -20.92
C CYS D 339 -48.12 20.51 -20.78
N TYR D 340 -48.53 20.79 -19.55
CA TYR D 340 -49.45 21.91 -19.26
C TYR D 340 -49.28 22.30 -17.79
N GLY D 341 -49.74 23.49 -17.42
CA GLY D 341 -49.70 23.90 -16.00
C GLY D 341 -48.37 24.09 -15.29
N CYS D 342 -47.31 24.42 -16.04
CA CYS D 342 -45.98 24.90 -15.50
C CYS D 342 -46.33 25.75 -14.22
N TRP D 343 -47.25 26.70 -14.42
CA TRP D 343 -47.49 27.79 -13.48
C TRP D 343 -48.11 27.40 -12.15
N ASP D 344 -48.95 26.37 -12.17
CA ASP D 344 -49.65 25.95 -10.95
C ASP D 344 -48.88 24.89 -10.15
N ASP D 345 -47.80 24.38 -10.73
CA ASP D 345 -47.05 23.25 -10.17
C ASP D 345 -46.18 23.67 -8.98
N THR D 346 -46.51 23.16 -7.80
CA THR D 346 -45.81 23.54 -6.57
C THR D 346 -44.39 23.00 -6.45
N SER D 347 -44.00 22.11 -7.34
CA SER D 347 -42.65 21.55 -7.28
C SER D 347 -41.67 22.36 -8.15
N LEU D 348 -42.21 23.26 -8.98
CA LEU D 348 -41.44 24.13 -9.86
C LEU D 348 -41.42 25.55 -9.27
N ASN D 349 -40.58 26.43 -9.83
CA ASN D 349 -40.52 27.84 -9.39
C ASN D 349 -40.40 28.86 -10.53
N PHE D 350 -41.33 29.80 -10.57
CA PHE D 350 -41.34 30.84 -11.59
C PHE D 350 -40.11 31.72 -11.51
N ASP D 351 -39.55 32.05 -12.66
CA ASP D 351 -38.36 32.88 -12.76
C ASP D 351 -38.77 34.21 -13.37
N HIS D 352 -38.67 35.27 -12.55
CA HIS D 352 -39.12 36.60 -12.97
C HIS D 352 -38.17 37.19 -13.97
N HIS D 353 -36.94 36.68 -13.99
CA HIS D 353 -35.87 37.26 -14.82
C HIS D 353 -35.63 36.53 -16.13
N ASP D 354 -36.33 35.42 -16.35
CA ASP D 354 -36.20 34.68 -17.59
C ASP D 354 -37.51 34.76 -18.37
N PHE D 355 -37.49 35.55 -19.44
CA PHE D 355 -38.66 35.74 -20.27
C PHE D 355 -39.02 34.46 -21.06
N LEU D 356 -38.04 33.60 -21.25
CA LEU D 356 -38.24 32.38 -22.03
C LEU D 356 -38.37 31.17 -21.12
N TRP D 357 -38.86 31.43 -19.91
CA TRP D 357 -39.07 30.39 -18.89
C TRP D 357 -39.93 29.23 -19.37
N CYS D 358 -39.39 28.01 -19.34
CA CYS D 358 -40.15 26.75 -19.53
C CYS D 358 -39.46 25.65 -18.73
N PRO D 359 -39.79 25.54 -17.41
CA PRO D 359 -39.05 24.64 -16.50
C PRO D 359 -38.94 23.21 -16.99
N ARG D 360 -39.95 22.69 -17.68
CA ARG D 360 -39.86 21.30 -18.11
C ARG D 360 -39.25 21.06 -19.48
N HIS D 361 -39.28 22.06 -20.38
CA HIS D 361 -38.73 21.86 -21.74
C HIS D 361 -37.87 22.94 -22.37
N LYS D 362 -37.40 23.90 -21.57
CA LYS D 362 -36.55 24.96 -22.11
C LYS D 362 -35.40 24.40 -22.96
N ASN D 363 -35.14 25.06 -24.09
CA ASN D 363 -34.03 24.69 -24.97
C ASN D 363 -34.15 23.31 -25.55
N THR D 364 -35.36 22.84 -25.82
CA THR D 364 -35.58 21.52 -26.45
C THR D 364 -36.67 21.60 -27.53
N ASP D 365 -36.91 20.49 -28.22
CA ASP D 365 -37.96 20.41 -29.25
C ASP D 365 -39.31 20.79 -28.71
N ARG D 366 -39.50 20.51 -27.43
CA ARG D 366 -40.82 20.55 -26.87
C ARG D 366 -41.12 21.86 -26.15
N GLN D 367 -40.19 22.80 -26.23
CA GLN D 367 -40.39 24.08 -25.60
C GLN D 367 -41.70 24.69 -26.04
N PHE D 368 -42.46 25.16 -25.05
CA PHE D 368 -43.78 25.74 -25.23
C PHE D 368 -44.85 24.86 -25.89
N GLU D 369 -44.66 23.55 -25.79
CA GLU D 369 -45.66 22.57 -26.17
C GLU D 369 -46.99 22.93 -25.50
N CYS D 370 -46.89 23.66 -24.36
CA CYS D 370 -48.04 24.14 -23.59
C CYS D 370 -49.10 24.64 -24.59
N THR D 371 -48.66 25.40 -25.60
CA THR D 371 -49.59 26.14 -26.50
C THR D 371 -49.48 25.77 -27.96
N ARG D 372 -48.35 25.23 -28.38
CA ARG D 372 -48.23 24.73 -29.76
C ARG D 372 -49.26 23.64 -30.07
N LEU D 373 -49.66 22.89 -29.04
CA LEU D 373 -50.69 21.88 -29.21
C LEU D 373 -52.07 22.50 -29.41
N ILE D 374 -52.23 23.75 -29.04
CA ILE D 374 -53.51 24.43 -29.25
C ILE D 374 -53.54 25.00 -30.65
N THR D 375 -54.23 24.29 -31.54
CA THR D 375 -54.28 24.69 -32.94
C THR D 375 -55.31 25.77 -33.21
N GLY D 376 -55.20 26.38 -34.37
CA GLY D 376 -56.20 27.35 -34.80
C GLY D 376 -57.55 26.68 -34.95
N ALA D 377 -57.54 25.44 -35.45
CA ALA D 377 -58.79 24.67 -35.58
C ALA D 377 -59.49 24.52 -34.22
N GLN D 378 -58.71 24.18 -33.19
CA GLN D 378 -59.30 24.02 -31.88
C GLN D 378 -59.94 25.33 -31.44
N VAL D 379 -59.22 26.44 -31.59
CA VAL D 379 -59.78 27.72 -31.19
C VAL D 379 -60.97 28.14 -32.03
N ASN D 380 -60.90 27.88 -33.35
CA ASN D 380 -62.01 28.20 -34.24
C ASN D 380 -63.27 27.38 -33.93
N GLY D 381 -63.07 26.13 -33.49
CA GLY D 381 -64.18 25.31 -33.04
C GLY D 381 -64.91 25.97 -31.87
N VAL D 382 -64.17 26.47 -30.89
CA VAL D 382 -64.78 27.17 -29.77
C VAL D 382 -65.45 28.43 -30.28
N ILE D 383 -64.80 29.14 -31.19
CA ILE D 383 -65.38 30.37 -31.72
C ILE D 383 -66.71 30.09 -32.43
N ASN D 384 -66.74 29.03 -33.24
CA ASN D 384 -67.96 28.64 -33.94
C ASN D 384 -69.13 28.41 -32.99
N LYS D 385 -68.86 27.76 -31.88
CA LYS D 385 -69.88 27.47 -30.92
C LYS D 385 -70.38 28.75 -30.24
N LEU D 386 -69.44 29.62 -29.86
CA LEU D 386 -69.78 30.89 -29.25
C LEU D 386 -70.54 31.76 -30.25
N HIS D 387 -70.14 31.66 -31.51
CA HIS D 387 -70.81 32.44 -32.56
C HIS D 387 -72.23 31.99 -32.72
N ARG D 388 -72.44 30.68 -32.81
CA ARG D 388 -73.80 30.11 -32.85
C ARG D 388 -74.62 30.52 -31.63
N SER D 389 -74.03 30.44 -30.44
CA SER D 389 -74.73 30.92 -29.24
C SER D 389 -75.14 32.40 -29.34
N LEU D 390 -74.31 33.21 -30.00
CA LEU D 390 -74.62 34.62 -30.20
C LEU D 390 -75.53 34.78 -31.42
N THR D 391 -75.35 33.85 -32.37
CA THR D 391 -76.13 33.62 -33.61
C THR D 391 -75.42 34.08 -34.87
N ILE E 10 -39.86 16.38 51.04
CA ILE E 10 -39.41 16.92 52.37
C ILE E 10 -37.88 16.91 52.40
N THR E 11 -37.30 17.88 53.10
CA THR E 11 -35.85 17.97 53.23
C THR E 11 -35.40 17.68 54.66
N PRO E 12 -34.31 16.91 54.83
CA PRO E 12 -33.79 16.73 56.18
C PRO E 12 -33.12 18.03 56.68
N PRO E 13 -33.08 18.23 57.99
CA PRO E 13 -32.36 19.38 58.55
C PRO E 13 -30.90 19.31 58.12
N ASP E 14 -30.27 20.46 57.85
CA ASP E 14 -28.86 20.44 57.42
C ASP E 14 -27.93 19.92 58.50
N THR E 15 -28.23 20.25 59.75
CA THR E 15 -27.49 19.66 60.87
C THR E 15 -28.37 18.64 61.57
N PRO E 16 -27.85 17.42 61.75
CA PRO E 16 -28.53 16.33 62.43
C PRO E 16 -29.16 16.78 63.73
N THR E 17 -30.44 16.45 63.89
CA THR E 17 -31.33 17.07 64.86
C THR E 17 -30.94 16.91 66.32
N GLN E 18 -30.50 15.72 66.70
CA GLN E 18 -30.34 15.41 68.11
C GLN E 18 -29.00 14.82 68.47
N ALA E 19 -28.54 15.15 69.68
CA ALA E 19 -27.12 15.06 70.05
C ALA E 19 -26.92 15.09 71.56
N GLY E 20 -25.68 15.09 72.02
CA GLY E 20 -24.50 15.03 71.17
C GLY E 20 -23.24 14.66 71.94
N PRO E 21 -22.20 14.23 71.23
CA PRO E 21 -20.89 13.99 71.87
C PRO E 21 -19.70 14.40 70.99
N GLU E 22 -18.61 14.85 71.60
CA GLU E 22 -17.38 15.15 70.86
C GLU E 22 -17.68 16.09 69.70
N ASN E 23 -18.45 17.13 69.99
CA ASN E 23 -19.22 17.86 68.98
C ASN E 23 -19.93 17.11 67.85
N ILE E 24 -20.01 15.77 67.85
CA ILE E 24 -20.67 15.15 66.71
C ILE E 24 -22.21 15.17 66.82
N PHE E 25 -22.92 15.36 65.70
CA PHE E 25 -24.40 15.31 65.70
C PHE E 25 -24.87 14.13 64.86
N TYR E 26 -25.89 13.41 65.33
CA TYR E 26 -26.39 12.25 64.57
C TYR E 26 -27.90 12.23 64.42
N ASP E 27 -28.42 11.51 63.43
CA ASP E 27 -29.85 11.24 63.34
C ASP E 27 -30.17 10.11 62.36
N PHE E 28 -31.44 10.00 62.04
CA PHE E 28 -31.96 8.92 61.24
C PHE E 28 -32.96 9.45 60.23
N ASN E 29 -32.88 10.75 59.97
CA ASN E 29 -33.62 11.38 58.89
C ASN E 29 -32.76 11.16 57.66
N ASP E 30 -33.34 10.81 56.53
CA ASP E 30 -32.54 10.39 55.36
C ASP E 30 -31.48 9.30 55.64
N GLY E 31 -31.89 8.21 56.27
CA GLY E 31 -30.95 7.15 56.60
C GLY E 31 -30.24 7.52 57.88
N ALA E 32 -29.19 6.76 58.22
CA ALA E 32 -28.41 7.05 59.42
C ALA E 32 -27.36 8.08 59.01
N ARG E 33 -27.39 9.25 59.65
CA ARG E 33 -26.50 10.37 59.32
C ARG E 33 -25.68 10.79 60.51
N VAL E 34 -24.42 11.12 60.27
CA VAL E 34 -23.55 11.64 61.31
C VAL E 34 -22.59 12.69 60.74
N LEU E 35 -22.50 13.82 61.44
CA LEU E 35 -21.64 14.94 61.05
C LEU E 35 -20.47 15.04 62.05
N LEU E 36 -19.23 14.89 61.55
CA LEU E 36 -18.04 14.94 62.42
C LEU E 36 -17.35 16.31 62.33
N PRO E 37 -17.04 16.94 63.47
CA PRO E 37 -16.45 18.29 63.41
C PRO E 37 -15.04 18.34 62.79
N GLU E 38 -14.10 17.55 63.32
CA GLU E 38 -12.69 17.58 62.84
C GLU E 38 -11.92 16.50 63.64
N GLY E 39 -10.60 16.36 63.38
CA GLY E 39 -9.81 15.37 64.12
C GLY E 39 -9.91 14.10 63.34
N LYS E 40 -9.31 13.02 63.79
CA LYS E 40 -9.36 11.79 63.01
C LYS E 40 -10.30 10.73 63.62
N TRP E 41 -11.32 10.33 62.84
CA TRP E 41 -12.33 9.38 63.31
C TRP E 41 -12.49 8.14 62.44
N HIS E 42 -12.99 7.09 63.10
CA HIS E 42 -13.36 5.83 62.46
C HIS E 42 -14.80 5.59 62.78
N VAL E 43 -15.63 5.50 61.75
CA VAL E 43 -17.07 5.34 61.95
C VAL E 43 -17.62 4.00 61.45
N ARG E 44 -18.51 3.42 62.23
CA ARG E 44 -19.13 2.16 61.89
C ARG E 44 -20.65 2.21 61.98
N LEU E 45 -21.31 1.75 60.92
CA LEU E 45 -22.77 1.62 60.91
C LEU E 45 -23.09 0.15 61.01
N LEU E 46 -23.98 -0.21 61.92
CA LEU E 46 -24.29 -1.63 62.13
C LEU E 46 -25.77 -1.95 62.02
N ASP E 47 -26.07 -3.20 61.66
CA ASP E 47 -27.44 -3.67 61.70
C ASP E 47 -27.62 -4.31 63.06
N ALA E 48 -28.37 -3.63 63.94
CA ALA E 48 -28.46 -4.05 65.33
C ALA E 48 -29.07 -5.45 65.44
N ASP E 49 -30.06 -5.72 64.61
CA ASP E 49 -30.72 -7.03 64.64
C ASP E 49 -29.82 -8.18 64.20
N SER E 50 -28.99 -7.94 63.19
CA SER E 50 -28.07 -8.95 62.67
C SER E 50 -26.69 -8.81 63.25
N GLU E 51 -26.36 -7.60 63.73
CA GLU E 51 -25.02 -7.26 64.24
C GLU E 51 -23.99 -7.13 63.13
N ASN E 52 -24.44 -7.10 61.88
CA ASN E 52 -23.53 -6.92 60.76
C ASN E 52 -23.04 -5.49 60.68
N ILE E 53 -21.80 -5.34 60.24
CA ILE E 53 -21.22 -4.05 59.96
C ILE E 53 -21.58 -3.65 58.52
N LEU E 54 -22.50 -2.72 58.38
CA LEU E 54 -23.01 -2.25 57.07
C LEU E 54 -21.97 -1.44 56.31
N PHE E 55 -21.32 -0.53 57.02
CA PHE E 55 -20.37 0.39 56.42
C PHE E 55 -19.34 0.77 57.45
N CYS E 56 -18.12 1.00 56.98
CA CYS E 56 -16.98 1.14 57.85
C CYS E 56 -15.98 2.05 57.15
N CYS E 57 -15.55 3.12 57.81
CA CYS E 57 -14.60 4.03 57.17
C CYS E 57 -13.80 4.95 58.12
N ASP E 58 -12.65 5.41 57.62
CA ASP E 58 -11.78 6.35 58.32
C ASP E 58 -11.89 7.71 57.64
N VAL E 59 -12.33 8.73 58.37
CA VAL E 59 -12.40 10.08 57.79
C VAL E 59 -12.23 11.19 58.84
N ASP E 60 -11.99 12.43 58.39
CA ASP E 60 -11.84 13.55 59.30
C ASP E 60 -12.73 14.71 58.88
N LYS E 61 -13.95 14.44 58.44
CA LYS E 61 -14.77 15.45 57.78
C LYS E 61 -16.22 15.40 58.28
N GLY E 62 -17.05 16.34 57.84
CA GLY E 62 -18.40 16.44 58.34
C GLY E 62 -19.38 15.29 58.15
N TRP E 63 -19.48 14.76 56.93
CA TRP E 63 -20.63 13.90 56.61
C TRP E 63 -20.40 12.42 56.35
N VAL E 64 -21.19 11.59 57.04
CA VAL E 64 -21.24 10.15 56.77
C VAL E 64 -22.69 9.63 56.84
N THR E 65 -23.12 8.94 55.79
CA THR E 65 -24.51 8.49 55.74
C THR E 65 -24.63 7.06 55.19
N SER E 66 -25.61 6.30 55.68
CA SER E 66 -25.80 4.94 55.21
C SER E 66 -26.32 4.96 53.77
N SER E 67 -25.92 3.97 52.96
CA SER E 67 -26.47 3.84 51.56
C SER E 67 -27.99 3.60 51.61
N LYS E 68 -28.40 2.79 52.58
CA LYS E 68 -29.78 2.39 52.71
C LYS E 68 -30.57 3.48 53.41
N LYS E 69 -31.69 3.86 52.79
CA LYS E 69 -32.56 4.90 53.32
C LYS E 69 -33.87 4.38 53.91
N TYR E 70 -34.18 3.11 53.71
CA TYR E 70 -35.39 2.53 54.28
C TYR E 70 -35.18 2.16 55.74
N PHE E 71 -36.20 1.65 56.41
CA PHE E 71 -36.06 1.29 57.82
C PHE E 71 -35.05 0.18 58.10
N VAL E 72 -34.12 0.49 59.00
CA VAL E 72 -33.12 -0.46 59.52
C VAL E 72 -32.91 -0.04 60.96
N ARG E 73 -32.80 -1.00 61.89
CA ARG E 73 -32.48 -0.66 63.28
C ARG E 73 -30.98 -0.35 63.35
N PHE E 74 -30.59 0.81 62.84
CA PHE E 74 -29.18 1.17 62.79
C PHE E 74 -28.54 1.33 64.17
N ARG E 75 -27.23 1.15 64.21
CA ARG E 75 -26.42 1.41 65.39
C ARG E 75 -25.22 2.21 64.92
N ILE E 76 -25.13 3.48 65.34
CA ILE E 76 -23.98 4.31 64.95
C ILE E 76 -22.88 4.24 66.00
N GLN E 77 -21.65 4.01 65.53
CA GLN E 77 -20.48 3.98 66.40
C GLN E 77 -19.42 4.87 65.83
N VAL E 78 -18.99 5.86 66.61
CA VAL E 78 -17.86 6.70 66.20
C VAL E 78 -16.66 6.47 67.12
N PHE E 79 -15.54 6.12 66.50
CA PHE E 79 -14.32 5.81 67.21
C PHE E 79 -13.33 6.94 67.05
N ARG E 80 -12.56 7.23 68.10
CA ARG E 80 -11.40 8.09 67.96
C ARG E 80 -10.39 7.16 67.29
N GLN E 81 -10.00 7.51 66.07
CA GLN E 81 -9.19 6.64 65.25
C GLN E 81 -8.13 5.90 66.08
N GLY E 82 -8.26 4.58 66.19
CA GLY E 82 -7.31 3.81 67.00
C GLY E 82 -7.75 3.48 68.44
N ALA E 83 -8.92 3.97 68.86
CA ALA E 83 -9.43 3.65 70.21
C ALA E 83 -10.03 2.24 70.30
N ALA E 84 -10.27 1.77 71.53
CA ALA E 84 -10.80 0.42 71.75
C ALA E 84 -12.32 0.40 71.91
N THR E 85 -12.84 1.30 72.74
CA THR E 85 -14.29 1.47 72.86
C THR E 85 -14.71 2.80 72.18
N PRO E 86 -15.94 2.88 71.65
CA PRO E 86 -16.31 4.08 70.91
C PRO E 86 -16.81 5.22 71.79
N LEU E 87 -16.61 6.44 71.32
CA LEU E 87 -17.14 7.60 72.02
C LEU E 87 -18.65 7.59 71.97
N LEU E 88 -19.17 7.28 70.80
CA LEU E 88 -20.60 7.26 70.55
C LEU E 88 -21.03 5.90 70.08
N ASP E 89 -21.96 5.30 70.80
CA ASP E 89 -22.54 4.04 70.37
C ASP E 89 -24.04 4.16 70.50
N GLU E 90 -24.66 4.93 69.61
CA GLU E 90 -26.08 5.18 69.77
C GLU E 90 -26.89 4.26 68.82
N THR E 91 -27.84 3.54 69.40
CA THR E 91 -28.68 2.60 68.67
C THR E 91 -30.12 3.18 68.52
N LEU E 92 -30.77 2.88 67.40
CA LEU E 92 -32.12 3.40 67.10
C LEU E 92 -33.25 2.86 68.00
N LYS E 93 -33.96 3.78 68.66
CA LYS E 93 -35.14 3.47 69.50
C LYS E 93 -36.19 4.52 69.19
N LEU E 94 -37.32 4.09 68.65
CA LEU E 94 -38.33 5.03 68.20
C LEU E 94 -39.44 5.32 69.21
N LYS E 95 -39.51 4.56 70.31
CA LYS E 95 -40.59 4.77 71.29
C LYS E 95 -40.69 6.23 71.76
N ASP E 96 -41.87 6.80 71.66
CA ASP E 96 -42.13 8.18 72.11
C ASP E 96 -41.28 9.23 71.42
N ARG E 97 -40.86 8.97 70.19
CA ARG E 97 -39.98 9.90 69.51
C ARG E 97 -40.61 10.48 68.25
N PRO E 98 -40.18 11.68 67.86
CA PRO E 98 -40.76 12.29 66.67
C PRO E 98 -40.30 11.59 65.36
N VAL E 99 -41.25 10.98 64.65
CA VAL E 99 -40.98 10.37 63.36
C VAL E 99 -41.77 11.06 62.24
N LEU E 100 -41.13 11.20 61.09
CA LEU E 100 -41.78 11.77 59.93
C LEU E 100 -41.85 10.73 58.79
N ILE E 101 -43.05 10.45 58.28
CA ILE E 101 -43.20 9.63 57.06
C ILE E 101 -43.64 10.58 55.95
N SER E 102 -42.83 10.71 54.90
CA SER E 102 -43.12 11.66 53.82
C SER E 102 -43.54 10.98 52.53
N PHE E 103 -44.79 11.21 52.13
CA PHE E 103 -45.30 10.69 50.87
C PHE E 103 -45.15 11.76 49.82
N PRO E 104 -45.04 11.38 48.55
CA PRO E 104 -44.97 12.37 47.51
C PRO E 104 -46.38 12.78 47.16
N THR E 105 -46.52 13.80 46.32
CA THR E 105 -47.84 14.21 45.86
C THR E 105 -48.22 13.35 44.66
N GLY E 106 -47.92 12.05 44.76
CA GLY E 106 -48.23 11.10 43.71
C GLY E 106 -49.73 10.91 43.57
N THR E 107 -50.12 10.12 42.58
CA THR E 107 -51.51 9.82 42.34
C THR E 107 -52.26 9.30 43.58
N LEU E 108 -53.59 9.28 43.46
CA LEU E 108 -54.48 8.85 44.53
C LEU E 108 -54.30 7.38 44.96
N GLY E 109 -54.12 6.51 43.97
CA GLY E 109 -54.02 5.07 44.22
C GLY E 109 -52.77 4.72 44.96
N ASP E 110 -51.71 5.48 44.69
CA ASP E 110 -50.45 5.31 45.40
C ASP E 110 -50.65 5.46 46.91
N LEU E 111 -51.24 6.58 47.32
CA LEU E 111 -51.41 6.87 48.74
C LEU E 111 -52.35 5.96 49.48
N LEU E 112 -53.47 5.63 48.84
CA LEU E 112 -54.43 4.76 49.45
C LEU E 112 -53.81 3.37 49.66
N GLY E 113 -52.91 2.99 48.74
CA GLY E 113 -52.18 1.74 48.87
C GLY E 113 -51.15 1.77 50.00
N TRP E 114 -50.41 2.88 50.08
CA TRP E 114 -49.36 3.02 51.09
C TRP E 114 -49.80 3.29 52.50
N PHE E 115 -50.85 4.07 52.67
CA PHE E 115 -51.15 4.58 53.99
C PHE E 115 -51.29 3.60 55.14
N PRO E 116 -52.04 2.50 54.94
CA PRO E 116 -52.22 1.58 56.06
C PRO E 116 -50.88 1.12 56.67
N TYR E 117 -49.81 1.13 55.87
CA TYR E 117 -48.52 0.65 56.35
C TYR E 117 -47.92 1.62 57.33
N ALA E 118 -48.24 2.90 57.14
CA ALA E 118 -47.84 3.98 58.05
C ALA E 118 -48.50 3.82 59.38
N GLU E 119 -49.80 3.50 59.39
CA GLU E 119 -50.44 3.25 60.70
C GLU E 119 -49.82 2.03 61.40
N ARG E 120 -49.42 1.01 60.65
CA ARG E 120 -48.80 -0.19 61.23
C ARG E 120 -47.46 0.10 61.86
N PHE E 121 -46.69 0.95 61.18
CA PHE E 121 -45.40 1.40 61.67
C PHE E 121 -45.51 2.06 63.04
N GLN E 122 -46.56 2.86 63.24
CA GLN E 122 -46.72 3.57 64.50
C GLN E 122 -47.24 2.66 65.59
N SER E 123 -48.11 1.74 65.24
CA SER E 123 -48.67 0.84 66.22
C SER E 123 -47.58 -0.09 66.72
N LEU E 124 -46.60 -0.34 65.86
CA LEU E 124 -45.53 -1.25 66.22
C LEU E 124 -44.53 -0.57 67.16
N HIS E 125 -44.08 0.62 66.77
CA HIS E 125 -43.04 1.33 67.50
C HIS E 125 -43.52 2.25 68.56
N LYS E 126 -44.80 2.60 68.53
CA LYS E 126 -45.39 3.50 69.52
C LYS E 126 -44.64 4.81 69.59
N CYS E 127 -44.40 5.38 68.42
CA CYS E 127 -43.75 6.66 68.31
C CYS E 127 -44.76 7.75 68.10
N ARG E 128 -44.28 8.98 67.98
CA ARG E 128 -45.10 10.14 67.71
C ARG E 128 -44.96 10.45 66.22
N LEU E 129 -45.96 10.07 65.44
CA LEU E 129 -45.84 10.06 63.99
C LEU E 129 -46.58 11.18 63.27
N GLU E 130 -45.90 11.79 62.32
CA GLU E 130 -46.53 12.79 61.50
C GLU E 130 -46.34 12.41 60.05
N CYS E 131 -47.39 12.56 59.25
CA CYS E 131 -47.34 12.20 57.83
C CYS E 131 -47.61 13.40 56.95
N THR E 132 -46.93 13.45 55.81
CA THR E 132 -47.07 14.60 54.90
C THR E 132 -47.62 14.19 53.54
N MSE E 133 -48.66 14.87 53.08
CA MSE E 133 -49.29 14.54 51.82
C MSE E 133 -50.19 15.65 51.43
O MSE E 133 -50.41 16.57 52.19
CB MSE E 133 -50.18 13.32 52.02
CG MSE E 133 -51.06 13.50 53.25
SE MSE E 133 -51.79 11.76 53.80
CE MSE E 133 -50.34 11.23 55.01
N SER E 134 -50.74 15.57 50.23
CA SER E 134 -51.64 16.62 49.75
C SER E 134 -52.88 16.76 50.65
N GLN E 135 -53.42 17.98 50.69
CA GLN E 135 -54.57 18.33 51.54
C GLN E 135 -55.81 17.44 51.30
N ASP E 136 -56.07 17.09 50.03
CA ASP E 136 -57.28 16.34 49.68
C ASP E 136 -57.36 15.01 50.39
N ILE E 137 -56.19 14.40 50.61
CA ILE E 137 -56.15 13.09 51.21
C ILE E 137 -56.23 13.22 52.70
N ILE E 138 -55.65 14.29 53.23
CA ILE E 138 -55.76 14.56 54.65
C ILE E 138 -57.21 14.70 55.04
N ASP E 139 -57.98 15.42 54.22
CA ASP E 139 -59.41 15.62 54.47
C ASP E 139 -60.16 14.30 54.43
N LEU E 140 -59.69 13.38 53.60
CA LEU E 140 -60.31 12.06 53.47
C LEU E 140 -59.96 11.09 54.62
N LEU E 141 -58.72 11.13 55.11
CA LEU E 141 -58.24 10.13 56.07
C LEU E 141 -58.13 10.61 57.51
N ALA E 142 -57.69 11.85 57.72
CA ALA E 142 -57.38 12.32 59.07
C ALA E 142 -58.35 11.90 60.19
N PRO E 143 -59.65 12.13 59.99
CA PRO E 143 -60.59 11.82 61.07
C PRO E 143 -60.57 10.38 61.52
N GLN E 144 -60.07 9.48 60.69
CA GLN E 144 -60.10 8.04 61.01
C GLN E 144 -58.78 7.54 61.63
N TYR E 145 -57.81 8.41 61.66
CA TYR E 145 -56.50 8.12 62.22
C TYR E 145 -56.13 9.23 63.22
N PRO E 146 -56.87 9.30 64.33
CA PRO E 146 -56.63 10.34 65.32
C PRO E 146 -55.20 10.22 65.93
N GLN E 147 -54.68 9.00 65.93
CA GLN E 147 -53.39 8.65 66.52
C GLN E 147 -52.19 9.23 65.76
N ILE E 148 -52.43 9.69 64.53
CA ILE E 148 -51.39 10.21 63.66
C ILE E 148 -51.69 11.66 63.30
N GLN E 149 -50.66 12.48 63.20
CA GLN E 149 -50.85 13.86 62.84
C GLN E 149 -50.56 14.08 61.35
N PHE E 150 -51.51 14.70 60.64
CA PHE E 150 -51.34 14.96 59.22
C PHE E 150 -50.98 16.41 58.92
N SER E 151 -50.12 16.62 57.94
CA SER E 151 -49.72 17.98 57.51
C SER E 151 -49.37 17.96 56.04
N THR E 152 -49.05 19.11 55.49
CA THR E 152 -48.63 19.17 54.09
C THR E 152 -47.11 19.32 54.05
N PRO E 153 -46.50 18.94 52.92
CA PRO E 153 -45.05 18.99 52.76
C PRO E 153 -44.44 20.37 53.10
N ASP E 154 -45.16 21.44 52.82
CA ASP E 154 -44.63 22.78 53.06
C ASP E 154 -44.78 23.29 54.51
N LYS E 155 -45.67 22.68 55.27
CA LYS E 155 -45.92 23.13 56.64
C LYS E 155 -45.91 22.00 57.67
N PRO E 156 -44.77 21.29 57.79
CA PRO E 156 -44.67 20.19 58.77
C PRO E 156 -44.56 20.70 60.21
N ARG E 157 -45.24 20.03 61.13
CA ARG E 157 -45.27 20.51 62.50
C ARG E 157 -44.08 20.10 63.36
N THR E 158 -43.46 18.95 63.07
CA THR E 158 -42.36 18.47 63.90
C THR E 158 -41.09 19.33 63.75
N VAL E 159 -40.80 19.78 62.53
CA VAL E 159 -39.64 20.66 62.32
C VAL E 159 -38.31 19.93 62.47
N ALA E 160 -38.08 19.32 63.65
CA ALA E 160 -36.86 18.53 63.89
C ALA E 160 -37.21 17.11 64.34
N PRO E 161 -36.97 16.09 63.46
CA PRO E 161 -37.45 14.80 63.82
C PRO E 161 -36.32 13.83 64.07
N TYR E 162 -36.57 12.84 64.91
CA TYR E 162 -35.59 11.80 65.21
C TYR E 162 -35.29 10.94 63.99
N ALA E 163 -36.35 10.49 63.32
CA ALA E 163 -36.25 9.65 62.12
C ALA E 163 -37.27 10.06 61.06
N THR E 164 -36.87 9.96 59.80
CA THR E 164 -37.73 10.29 58.68
C THR E 164 -37.68 9.14 57.70
N TYR E 165 -38.82 8.84 57.08
CA TYR E 165 -38.91 7.80 56.04
C TYR E 165 -39.66 8.30 54.81
N ARG E 166 -39.08 8.12 53.64
CA ARG E 166 -39.70 8.61 52.41
C ARG E 166 -40.31 7.49 51.58
N VAL E 167 -41.62 7.26 51.78
CA VAL E 167 -42.32 6.22 51.05
C VAL E 167 -42.64 6.67 49.64
N GLY E 168 -42.24 5.89 48.64
CA GLY E 168 -42.55 6.22 47.26
C GLY E 168 -42.12 5.15 46.28
N LEU E 169 -42.30 5.42 44.99
CA LEU E 169 -41.84 4.50 43.96
C LEU E 169 -40.43 4.87 43.52
N TYR E 170 -39.54 3.90 43.48
CA TYR E 170 -38.19 4.14 42.98
C TYR E 170 -37.92 3.22 41.82
N PHE E 171 -37.66 3.81 40.66
CA PHE E 171 -37.52 3.06 39.44
C PHE E 171 -36.10 2.61 39.14
N GLY E 172 -35.96 1.86 38.06
CA GLY E 172 -34.66 1.35 37.58
C GLY E 172 -34.05 0.24 38.42
N GLY E 173 -34.84 -0.33 39.31
CA GLY E 173 -34.32 -1.39 40.18
C GLY E 173 -33.55 -0.90 41.37
N ASP E 174 -33.70 0.39 41.69
CA ASP E 174 -33.10 0.98 42.88
C ASP E 174 -33.34 0.07 44.10
N THR E 175 -32.28 -0.21 44.86
CA THR E 175 -32.41 -0.95 46.12
C THR E 175 -31.83 -0.21 47.31
N ASN E 176 -31.66 1.10 47.18
CA ASN E 176 -31.18 1.93 48.29
C ASN E 176 -32.31 2.62 49.04
N ASN E 177 -33.33 3.06 48.30
CA ASN E 177 -34.48 3.71 48.93
C ASN E 177 -35.60 2.75 49.22
N GLN E 178 -35.52 1.55 48.64
CA GLN E 178 -36.45 0.47 48.93
C GLN E 178 -35.65 -0.79 49.03
N PRO E 179 -35.98 -1.67 49.99
CA PRO E 179 -35.22 -2.89 50.20
C PRO E 179 -35.25 -3.77 48.98
N VAL E 180 -36.43 -3.90 48.39
CA VAL E 180 -36.62 -4.71 47.19
C VAL E 180 -37.27 -3.87 46.09
N ASP E 181 -36.88 -4.10 44.84
CA ASP E 181 -37.53 -3.43 43.72
C ASP E 181 -39.06 -3.60 43.84
N PHE E 182 -39.79 -2.49 43.85
CA PHE E 182 -41.23 -2.54 44.05
C PHE E 182 -41.97 -3.42 43.02
N ARG E 183 -41.38 -3.59 41.86
CA ARG E 183 -41.97 -4.43 40.81
C ARG E 183 -42.08 -5.90 41.21
N LYS E 184 -41.26 -6.34 42.15
CA LYS E 184 -41.24 -7.74 42.57
C LYS E 184 -42.26 -8.03 43.66
N VAL E 185 -42.68 -7.00 44.36
CA VAL E 185 -43.55 -7.18 45.49
C VAL E 185 -44.90 -6.50 45.34
N GLY E 186 -45.03 -5.66 44.32
CA GLY E 186 -46.24 -4.83 44.15
C GLY E 186 -46.06 -3.38 44.66
N PHE E 187 -46.50 -2.42 43.87
CA PHE E 187 -46.19 -1.02 44.17
C PHE E 187 -46.67 -0.56 45.54
N HIS E 188 -47.81 -1.05 45.96
CA HIS E 188 -48.38 -0.65 47.25
C HIS E 188 -47.73 -1.36 48.41
N ARG E 189 -47.45 -2.66 48.27
CA ARG E 189 -46.81 -3.42 49.36
C ARG E 189 -45.40 -2.94 49.64
N SER E 190 -44.77 -2.32 48.65
CA SER E 190 -43.43 -1.77 48.78
C SER E 190 -43.32 -0.85 50.00
N ALA E 191 -44.40 -0.15 50.32
CA ALA E 191 -44.45 0.71 51.48
C ALA E 191 -44.16 -0.06 52.76
N GLY E 192 -44.69 -1.26 52.87
CA GLY E 192 -44.48 -2.04 54.07
C GLY E 192 -43.07 -2.55 54.18
N TYR E 193 -42.44 -2.81 53.04
CA TYR E 193 -41.05 -3.27 53.02
C TYR E 193 -40.13 -2.14 53.42
N ILE E 194 -40.36 -0.96 52.84
CA ILE E 194 -39.64 0.24 53.21
C ILE E 194 -39.69 0.50 54.70
N LEU E 195 -40.85 0.30 55.30
CA LEU E 195 -41.02 0.57 56.73
C LEU E 195 -40.74 -0.64 57.62
N GLY E 196 -40.46 -1.77 56.98
CA GLY E 196 -40.20 -3.02 57.70
C GLY E 196 -41.37 -3.57 58.51
N VAL E 197 -42.59 -3.42 58.01
CA VAL E 197 -43.75 -4.00 58.71
C VAL E 197 -44.44 -5.12 57.89
N ASP E 198 -45.43 -5.76 58.51
CA ASP E 198 -46.26 -6.71 57.79
C ASP E 198 -46.57 -6.15 56.38
N PRO E 199 -46.10 -6.84 55.32
CA PRO E 199 -46.29 -6.34 53.95
C PRO E 199 -47.67 -6.66 53.35
N ARG E 200 -48.52 -7.36 54.08
CA ARG E 200 -49.85 -7.67 53.58
C ARG E 200 -50.76 -6.46 53.36
N GLU E 201 -51.35 -6.36 52.18
CA GLU E 201 -52.19 -5.20 51.82
C GLU E 201 -53.40 -5.10 52.72
N ALA E 202 -53.84 -3.87 52.94
CA ALA E 202 -55.11 -3.59 53.65
C ALA E 202 -55.75 -2.32 53.06
N PRO E 203 -57.07 -2.16 53.22
CA PRO E 203 -57.70 -0.91 52.75
C PRO E 203 -57.58 0.19 53.81
N VAL E 204 -57.66 1.45 53.41
CA VAL E 204 -57.68 2.52 54.40
C VAL E 204 -59.02 2.53 55.12
N ARG E 205 -59.10 3.23 56.23
CA ARG E 205 -60.38 3.39 56.93
C ARG E 205 -61.01 4.70 56.52
N LEU E 206 -62.30 4.64 56.20
CA LEU E 206 -63.00 5.81 55.70
C LEU E 206 -64.23 6.12 56.54
N ASP E 207 -64.83 7.29 56.28
CA ASP E 207 -66.09 7.63 56.88
C ASP E 207 -67.17 7.04 56.00
N LEU E 208 -67.77 5.93 56.42
CA LEU E 208 -68.81 5.25 55.64
C LEU E 208 -70.23 5.47 56.20
N SER E 209 -70.48 6.65 56.76
CA SER E 209 -71.74 6.93 57.46
C SER E 209 -72.81 7.62 56.59
N ALA E 210 -72.41 8.17 55.45
CA ALA E 210 -73.32 8.91 54.60
C ALA E 210 -74.53 8.07 54.14
N PRO E 211 -75.74 8.67 54.17
CA PRO E 211 -76.98 7.97 53.84
C PRO E 211 -77.18 7.82 52.32
N ARG E 212 -77.96 6.81 51.92
CA ARG E 212 -78.21 6.56 50.51
C ARG E 212 -79.05 7.64 49.86
N VAL E 213 -78.66 8.05 48.66
CA VAL E 213 -79.34 9.12 47.95
C VAL E 213 -80.03 8.61 46.70
N ILE E 214 -79.29 7.92 45.84
CA ILE E 214 -79.88 7.32 44.65
C ILE E 214 -80.62 6.00 45.01
N ALA E 215 -81.91 5.92 44.67
CA ALA E 215 -82.77 4.85 45.16
C ALA E 215 -82.51 3.52 44.46
N ALA E 216 -82.57 3.56 43.13
CA ALA E 216 -82.39 2.37 42.30
C ALA E 216 -80.94 1.86 42.36
N PRO E 217 -80.73 0.58 42.01
CA PRO E 217 -79.37 0.03 42.07
C PRO E 217 -78.52 0.68 40.98
N TYR E 218 -77.26 0.94 41.29
CA TYR E 218 -76.38 1.58 40.31
C TYR E 218 -74.94 1.10 40.39
N VAL E 219 -74.21 1.32 39.30
CA VAL E 219 -72.83 0.86 39.22
C VAL E 219 -71.96 2.03 38.88
N CYS E 220 -70.84 2.16 39.58
CA CYS E 220 -69.91 3.23 39.27
C CYS E 220 -68.81 2.74 38.36
N ILE E 221 -68.40 3.60 37.44
CA ILE E 221 -67.31 3.28 36.56
C ILE E 221 -66.27 4.41 36.51
N ALA E 222 -65.03 4.03 36.26
CA ALA E 222 -63.96 4.97 36.08
C ALA E 222 -63.21 4.52 34.82
N THR E 223 -63.24 5.35 33.79
CA THR E 223 -62.64 5.01 32.50
C THR E 223 -61.32 5.71 32.21
N GLN E 224 -61.04 6.81 32.93
CA GLN E 224 -59.83 7.64 32.73
C GLN E 224 -58.62 7.13 33.52
N SER E 225 -57.41 7.51 33.13
CA SER E 225 -56.20 7.15 33.87
C SER E 225 -55.00 7.98 33.43
N THR E 226 -53.85 7.74 34.05
CA THR E 226 -52.68 8.61 33.84
C THR E 226 -51.83 8.33 32.58
N CYS E 227 -51.89 7.11 32.07
CA CYS E 227 -51.25 6.81 30.78
C CYS E 227 -52.16 5.93 29.95
N GLN E 228 -51.99 5.99 28.64
CA GLN E 228 -52.85 5.22 27.72
C GLN E 228 -52.86 3.71 27.95
N ALA E 229 -51.76 3.17 28.46
CA ALA E 229 -51.62 1.73 28.66
C ALA E 229 -52.64 1.19 29.65
N LYS E 230 -52.98 2.02 30.64
CA LYS E 230 -53.93 1.67 31.70
C LYS E 230 -55.39 1.77 31.29
N TYR E 231 -55.64 2.37 30.12
CA TYR E 231 -56.99 2.47 29.59
C TYR E 231 -57.41 1.11 29.06
N TRP E 232 -58.71 0.91 28.93
CA TRP E 232 -59.20 -0.30 28.32
C TRP E 232 -59.30 -0.03 26.86
N ASN E 233 -58.27 -0.39 26.11
CA ASN E 233 -58.18 -0.02 24.70
C ASN E 233 -58.90 -0.92 23.72
N ASN E 234 -59.89 -1.66 24.19
CA ASN E 234 -60.74 -2.44 23.31
C ASN E 234 -61.77 -1.50 22.75
N GLY E 235 -61.92 -1.51 21.44
CA GLY E 235 -62.80 -0.55 20.76
C GLY E 235 -64.21 -0.42 21.29
N THR E 236 -64.89 -1.55 21.49
CA THR E 236 -66.28 -1.56 21.91
C THR E 236 -66.51 -2.06 23.35
N GLY E 237 -65.42 -2.33 24.08
CA GLY E 237 -65.50 -2.82 25.47
C GLY E 237 -66.44 -2.00 26.36
N TRP E 238 -66.10 -0.75 26.69
CA TRP E 238 -66.98 0.02 27.54
C TRP E 238 -68.42 0.07 27.09
N SER E 239 -68.64 0.27 25.81
CA SER E 239 -70.01 0.42 25.35
C SER E 239 -70.78 -0.88 25.54
N GLU E 240 -70.15 -2.02 25.28
CA GLU E 240 -70.81 -3.31 25.53
C GLU E 240 -71.11 -3.53 27.00
N VAL E 241 -70.21 -3.12 27.87
CA VAL E 241 -70.42 -3.28 29.29
C VAL E 241 -71.57 -2.37 29.79
N ILE E 242 -71.54 -1.11 29.39
CA ILE E 242 -72.60 -0.18 29.77
C ILE E 242 -73.98 -0.65 29.31
N ALA E 243 -74.07 -1.15 28.08
CA ALA E 243 -75.33 -1.71 27.57
C ALA E 243 -75.80 -2.91 28.42
N HIS E 244 -74.85 -3.74 28.82
CA HIS E 244 -75.15 -4.92 29.55
C HIS E 244 -75.62 -4.63 30.94
N LEU E 245 -74.98 -3.66 31.59
CA LEU E 245 -75.37 -3.26 32.93
C LEU E 245 -76.81 -2.75 32.93
N LYS E 246 -77.17 -2.02 31.90
CA LYS E 246 -78.52 -1.50 31.82
C LYS E 246 -79.53 -2.62 31.63
N SER E 247 -79.17 -3.62 30.83
CA SER E 247 -80.05 -4.75 30.62
C SER E 247 -80.21 -5.56 31.92
N LEU E 248 -79.28 -5.40 32.87
CA LEU E 248 -79.42 -6.02 34.20
C LEU E 248 -80.09 -5.08 35.21
N GLY E 249 -80.53 -3.91 34.76
CA GLY E 249 -81.29 -3.02 35.62
C GLY E 249 -80.48 -2.03 36.43
N TYR E 250 -79.20 -1.89 36.09
CA TYR E 250 -78.35 -0.91 36.75
C TYR E 250 -78.37 0.42 36.04
N ARG E 251 -78.35 1.50 36.83
CA ARG E 251 -77.99 2.82 36.36
C ARG E 251 -76.47 2.84 36.35
N VAL E 252 -75.87 3.49 35.35
CA VAL E 252 -74.41 3.53 35.24
C VAL E 252 -73.83 4.96 35.36
N MSE E 253 -72.94 5.18 36.33
CA MSE E 253 -72.36 6.50 36.53
C MSE E 253 -70.88 6.51 36.37
O MSE E 253 -70.18 5.69 36.94
CB MSE E 253 -72.60 7.11 37.93
CG MSE E 253 -73.35 6.21 38.90
SE MSE E 253 -75.26 6.73 38.84
CE MSE E 253 -75.81 5.71 37.25
N CYS E 254 -70.39 7.49 35.63
CA CYS E 254 -68.96 7.69 35.50
C CYS E 254 -68.50 8.74 36.51
N ILE E 255 -67.49 8.38 37.32
CA ILE E 255 -66.99 9.26 38.38
C ILE E 255 -65.54 9.73 38.18
N ASP E 256 -65.04 9.71 36.95
CA ASP E 256 -63.69 10.18 36.69
C ASP E 256 -63.56 11.67 37.01
N ARG E 257 -62.37 12.13 37.37
CA ARG E 257 -62.23 13.56 37.66
C ARG E 257 -62.31 14.39 36.40
N ASP E 258 -61.87 13.83 35.29
CA ASP E 258 -61.92 14.50 34.00
C ASP E 258 -62.93 13.80 33.08
N ALA E 259 -63.66 14.57 32.27
CA ALA E 259 -64.57 13.97 31.28
C ALA E 259 -63.83 13.67 29.96
N HIS E 260 -62.71 14.36 29.76
CA HIS E 260 -61.88 14.13 28.60
C HIS E 260 -60.44 14.14 29.03
N TYR E 261 -59.64 13.18 28.59
CA TYR E 261 -58.22 13.17 28.94
C TYR E 261 -57.40 12.48 27.85
N GLY E 262 -56.19 12.98 27.59
CA GLY E 262 -55.36 12.47 26.51
C GLY E 262 -54.20 13.39 26.13
N GLN E 263 -53.52 13.04 25.05
CA GLN E 263 -52.35 13.77 24.55
C GLN E 263 -52.30 13.65 23.06
N GLY E 264 -51.64 14.58 22.40
CA GLY E 264 -51.55 14.55 20.94
C GLY E 264 -52.94 14.46 20.32
N PHE E 265 -53.15 13.40 19.52
CA PHE E 265 -54.43 13.16 18.92
C PHE E 265 -55.20 12.05 19.66
N VAL E 266 -54.59 11.42 20.66
CA VAL E 266 -55.27 10.34 21.36
C VAL E 266 -56.01 10.85 22.57
N TRP E 267 -57.33 10.90 22.45
CA TRP E 267 -58.20 11.42 23.49
C TRP E 267 -59.26 10.47 23.91
N ASN E 268 -59.49 10.39 25.22
CA ASN E 268 -60.47 9.48 25.80
C ASN E 268 -61.60 10.25 26.44
N HIS E 269 -62.83 9.86 26.14
CA HIS E 269 -63.99 10.60 26.67
C HIS E 269 -64.95 9.76 27.45
N ILE E 270 -65.63 10.40 28.42
CA ILE E 270 -66.72 9.75 29.16
C ILE E 270 -67.63 9.05 28.15
N PRO E 271 -67.82 7.73 28.33
CA PRO E 271 -68.54 6.94 27.31
C PRO E 271 -70.00 7.34 27.17
N TRP E 272 -70.49 7.35 25.94
CA TRP E 272 -71.89 7.60 25.67
C TRP E 272 -72.65 6.62 26.50
N GLY E 273 -73.71 7.07 27.16
CA GLY E 273 -74.56 6.16 27.88
C GLY E 273 -74.34 6.12 29.36
N ALA E 274 -73.15 6.52 29.79
CA ALA E 274 -72.87 6.66 31.22
C ALA E 274 -73.35 8.04 31.71
N GLU E 275 -73.88 8.07 32.92
CA GLU E 275 -74.30 9.31 33.49
C GLU E 275 -73.10 10.11 33.93
N ASP E 276 -73.19 11.44 33.84
CA ASP E 276 -72.05 12.31 34.10
C ASP E 276 -71.91 12.72 35.55
N PHE E 277 -71.17 11.96 36.33
CA PHE E 277 -70.82 12.39 37.70
C PHE E 277 -69.33 12.70 37.76
N THR E 278 -68.79 13.28 36.70
CA THR E 278 -67.36 13.62 36.65
C THR E 278 -67.10 14.99 37.26
N GLY E 279 -65.84 15.41 37.26
CA GLY E 279 -65.43 16.70 37.83
C GLY E 279 -64.50 16.58 39.03
N LYS E 280 -63.82 17.68 39.37
CA LYS E 280 -62.91 17.71 40.53
C LYS E 280 -63.67 18.00 41.83
N LEU E 281 -64.21 16.97 42.45
CA LEU E 281 -64.95 17.13 43.70
C LEU E 281 -64.09 16.63 44.87
N PRO E 282 -64.48 16.98 46.12
CA PRO E 282 -63.78 16.39 47.29
C PRO E 282 -63.97 14.88 47.27
N LEU E 283 -62.96 14.14 47.70
CA LEU E 283 -63.02 12.68 47.64
C LEU E 283 -64.12 12.11 48.49
N GLN E 284 -64.42 12.74 49.61
CA GLN E 284 -65.49 12.23 50.46
C GLN E 284 -66.83 12.12 49.71
N GLU E 285 -67.07 13.01 48.74
CA GLU E 285 -68.27 12.92 47.91
C GLU E 285 -68.24 11.69 47.01
N ARG E 286 -67.06 11.33 46.52
CA ARG E 286 -66.89 10.11 45.73
C ARG E 286 -67.12 8.88 46.64
N VAL E 287 -66.62 8.94 47.86
CA VAL E 287 -66.85 7.88 48.83
C VAL E 287 -68.34 7.69 49.11
N ASN E 288 -69.07 8.80 49.26
CA ASN E 288 -70.50 8.74 49.57
C ASN E 288 -71.29 8.14 48.46
N LEU E 289 -70.90 8.44 47.22
CA LEU E 289 -71.57 7.86 46.06
C LEU E 289 -71.20 6.39 45.92
N LEU E 290 -69.91 6.09 46.08
CA LEU E 290 -69.37 4.76 45.98
C LEU E 290 -70.01 3.81 46.98
N ARG E 291 -70.13 4.27 48.22
CA ARG E 291 -70.62 3.41 49.29
C ARG E 291 -71.92 2.61 48.99
N HIS E 292 -72.82 3.22 48.23
CA HIS E 292 -74.12 2.60 47.95
C HIS E 292 -74.22 2.01 46.58
N ALA E 293 -73.10 1.98 45.86
CA ALA E 293 -73.08 1.37 44.55
C ALA E 293 -73.11 -0.14 44.73
N SER E 294 -73.80 -0.84 43.84
CA SER E 294 -73.86 -2.29 43.90
C SER E 294 -72.46 -2.83 43.69
N PHE E 295 -71.74 -2.26 42.72
CA PHE E 295 -70.31 -2.54 42.53
C PHE E 295 -69.62 -1.51 41.68
N PHE E 296 -68.32 -1.67 41.49
CA PHE E 296 -67.50 -0.69 40.79
C PHE E 296 -66.67 -1.33 39.70
N ILE E 297 -66.55 -0.65 38.57
CA ILE E 297 -65.72 -1.16 37.49
C ILE E 297 -64.69 -0.10 37.13
N GLY E 298 -63.41 -0.46 37.18
CA GLY E 298 -62.38 0.51 36.94
C GLY E 298 -61.07 -0.02 36.46
N LEU E 299 -60.05 0.85 36.53
CA LEU E 299 -58.72 0.54 36.05
C LEU E 299 -57.76 0.55 37.24
N PRO E 300 -56.50 0.17 37.02
CA PRO E 300 -55.57 0.12 38.15
C PRO E 300 -55.21 1.51 38.70
N SER E 301 -55.95 2.54 38.26
CA SER E 301 -55.80 3.91 38.75
C SER E 301 -56.41 4.07 40.14
N GLY E 302 -56.24 5.25 40.72
CA GLY E 302 -56.67 5.58 42.09
C GLY E 302 -58.09 5.26 42.53
N LEU E 303 -59.08 5.55 41.70
CA LEU E 303 -60.46 5.31 42.13
C LEU E 303 -60.78 3.87 42.51
N SER E 304 -60.03 2.91 41.95
CA SER E 304 -60.27 1.51 42.27
C SER E 304 -59.92 1.23 43.70
N TRP E 305 -58.89 1.92 44.19
CA TRP E 305 -58.48 1.77 45.58
C TRP E 305 -59.45 2.42 46.50
N LEU E 306 -60.05 3.51 46.06
CA LEU E 306 -61.07 4.15 46.88
C LEU E 306 -62.28 3.25 46.97
N ALA E 307 -62.72 2.77 45.82
CA ALA E 307 -63.82 1.81 45.74
C ALA E 307 -63.59 0.60 46.63
N TRP E 308 -62.37 0.08 46.61
CA TRP E 308 -62.01 -1.04 47.44
C TRP E 308 -62.31 -0.75 48.86
N ALA E 309 -61.84 0.41 49.34
CA ALA E 309 -61.95 0.79 50.75
C ALA E 309 -63.36 1.10 51.21
N THR E 310 -64.26 1.40 50.28
CA THR E 310 -65.67 1.62 50.63
C THR E 310 -66.42 0.31 50.79
N ARG E 311 -65.67 -0.80 50.78
CA ARG E 311 -66.20 -2.13 51.02
C ARG E 311 -67.25 -2.57 50.00
N ILE E 312 -67.05 -2.24 48.73
CA ILE E 312 -67.96 -2.75 47.66
C ILE E 312 -67.18 -3.57 46.61
N PRO E 313 -67.84 -4.52 45.95
CA PRO E 313 -67.03 -5.35 45.05
C PRO E 313 -66.43 -4.56 43.90
N VAL E 314 -65.21 -4.90 43.53
CA VAL E 314 -64.50 -4.17 42.51
C VAL E 314 -64.13 -5.04 41.31
N VAL E 315 -64.67 -4.70 40.14
CA VAL E 315 -64.23 -5.31 38.91
C VAL E 315 -63.07 -4.48 38.38
N LEU E 316 -61.89 -5.06 38.34
CA LEU E 316 -60.68 -4.34 37.96
C LEU E 316 -60.15 -4.83 36.62
N ILE E 317 -60.15 -3.96 35.62
CA ILE E 317 -59.68 -4.30 34.29
C ILE E 317 -58.25 -3.78 34.05
N SER E 318 -57.32 -4.68 33.80
CA SER E 318 -55.94 -4.24 33.56
C SER E 318 -55.14 -5.34 32.87
N GLY E 319 -54.41 -4.97 31.82
CA GLY E 319 -53.55 -5.88 31.08
C GLY E 319 -52.07 -5.54 31.19
N PHE E 320 -51.77 -4.28 31.48
CA PHE E 320 -50.40 -3.87 31.55
C PHE E 320 -49.71 -4.25 32.86
N SER E 321 -50.52 -4.64 33.85
CA SER E 321 -50.02 -5.11 35.13
C SER E 321 -50.60 -6.48 35.43
N LEU E 322 -49.85 -7.30 36.16
CA LEU E 322 -50.31 -8.66 36.49
C LEU E 322 -51.32 -8.58 37.59
N PRO E 323 -52.21 -9.57 37.67
CA PRO E 323 -53.22 -9.59 38.74
C PRO E 323 -52.64 -9.25 40.12
N ASN E 324 -51.47 -9.78 40.49
CA ASN E 324 -50.90 -9.50 41.83
C ASN E 324 -50.28 -8.10 42.01
N SER E 325 -50.34 -7.25 40.99
CA SER E 325 -49.81 -5.88 41.12
C SER E 325 -50.66 -4.98 41.99
N GLU E 326 -51.96 -5.28 42.09
CA GLU E 326 -52.86 -4.48 42.89
C GLU E 326 -53.50 -5.36 43.94
N PHE E 327 -54.48 -4.82 44.66
CA PHE E 327 -55.14 -5.58 45.72
C PHE E 327 -55.89 -6.77 45.13
N TYR E 328 -56.11 -7.80 45.92
CA TYR E 328 -56.86 -8.95 45.47
C TYR E 328 -58.35 -8.63 45.30
N THR E 329 -58.92 -9.04 44.17
CA THR E 329 -60.35 -8.99 43.96
C THR E 329 -60.75 -10.20 43.08
N PRO E 330 -61.76 -10.95 43.50
CA PRO E 330 -62.13 -12.12 42.68
C PRO E 330 -62.68 -11.71 41.31
N TRP E 331 -62.85 -10.41 41.11
CA TRP E 331 -63.43 -9.87 39.87
C TRP E 331 -62.38 -9.18 39.03
N ARG E 332 -61.12 -9.54 39.26
CA ARG E 332 -60.04 -9.04 38.42
C ARG E 332 -60.16 -9.62 37.00
N VAL E 333 -60.03 -8.75 36.00
CA VAL E 333 -60.06 -9.15 34.61
C VAL E 333 -58.70 -8.99 33.95
N PHE E 334 -58.26 -10.04 33.26
CA PHE E 334 -56.89 -10.11 32.76
C PHE E 334 -56.87 -11.11 31.61
N ASN E 335 -56.07 -10.86 30.57
CA ASN E 335 -55.99 -11.79 29.46
C ASN E 335 -54.56 -12.18 29.22
N SER E 336 -54.29 -13.49 29.12
CA SER E 336 -52.92 -13.98 29.11
C SER E 336 -52.40 -14.50 27.75
N HIS E 337 -53.17 -14.28 26.71
CA HIS E 337 -52.78 -14.78 25.39
C HIS E 337 -51.83 -13.92 24.56
N GLY E 338 -51.57 -12.66 24.95
CA GLY E 338 -50.68 -11.77 24.15
C GLY E 338 -49.68 -11.03 25.04
N CYS E 339 -49.25 -9.80 24.68
CA CYS E 339 -48.42 -8.99 25.60
C CYS E 339 -49.30 -8.75 26.87
N TYR E 340 -48.66 -8.75 28.04
CA TYR E 340 -49.25 -8.32 29.30
C TYR E 340 -48.12 -8.01 30.32
N GLY E 341 -48.44 -7.27 31.37
CA GLY E 341 -47.45 -7.01 32.39
C GLY E 341 -46.23 -6.15 32.08
N CYS E 342 -46.33 -5.27 31.08
CA CYS E 342 -45.32 -4.23 30.75
C CYS E 342 -44.75 -3.71 32.14
N TRP E 343 -45.66 -3.39 33.02
CA TRP E 343 -45.37 -2.60 34.18
C TRP E 343 -44.64 -3.27 35.34
N ASP E 344 -44.79 -4.58 35.44
CA ASP E 344 -44.13 -5.37 36.49
C ASP E 344 -42.79 -5.91 36.02
N ASP E 345 -42.51 -5.81 34.72
CA ASP E 345 -41.30 -6.38 34.10
C ASP E 345 -40.02 -5.63 34.50
N THR E 346 -39.13 -6.31 35.22
CA THR E 346 -37.88 -5.71 35.68
C THR E 346 -36.84 -5.41 34.59
N SER E 347 -37.02 -5.93 33.39
CA SER E 347 -36.08 -5.63 32.31
C SER E 347 -36.47 -4.34 31.55
N LEU E 348 -37.70 -3.88 31.75
CA LEU E 348 -38.24 -2.69 31.08
C LEU E 348 -38.25 -1.50 32.02
N ASN E 349 -38.48 -0.31 31.48
CA ASN E 349 -38.53 0.90 32.31
C ASN E 349 -39.64 1.86 31.99
N PHE E 350 -40.47 2.14 32.97
CA PHE E 350 -41.58 3.05 32.79
C PHE E 350 -41.07 4.45 32.43
N ASP E 351 -41.72 5.05 31.44
CA ASP E 351 -41.42 6.40 30.98
C ASP E 351 -42.48 7.39 31.50
N HIS E 352 -42.10 8.28 32.41
CA HIS E 352 -43.05 9.24 33.01
C HIS E 352 -43.48 10.29 32.04
N HIS E 353 -42.74 10.42 30.94
CA HIS E 353 -42.98 11.50 29.98
C HIS E 353 -43.77 11.07 28.78
N ASP E 354 -43.96 9.77 28.63
CA ASP E 354 -44.62 9.23 27.45
C ASP E 354 -45.99 8.66 27.79
N PHE E 355 -47.02 9.39 27.42
CA PHE E 355 -48.38 8.99 27.67
C PHE E 355 -48.77 7.80 26.80
N LEU E 356 -48.11 7.63 25.66
CA LEU E 356 -48.38 6.49 24.79
C LEU E 356 -47.34 5.36 24.95
N TRP E 357 -46.74 5.28 26.12
CA TRP E 357 -45.77 4.24 26.45
C TRP E 357 -46.29 2.82 26.22
N CYS E 358 -45.60 2.06 25.38
CA CYS E 358 -45.78 0.61 25.22
C CYS E 358 -44.37 0.04 24.85
N PRO E 359 -43.58 -0.36 25.88
CA PRO E 359 -42.20 -0.79 25.63
C PRO E 359 -42.01 -1.86 24.60
N ARG E 360 -42.91 -2.83 24.53
CA ARG E 360 -42.75 -3.90 23.54
C ARG E 360 -43.33 -3.62 22.18
N HIS E 361 -44.47 -2.94 22.11
CA HIS E 361 -45.14 -2.80 20.82
C HIS E 361 -45.45 -1.41 20.31
N LYS E 362 -44.96 -0.38 20.98
CA LYS E 362 -45.19 1.00 20.54
C LYS E 362 -45.06 1.18 19.03
N ASN E 363 -45.95 1.97 18.45
CA ASN E 363 -45.92 2.28 17.01
C ASN E 363 -46.03 1.08 16.10
N THR E 364 -46.78 0.07 16.51
CA THR E 364 -47.01 -1.11 15.67
C THR E 364 -48.49 -1.51 15.76
N ASP E 365 -48.85 -2.55 15.03
CA ASP E 365 -50.23 -3.08 15.01
C ASP E 365 -50.63 -3.60 16.39
N ARG E 366 -49.63 -4.02 17.14
CA ARG E 366 -49.84 -4.72 18.38
C ARG E 366 -49.82 -3.81 19.59
N GLN E 367 -49.75 -2.50 19.34
CA GLN E 367 -49.81 -1.55 20.42
C GLN E 367 -51.01 -1.77 21.31
N PHE E 368 -50.76 -1.83 22.60
CA PHE E 368 -51.79 -1.93 23.62
C PHE E 368 -52.65 -3.18 23.52
N GLU E 369 -52.12 -4.23 22.90
CA GLU E 369 -52.84 -5.48 22.87
C GLU E 369 -53.01 -6.01 24.28
N CYS E 370 -52.32 -5.38 25.23
CA CYS E 370 -52.43 -5.62 26.68
C CYS E 370 -53.98 -5.77 26.94
N THR E 371 -54.74 -4.79 26.43
CA THR E 371 -56.16 -4.63 26.76
C THR E 371 -57.16 -4.79 25.61
N ARG E 372 -56.70 -4.63 24.37
CA ARG E 372 -57.55 -4.96 23.23
C ARG E 372 -58.02 -6.42 23.29
N LEU E 373 -57.20 -7.29 23.86
CA LEU E 373 -57.61 -8.67 24.02
C LEU E 373 -58.72 -8.86 25.04
N ILE E 374 -58.90 -7.87 25.92
CA ILE E 374 -59.96 -7.96 26.95
C ILE E 374 -61.27 -7.48 26.34
N THR E 375 -62.14 -8.38 25.97
CA THR E 375 -63.35 -8.02 25.23
C THR E 375 -64.47 -7.65 26.18
N GLY E 376 -65.51 -7.02 25.64
CA GLY E 376 -66.69 -6.72 26.42
C GLY E 376 -67.29 -8.03 26.93
N ALA E 377 -67.31 -9.05 26.08
CA ALA E 377 -67.86 -10.34 26.43
C ALA E 377 -67.13 -10.89 27.66
N GLN E 378 -65.80 -10.80 27.65
CA GLN E 378 -65.06 -11.30 28.77
C GLN E 378 -65.46 -10.55 30.03
N VAL E 379 -65.53 -9.22 29.97
CA VAL E 379 -65.88 -8.46 31.18
C VAL E 379 -67.32 -8.73 31.62
N ASN E 380 -68.21 -8.86 30.66
CA ASN E 380 -69.61 -9.13 30.97
C ASN E 380 -69.81 -10.50 31.61
N GLY E 381 -68.96 -11.47 31.25
CA GLY E 381 -69.00 -12.77 31.90
C GLY E 381 -68.70 -12.61 33.40
N VAL E 382 -67.69 -11.81 33.71
CA VAL E 382 -67.36 -11.56 35.12
C VAL E 382 -68.51 -10.81 35.81
N ILE E 383 -69.05 -9.80 35.12
CA ILE E 383 -70.18 -9.08 35.66
C ILE E 383 -71.35 -10.02 35.98
N ASN E 384 -71.64 -10.93 35.06
CA ASN E 384 -72.71 -11.92 35.26
C ASN E 384 -72.53 -12.75 36.54
N LYS E 385 -71.31 -13.22 36.79
CA LYS E 385 -71.03 -13.99 38.00
C LYS E 385 -71.22 -13.15 39.23
N LEU E 386 -70.70 -11.92 39.20
CA LEU E 386 -70.80 -11.03 40.34
C LEU E 386 -72.26 -10.67 40.59
N HIS E 387 -73.01 -10.46 39.52
CA HIS E 387 -74.40 -10.10 39.65
C HIS E 387 -75.17 -11.21 40.28
N ARG E 388 -74.98 -12.43 39.76
CA ARG E 388 -75.64 -13.63 40.28
C ARG E 388 -75.28 -13.82 41.75
N SER E 389 -74.01 -13.65 42.09
CA SER E 389 -73.58 -13.75 43.49
C SER E 389 -74.23 -12.70 44.40
N LEU E 390 -74.46 -11.49 43.89
CA LEU E 390 -75.10 -10.46 44.71
C LEU E 390 -76.57 -10.75 44.91
N THR E 391 -77.24 -11.17 43.84
CA THR E 391 -78.66 -11.46 43.92
C THR E 391 -78.95 -12.53 44.98
N GLU E 392 -78.03 -13.49 45.14
CA GLU E 392 -78.27 -14.64 45.99
C GLU E 392 -77.73 -14.56 47.44
N GLN E 393 -76.68 -13.78 47.67
CA GLN E 393 -76.14 -13.55 49.03
C GLN E 393 -75.34 -12.26 49.01
N GLY E 394 -76.03 -11.14 48.89
CA GLY E 394 -75.34 -9.88 48.62
C GLY E 394 -74.42 -9.47 49.71
N VAL E 395 -73.18 -9.14 49.35
CA VAL E 395 -72.21 -8.55 50.30
C VAL E 395 -71.72 -9.61 51.32
N GLU E 396 -72.26 -10.80 51.21
CA GLU E 396 -71.66 -11.97 51.81
C GLU E 396 -70.84 -12.44 50.63
N ALA E 397 -71.11 -11.83 49.46
CA ALA E 397 -70.38 -12.06 48.22
C ALA E 397 -68.94 -11.57 48.32
N THR E 398 -68.72 -10.42 48.98
CA THR E 398 -67.33 -9.99 49.27
C THR E 398 -66.76 -10.98 50.28
N LEU E 399 -65.83 -11.76 49.78
CA LEU E 399 -65.44 -13.05 50.33
C LEU E 399 -64.80 -13.01 51.74
N PHE F 9 11.50 -55.62 32.28
CA PHE F 9 11.87 -55.69 30.84
C PHE F 9 11.43 -57.02 30.23
N ILE F 10 10.37 -57.62 30.79
CA ILE F 10 9.85 -58.91 30.31
C ILE F 10 8.41 -58.74 29.84
N THR F 11 7.86 -59.78 29.19
CA THR F 11 6.52 -59.72 28.61
C THR F 11 5.39 -60.37 29.45
N PRO F 12 4.19 -59.74 29.45
CA PRO F 12 3.08 -60.36 30.16
C PRO F 12 2.60 -61.54 29.37
N PRO F 13 1.94 -62.50 30.03
CA PRO F 13 1.38 -63.62 29.32
C PRO F 13 0.90 -63.28 27.91
N ASP F 14 0.13 -62.22 27.70
CA ASP F 14 -0.41 -61.91 26.37
C ASP F 14 -1.68 -62.72 26.15
N THR F 15 -2.13 -63.31 27.25
CA THR F 15 -3.49 -63.86 27.48
C THR F 15 -3.64 -64.35 28.92
N PRO F 16 -4.70 -63.85 29.59
CA PRO F 16 -4.94 -63.97 31.03
C PRO F 16 -4.94 -65.36 31.59
N THR F 17 -4.24 -65.54 32.70
CA THR F 17 -4.05 -66.85 33.28
C THR F 17 -5.34 -67.45 33.86
N GLN F 18 -6.21 -66.62 34.42
CA GLN F 18 -7.44 -67.13 35.04
C GLN F 18 -8.59 -67.12 34.04
N ALA F 19 -9.28 -68.26 33.95
CA ALA F 19 -10.39 -68.41 33.00
C ALA F 19 -11.48 -67.35 33.13
N GLY F 20 -12.26 -67.39 34.20
CA GLY F 20 -13.44 -66.53 34.28
C GLY F 20 -14.62 -67.27 33.67
N PRO F 21 -15.85 -66.86 34.01
CA PRO F 21 -16.97 -67.70 33.61
C PRO F 21 -17.24 -67.81 32.13
N GLU F 22 -17.15 -66.73 31.36
CA GLU F 22 -17.72 -66.77 30.01
C GLU F 22 -16.79 -67.14 28.84
N TYR F 26 -9.08 -62.75 33.44
CA TYR F 26 -8.46 -61.54 33.97
C TYR F 26 -6.96 -61.72 34.25
N PHE F 28 -4.14 -59.23 34.36
CA PHE F 28 -3.84 -59.13 35.78
C PHE F 28 -2.35 -59.31 36.05
N ASN F 29 -1.54 -59.07 35.02
CA ASN F 29 -0.09 -59.21 35.14
C ASN F 29 0.64 -57.90 34.85
N ASP F 30 0.35 -57.32 33.69
CA ASP F 30 0.98 -56.06 33.29
C ASP F 30 0.26 -54.92 33.99
N GLY F 31 -1.06 -55.04 34.02
CA GLY F 31 -1.93 -54.13 34.71
C GLY F 31 -3.17 -54.95 34.97
N ALA F 32 -4.04 -54.52 35.87
CA ALA F 32 -5.23 -55.32 36.10
C ALA F 32 -5.95 -55.37 34.76
N ARG F 33 -6.41 -56.57 34.39
CA ARG F 33 -7.11 -56.76 33.12
C ARG F 33 -7.78 -58.13 33.07
N VAL F 34 -9.03 -58.15 32.62
CA VAL F 34 -9.79 -59.39 32.51
C VAL F 34 -10.16 -59.69 31.05
N LEU F 35 -9.89 -60.91 30.62
CA LEU F 35 -10.19 -61.32 29.26
C LEU F 35 -10.04 -60.15 28.28
N PRO F 37 -14.71 -60.84 25.45
CA PRO F 37 -14.84 -61.71 24.29
C PRO F 37 -15.45 -61.01 23.09
N GLU F 38 -16.74 -60.73 23.18
CA GLU F 38 -17.49 -60.19 22.06
C GLU F 38 -18.76 -59.51 22.52
N GLY F 39 -19.39 -58.75 21.65
CA GLY F 39 -20.77 -58.34 21.93
C GLY F 39 -20.80 -57.23 22.96
N LYS F 40 -21.91 -57.11 23.69
CA LYS F 40 -22.12 -55.94 24.54
C LYS F 40 -21.76 -56.13 26.03
N TRP F 41 -20.65 -55.52 26.45
CA TRP F 41 -20.13 -55.65 27.83
C TRP F 41 -19.90 -54.31 28.55
N HIS F 42 -20.07 -54.32 29.87
CA HIS F 42 -19.75 -53.17 30.75
C HIS F 42 -18.82 -53.65 31.85
N VAL F 43 -17.65 -53.04 31.99
CA VAL F 43 -16.66 -53.49 33.00
C VAL F 43 -16.20 -52.40 33.93
N ARG F 44 -15.92 -52.77 35.17
CA ARG F 44 -15.51 -51.78 36.13
C ARG F 44 -14.34 -52.23 37.01
N LEU F 45 -13.38 -51.32 37.19
CA LEU F 45 -12.21 -51.57 38.01
C LEU F 45 -12.36 -50.81 39.32
N LEU F 46 -12.16 -51.50 40.44
CA LEU F 46 -12.28 -50.88 41.75
C LEU F 46 -11.03 -51.07 42.60
N ASP F 47 -10.86 -50.20 43.58
CA ASP F 47 -9.80 -50.35 44.55
C ASP F 47 -10.48 -50.93 45.78
N ALA F 48 -10.19 -52.18 46.09
CA ALA F 48 -10.81 -52.84 47.23
C ALA F 48 -10.62 -52.11 48.55
N ASP F 49 -9.46 -51.48 48.73
CA ASP F 49 -9.18 -50.79 49.99
C ASP F 49 -10.03 -49.54 50.22
N SER F 50 -10.24 -48.76 49.16
CA SER F 50 -11.03 -47.53 49.24
C SER F 50 -12.45 -47.69 48.71
N GLU F 51 -12.68 -48.75 47.93
CA GLU F 51 -13.97 -48.99 47.24
C GLU F 51 -14.26 -47.97 46.13
N ASN F 52 -13.24 -47.20 45.75
CA ASN F 52 -13.39 -46.24 44.65
C ASN F 52 -13.51 -46.92 43.30
N ILE F 53 -14.34 -46.35 42.43
CA ILE F 53 -14.43 -46.81 41.05
C ILE F 53 -13.30 -46.16 40.27
N LEU F 54 -12.25 -46.93 39.98
CA LEU F 54 -11.07 -46.40 39.28
C LEU F 54 -11.34 -46.06 37.84
N PHE F 55 -12.11 -46.92 37.18
CA PHE F 55 -12.36 -46.81 35.75
C PHE F 55 -13.61 -47.64 35.41
N CYS F 56 -14.41 -47.14 34.48
CA CYS F 56 -15.59 -47.89 34.03
C CYS F 56 -15.90 -47.65 32.55
N CYS F 57 -16.40 -48.69 31.86
CA CYS F 57 -16.48 -48.64 30.41
C CYS F 57 -17.48 -49.68 29.87
N ASP F 58 -18.22 -49.33 28.80
CA ASP F 58 -18.92 -50.37 28.00
C ASP F 58 -18.11 -50.57 26.74
N VAL F 59 -17.77 -51.82 26.43
CA VAL F 59 -17.01 -52.14 25.23
C VAL F 59 -17.56 -53.43 24.62
N ASP F 60 -17.24 -53.67 23.35
CA ASP F 60 -17.70 -54.86 22.66
C ASP F 60 -16.69 -56.03 22.70
N LYS F 61 -15.44 -55.77 22.29
CA LYS F 61 -14.45 -56.86 22.10
C LYS F 61 -13.05 -56.69 22.73
N GLY F 62 -12.31 -55.68 22.29
CA GLY F 62 -10.89 -55.48 22.67
C GLY F 62 -10.55 -55.60 24.16
N TRP F 63 -9.27 -55.50 24.50
CA TRP F 63 -8.86 -55.62 25.91
C TRP F 63 -9.24 -54.41 26.74
N VAL F 64 -9.29 -54.58 28.05
CA VAL F 64 -9.39 -53.47 28.99
C VAL F 64 -8.24 -53.60 30.00
N THR F 65 -7.49 -52.52 30.20
CA THR F 65 -6.39 -52.54 31.19
C THR F 65 -6.51 -51.36 32.14
N SER F 66 -6.00 -51.52 33.37
CA SER F 66 -5.98 -50.40 34.32
C SER F 66 -4.82 -49.52 33.88
N SER F 67 -5.00 -48.21 33.97
CA SER F 67 -3.90 -47.31 33.62
C SER F 67 -2.79 -47.42 34.69
N LYS F 68 -3.16 -47.74 35.93
CA LYS F 68 -2.17 -47.91 37.00
C LYS F 68 -1.52 -49.30 36.93
N LYS F 69 -0.19 -49.33 36.95
CA LYS F 69 0.57 -50.57 36.83
C LYS F 69 1.25 -51.03 38.13
N TYR F 70 1.28 -50.16 39.14
CA TYR F 70 1.90 -50.52 40.43
C TYR F 70 0.90 -51.29 41.28
N PHE F 71 1.32 -51.74 42.45
CA PHE F 71 0.44 -52.53 43.30
C PHE F 71 -0.82 -51.79 43.75
N VAL F 72 -1.97 -52.40 43.50
CA VAL F 72 -3.27 -51.90 43.94
C VAL F 72 -4.08 -53.15 44.22
N ARG F 73 -4.84 -53.19 45.29
CA ARG F 73 -5.69 -54.36 45.55
C ARG F 73 -6.94 -54.18 44.69
N PHE F 74 -6.77 -54.38 43.39
CA PHE F 74 -7.84 -54.22 42.43
C PHE F 74 -9.02 -55.16 42.66
N ARG F 75 -10.18 -54.76 42.13
CA ARG F 75 -11.38 -55.58 42.15
C ARG F 75 -12.05 -55.47 40.76
N ILE F 76 -12.15 -56.58 40.05
CA ILE F 76 -12.67 -56.54 38.70
C ILE F 76 -14.14 -56.93 38.62
N GLN F 77 -14.93 -56.08 37.97
CA GLN F 77 -16.34 -56.37 37.76
C GLN F 77 -16.66 -56.32 36.27
N VAL F 78 -17.38 -57.32 35.74
CA VAL F 78 -17.81 -57.35 34.32
C VAL F 78 -19.36 -57.31 34.09
N PHE F 79 -19.92 -56.33 33.41
CA PHE F 79 -21.38 -56.19 33.53
C PHE F 79 -22.18 -56.37 32.26
N ARG F 80 -23.27 -57.16 32.28
CA ARG F 80 -24.06 -57.13 31.06
C ARG F 80 -24.90 -55.87 31.19
N GLN F 81 -24.83 -54.99 30.22
CA GLN F 81 -25.35 -53.65 30.46
C GLN F 81 -26.79 -53.72 30.91
N GLY F 82 -27.13 -52.88 31.89
CA GLY F 82 -28.45 -52.88 32.49
C GLY F 82 -28.69 -53.81 33.67
N ALA F 83 -27.66 -54.45 34.18
CA ALA F 83 -27.83 -55.41 35.26
C ALA F 83 -27.09 -55.08 36.57
N ALA F 84 -27.75 -55.25 37.71
CA ALA F 84 -27.06 -55.15 39.01
C ALA F 84 -26.32 -56.49 39.13
N THR F 85 -25.61 -56.77 40.22
CA THR F 85 -24.98 -58.10 40.34
C THR F 85 -24.14 -58.55 39.09
N PRO F 86 -23.03 -57.86 38.84
CA PRO F 86 -22.13 -58.32 37.79
C PRO F 86 -21.68 -59.72 38.18
N LEU F 87 -21.55 -60.61 37.20
CA LEU F 87 -21.32 -62.03 37.50
C LEU F 87 -20.02 -62.25 38.26
N LEU F 88 -18.97 -61.54 37.87
CA LEU F 88 -17.69 -61.63 38.57
C LEU F 88 -17.79 -61.02 39.97
N ASP F 89 -17.22 -61.71 40.95
CA ASP F 89 -17.13 -61.22 42.32
C ASP F 89 -15.69 -61.40 42.77
N GLU F 90 -14.82 -60.54 42.25
CA GLU F 90 -13.38 -60.77 42.38
C GLU F 90 -12.57 -59.86 43.30
N THR F 91 -11.31 -60.21 43.49
CA THR F 91 -10.47 -59.51 44.46
C THR F 91 -9.01 -59.83 44.22
N LEU F 92 -8.13 -59.09 44.87
CA LEU F 92 -6.74 -59.47 44.89
C LEU F 92 -6.62 -60.47 46.03
N LYS F 93 -6.34 -61.72 45.68
CA LYS F 93 -6.24 -62.79 46.67
C LYS F 93 -4.94 -63.51 46.39
N LEU F 94 -3.86 -62.85 46.74
CA LEU F 94 -2.50 -63.31 46.41
C LEU F 94 -1.96 -64.51 47.20
N LYS F 95 -2.17 -64.53 48.51
CA LYS F 95 -1.73 -65.66 49.34
C LYS F 95 -1.54 -66.96 48.55
N ASP F 96 -0.36 -67.57 48.70
CA ASP F 96 0.01 -68.84 48.05
C ASP F 96 -0.13 -68.83 46.55
N ARG F 97 0.07 -67.67 45.92
CA ARG F 97 -0.11 -67.53 44.48
C ARG F 97 1.17 -67.14 43.75
N PRO F 98 1.30 -67.51 42.46
CA PRO F 98 2.52 -67.18 41.71
C PRO F 98 2.61 -65.69 41.37
N VAL F 99 3.62 -65.02 41.92
CA VAL F 99 3.83 -63.61 41.64
C VAL F 99 5.18 -63.39 41.00
N LEU F 100 5.25 -62.46 40.06
CA LEU F 100 6.49 -62.14 39.38
C LEU F 100 6.90 -60.67 39.64
N ILE F 101 8.11 -60.46 40.14
CA ILE F 101 8.68 -59.12 40.22
C ILE F 101 9.83 -59.04 39.25
N SER F 102 9.68 -58.22 38.23
CA SER F 102 10.68 -58.10 37.21
C SER F 102 11.50 -56.82 37.32
N PHE F 103 12.80 -56.96 37.56
CA PHE F 103 13.70 -55.82 37.58
C PHE F 103 14.34 -55.69 36.21
N PRO F 104 14.82 -54.48 35.85
CA PRO F 104 15.57 -54.34 34.60
C PRO F 104 17.02 -54.74 34.85
N THR F 105 17.82 -54.82 33.79
CA THR F 105 19.24 -55.15 33.95
C THR F 105 20.00 -53.85 34.23
N GLY F 106 19.39 -52.97 35.03
CA GLY F 106 20.00 -51.71 35.38
C GLY F 106 21.24 -51.88 36.24
N THR F 107 21.84 -50.75 36.61
CA THR F 107 23.05 -50.75 37.43
C THR F 107 22.87 -51.53 38.71
N LEU F 108 23.98 -51.91 39.35
CA LEU F 108 23.86 -52.70 40.57
C LEU F 108 23.34 -51.88 41.77
N GLY F 109 23.56 -50.56 41.78
CA GLY F 109 23.08 -49.72 42.89
C GLY F 109 21.57 -49.69 42.89
N ASP F 110 20.99 -49.75 41.69
CA ASP F 110 19.54 -49.79 41.55
C ASP F 110 18.97 -51.03 42.23
N LEU F 111 19.52 -52.19 41.88
CA LEU F 111 19.02 -53.44 42.37
C LEU F 111 19.25 -53.67 43.84
N LEU F 112 20.40 -53.28 44.32
CA LEU F 112 20.69 -53.42 45.73
C LEU F 112 19.75 -52.53 46.55
N GLY F 113 19.32 -51.43 45.95
CA GLY F 113 18.42 -50.52 46.64
C GLY F 113 17.01 -51.08 46.66
N TRP F 114 16.58 -51.53 45.49
CA TRP F 114 15.25 -52.09 45.24
C TRP F 114 14.90 -53.42 45.91
N PHE F 115 15.87 -54.34 45.97
CA PHE F 115 15.58 -55.74 46.23
C PHE F 115 14.92 -56.05 47.56
N PRO F 116 15.31 -55.35 48.61
CA PRO F 116 14.80 -55.66 49.94
C PRO F 116 13.28 -55.50 49.96
N TYR F 117 12.78 -54.50 49.26
CA TYR F 117 11.35 -54.21 49.18
C TYR F 117 10.60 -55.41 48.62
N ALA F 118 11.27 -56.15 47.74
CA ALA F 118 10.71 -57.38 47.20
C ALA F 118 10.54 -58.45 48.31
N GLU F 119 11.52 -58.59 49.19
CA GLU F 119 11.34 -59.52 50.31
C GLU F 119 10.21 -59.12 51.21
N ARG F 120 10.03 -57.80 51.41
CA ARG F 120 8.96 -57.30 52.29
C ARG F 120 7.62 -57.61 51.72
N PHE F 121 7.51 -57.47 50.40
CA PHE F 121 6.28 -57.74 49.68
C PHE F 121 5.86 -59.20 49.91
N GLN F 122 6.84 -60.09 49.99
CA GLN F 122 6.53 -61.49 50.13
C GLN F 122 6.15 -61.88 51.58
N SER F 123 6.86 -61.32 52.57
CA SER F 123 6.52 -61.58 53.97
C SER F 123 5.13 -61.07 54.27
N LEU F 124 4.76 -59.98 53.61
CA LEU F 124 3.49 -59.34 53.85
C LEU F 124 2.36 -60.16 53.24
N HIS F 125 2.48 -60.48 51.97
CA HIS F 125 1.41 -61.18 51.24
C HIS F 125 1.42 -62.68 51.32
N LYS F 126 2.51 -63.27 51.81
CA LYS F 126 2.64 -64.73 51.87
C LYS F 126 2.40 -65.37 50.50
N CYS F 127 2.99 -64.81 49.44
CA CYS F 127 2.85 -65.37 48.12
C CYS F 127 4.05 -66.23 47.74
N ARG F 128 3.98 -66.86 46.57
CA ARG F 128 5.14 -67.55 46.02
C ARG F 128 5.75 -66.64 44.98
N LEU F 129 6.84 -65.99 45.34
CA LEU F 129 7.38 -64.96 44.45
C LEU F 129 8.68 -65.33 43.73
N GLU F 130 8.72 -64.97 42.46
CA GLU F 130 9.89 -65.17 41.65
C GLU F 130 10.40 -63.80 41.17
N CYS F 131 11.72 -63.60 41.21
CA CYS F 131 12.33 -62.35 40.79
C CYS F 131 13.26 -62.58 39.60
N THR F 132 13.30 -61.63 38.67
CA THR F 132 14.12 -61.75 37.47
C THR F 132 15.19 -60.64 37.39
N MSE F 133 16.45 -61.04 37.19
CA MSE F 133 17.56 -60.09 37.14
C MSE F 133 18.80 -60.76 36.59
O MSE F 133 18.81 -61.97 36.35
CB MSE F 133 17.84 -59.68 38.56
CG MSE F 133 17.92 -60.91 39.46
SE MSE F 133 18.06 -60.31 41.32
CE MSE F 133 16.15 -59.98 41.65
N SER F 134 19.85 -59.97 36.41
CA SER F 134 21.17 -60.44 35.95
C SER F 134 21.67 -61.60 36.80
N GLN F 135 22.44 -62.50 36.17
CA GLN F 135 22.97 -63.67 36.85
C GLN F 135 23.92 -63.29 38.00
N ASP F 136 24.73 -62.25 37.81
CA ASP F 136 25.70 -61.83 38.82
C ASP F 136 25.08 -61.38 40.15
N ILE F 137 23.87 -60.81 40.08
CA ILE F 137 23.14 -60.40 41.31
C ILE F 137 22.52 -61.63 41.99
N ILE F 138 21.97 -62.53 41.16
CA ILE F 138 21.42 -63.80 41.64
C ILE F 138 22.47 -64.56 42.46
N ASP F 139 23.68 -64.66 41.92
CA ASP F 139 24.78 -65.34 42.60
C ASP F 139 25.10 -64.67 43.93
N LEU F 140 24.90 -63.36 43.99
CA LEU F 140 25.26 -62.59 45.18
C LEU F 140 24.21 -62.72 46.29
N LEU F 141 22.94 -62.76 45.90
CA LEU F 141 21.82 -62.67 46.86
C LEU F 141 21.09 -63.96 47.17
N ALA F 142 20.83 -64.77 46.14
CA ALA F 142 20.02 -65.98 46.26
C ALA F 142 20.21 -66.80 47.55
N PRO F 143 21.46 -67.13 47.90
CA PRO F 143 21.68 -67.93 49.11
C PRO F 143 21.04 -67.35 50.38
N GLN F 144 20.86 -66.03 50.45
CA GLN F 144 20.34 -65.39 51.69
C GLN F 144 18.82 -65.14 51.66
N TYR F 145 18.18 -65.44 50.54
CA TYR F 145 16.73 -65.33 50.41
C TYR F 145 16.15 -66.65 49.90
N PRO F 146 16.20 -67.69 50.76
CA PRO F 146 15.73 -69.02 50.35
C PRO F 146 14.25 -69.02 49.97
N GLN F 147 13.47 -68.13 50.57
CA GLN F 147 12.02 -68.05 50.29
C GLN F 147 11.67 -67.62 48.88
N ILE F 148 12.62 -67.01 48.19
CA ILE F 148 12.35 -66.40 46.91
C ILE F 148 13.07 -67.13 45.80
N GLN F 149 12.41 -67.24 44.65
CA GLN F 149 12.99 -67.91 43.51
C GLN F 149 13.64 -66.88 42.58
N PHE F 150 14.92 -67.07 42.30
CA PHE F 150 15.66 -66.17 41.41
C PHE F 150 15.84 -66.79 40.04
N SER F 151 15.59 -66.02 39.00
CA SER F 151 15.71 -66.47 37.63
C SER F 151 16.21 -65.33 36.75
N THR F 152 16.26 -65.57 35.46
CA THR F 152 16.76 -64.59 34.54
C THR F 152 15.55 -64.19 33.72
N PRO F 153 15.55 -62.97 33.16
CA PRO F 153 14.47 -62.52 32.28
C PRO F 153 14.10 -63.50 31.14
N ASP F 154 15.09 -64.20 30.58
CA ASP F 154 14.83 -65.10 29.44
C ASP F 154 14.37 -66.52 29.82
N LYS F 155 14.66 -66.94 31.05
CA LYS F 155 14.26 -68.28 31.52
C LYS F 155 13.49 -68.25 32.86
N PRO F 156 12.30 -67.63 32.86
CA PRO F 156 11.50 -67.57 34.11
C PRO F 156 10.89 -68.91 34.47
N ARG F 157 10.92 -69.20 35.77
CA ARG F 157 10.48 -70.46 36.37
C ARG F 157 9.03 -70.77 36.07
N THR F 158 8.23 -69.72 35.99
CA THR F 158 6.80 -69.90 35.71
C THR F 158 6.34 -69.07 34.52
N VAL F 159 5.34 -69.59 33.82
CA VAL F 159 4.59 -68.81 32.84
C VAL F 159 3.20 -68.97 33.42
N ALA F 160 2.26 -68.09 33.12
CA ALA F 160 0.98 -68.13 33.86
C ALA F 160 1.17 -67.73 35.35
N PRO F 161 1.70 -66.51 35.59
CA PRO F 161 1.73 -65.98 36.94
C PRO F 161 0.40 -65.24 37.24
N TYR F 162 0.03 -65.17 38.51
CA TYR F 162 -1.19 -64.48 38.95
C TYR F 162 -1.05 -62.95 38.83
N ALA F 163 0.07 -62.44 39.33
CA ALA F 163 0.36 -61.01 39.33
C ALA F 163 1.83 -60.75 39.01
N THR F 164 2.07 -59.65 38.28
CA THR F 164 3.41 -59.23 37.89
C THR F 164 3.60 -57.76 38.23
N TYR F 165 4.79 -57.43 38.72
CA TYR F 165 5.13 -56.06 39.02
C TYR F 165 6.51 -55.72 38.46
N ARG F 166 6.58 -54.65 37.69
CA ARG F 166 7.84 -54.21 37.10
C ARG F 166 8.49 -53.02 37.83
N VAL F 167 9.41 -53.33 38.75
CA VAL F 167 10.14 -52.34 39.53
C VAL F 167 11.24 -51.69 38.71
N GLY F 168 11.23 -50.36 38.64
CA GLY F 168 12.23 -49.61 37.87
C GLY F 168 12.11 -48.10 37.98
N LEU F 169 12.97 -47.38 37.26
CA LEU F 169 12.92 -45.91 37.23
C LEU F 169 12.09 -45.44 36.06
N TYR F 170 11.14 -44.55 36.31
CA TYR F 170 10.31 -44.00 35.25
C TYR F 170 10.42 -42.48 35.25
N PHE F 171 10.90 -41.95 34.14
CA PHE F 171 11.25 -40.55 34.05
C PHE F 171 10.12 -39.71 33.49
N GLY F 172 10.37 -38.41 33.39
CA GLY F 172 9.37 -37.45 32.88
C GLY F 172 8.16 -37.24 33.79
N GLY F 173 8.29 -37.65 35.06
CA GLY F 173 7.20 -37.49 36.00
C GLY F 173 6.07 -38.50 35.83
N ASP F 174 6.36 -39.61 35.14
CA ASP F 174 5.39 -40.70 34.96
C ASP F 174 4.75 -41.08 36.28
N THR F 175 3.42 -41.22 36.29
CA THR F 175 2.69 -41.61 37.51
C THR F 175 1.78 -42.82 37.29
N ASN F 176 1.96 -43.53 36.18
CA ASN F 176 1.18 -44.73 35.91
C ASN F 176 1.91 -46.02 36.30
N ASN F 177 3.24 -46.02 36.15
CA ASN F 177 4.05 -47.18 36.54
C ASN F 177 4.61 -47.06 37.92
N GLN F 178 4.53 -45.86 38.48
CA GLN F 178 4.93 -45.60 39.87
C GLN F 178 3.88 -44.69 40.47
N PRO F 179 3.51 -44.92 41.73
CA PRO F 179 2.49 -44.10 42.36
C PRO F 179 2.94 -42.64 42.41
N VAL F 180 4.18 -42.43 42.84
CA VAL F 180 4.77 -41.10 42.96
C VAL F 180 6.10 -41.03 42.19
N ASP F 181 6.39 -39.85 41.63
CA ASP F 181 7.66 -39.62 40.89
C ASP F 181 8.84 -39.99 41.80
N PHE F 182 9.73 -40.85 41.33
CA PHE F 182 10.79 -41.36 42.19
C PHE F 182 11.69 -40.26 42.73
N ARG F 183 11.76 -39.15 42.01
CA ARG F 183 12.60 -38.06 42.42
C ARG F 183 12.12 -37.39 43.70
N LYS F 184 10.87 -37.66 44.07
CA LYS F 184 10.28 -37.05 45.27
C LYS F 184 10.56 -37.90 46.51
N VAL F 185 10.77 -39.18 46.30
CA VAL F 185 10.88 -40.12 47.42
C VAL F 185 12.24 -40.80 47.51
N GLY F 186 13.04 -40.69 46.45
CA GLY F 186 14.34 -41.37 46.37
C GLY F 186 14.26 -42.56 45.40
N PHE F 187 15.25 -42.71 44.53
CA PHE F 187 15.18 -43.73 43.49
C PHE F 187 14.99 -45.14 44.05
N HIS F 188 15.63 -45.44 45.18
CA HIS F 188 15.53 -46.78 45.77
C HIS F 188 14.23 -47.00 46.50
N ARG F 189 13.78 -46.00 47.24
CA ARG F 189 12.53 -46.11 47.99
C ARG F 189 11.32 -46.26 47.07
N SER F 190 11.47 -45.85 45.82
CA SER F 190 10.37 -45.88 44.89
C SER F 190 9.85 -47.31 44.75
N ALA F 191 10.74 -48.28 44.90
CA ALA F 191 10.36 -49.68 44.83
C ALA F 191 9.34 -50.03 45.90
N GLY F 192 9.50 -49.48 47.09
CA GLY F 192 8.56 -49.74 48.18
C GLY F 192 7.19 -49.16 47.87
N TYR F 193 7.17 -48.02 47.18
CA TYR F 193 5.93 -47.38 46.81
C TYR F 193 5.26 -48.20 45.71
N ILE F 194 6.04 -48.62 44.72
CA ILE F 194 5.53 -49.47 43.61
C ILE F 194 4.83 -50.71 44.16
N LEU F 195 5.46 -51.34 45.13
CA LEU F 195 4.98 -52.56 45.72
C LEU F 195 4.01 -52.33 46.91
N GLY F 196 3.85 -51.07 47.31
CA GLY F 196 2.94 -50.71 48.41
C GLY F 196 3.36 -51.21 49.79
N VAL F 197 4.65 -51.31 50.05
CA VAL F 197 5.12 -51.76 51.38
C VAL F 197 5.86 -50.64 52.13
N ASP F 198 6.23 -50.93 53.38
CA ASP F 198 7.01 -49.99 54.15
C ASP F 198 8.14 -49.45 53.24
N PRO F 199 8.16 -48.13 53.02
CA PRO F 199 9.12 -47.52 52.08
C PRO F 199 10.49 -47.25 52.69
N ARG F 200 10.68 -47.63 53.94
CA ARG F 200 11.96 -47.35 54.60
C ARG F 200 13.09 -48.18 54.09
N GLU F 201 14.19 -47.51 53.76
CA GLU F 201 15.36 -48.15 53.18
C GLU F 201 15.96 -49.20 54.10
N ALA F 202 16.50 -50.27 53.48
CA ALA F 202 17.24 -51.30 54.21
C ALA F 202 18.35 -51.86 53.31
N PRO F 203 19.42 -52.39 53.94
CA PRO F 203 20.48 -53.06 53.17
C PRO F 203 20.07 -54.51 52.79
N VAL F 204 20.62 -55.02 51.69
CA VAL F 204 20.41 -56.42 51.34
C VAL F 204 21.18 -57.32 52.31
N ARG F 205 20.82 -58.60 52.32
CA ARG F 205 21.50 -59.60 53.16
C ARG F 205 22.60 -60.25 52.31
N LEU F 206 23.81 -60.32 52.88
CA LEU F 206 24.95 -60.85 52.14
C LEU F 206 25.65 -61.96 52.91
N ASP F 207 26.49 -62.70 52.19
CA ASP F 207 27.33 -63.72 52.81
C ASP F 207 28.57 -63.01 53.35
N LEU F 208 28.57 -62.75 54.65
CA LEU F 208 29.66 -62.04 55.29
C LEU F 208 30.56 -63.01 56.07
N SER F 209 30.67 -64.23 55.58
CA SER F 209 31.40 -65.29 56.31
C SER F 209 32.89 -65.37 55.96
N ALA F 210 33.25 -64.82 54.80
CA ALA F 210 34.63 -64.82 54.33
C ALA F 210 35.62 -64.27 55.39
N PRO F 211 36.74 -64.99 55.58
CA PRO F 211 37.73 -64.60 56.57
C PRO F 211 38.64 -63.50 56.05
N ARG F 212 39.26 -62.78 56.95
CA ARG F 212 40.12 -61.68 56.59
C ARG F 212 41.36 -62.14 55.80
N VAL F 213 41.68 -61.43 54.71
CA VAL F 213 42.89 -61.72 53.94
C VAL F 213 44.01 -60.68 54.20
N ILE F 214 43.69 -59.41 54.03
CA ILE F 214 44.68 -58.36 54.24
C ILE F 214 44.74 -58.00 55.71
N ALA F 215 45.91 -58.11 56.32
CA ALA F 215 45.99 -57.98 57.75
C ALA F 215 45.95 -56.54 58.22
N ALA F 216 46.75 -55.68 57.61
CA ALA F 216 46.82 -54.28 58.06
C ALA F 216 45.49 -53.56 57.77
N PRO F 217 45.25 -52.43 58.46
CA PRO F 217 44.05 -51.64 58.18
C PRO F 217 44.08 -51.09 56.75
N TYR F 218 42.95 -51.12 56.09
CA TYR F 218 42.85 -50.62 54.73
C TYR F 218 41.48 -50.04 54.41
N VAL F 219 41.44 -49.22 53.36
CA VAL F 219 40.22 -48.53 52.97
C VAL F 219 39.96 -48.82 51.52
N CYS F 220 38.71 -49.06 51.17
CA CYS F 220 38.37 -49.23 49.75
C CYS F 220 37.82 -47.96 49.18
N ILE F 221 38.17 -47.68 47.92
CA ILE F 221 37.62 -46.52 47.23
C ILE F 221 37.05 -46.89 45.88
N ALA F 222 36.03 -46.14 45.43
CA ALA F 222 35.46 -46.33 44.10
C ALA F 222 35.37 -44.97 43.44
N THR F 223 36.13 -44.77 42.37
CA THR F 223 36.23 -43.44 41.73
C THR F 223 35.46 -43.30 40.43
N GLN F 224 35.11 -44.45 39.82
CA GLN F 224 34.40 -44.53 38.54
C GLN F 224 32.90 -44.40 38.74
N SER F 225 32.20 -43.99 37.69
CA SER F 225 30.77 -44.00 37.72
C SER F 225 30.17 -44.01 36.31
N THR F 226 28.85 -44.11 36.26
CA THR F 226 28.10 -44.21 35.02
C THR F 226 27.97 -42.90 34.16
N CYS F 227 28.03 -41.73 34.81
CA CYS F 227 28.06 -40.47 34.05
C CYS F 227 29.00 -39.51 34.74
N GLN F 228 29.52 -38.52 34.03
CA GLN F 228 30.52 -37.60 34.59
C GLN F 228 30.05 -36.81 35.82
N ALA F 229 28.74 -36.55 35.91
CA ALA F 229 28.19 -35.76 37.00
C ALA F 229 28.40 -36.43 38.34
N LYS F 230 28.38 -37.76 38.33
CA LYS F 230 28.56 -38.56 39.56
C LYS F 230 30.04 -38.70 39.95
N TYR F 231 30.96 -38.30 39.08
CA TYR F 231 32.39 -38.25 39.45
C TYR F 231 32.68 -37.11 40.42
N TRP F 232 33.75 -37.24 41.20
CA TRP F 232 34.20 -36.16 42.05
C TRP F 232 35.09 -35.29 41.22
N ASN F 233 34.52 -34.25 40.63
CA ASN F 233 35.22 -33.42 39.66
C ASN F 233 36.14 -32.35 40.20
N ASN F 234 36.58 -32.48 41.44
CA ASN F 234 37.58 -31.58 41.99
C ASN F 234 38.96 -32.04 41.53
N GLY F 235 39.75 -31.11 41.02
CA GLY F 235 41.05 -31.46 40.44
C GLY F 235 41.98 -32.32 41.28
N THR F 236 42.16 -31.95 42.54
CA THR F 236 43.13 -32.61 43.43
C THR F 236 42.46 -33.42 44.56
N GLY F 237 41.14 -33.54 44.50
CA GLY F 237 40.39 -34.23 45.54
C GLY F 237 40.93 -35.60 45.88
N TRP F 238 40.75 -36.57 44.97
CA TRP F 238 41.19 -37.93 45.23
C TRP F 238 42.62 -38.03 45.65
N SER F 239 43.50 -37.28 44.99
CA SER F 239 44.91 -37.35 45.36
C SER F 239 45.14 -36.92 46.81
N GLU F 240 44.49 -35.84 47.25
CA GLU F 240 44.65 -35.36 48.61
C GLU F 240 44.10 -36.35 49.63
N VAL F 241 43.00 -37.01 49.29
CA VAL F 241 42.40 -38.00 50.17
C VAL F 241 43.29 -39.24 50.31
N ILE F 242 43.75 -39.78 49.17
CA ILE F 242 44.66 -40.94 49.19
C ILE F 242 45.96 -40.68 49.99
N ALA F 243 46.53 -39.49 49.82
CA ALA F 243 47.70 -39.11 50.60
C ALA F 243 47.39 -39.12 52.09
N HIS F 244 46.25 -38.55 52.45
CA HIS F 244 45.85 -38.40 53.85
C HIS F 244 45.58 -39.72 54.49
N LEU F 245 44.92 -40.61 53.74
CA LEU F 245 44.64 -41.96 54.25
C LEU F 245 45.92 -42.67 54.62
N LYS F 246 46.94 -42.54 53.78
CA LYS F 246 48.20 -43.20 54.05
C LYS F 246 48.89 -42.59 55.25
N SER F 247 48.77 -41.29 55.43
CA SER F 247 49.39 -40.63 56.57
C SER F 247 48.69 -41.05 57.87
N LEU F 248 47.51 -41.63 57.76
CA LEU F 248 46.81 -42.17 58.94
C LEU F 248 47.07 -43.67 59.12
N GLY F 249 47.89 -44.25 58.25
CA GLY F 249 48.23 -45.65 58.35
C GLY F 249 47.37 -46.62 57.55
N TYR F 250 46.52 -46.11 56.66
CA TYR F 250 45.67 -47.01 55.85
C TYR F 250 46.31 -47.32 54.52
N ARG F 251 46.12 -48.55 54.07
CA ARG F 251 46.41 -48.91 52.70
C ARG F 251 45.14 -48.54 51.94
N VAL F 252 45.26 -48.14 50.67
CA VAL F 252 44.07 -47.77 49.89
C VAL F 252 43.92 -48.59 48.63
N MSE F 253 42.77 -49.22 48.44
CA MSE F 253 42.53 -50.03 47.23
C MSE F 253 41.40 -49.48 46.44
O MSE F 253 40.36 -49.11 46.98
CB MSE F 253 42.15 -51.50 47.48
CG MSE F 253 41.99 -51.95 48.92
SE MSE F 253 43.74 -52.59 49.57
CE MSE F 253 44.17 -50.98 50.64
N CYS F 254 41.59 -49.42 45.13
CA CYS F 254 40.55 -49.00 44.24
C CYS F 254 39.85 -50.23 43.69
N ILE F 255 38.54 -50.29 43.85
CA ILE F 255 37.81 -51.48 43.45
C ILE F 255 36.84 -51.24 42.31
N ASP F 256 37.11 -50.25 41.48
CA ASP F 256 36.23 -49.99 40.34
C ASP F 256 36.29 -51.11 39.33
N ARG F 257 35.22 -51.27 38.58
CA ARG F 257 35.18 -52.31 37.57
C ARG F 257 36.21 -52.07 36.46
N ASP F 258 36.34 -50.82 36.01
CA ASP F 258 37.35 -50.50 34.99
C ASP F 258 38.37 -49.52 35.58
N ALA F 259 39.56 -49.48 34.98
CA ALA F 259 40.64 -48.61 35.43
C ALA F 259 40.62 -47.29 34.68
N HIS F 260 39.95 -47.30 33.53
CA HIS F 260 39.78 -46.11 32.71
C HIS F 260 38.39 -46.10 32.18
N TYR F 261 37.72 -44.96 32.26
CA TYR F 261 36.36 -44.86 31.72
C TYR F 261 36.05 -43.41 31.40
N GLY F 262 35.29 -43.18 30.34
CA GLY F 262 35.00 -41.82 29.89
C GLY F 262 34.42 -41.82 28.50
N GLN F 263 34.31 -40.64 27.87
CA GLN F 263 33.66 -40.61 26.58
C GLN F 263 34.35 -39.92 25.42
N GLY F 264 34.48 -38.60 25.47
CA GLY F 264 35.08 -37.92 24.32
C GLY F 264 36.56 -37.75 24.54
N PHE F 265 36.94 -36.56 24.99
CA PHE F 265 38.29 -36.35 25.47
C PHE F 265 38.29 -36.43 27.00
N VAL F 266 37.11 -36.56 27.62
CA VAL F 266 37.04 -36.62 29.08
C VAL F 266 37.17 -38.06 29.60
N TRP F 267 38.32 -38.35 30.18
CA TRP F 267 38.62 -39.68 30.66
C TRP F 267 39.06 -39.65 32.07
N ASN F 268 38.56 -40.61 32.84
CA ASN F 268 38.89 -40.75 34.24
C ASN F 268 39.69 -42.02 34.47
N HIS F 269 40.76 -41.89 35.25
CA HIS F 269 41.65 -43.02 35.49
C HIS F 269 41.84 -43.30 36.95
N ILE F 270 42.08 -44.57 37.27
CA ILE F 270 42.43 -44.97 38.63
C ILE F 270 43.53 -44.06 39.16
N PRO F 271 43.27 -43.37 40.28
CA PRO F 271 44.21 -42.39 40.80
C PRO F 271 45.54 -43.02 41.16
N TRP F 272 46.61 -42.32 40.79
CA TRP F 272 47.95 -42.71 41.16
C TRP F 272 47.98 -42.85 42.67
N GLY F 273 48.63 -43.90 43.17
CA GLY F 273 48.77 -44.10 44.61
C GLY F 273 47.81 -45.13 45.20
N ALA F 274 46.70 -45.33 44.52
CA ALA F 274 45.72 -46.34 44.94
C ALA F 274 46.14 -47.68 44.38
N GLU F 275 45.95 -48.73 45.17
CA GLU F 275 46.33 -50.04 44.73
C GLU F 275 45.30 -50.52 43.74
N ASP F 276 45.74 -51.28 42.74
CA ASP F 276 44.86 -51.65 41.66
C ASP F 276 44.10 -52.94 41.91
N PHE F 277 42.91 -52.83 42.48
CA PHE F 277 42.03 -53.98 42.66
C PHE F 277 40.83 -53.82 41.72
N THR F 278 41.06 -53.22 40.55
CA THR F 278 40.01 -53.04 39.56
C THR F 278 39.75 -54.32 38.80
N GLY F 279 38.74 -54.32 37.95
CA GLY F 279 38.39 -55.50 37.17
C GLY F 279 36.97 -55.98 37.37
N LYS F 280 36.45 -56.70 36.39
CA LYS F 280 35.14 -57.31 36.50
C LYS F 280 35.26 -58.68 37.18
N LEU F 281 35.31 -58.69 38.51
CA LEU F 281 35.31 -59.93 39.27
C LEU F 281 33.87 -60.36 39.53
N PRO F 282 33.65 -61.61 39.95
CA PRO F 282 32.32 -61.92 40.48
C PRO F 282 32.09 -61.02 41.69
N LEU F 283 30.86 -60.58 41.90
CA LEU F 283 30.59 -59.60 42.97
C LEU F 283 31.01 -59.99 44.39
N GLN F 284 30.88 -61.26 44.71
CA GLN F 284 31.15 -61.70 46.06
C GLN F 284 32.55 -61.34 46.55
N GLU F 285 33.55 -61.46 45.69
CA GLU F 285 34.91 -61.15 46.11
C GLU F 285 35.06 -59.67 46.46
N ARG F 286 34.21 -58.83 45.87
CA ARG F 286 34.12 -57.42 46.30
C ARG F 286 33.58 -57.33 47.72
N VAL F 287 32.52 -58.10 47.99
CA VAL F 287 31.96 -58.21 49.33
C VAL F 287 33.03 -58.67 50.32
N ASN F 288 33.79 -59.70 49.93
CA ASN F 288 34.79 -60.28 50.84
C ASN F 288 35.88 -59.29 51.20
N LEU F 289 36.27 -58.46 50.23
CA LEU F 289 37.31 -57.45 50.44
C LEU F 289 36.78 -56.32 51.28
N LEU F 290 35.59 -55.84 50.90
CA LEU F 290 34.88 -54.78 51.58
C LEU F 290 34.67 -55.10 53.06
N ARG F 291 34.22 -56.34 53.34
CA ARG F 291 33.87 -56.73 54.70
C ARG F 291 34.90 -56.37 55.80
N HIS F 292 36.17 -56.47 55.46
CA HIS F 292 37.23 -56.19 56.44
C HIS F 292 37.91 -54.87 56.25
N ALA F 293 37.32 -54.02 55.42
CA ALA F 293 37.85 -52.68 55.22
C ALA F 293 37.46 -51.84 56.44
N SER F 294 38.35 -50.97 56.88
CA SER F 294 38.03 -50.05 57.98
C SER F 294 36.82 -49.24 57.59
N PHE F 295 36.80 -48.77 56.34
CA PHE F 295 35.65 -48.06 55.77
C PHE F 295 35.78 -47.90 54.23
N PHE F 296 34.78 -47.28 53.61
CA PHE F 296 34.72 -47.17 52.16
C PHE F 296 34.45 -45.73 51.74
N ILE F 297 35.05 -45.31 50.65
CA ILE F 297 34.79 -43.98 50.10
C ILE F 297 34.35 -44.11 48.67
N GLY F 298 33.17 -43.58 48.36
CA GLY F 298 32.62 -43.76 47.04
C GLY F 298 31.66 -42.70 46.55
N LEU F 299 30.99 -43.04 45.47
CA LEU F 299 30.11 -42.14 44.79
C LEU F 299 28.69 -42.71 44.85
N PRO F 300 27.69 -41.93 44.38
CA PRO F 300 26.32 -42.41 44.43
C PRO F 300 26.05 -43.61 43.50
N SER F 301 27.10 -44.14 42.89
CA SER F 301 27.03 -45.39 42.09
C SER F 301 26.85 -46.64 42.96
N GLY F 302 26.66 -47.77 42.29
CA GLY F 302 26.42 -49.05 42.93
C GLY F 302 27.31 -49.55 44.06
N LEU F 303 28.64 -49.45 43.92
CA LEU F 303 29.53 -50.02 44.96
C LEU F 303 29.28 -49.50 46.35
N SER F 304 28.71 -48.28 46.44
CA SER F 304 28.40 -47.67 47.74
C SER F 304 27.28 -48.41 48.45
N TRP F 305 26.31 -48.91 47.68
CA TRP F 305 25.24 -49.78 48.19
C TRP F 305 25.75 -51.13 48.63
N LEU F 306 26.75 -51.65 47.93
CA LEU F 306 27.36 -52.92 48.31
C LEU F 306 28.13 -52.73 49.59
N ALA F 307 28.95 -51.68 49.62
CA ALA F 307 29.70 -51.32 50.82
C ALA F 307 28.78 -51.12 52.01
N TRP F 308 27.61 -50.54 51.77
CA TRP F 308 26.67 -50.27 52.83
C TRP F 308 26.22 -51.55 53.45
N ALA F 309 25.81 -52.50 52.60
CA ALA F 309 25.31 -53.81 53.04
C ALA F 309 26.33 -54.69 53.75
N THR F 310 27.62 -54.43 53.55
CA THR F 310 28.66 -55.18 54.26
C THR F 310 28.90 -54.60 55.65
N ARG F 311 28.05 -53.68 56.06
CA ARG F 311 28.10 -53.16 57.44
C ARG F 311 29.36 -52.38 57.81
N ILE F 312 30.01 -51.72 56.86
CA ILE F 312 31.15 -50.86 57.19
C ILE F 312 30.78 -49.38 56.93
N PRO F 313 31.42 -48.46 57.64
CA PRO F 313 31.10 -47.05 57.41
C PRO F 313 31.33 -46.62 55.95
N VAL F 314 30.42 -45.82 55.42
CA VAL F 314 30.52 -45.36 54.06
C VAL F 314 30.61 -43.83 53.96
N VAL F 315 31.73 -43.34 53.43
CA VAL F 315 31.85 -41.94 53.09
C VAL F 315 31.36 -41.76 51.65
N LEU F 316 30.25 -41.05 51.48
CA LEU F 316 29.60 -40.93 50.17
C LEU F 316 29.68 -39.50 49.72
N ILE F 317 30.39 -39.27 48.63
CA ILE F 317 30.59 -37.94 48.08
C ILE F 317 29.65 -37.75 46.89
N SER F 318 28.76 -36.78 46.98
CA SER F 318 27.86 -36.51 45.86
C SER F 318 27.29 -35.12 45.91
N GLY F 319 27.32 -34.43 44.77
CA GLY F 319 26.79 -33.08 44.64
C GLY F 319 25.62 -33.00 43.67
N PHE F 320 25.56 -33.95 42.74
CA PHE F 320 24.49 -33.91 41.78
C PHE F 320 23.16 -34.44 42.32
N SER F 321 23.21 -35.12 43.46
CA SER F 321 22.00 -35.58 44.12
C SER F 321 21.99 -35.06 45.55
N LEU F 322 20.81 -34.87 46.12
CA LEU F 322 20.69 -34.39 47.53
C LEU F 322 21.05 -35.48 48.53
N PRO F 323 21.46 -35.09 49.73
CA PRO F 323 21.78 -36.09 50.77
C PRO F 323 20.70 -37.18 50.93
N ASN F 324 19.42 -36.81 50.93
CA ASN F 324 18.34 -37.79 51.16
C ASN F 324 18.06 -38.71 49.96
N SER F 325 18.82 -38.54 48.89
CA SER F 325 18.58 -39.27 47.65
C SER F 325 19.14 -40.71 47.73
N GLU F 326 20.09 -40.93 48.64
CA GLU F 326 20.66 -42.26 48.86
C GLU F 326 20.41 -42.67 50.31
N PHE F 327 21.01 -43.78 50.73
CA PHE F 327 20.82 -44.26 52.09
C PHE F 327 21.46 -43.29 53.05
N TYR F 328 21.05 -43.32 54.31
CA TYR F 328 21.59 -42.41 55.29
C TYR F 328 22.98 -42.84 55.72
N THR F 329 23.90 -41.88 55.80
CA THR F 329 25.20 -42.11 56.39
C THR F 329 25.69 -40.82 57.03
N PRO F 330 26.21 -40.90 58.24
CA PRO F 330 26.70 -39.68 58.87
C PRO F 330 27.89 -39.11 58.14
N TRP F 331 28.47 -39.89 57.22
CA TRP F 331 29.68 -39.48 56.49
C TRP F 331 29.36 -39.04 55.10
N ARG F 332 28.12 -38.61 54.87
CA ARG F 332 27.72 -38.07 53.58
C ARG F 332 28.41 -36.70 53.37
N VAL F 333 28.99 -36.50 52.20
CA VAL F 333 29.64 -35.23 51.86
C VAL F 333 28.88 -34.52 50.78
N PHE F 334 28.62 -33.24 51.00
CA PHE F 334 27.74 -32.46 50.14
C PHE F 334 28.07 -30.99 50.35
N ASN F 335 28.01 -30.21 49.28
CA ASN F 335 28.28 -28.78 49.41
C ASN F 335 27.08 -27.98 48.92
N SER F 336 26.60 -27.04 49.73
CA SER F 336 25.35 -26.33 49.40
C SER F 336 25.50 -24.92 48.88
N HIS F 337 26.71 -24.49 48.61
CA HIS F 337 26.95 -23.11 48.17
C HIS F 337 26.82 -22.77 46.68
N GLY F 338 26.59 -23.76 45.80
CA GLY F 338 26.50 -23.50 44.32
C GLY F 338 25.43 -24.36 43.68
N CYS F 339 25.60 -24.82 42.42
CA CYS F 339 24.64 -25.79 41.83
C CYS F 339 24.73 -27.10 42.67
N TYR F 340 23.60 -27.74 42.91
CA TYR F 340 23.56 -29.08 43.46
C TYR F 340 22.22 -29.74 43.10
N GLY F 341 22.15 -31.06 43.21
CA GLY F 341 20.89 -31.75 43.00
C GLY F 341 20.24 -31.73 41.63
N CYS F 342 21.04 -31.69 40.57
CA CYS F 342 20.58 -31.83 39.16
C CYS F 342 19.54 -33.01 39.19
N TRP F 343 19.98 -34.13 39.76
CA TRP F 343 19.26 -35.41 39.76
C TRP F 343 17.89 -35.47 40.40
N ASP F 344 17.70 -34.72 41.48
CA ASP F 344 16.43 -34.74 42.20
C ASP F 344 15.41 -33.73 41.69
N ASP F 345 15.85 -32.78 40.87
CA ASP F 345 15.01 -31.67 40.42
C ASP F 345 13.94 -32.09 39.40
N THR F 346 12.68 -31.99 39.80
CA THR F 346 11.57 -32.45 38.94
C THR F 346 11.30 -31.58 37.72
N SER F 347 11.92 -30.41 37.64
CA SER F 347 11.73 -29.54 36.47
C SER F 347 12.72 -29.88 35.36
N LEU F 348 13.72 -30.71 35.66
CA LEU F 348 14.73 -31.11 34.69
C LEU F 348 14.53 -32.56 34.27
N ASN F 349 15.28 -33.01 33.26
CA ASN F 349 15.24 -34.42 32.84
C ASN F 349 16.60 -35.03 32.56
N PHE F 350 16.91 -36.09 33.28
CA PHE F 350 18.15 -36.83 33.07
C PHE F 350 18.25 -37.35 31.62
N ASP F 351 19.43 -37.19 31.03
CA ASP F 351 19.69 -37.66 29.65
C ASP F 351 20.57 -38.91 29.68
N HIS F 352 20.00 -40.05 29.30
CA HIS F 352 20.74 -41.31 29.36
C HIS F 352 21.79 -41.40 28.29
N HIS F 353 21.69 -40.54 27.29
CA HIS F 353 22.58 -40.58 26.12
C HIS F 353 23.72 -39.58 26.17
N ASP F 354 23.71 -38.71 27.16
CA ASP F 354 24.75 -37.71 27.30
C ASP F 354 25.58 -38.00 28.56
N PHE F 355 26.79 -38.49 28.37
CA PHE F 355 27.70 -38.81 29.46
C PHE F 355 28.17 -37.53 30.16
N LEU F 356 28.16 -36.41 29.45
CA LEU F 356 28.59 -35.13 30.02
C LEU F 356 27.41 -34.22 30.43
N TRP F 357 26.30 -34.85 30.78
CA TRP F 357 25.11 -34.13 31.21
C TRP F 357 25.33 -33.20 32.40
N CYS F 358 25.06 -31.90 32.23
CA CYS F 358 24.90 -30.94 33.32
C CYS F 358 23.84 -29.95 32.85
N PRO F 359 22.53 -30.24 33.13
CA PRO F 359 21.43 -29.40 32.63
C PRO F 359 21.63 -27.91 32.85
N ARG F 360 22.10 -27.52 34.02
CA ARG F 360 22.18 -26.10 34.33
C ARG F 360 23.44 -25.37 33.91
N HIS F 361 24.55 -26.09 33.71
CA HIS F 361 25.81 -25.42 33.37
C HIS F 361 26.68 -26.06 32.29
N LYS F 362 26.14 -27.05 31.57
CA LYS F 362 26.92 -27.67 30.50
C LYS F 362 27.60 -26.63 29.60
N ASN F 363 28.85 -26.91 29.23
CA ASN F 363 29.62 -26.08 28.32
C ASN F 363 29.88 -24.70 28.82
N THR F 364 30.08 -24.55 30.13
CA THR F 364 30.40 -23.27 30.72
C THR F 364 31.44 -23.47 31.80
N ASP F 365 31.86 -22.36 32.40
CA ASP F 365 32.83 -22.34 33.48
C ASP F 365 32.36 -23.14 34.68
N ARG F 366 31.05 -23.23 34.84
CA ARG F 366 30.48 -23.77 36.06
C ARG F 366 30.09 -25.23 35.93
N GLN F 367 30.36 -25.82 34.79
CA GLN F 367 30.05 -27.22 34.61
C GLN F 367 30.64 -28.06 35.75
N PHE F 368 29.80 -28.91 36.33
CA PHE F 368 30.11 -29.78 37.45
C PHE F 368 30.59 -29.09 38.72
N GLU F 369 30.19 -27.84 38.89
CA GLU F 369 30.43 -27.11 40.13
C GLU F 369 29.86 -27.94 41.28
N CYS F 370 28.94 -28.86 40.94
CA CYS F 370 28.28 -29.77 41.89
C CYS F 370 29.39 -30.29 42.85
N THR F 371 30.52 -30.71 42.25
CA THR F 371 31.56 -31.45 42.95
C THR F 371 32.91 -30.78 43.03
N ARG F 372 33.18 -29.84 42.13
CA ARG F 372 34.37 -29.00 42.23
C ARG F 372 34.40 -28.20 43.53
N LEU F 373 33.25 -27.82 44.06
CA LEU F 373 33.20 -27.18 45.36
C LEU F 373 33.53 -28.12 46.53
N ILE F 374 33.43 -29.42 46.32
CA ILE F 374 33.80 -30.34 47.40
C ILE F 374 35.31 -30.56 47.37
N THR F 375 36.00 -29.94 48.29
CA THR F 375 37.45 -30.01 48.32
C THR F 375 37.97 -31.26 49.01
N GLY F 376 39.26 -31.53 48.82
CA GLY F 376 39.93 -32.61 49.51
C GLY F 376 39.88 -32.36 51.00
N ALA F 377 40.08 -31.10 51.40
CA ALA F 377 40.02 -30.69 52.80
C ALA F 377 38.67 -31.04 53.41
N GLN F 378 37.59 -30.76 52.66
CA GLN F 378 36.27 -31.07 53.17
C GLN F 378 36.12 -32.57 53.39
N VAL F 379 36.57 -33.38 52.42
CA VAL F 379 36.43 -34.82 52.59
C VAL F 379 37.33 -35.33 53.70
N ASN F 380 38.53 -34.76 53.80
CA ASN F 380 39.46 -35.17 54.85
C ASN F 380 38.96 -34.79 56.23
N GLY F 381 38.21 -33.69 56.32
CA GLY F 381 37.59 -33.30 57.57
C GLY F 381 36.63 -34.37 58.03
N VAL F 382 35.81 -34.86 57.10
CA VAL F 382 34.89 -35.95 57.41
C VAL F 382 35.65 -37.22 57.76
N ILE F 383 36.69 -37.55 56.99
CA ILE F 383 37.50 -38.73 57.29
C ILE F 383 38.10 -38.64 58.69
N ASN F 384 38.59 -37.47 59.05
CA ASN F 384 39.11 -37.25 60.40
C ASN F 384 38.13 -37.59 61.52
N LYS F 385 36.88 -37.15 61.38
CA LYS F 385 35.84 -37.45 62.36
C LYS F 385 35.59 -38.96 62.45
N LEU F 386 35.45 -39.60 61.29
CA LEU F 386 35.22 -41.02 61.22
C LEU F 386 36.40 -41.78 61.80
N HIS F 387 37.60 -41.33 61.48
CA HIS F 387 38.80 -41.96 62.00
C HIS F 387 38.85 -41.91 63.50
N ARG F 388 38.62 -40.71 64.04
CA ARG F 388 38.61 -40.48 65.49
C ARG F 388 37.59 -41.42 66.17
N SER F 389 36.39 -41.48 65.62
CA SER F 389 35.35 -42.36 66.14
C SER F 389 35.76 -43.84 66.11
N LEU F 390 36.52 -44.23 65.09
CA LEU F 390 36.89 -45.63 64.93
C LEU F 390 38.02 -46.04 65.89
N THR F 391 38.98 -45.13 66.11
CA THR F 391 40.07 -45.45 67.02
C THR F 391 39.58 -45.51 68.48
N GLU F 392 38.69 -44.60 68.85
CA GLU F 392 38.01 -44.71 70.15
C GLU F 392 36.68 -45.37 69.87
N GLN F 393 36.40 -46.53 70.47
CA GLN F 393 35.03 -47.09 70.39
C GLN F 393 34.35 -47.37 69.02
N GLY F 394 34.95 -48.17 68.14
CA GLY F 394 34.49 -48.20 66.76
C GLY F 394 33.07 -48.59 66.34
N VAL F 395 32.47 -49.70 66.80
CA VAL F 395 31.02 -49.84 66.57
C VAL F 395 30.22 -48.53 66.43
N THR G 11 46.37 -44.69 -13.95
CA THR G 11 45.12 -45.48 -14.36
C THR G 11 45.19 -46.90 -13.78
N PRO G 12 44.44 -47.15 -12.70
CA PRO G 12 44.55 -48.44 -12.08
C PRO G 12 43.82 -49.53 -12.88
N PRO G 13 44.25 -50.80 -12.70
CA PRO G 13 43.62 -51.91 -13.38
C PRO G 13 42.11 -51.84 -13.25
N ASP G 14 41.40 -52.38 -14.23
CA ASP G 14 39.93 -52.39 -14.23
C ASP G 14 39.39 -53.34 -13.18
N THR G 15 40.21 -54.32 -12.84
CA THR G 15 39.88 -55.31 -11.85
C THR G 15 41.07 -55.41 -10.90
N PRO G 16 40.80 -55.41 -9.59
CA PRO G 16 41.88 -55.52 -8.61
C PRO G 16 42.78 -56.73 -8.85
N THR G 17 44.08 -56.54 -8.64
CA THR G 17 45.06 -57.55 -9.01
C THR G 17 45.21 -58.71 -8.06
N GLN G 18 44.46 -58.67 -6.96
CA GLN G 18 44.33 -59.78 -6.03
C GLN G 18 42.88 -60.27 -6.10
N ALA G 19 42.67 -61.57 -6.22
CA ALA G 19 43.63 -62.59 -5.81
C ALA G 19 43.27 -63.10 -4.41
N GLY G 20 42.20 -62.55 -3.85
CA GLY G 20 41.61 -63.09 -2.63
C GLY G 20 40.95 -64.42 -2.97
N PRO G 21 40.93 -65.33 -2.00
CA PRO G 21 40.66 -66.74 -2.26
C PRO G 21 39.28 -67.06 -2.85
N GLU G 22 38.28 -66.33 -2.38
CA GLU G 22 36.98 -66.21 -3.04
C GLU G 22 37.19 -65.31 -4.25
N ASN G 23 36.16 -65.19 -5.07
CA ASN G 23 36.24 -64.52 -6.37
C ASN G 23 36.66 -63.05 -6.32
N ILE G 24 36.17 -62.33 -5.32
CA ILE G 24 36.43 -60.90 -5.24
C ILE G 24 37.93 -60.60 -5.12
N PHE G 25 38.38 -59.57 -5.83
CA PHE G 25 39.79 -59.19 -5.88
C PHE G 25 40.07 -57.85 -5.21
N TYR G 26 41.11 -57.82 -4.39
CA TYR G 26 41.48 -56.65 -3.62
C TYR G 26 42.77 -56.02 -4.13
N ASP G 27 42.91 -54.72 -3.87
CA ASP G 27 43.97 -53.94 -4.48
C ASP G 27 44.45 -52.83 -3.58
N PHE G 28 45.61 -52.28 -3.94
CA PHE G 28 46.16 -51.09 -3.28
C PHE G 28 46.62 -50.08 -4.32
N ASN G 29 46.22 -50.31 -5.57
CA ASN G 29 46.71 -49.47 -6.66
C ASN G 29 46.25 -48.02 -6.72
N ASP G 30 44.93 -47.78 -6.63
CA ASP G 30 44.44 -46.41 -6.49
C ASP G 30 44.76 -45.90 -5.10
N GLY G 31 44.45 -46.77 -4.15
CA GLY G 31 44.74 -46.61 -2.75
C GLY G 31 43.90 -47.69 -2.11
N ALA G 32 44.29 -48.95 -2.32
CA ALA G 32 43.45 -50.06 -1.91
C ALA G 32 42.32 -50.25 -2.92
N ARG G 33 41.31 -51.02 -2.51
CA ARG G 33 40.15 -51.32 -3.31
C ARG G 33 39.72 -52.78 -3.11
N VAL G 34 38.42 -52.99 -2.91
CA VAL G 34 37.88 -54.35 -2.90
C VAL G 34 36.68 -54.39 -3.83
N LEU G 35 36.58 -55.47 -4.61
CA LEU G 35 35.42 -55.68 -5.47
C LEU G 35 34.77 -57.00 -5.04
N LEU G 36 33.46 -56.96 -4.81
CA LEU G 36 32.76 -58.15 -4.29
C LEU G 36 31.60 -58.55 -5.21
N PRO G 37 31.50 -59.84 -5.47
CA PRO G 37 30.42 -60.41 -6.28
C PRO G 37 29.10 -60.31 -5.52
N GLU G 38 28.00 -60.46 -6.24
CA GLU G 38 26.69 -60.13 -5.70
C GLU G 38 26.31 -60.94 -4.48
N GLY G 39 25.54 -60.32 -3.60
CA GLY G 39 25.21 -60.85 -2.29
C GLY G 39 25.88 -60.02 -1.22
N LYS G 40 25.25 -59.94 -0.06
CA LYS G 40 25.68 -59.02 0.99
C LYS G 40 27.01 -59.37 1.66
N TRP G 41 27.79 -58.33 1.97
CA TRP G 41 28.94 -58.43 2.85
C TRP G 41 29.19 -57.11 3.59
N HIS G 42 29.90 -57.18 4.71
CA HIS G 42 30.24 -55.99 5.49
C HIS G 42 31.74 -55.75 5.43
N VAL G 43 32.15 -54.53 5.09
CA VAL G 43 33.58 -54.25 4.87
C VAL G 43 34.15 -53.29 5.89
N ARG G 44 35.38 -53.55 6.27
CA ARG G 44 36.06 -52.83 7.31
C ARG G 44 37.46 -52.44 6.79
N LEU G 45 37.76 -51.13 6.79
CA LEU G 45 39.10 -50.67 6.42
C LEU G 45 39.81 -50.18 7.65
N LEU G 46 41.01 -50.70 7.92
CA LEU G 46 41.75 -50.32 9.11
C LEU G 46 43.13 -49.79 8.81
N ASP G 47 43.67 -49.04 9.76
CA ASP G 47 45.03 -48.62 9.70
C ASP G 47 45.76 -49.58 10.63
N ALA G 48 46.55 -50.48 10.06
CA ALA G 48 47.30 -51.45 10.85
C ALA G 48 48.18 -50.82 11.92
N ASP G 49 48.74 -49.63 11.63
CA ASP G 49 49.64 -48.96 12.58
C ASP G 49 48.95 -48.47 13.86
N SER G 50 47.74 -47.95 13.72
CA SER G 50 46.97 -47.43 14.86
C SER G 50 45.84 -48.36 15.28
N GLU G 51 45.45 -49.26 14.38
CA GLU G 51 44.31 -50.17 14.60
C GLU G 51 42.97 -49.46 14.52
N ASN G 52 42.98 -48.23 14.06
CA ASN G 52 41.76 -47.46 13.91
C ASN G 52 40.92 -47.99 12.75
N ILE G 53 39.59 -47.99 12.92
CA ILE G 53 38.67 -48.30 11.83
C ILE G 53 38.43 -47.05 10.99
N LEU G 54 39.04 -47.00 9.81
CA LEU G 54 38.97 -45.83 8.94
C LEU G 54 37.61 -45.66 8.28
N PHE G 55 37.09 -46.77 7.79
CA PHE G 55 35.79 -46.78 7.11
C PHE G 55 35.08 -48.11 7.32
N CYS G 56 33.76 -48.05 7.39
CA CYS G 56 32.96 -49.19 7.77
C CYS G 56 31.58 -49.09 7.11
N CYS G 57 31.13 -50.16 6.45
CA CYS G 57 29.82 -50.13 5.76
C CYS G 57 29.30 -51.50 5.31
N ASP G 58 28.03 -51.55 4.91
CA ASP G 58 27.47 -52.75 4.30
C ASP G 58 27.16 -52.48 2.82
N VAL G 59 27.78 -53.23 1.91
CA VAL G 59 27.51 -53.01 0.50
C VAL G 59 27.11 -54.28 -0.22
N ASP G 60 25.88 -54.32 -0.72
CA ASP G 60 25.41 -55.49 -1.44
C ASP G 60 26.21 -55.71 -2.72
N LYS G 61 26.52 -54.62 -3.41
CA LYS G 61 27.23 -54.69 -4.69
C LYS G 61 28.18 -53.52 -4.91
N GLY G 62 29.14 -53.71 -5.80
CA GLY G 62 30.05 -52.66 -6.21
C GLY G 62 31.34 -52.46 -5.43
N TRP G 63 32.08 -51.44 -5.85
CA TRP G 63 33.42 -51.15 -5.34
C TRP G 63 33.37 -50.39 -4.02
N VAL G 64 34.18 -50.82 -3.06
CA VAL G 64 34.36 -50.06 -1.82
C VAL G 64 35.85 -49.67 -1.74
N THR G 65 36.13 -48.37 -1.66
CA THR G 65 37.52 -47.90 -1.67
C THR G 65 37.79 -46.82 -0.63
N SER G 66 39.01 -46.77 -0.13
CA SER G 66 39.40 -45.80 0.91
C SER G 66 39.39 -44.37 0.33
N SER G 67 38.98 -43.40 1.14
CA SER G 67 39.01 -42.02 0.67
C SER G 67 40.48 -41.49 0.60
N LYS G 68 41.33 -42.03 1.48
CA LYS G 68 42.77 -41.69 1.45
C LYS G 68 43.50 -42.46 0.37
N LYS G 69 44.29 -41.76 -0.43
CA LYS G 69 45.02 -42.36 -1.55
C LYS G 69 46.53 -42.40 -1.33
N TYR G 70 47.03 -41.78 -0.27
CA TYR G 70 48.49 -41.76 -0.04
C TYR G 70 48.83 -43.02 0.73
N PHE G 71 50.11 -43.21 1.05
CA PHE G 71 50.50 -44.41 1.77
C PHE G 71 49.86 -44.56 3.14
N VAL G 72 49.17 -45.68 3.34
CA VAL G 72 48.77 -46.10 4.66
C VAL G 72 48.88 -47.61 4.76
N ARG G 73 49.35 -48.12 5.89
CA ARG G 73 49.39 -49.57 6.10
C ARG G 73 47.95 -50.11 6.23
N PHE G 74 47.19 -50.10 5.14
CA PHE G 74 45.80 -50.52 5.20
C PHE G 74 45.63 -51.97 5.60
N ARG G 75 44.47 -52.28 6.16
CA ARG G 75 44.11 -53.64 6.51
C ARG G 75 42.67 -53.82 6.05
N ILE G 76 42.48 -54.68 5.05
CA ILE G 76 41.14 -54.92 4.51
C ILE G 76 40.49 -56.13 5.17
N GLN G 77 39.24 -55.95 5.63
CA GLN G 77 38.46 -57.01 6.25
C GLN G 77 37.10 -57.09 5.60
N VAL G 78 36.76 -58.30 5.13
CA VAL G 78 35.47 -58.56 4.53
C VAL G 78 34.71 -59.53 5.40
N PHE G 79 33.52 -59.13 5.83
CA PHE G 79 32.69 -59.95 6.70
C PHE G 79 31.46 -60.41 5.94
N ARG G 80 31.03 -61.64 6.21
CA ARG G 80 29.70 -62.08 5.87
C ARG G 80 28.79 -61.39 6.89
N GLN G 81 27.61 -60.97 6.48
CA GLN G 81 26.71 -60.26 7.44
C GLN G 81 26.66 -60.91 8.81
N GLY G 82 26.73 -60.11 9.87
CA GLY G 82 26.57 -60.64 11.22
C GLY G 82 27.45 -61.83 11.62
N ALA G 83 28.43 -62.17 10.78
CA ALA G 83 29.42 -63.19 11.18
C ALA G 83 30.39 -62.54 12.17
N ALA G 84 31.07 -63.34 12.98
CA ALA G 84 31.99 -62.80 13.98
C ALA G 84 33.42 -62.78 13.45
N THR G 85 33.74 -63.76 12.61
CA THR G 85 35.05 -63.87 12.00
C THR G 85 35.04 -63.40 10.53
N PRO G 86 36.11 -62.72 10.08
CA PRO G 86 36.08 -62.25 8.69
C PRO G 86 36.55 -63.30 7.67
N LEU G 87 36.02 -63.21 6.45
CA LEU G 87 36.45 -64.05 5.31
C LEU G 87 37.85 -63.65 4.87
N LEU G 88 37.98 -62.38 4.52
CA LEU G 88 39.26 -61.76 4.12
C LEU G 88 39.80 -60.90 5.24
N ASP G 89 41.10 -61.04 5.49
CA ASP G 89 41.76 -60.16 6.44
C ASP G 89 43.19 -59.93 6.00
N GLU G 90 43.37 -59.12 4.96
CA GLU G 90 44.68 -58.87 4.39
C GLU G 90 45.27 -57.51 4.75
N THR G 91 46.53 -57.51 5.15
CA THR G 91 47.24 -56.30 5.51
C THR G 91 48.30 -56.01 4.45
N LEU G 92 48.36 -54.75 4.03
CA LEU G 92 49.35 -54.33 3.06
C LEU G 92 50.77 -54.70 3.50
N LYS G 93 51.45 -55.45 2.65
CA LYS G 93 52.85 -55.79 2.89
C LYS G 93 53.52 -55.75 1.55
N LEU G 94 54.47 -54.83 1.41
CA LEU G 94 55.05 -54.53 0.11
C LEU G 94 56.32 -55.29 -0.21
N LYS G 95 56.90 -55.99 0.78
CA LYS G 95 58.16 -56.67 0.56
C LYS G 95 58.10 -57.59 -0.66
N ASP G 96 59.07 -57.41 -1.57
CA ASP G 96 59.18 -58.23 -2.79
C ASP G 96 57.97 -58.18 -3.71
N ARG G 97 57.26 -57.07 -3.74
CA ARG G 97 56.02 -56.97 -4.52
C ARG G 97 56.06 -55.82 -5.52
N PRO G 98 55.29 -55.95 -6.62
CA PRO G 98 55.30 -54.92 -7.65
C PRO G 98 54.57 -53.65 -7.20
N VAL G 99 55.31 -52.56 -7.06
CA VAL G 99 54.72 -51.28 -6.72
C VAL G 99 55.01 -50.27 -7.81
N LEU G 100 54.05 -49.42 -8.06
CA LEU G 100 54.17 -48.39 -9.07
C LEU G 100 54.06 -47.00 -8.42
N ILE G 101 55.07 -46.17 -8.67
CA ILE G 101 55.00 -44.75 -8.29
C ILE G 101 54.88 -43.92 -9.56
N SER G 102 53.74 -43.27 -9.73
CA SER G 102 53.47 -42.54 -10.95
C SER G 102 53.59 -41.04 -10.77
N PHE G 103 54.58 -40.45 -11.43
CA PHE G 103 54.74 -39.01 -11.42
C PHE G 103 54.02 -38.43 -12.61
N PRO G 104 53.62 -37.15 -12.55
CA PRO G 104 53.03 -36.52 -13.74
C PRO G 104 54.16 -36.07 -14.64
N THR G 105 53.82 -35.56 -15.82
CA THR G 105 54.83 -35.08 -16.74
C THR G 105 55.12 -33.62 -16.39
N GLY G 106 55.13 -33.32 -15.09
CA GLY G 106 55.38 -31.96 -14.62
C GLY G 106 56.77 -31.47 -14.95
N THR G 107 57.04 -30.23 -14.59
CA THR G 107 58.34 -29.63 -14.88
C THR G 107 59.50 -30.37 -14.19
N LEU G 108 60.71 -29.95 -14.54
CA LEU G 108 61.95 -30.51 -13.99
C LEU G 108 62.06 -30.43 -12.48
N GLY G 109 61.75 -29.26 -11.93
CA GLY G 109 61.96 -28.98 -10.51
C GLY G 109 61.10 -29.86 -9.65
N ASP G 110 59.91 -30.17 -10.14
CA ASP G 110 58.99 -31.04 -9.45
C ASP G 110 59.61 -32.40 -9.23
N LEU G 111 60.04 -33.01 -10.34
CA LEU G 111 60.58 -34.35 -10.35
C LEU G 111 61.89 -34.51 -9.61
N LEU G 112 62.80 -33.57 -9.81
CA LEU G 112 64.07 -33.60 -9.11
C LEU G 112 63.85 -33.50 -7.63
N GLY G 113 62.79 -32.81 -7.24
CA GLY G 113 62.50 -32.57 -5.84
C GLY G 113 61.89 -33.80 -5.21
N TRP G 114 60.94 -34.39 -5.91
CA TRP G 114 60.26 -35.59 -5.44
C TRP G 114 61.04 -36.86 -5.47
N PHE G 115 61.90 -37.04 -6.47
CA PHE G 115 62.43 -38.37 -6.72
C PHE G 115 63.13 -39.06 -5.57
N PRO G 116 63.98 -38.35 -4.86
CA PRO G 116 64.73 -39.01 -3.80
C PRO G 116 63.82 -39.74 -2.82
N TYR G 117 62.58 -39.28 -2.67
CA TYR G 117 61.65 -39.88 -1.72
C TYR G 117 61.22 -41.23 -2.20
N ALA G 118 61.19 -41.42 -3.51
CA ALA G 118 60.83 -42.70 -4.11
C ALA G 118 61.94 -43.70 -3.84
N GLU G 119 63.19 -43.28 -3.93
CA GLU G 119 64.25 -44.19 -3.56
C GLU G 119 64.17 -44.58 -2.09
N ARG G 120 63.80 -43.64 -1.24
CA ARG G 120 63.68 -43.93 0.19
C ARG G 120 62.58 -44.92 0.49
N PHE G 121 61.49 -44.81 -0.26
CA PHE G 121 60.35 -45.70 -0.11
C PHE G 121 60.75 -47.14 -0.43
N GLN G 122 61.64 -47.26 -1.41
CA GLN G 122 62.15 -48.55 -1.84
C GLN G 122 63.07 -49.18 -0.80
N SER G 123 64.02 -48.41 -0.30
CA SER G 123 64.96 -48.92 0.67
C SER G 123 64.25 -49.31 1.94
N LEU G 124 63.15 -48.64 2.22
CA LEU G 124 62.41 -48.90 3.43
C LEU G 124 61.62 -50.20 3.33
N HIS G 125 60.87 -50.34 2.24
CA HIS G 125 59.97 -51.47 2.07
C HIS G 125 60.54 -52.64 1.33
N LYS G 126 61.70 -52.48 0.71
CA LYS G 126 62.34 -53.56 -0.05
C LYS G 126 61.37 -54.16 -1.08
N CYS G 127 60.73 -53.29 -1.84
CA CYS G 127 59.79 -53.73 -2.86
C CYS G 127 60.42 -53.69 -4.24
N ARG G 128 59.67 -54.17 -5.23
CA ARG G 128 60.06 -54.12 -6.64
C ARG G 128 59.39 -52.91 -7.23
N LEU G 129 60.14 -51.82 -7.34
CA LEU G 129 59.57 -50.54 -7.67
C LEU G 129 59.77 -50.11 -9.11
N GLU G 130 58.68 -49.71 -9.76
CA GLU G 130 58.75 -49.12 -11.07
C GLU G 130 58.22 -47.68 -11.01
N CYS G 131 58.94 -46.74 -11.63
CA CYS G 131 58.53 -45.34 -11.68
C CYS G 131 58.22 -44.89 -13.09
N THR G 132 57.16 -44.11 -13.24
CA THR G 132 56.77 -43.61 -14.55
C THR G 132 56.95 -42.09 -14.66
N MSE G 133 57.65 -41.65 -15.70
CA MSE G 133 57.94 -40.24 -15.90
C MSE G 133 58.41 -40.00 -17.30
O MSE G 133 58.64 -40.94 -18.05
CB MSE G 133 59.06 -39.85 -14.97
CG MSE G 133 60.19 -40.86 -15.05
SE MSE G 133 61.43 -40.48 -13.57
CE MSE G 133 62.97 -39.88 -14.65
N SER G 134 58.53 -38.75 -17.70
CA SER G 134 58.99 -38.44 -19.04
C SER G 134 60.38 -39.06 -19.32
N GLN G 135 60.62 -39.38 -20.59
CA GLN G 135 61.87 -40.02 -21.03
C GLN G 135 63.09 -39.19 -20.68
N ASP G 136 62.87 -37.89 -20.75
CA ASP G 136 63.82 -36.83 -20.49
C ASP G 136 64.59 -37.03 -19.16
N ILE G 137 63.83 -37.34 -18.12
CA ILE G 137 64.33 -37.46 -16.77
C ILE G 137 64.92 -38.84 -16.60
N ILE G 138 64.28 -39.84 -17.22
CA ILE G 138 64.78 -41.21 -17.18
C ILE G 138 66.23 -41.27 -17.64
N ASP G 139 66.53 -40.58 -18.74
CA ASP G 139 67.90 -40.56 -19.27
C ASP G 139 68.87 -39.96 -18.27
N LEU G 140 68.38 -39.01 -17.49
CA LEU G 140 69.19 -38.28 -16.54
C LEU G 140 69.49 -39.09 -15.26
N LEU G 141 68.49 -39.85 -14.81
CA LEU G 141 68.56 -40.51 -13.51
C LEU G 141 68.83 -42.01 -13.52
N ALA G 142 68.18 -42.73 -14.44
CA ALA G 142 68.18 -44.19 -14.43
C ALA G 142 69.52 -44.84 -14.08
N PRO G 143 70.62 -44.40 -14.72
CA PRO G 143 71.94 -44.97 -14.42
C PRO G 143 72.35 -44.97 -12.95
N GLN G 144 71.82 -44.04 -12.15
CA GLN G 144 72.24 -43.93 -10.75
C GLN G 144 71.30 -44.63 -9.77
N TYR G 145 70.22 -45.17 -10.29
CA TYR G 145 69.23 -45.89 -9.47
C TYR G 145 68.94 -47.25 -10.09
N PRO G 146 69.95 -48.14 -10.09
CA PRO G 146 69.84 -49.42 -10.81
C PRO G 146 68.77 -50.34 -10.19
N GLN G 147 68.51 -50.17 -8.89
CA GLN G 147 67.50 -50.97 -8.19
C GLN G 147 66.04 -50.63 -8.60
N ILE G 148 65.85 -49.50 -9.27
CA ILE G 148 64.51 -49.08 -9.68
C ILE G 148 64.31 -49.15 -11.19
N GLN G 149 63.12 -49.57 -11.60
CA GLN G 149 62.75 -49.69 -13.01
C GLN G 149 62.09 -48.40 -13.49
N PHE G 150 62.64 -47.78 -14.53
CA PHE G 150 62.08 -46.53 -15.07
C PHE G 150 61.33 -46.79 -16.36
N SER G 151 60.17 -46.18 -16.52
CA SER G 151 59.35 -46.34 -17.74
C SER G 151 58.60 -45.06 -18.02
N THR G 152 57.86 -45.02 -19.11
CA THR G 152 57.02 -43.87 -19.40
C THR G 152 55.56 -44.25 -19.13
N PRO G 153 54.71 -43.24 -18.89
CA PRO G 153 53.30 -43.48 -18.54
C PRO G 153 52.54 -44.34 -19.55
N ASP G 154 52.90 -44.24 -20.83
CA ASP G 154 52.21 -45.00 -21.88
C ASP G 154 52.71 -46.46 -22.05
N LYS G 155 53.91 -46.75 -21.56
CA LYS G 155 54.51 -48.06 -21.69
C LYS G 155 54.99 -48.64 -20.36
N PRO G 156 54.07 -48.80 -19.39
CA PRO G 156 54.47 -49.38 -18.09
C PRO G 156 54.68 -50.91 -18.18
N ARG G 157 55.75 -51.39 -17.55
CA ARG G 157 56.13 -52.78 -17.67
C ARG G 157 55.43 -53.70 -16.68
N THR G 158 55.07 -53.16 -15.53
CA THR G 158 54.41 -53.94 -14.49
C THR G 158 53.10 -54.57 -14.99
N VAL G 159 52.27 -53.79 -15.69
CA VAL G 159 51.00 -54.31 -16.19
C VAL G 159 50.09 -54.59 -15.01
N ALA G 160 50.56 -55.45 -14.11
CA ALA G 160 49.83 -55.74 -12.87
C ALA G 160 50.69 -55.35 -11.67
N PRO G 161 50.18 -54.43 -10.84
CA PRO G 161 50.86 -53.97 -9.66
C PRO G 161 50.09 -54.23 -8.38
N TYR G 162 50.80 -54.44 -7.29
CA TYR G 162 50.20 -54.69 -5.98
C TYR G 162 49.69 -53.37 -5.39
N ALA G 163 50.53 -52.34 -5.48
CA ALA G 163 50.21 -51.00 -5.00
C ALA G 163 50.70 -49.92 -5.97
N THR G 164 49.92 -48.85 -6.06
CA THR G 164 50.26 -47.69 -6.88
C THR G 164 50.13 -46.43 -6.02
N TYR G 165 51.06 -45.50 -6.20
CA TYR G 165 51.02 -44.22 -5.51
C TYR G 165 51.25 -43.08 -6.51
N ARG G 166 50.37 -42.10 -6.48
CA ARG G 166 50.44 -41.00 -7.41
C ARG G 166 51.00 -39.70 -6.77
N VAL G 167 52.30 -39.52 -6.88
CA VAL G 167 52.98 -38.35 -6.35
C VAL G 167 52.76 -37.14 -7.24
N GLY G 168 52.27 -36.04 -6.67
CA GLY G 168 52.06 -34.80 -7.40
C GLY G 168 51.62 -33.64 -6.49
N LEU G 169 51.27 -32.52 -7.12
CA LEU G 169 50.72 -31.42 -6.34
C LEU G 169 49.21 -31.47 -6.39
N TYR G 170 48.56 -31.31 -5.26
CA TYR G 170 47.11 -31.29 -5.24
C TYR G 170 46.66 -30.00 -4.60
N PHE G 171 45.84 -29.27 -5.34
CA PHE G 171 45.52 -27.92 -4.97
C PHE G 171 44.23 -27.82 -4.21
N GLY G 172 43.92 -26.59 -3.78
CA GLY G 172 42.69 -26.29 -3.05
C GLY G 172 42.64 -26.87 -1.66
N GLY G 173 43.79 -27.28 -1.13
CA GLY G 173 43.82 -27.84 0.22
C GLY G 173 43.38 -29.29 0.29
N ASP G 174 43.37 -29.97 -0.86
CA ASP G 174 43.06 -31.40 -0.93
C ASP G 174 43.85 -32.16 0.12
N THR G 175 43.16 -33.02 0.86
CA THR G 175 43.82 -33.87 1.86
C THR G 175 43.51 -35.36 1.68
N ASN G 176 43.03 -35.74 0.50
CA ASN G 176 42.77 -37.14 0.20
C ASN G 176 43.89 -37.78 -0.60
N ASN G 177 44.49 -37.01 -1.50
CA ASN G 177 45.63 -37.51 -2.27
C ASN G 177 46.98 -37.19 -1.65
N GLN G 178 46.94 -36.31 -0.64
CA GLN G 178 48.14 -35.98 0.14
C GLN G 178 47.69 -35.86 1.59
N PRO G 179 48.56 -36.25 2.52
CA PRO G 179 48.16 -36.24 3.93
C PRO G 179 47.96 -34.83 4.42
N VAL G 180 48.87 -33.94 4.02
CA VAL G 180 48.89 -32.56 4.43
C VAL G 180 49.02 -31.69 3.19
N ASP G 181 48.36 -30.53 3.22
CA ASP G 181 48.45 -29.55 2.12
C ASP G 181 49.94 -29.25 1.82
N PHE G 182 50.35 -29.40 0.58
CA PHE G 182 51.75 -29.30 0.27
C PHE G 182 52.31 -27.94 0.60
N ARG G 183 51.44 -26.94 0.65
CA ARG G 183 51.88 -25.58 0.92
C ARG G 183 52.34 -25.40 2.36
N LYS G 184 51.94 -26.33 3.25
CA LYS G 184 52.33 -26.27 4.65
C LYS G 184 53.72 -26.90 4.85
N VAL G 185 54.12 -27.80 3.95
CA VAL G 185 55.36 -28.56 4.14
C VAL G 185 56.43 -28.33 3.10
N GLY G 186 56.04 -27.71 1.98
CA GLY G 186 56.98 -27.51 0.86
C GLY G 186 56.61 -28.45 -0.30
N PHE G 187 56.61 -27.94 -1.52
CA PHE G 187 56.07 -28.71 -2.64
C PHE G 187 56.83 -30.03 -2.87
N HIS G 188 58.13 -30.00 -2.63
CA HIS G 188 58.95 -31.21 -2.80
C HIS G 188 58.84 -32.17 -1.66
N ARG G 189 58.86 -31.67 -0.42
CA ARG G 189 58.73 -32.51 0.77
C ARG G 189 57.36 -33.26 0.84
N SER G 190 56.36 -32.75 0.14
CA SER G 190 55.05 -33.37 0.12
C SER G 190 55.14 -34.83 -0.32
N ALA G 191 56.11 -35.12 -1.19
CA ALA G 191 56.29 -36.45 -1.73
C ALA G 191 56.63 -37.43 -0.62
N GLY G 192 57.45 -36.99 0.33
CA GLY G 192 57.84 -37.82 1.45
C GLY G 192 56.66 -38.12 2.36
N TYR G 193 55.77 -37.13 2.50
CA TYR G 193 54.59 -37.35 3.31
C TYR G 193 53.63 -38.31 2.61
N ILE G 194 53.44 -38.13 1.31
CA ILE G 194 52.57 -39.02 0.54
C ILE G 194 53.04 -40.49 0.65
N LEU G 195 54.35 -40.69 0.61
CA LEU G 195 54.91 -42.02 0.65
C LEU G 195 55.18 -42.47 2.08
N GLY G 196 55.05 -41.53 3.03
CA GLY G 196 55.26 -41.82 4.44
C GLY G 196 56.70 -42.10 4.84
N VAL G 197 57.64 -41.40 4.22
CA VAL G 197 59.04 -41.60 4.60
C VAL G 197 59.66 -40.33 5.20
N ASP G 198 60.90 -40.45 5.66
CA ASP G 198 61.65 -39.28 6.12
C ASP G 198 61.39 -38.14 5.12
N PRO G 199 60.80 -37.04 5.60
CA PRO G 199 60.42 -35.94 4.72
C PRO G 199 61.56 -34.96 4.36
N ARG G 200 62.75 -35.17 4.90
CA ARG G 200 63.85 -34.27 4.65
C ARG G 200 64.36 -34.25 3.21
N GLU G 201 64.50 -33.06 2.66
CA GLU G 201 64.94 -32.87 1.27
C GLU G 201 66.32 -33.44 1.05
N ALA G 202 66.54 -33.96 -0.16
CA ALA G 202 67.85 -34.44 -0.62
C ALA G 202 68.00 -34.17 -2.11
N PRO G 203 69.25 -34.03 -2.60
CA PRO G 203 69.47 -33.86 -4.03
C PRO G 203 69.45 -35.24 -4.71
N VAL G 204 69.10 -35.27 -6.00
CA VAL G 204 69.18 -36.52 -6.74
C VAL G 204 70.64 -36.85 -6.98
N ARG G 205 70.92 -38.10 -7.33
CA ARG G 205 72.28 -38.51 -7.65
C ARG G 205 72.46 -38.46 -9.17
N LEU G 206 73.56 -37.84 -9.60
CA LEU G 206 73.82 -37.61 -11.01
C LEU G 206 75.18 -38.14 -11.43
N ASP G 207 75.38 -38.21 -12.73
CA ASP G 207 76.66 -38.57 -13.29
C ASP G 207 77.54 -37.32 -13.33
N LEU G 208 78.43 -37.20 -12.35
CA LEU G 208 79.29 -36.01 -12.24
C LEU G 208 80.71 -36.32 -12.65
N SER G 209 80.85 -37.20 -13.64
CA SER G 209 82.16 -37.68 -14.07
C SER G 209 82.76 -36.83 -15.20
N ALA G 210 81.91 -36.09 -15.92
CA ALA G 210 82.35 -35.29 -17.07
C ALA G 210 83.50 -34.30 -16.75
N PRO G 211 84.52 -34.28 -17.64
CA PRO G 211 85.70 -33.45 -17.43
C PRO G 211 85.46 -32.00 -17.83
N ARG G 212 86.23 -31.10 -17.24
CA ARG G 212 86.09 -29.67 -17.50
C ARG G 212 86.39 -29.27 -18.97
N VAL G 213 85.55 -28.44 -19.54
CA VAL G 213 85.72 -27.98 -20.92
C VAL G 213 86.16 -26.51 -20.97
N ILE G 214 85.40 -25.65 -20.32
CA ILE G 214 85.73 -24.24 -20.26
C ILE G 214 86.75 -23.98 -19.16
N ALA G 215 87.90 -23.45 -19.53
CA ALA G 215 89.00 -23.32 -18.57
C ALA G 215 88.79 -22.23 -17.52
N ALA G 216 88.43 -21.03 -17.97
CA ALA G 216 88.30 -19.89 -17.04
C ALA G 216 87.10 -20.06 -16.12
N PRO G 217 87.09 -19.33 -14.98
CA PRO G 217 85.93 -19.34 -14.07
C PRO G 217 84.67 -18.81 -14.76
N TYR G 218 83.55 -19.47 -14.53
CA TYR G 218 82.30 -19.01 -15.11
C TYR G 218 81.09 -19.27 -14.21
N VAL G 219 79.98 -18.59 -14.49
CA VAL G 219 78.77 -18.70 -13.70
C VAL G 219 77.64 -19.03 -14.64
N CYS G 220 76.73 -19.90 -14.22
CA CYS G 220 75.55 -20.18 -15.03
C CYS G 220 74.35 -19.45 -14.47
N ILE G 221 73.44 -19.05 -15.35
CA ILE G 221 72.22 -18.39 -14.92
C ILE G 221 71.02 -18.96 -15.65
N ALA G 222 69.86 -18.96 -14.98
CA ALA G 222 68.59 -19.33 -15.58
C ALA G 222 67.59 -18.21 -15.32
N THR G 223 67.10 -17.58 -16.37
CA THR G 223 66.23 -16.40 -16.22
C THR G 223 64.78 -16.67 -16.55
N GLN G 224 64.54 -17.76 -17.29
CA GLN G 224 63.19 -18.17 -17.74
C GLN G 224 62.44 -18.96 -16.66
N SER G 225 61.12 -18.97 -16.75
CA SER G 225 60.31 -19.82 -15.88
C SER G 225 58.90 -20.05 -16.42
N THR G 226 58.06 -20.74 -15.66
CA THR G 226 56.76 -21.13 -16.17
C THR G 226 55.64 -20.14 -16.00
N CYS G 227 55.77 -19.25 -15.02
CA CYS G 227 54.81 -18.11 -14.90
C CYS G 227 55.58 -16.86 -14.60
N GLN G 228 54.98 -15.71 -14.89
CA GLN G 228 55.69 -14.44 -14.75
C GLN G 228 56.08 -14.12 -13.31
N ALA G 229 55.32 -14.63 -12.33
CA ALA G 229 55.62 -14.41 -10.92
C ALA G 229 56.99 -14.98 -10.48
N LYS G 230 57.41 -16.08 -11.10
CA LYS G 230 58.70 -16.70 -10.79
C LYS G 230 59.87 -16.00 -11.47
N TYR G 231 59.58 -15.09 -12.39
CA TYR G 231 60.62 -14.26 -13.01
C TYR G 231 61.11 -13.18 -12.08
N TRP G 232 62.30 -12.69 -12.33
CA TRP G 232 62.82 -11.59 -11.53
C TRP G 232 62.40 -10.33 -12.21
N ASN G 233 61.29 -9.77 -11.77
CA ASN G 233 60.68 -8.65 -12.45
C ASN G 233 61.26 -7.28 -12.17
N ASN G 234 62.48 -7.24 -11.69
CA ASN G 234 63.13 -5.98 -11.49
C ASN G 234 63.72 -5.57 -12.81
N GLY G 235 63.44 -4.34 -13.20
CA GLY G 235 63.86 -3.84 -14.50
C GLY G 235 65.33 -4.01 -14.82
N THR G 236 66.20 -3.67 -13.89
CA THR G 236 67.64 -3.69 -14.19
C THR G 236 68.41 -4.75 -13.43
N GLY G 237 67.71 -5.54 -12.64
CA GLY G 237 68.32 -6.67 -11.93
C GLY G 237 69.33 -7.50 -12.72
N TRP G 238 68.85 -8.33 -13.65
CA TRP G 238 69.78 -9.16 -14.42
C TRP G 238 70.95 -8.41 -14.99
N SER G 239 70.70 -7.24 -15.57
CA SER G 239 71.79 -6.52 -16.23
C SER G 239 72.84 -6.07 -15.22
N GLU G 240 72.40 -5.63 -14.05
CA GLU G 240 73.36 -5.22 -13.00
C GLU G 240 74.19 -6.37 -12.47
N VAL G 241 73.57 -7.54 -12.34
CA VAL G 241 74.24 -8.76 -11.91
C VAL G 241 75.25 -9.25 -12.96
N ILE G 242 74.82 -9.37 -14.19
CA ILE G 242 75.70 -9.81 -15.25
C ILE G 242 76.93 -8.90 -15.41
N ALA G 243 76.73 -7.58 -15.32
CA ALA G 243 77.86 -6.65 -15.39
C ALA G 243 78.82 -6.86 -14.21
N HIS G 244 78.25 -7.05 -13.02
CA HIS G 244 79.04 -7.26 -11.82
C HIS G 244 79.84 -8.54 -11.85
N LEU G 245 79.23 -9.62 -12.32
CA LEU G 245 79.92 -10.89 -12.44
C LEU G 245 81.16 -10.76 -13.29
N LYS G 246 81.03 -10.05 -14.40
CA LYS G 246 82.16 -9.86 -15.30
C LYS G 246 83.27 -9.04 -14.67
N SER G 247 82.88 -8.04 -13.87
CA SER G 247 83.86 -7.21 -13.20
C SER G 247 84.64 -8.02 -12.15
N LEU G 248 84.10 -9.18 -11.73
CA LEU G 248 84.82 -10.07 -10.81
C LEU G 248 85.62 -11.15 -11.54
N GLY G 249 85.55 -11.16 -12.87
CA GLY G 249 86.34 -12.10 -13.66
C GLY G 249 85.60 -13.33 -14.14
N TYR G 250 84.28 -13.38 -13.92
CA TYR G 250 83.50 -14.53 -14.37
C TYR G 250 82.95 -14.33 -15.77
N ARG G 251 82.93 -15.40 -16.54
CA ARG G 251 82.19 -15.43 -17.77
C ARG G 251 80.76 -15.80 -17.36
N VAL G 252 79.75 -15.31 -18.09
CA VAL G 252 78.34 -15.62 -17.74
C VAL G 252 77.59 -16.35 -18.84
N MSE G 253 76.99 -17.50 -18.53
CA MSE G 253 76.22 -18.23 -19.54
C MSE G 253 74.80 -18.41 -19.13
O MSE G 253 74.50 -18.78 -17.99
CB MSE G 253 76.74 -19.64 -19.89
CG MSE G 253 77.89 -20.14 -19.06
SE MSE G 253 79.56 -19.65 -19.96
CE MSE G 253 80.09 -18.30 -18.65
N CYS G 254 73.89 -18.19 -20.07
CA CYS G 254 72.49 -18.47 -19.85
C CYS G 254 72.17 -19.87 -20.40
N ILE G 255 71.53 -20.71 -19.56
CA ILE G 255 71.27 -22.08 -19.93
C ILE G 255 69.78 -22.42 -19.98
N ASP G 256 68.94 -21.44 -20.20
CA ASP G 256 67.50 -21.72 -20.25
C ASP G 256 67.17 -22.52 -21.48
N ARG G 257 66.11 -23.31 -21.38
CA ARG G 257 65.65 -24.11 -22.51
C ARG G 257 65.23 -23.19 -23.67
N ASP G 258 64.54 -22.10 -23.37
CA ASP G 258 64.12 -21.13 -24.37
C ASP G 258 64.90 -19.81 -24.25
N ALA G 259 65.10 -19.11 -25.35
CA ALA G 259 65.75 -17.80 -25.32
C ALA G 259 64.71 -16.71 -25.21
N HIS G 260 63.47 -17.02 -25.58
CA HIS G 260 62.37 -16.08 -25.47
C HIS G 260 61.18 -16.85 -25.00
N TYR G 261 60.45 -16.32 -24.03
CA TYR G 261 59.29 -17.04 -23.50
C TYR G 261 58.32 -16.07 -22.86
N GLY G 262 57.02 -16.35 -23.04
CA GLY G 262 55.97 -15.49 -22.50
C GLY G 262 54.57 -15.73 -23.07
N GLN G 263 53.67 -14.79 -22.82
CA GLN G 263 52.26 -14.89 -23.20
C GLN G 263 51.88 -13.50 -23.68
N GLY G 264 50.83 -13.40 -24.48
CA GLY G 264 50.28 -12.08 -24.87
C GLY G 264 51.36 -11.08 -25.25
N PHE G 265 51.45 -9.98 -24.50
CA PHE G 265 52.50 -8.99 -24.80
C PHE G 265 53.71 -9.08 -23.90
N VAL G 266 53.65 -9.96 -22.91
CA VAL G 266 54.73 -10.05 -21.94
C VAL G 266 55.71 -11.12 -22.30
N TRP G 267 56.89 -10.67 -22.72
CA TRP G 267 57.94 -11.59 -23.16
C TRP G 267 59.24 -11.33 -22.47
N ASN G 268 59.94 -12.42 -22.12
CA ASN G 268 61.21 -12.39 -21.45
C ASN G 268 62.29 -13.00 -22.35
N HIS G 269 63.44 -12.35 -22.39
CA HIS G 269 64.49 -12.76 -23.30
C HIS G 269 65.80 -12.96 -22.60
N ILE G 270 66.62 -13.82 -23.19
CA ILE G 270 67.96 -14.04 -22.69
C ILE G 270 68.61 -12.67 -22.58
N PRO G 271 69.11 -12.32 -21.39
CA PRO G 271 69.63 -10.96 -21.19
C PRO G 271 70.82 -10.67 -22.06
N TRP G 272 70.84 -9.46 -22.64
CA TRP G 272 71.99 -8.96 -23.39
C TRP G 272 73.19 -9.13 -22.48
N GLY G 273 74.30 -9.61 -23.01
CA GLY G 273 75.51 -9.73 -22.19
C GLY G 273 75.80 -11.10 -21.66
N ALA G 274 74.78 -11.94 -21.56
CA ALA G 274 74.99 -13.34 -21.19
C ALA G 274 75.30 -14.13 -22.45
N GLU G 275 76.19 -15.11 -22.36
CA GLU G 275 76.47 -15.95 -23.52
C GLU G 275 75.30 -16.89 -23.79
N ASP G 276 75.08 -17.22 -25.06
CA ASP G 276 73.91 -18.04 -25.44
C ASP G 276 74.17 -19.55 -25.40
N PHE G 277 73.88 -20.18 -24.26
CA PHE G 277 73.94 -21.64 -24.16
C PHE G 277 72.53 -22.21 -23.99
N THR G 278 71.55 -21.55 -24.60
CA THR G 278 70.15 -21.93 -24.49
C THR G 278 69.80 -23.04 -25.48
N GLY G 279 68.54 -23.48 -25.48
CA GLY G 279 68.08 -24.52 -26.39
C GLY G 279 67.64 -25.77 -25.65
N LYS G 280 66.82 -26.59 -26.31
CA LYS G 280 66.34 -27.81 -25.67
C LYS G 280 67.32 -28.98 -25.83
N LEU G 281 68.30 -29.06 -24.94
CA LEU G 281 69.27 -30.14 -24.96
C LEU G 281 68.90 -31.24 -23.96
N PRO G 282 69.52 -32.43 -24.10
CA PRO G 282 69.36 -33.43 -23.03
C PRO G 282 69.98 -32.88 -21.75
N LEU G 283 69.34 -33.17 -20.62
CA LEU G 283 69.74 -32.57 -19.36
C LEU G 283 71.18 -32.88 -18.97
N GLN G 284 71.65 -34.07 -19.36
CA GLN G 284 73.00 -34.46 -19.02
C GLN G 284 74.04 -33.45 -19.50
N GLU G 285 73.78 -32.77 -20.62
CA GLU G 285 74.70 -31.74 -21.12
C GLU G 285 74.70 -30.50 -20.20
N ARG G 286 73.53 -30.18 -19.65
CA ARG G 286 73.42 -29.09 -18.68
C ARG G 286 74.15 -29.47 -17.39
N VAL G 287 73.97 -30.71 -16.95
CA VAL G 287 74.70 -31.20 -15.78
C VAL G 287 76.23 -31.04 -15.94
N ASN G 288 76.74 -31.41 -17.12
CA ASN G 288 78.19 -31.35 -17.40
C ASN G 288 78.74 -29.93 -17.40
N LEU G 289 77.96 -29.00 -17.90
CA LEU G 289 78.37 -27.60 -17.92
C LEU G 289 78.27 -27.01 -16.54
N LEU G 290 77.18 -27.35 -15.84
CA LEU G 290 76.93 -26.85 -14.49
C LEU G 290 78.01 -27.27 -13.52
N ARG G 291 78.42 -28.53 -13.62
CA ARG G 291 79.38 -29.11 -12.69
C ARG G 291 80.64 -28.27 -12.43
N HIS G 292 81.15 -27.58 -13.44
CA HIS G 292 82.38 -26.82 -13.29
C HIS G 292 82.17 -25.32 -13.18
N ALA G 293 80.92 -24.92 -13.03
CA ALA G 293 80.61 -23.52 -12.85
C ALA G 293 80.98 -23.18 -11.42
N SER G 294 81.51 -21.99 -11.19
CA SER G 294 81.85 -21.56 -9.85
C SER G 294 80.61 -21.54 -9.02
N PHE G 295 79.52 -21.03 -9.60
CA PHE G 295 78.20 -21.07 -8.96
C PHE G 295 77.08 -20.81 -9.95
N PHE G 296 75.85 -20.83 -9.45
CA PHE G 296 74.66 -20.74 -10.31
C PHE G 296 73.67 -19.75 -9.73
N ILE G 297 73.01 -19.01 -10.61
CA ILE G 297 72.00 -18.06 -10.17
C ILE G 297 70.74 -18.36 -10.92
N GLY G 298 69.65 -18.59 -10.19
CA GLY G 298 68.41 -18.89 -10.86
C GLY G 298 67.15 -18.58 -10.11
N LEU G 299 66.07 -19.17 -10.57
CA LEU G 299 64.75 -18.97 -10.03
C LEU G 299 64.22 -20.28 -9.43
N PRO G 300 63.06 -20.23 -8.77
CA PRO G 300 62.54 -21.46 -8.16
C PRO G 300 62.08 -22.52 -9.18
N SER G 301 62.44 -22.31 -10.44
CA SER G 301 62.21 -23.27 -11.53
C SER G 301 63.18 -24.45 -11.44
N GLY G 302 62.97 -25.43 -12.31
CA GLY G 302 63.75 -26.65 -12.35
C GLY G 302 65.26 -26.60 -12.39
N LEU G 303 65.85 -25.74 -13.22
CA LEU G 303 67.31 -25.75 -13.32
C LEU G 303 68.02 -25.50 -12.00
N SER G 304 67.33 -24.89 -11.04
CA SER G 304 67.94 -24.64 -9.76
C SER G 304 68.14 -25.93 -9.01
N TRP G 305 67.18 -26.85 -9.17
CA TRP G 305 67.25 -28.19 -8.55
C TRP G 305 68.34 -29.02 -9.19
N LEU G 306 68.54 -28.85 -10.48
CA LEU G 306 69.64 -29.55 -11.15
C LEU G 306 70.95 -28.99 -10.68
N ALA G 307 71.05 -27.66 -10.68
CA ALA G 307 72.26 -26.98 -10.21
C ALA G 307 72.60 -27.43 -8.78
N TRP G 308 71.57 -27.56 -7.96
CA TRP G 308 71.75 -27.98 -6.57
C TRP G 308 72.44 -29.31 -6.50
N ALA G 309 71.90 -30.28 -7.26
CA ALA G 309 72.39 -31.65 -7.29
C ALA G 309 73.78 -31.82 -7.88
N THR G 310 74.23 -30.85 -8.66
CA THR G 310 75.59 -30.89 -9.20
C THR G 310 76.60 -30.35 -8.17
N ARG G 311 76.15 -30.11 -6.95
CA ARG G 311 77.05 -29.75 -5.85
C ARG G 311 77.79 -28.41 -5.98
N ILE G 312 77.18 -27.43 -6.62
CA ILE G 312 77.76 -26.06 -6.68
C ILE G 312 76.85 -25.10 -5.91
N PRO G 313 77.42 -24.01 -5.37
CA PRO G 313 76.60 -23.03 -4.65
C PRO G 313 75.50 -22.44 -5.55
N VAL G 314 74.29 -22.31 -5.00
CA VAL G 314 73.14 -21.83 -5.76
C VAL G 314 72.58 -20.53 -5.17
N VAL G 315 72.62 -19.47 -5.97
CA VAL G 315 71.94 -18.23 -5.58
C VAL G 315 70.53 -18.33 -6.13
N LEU G 316 69.54 -18.39 -5.24
CA LEU G 316 68.18 -18.61 -5.64
C LEU G 316 67.33 -17.38 -5.38
N ILE G 317 66.80 -16.77 -6.45
CA ILE G 317 66.03 -15.54 -6.33
C ILE G 317 64.55 -15.83 -6.42
N SER G 318 63.83 -15.54 -5.34
CA SER G 318 62.39 -15.76 -5.37
C SER G 318 61.64 -14.94 -4.33
N GLY G 319 60.53 -14.34 -4.75
CA GLY G 319 59.68 -13.53 -3.90
C GLY G 319 58.26 -14.09 -3.76
N PHE G 320 57.83 -14.88 -4.72
CA PHE G 320 56.48 -15.37 -4.64
C PHE G 320 56.35 -16.59 -3.75
N SER G 321 57.53 -17.04 -3.31
CA SER G 321 57.77 -18.28 -2.61
C SER G 321 58.57 -17.94 -1.36
N LEU G 322 58.21 -18.47 -0.20
CA LEU G 322 59.00 -18.21 1.01
C LEU G 322 60.34 -18.95 0.94
N PRO G 323 61.33 -18.47 1.67
CA PRO G 323 62.69 -19.02 1.59
C PRO G 323 62.74 -20.49 1.96
N ASN G 324 61.95 -20.87 2.95
CA ASN G 324 61.91 -22.24 3.45
C ASN G 324 61.48 -23.27 2.41
N SER G 325 60.56 -22.89 1.54
CA SER G 325 59.85 -23.84 0.67
C SER G 325 60.73 -24.67 -0.27
N GLU G 326 61.74 -24.07 -0.91
CA GLU G 326 62.60 -24.86 -1.75
C GLU G 326 63.71 -25.38 -0.88
N PHE G 327 64.72 -25.98 -1.50
CA PHE G 327 65.85 -26.50 -0.77
C PHE G 327 66.61 -25.36 -0.07
N TYR G 328 67.41 -25.69 0.91
CA TYR G 328 68.13 -24.68 1.62
C TYR G 328 69.33 -24.22 0.84
N THR G 329 69.59 -22.91 0.86
CA THR G 329 70.84 -22.35 0.37
C THR G 329 71.14 -21.07 1.13
N PRO G 330 72.38 -20.92 1.63
CA PRO G 330 72.68 -19.68 2.37
C PRO G 330 72.62 -18.45 1.47
N TRP G 331 72.50 -18.67 0.16
CA TRP G 331 72.47 -17.61 -0.85
C TRP G 331 71.10 -17.37 -1.40
N ARG G 332 70.08 -17.69 -0.60
CA ARG G 332 68.69 -17.45 -1.01
C ARG G 332 68.44 -15.94 -0.93
N VAL G 333 67.86 -15.37 -1.98
CA VAL G 333 67.50 -13.96 -2.00
C VAL G 333 66.01 -13.78 -1.92
N PHE G 334 65.60 -12.94 -0.98
CA PHE G 334 64.20 -12.78 -0.61
C PHE G 334 64.05 -11.40 0.02
N ASN G 335 62.92 -10.76 -0.22
CA ASN G 335 62.68 -9.47 0.37
C ASN G 335 61.38 -9.51 1.12
N SER G 336 61.38 -9.10 2.38
CA SER G 336 60.19 -9.18 3.22
C SER G 336 59.42 -7.86 3.47
N HIS G 337 59.75 -6.78 2.77
CA HIS G 337 59.07 -5.49 3.03
C HIS G 337 57.73 -5.23 2.38
N GLY G 338 57.35 -6.05 1.38
CA GLY G 338 56.09 -5.86 0.61
C GLY G 338 55.32 -7.15 0.49
N CYS G 339 54.54 -7.36 -0.59
CA CYS G 339 53.89 -8.67 -0.83
C CYS G 339 55.06 -9.68 -1.02
N TYR G 340 54.87 -10.90 -0.49
CA TYR G 340 55.76 -12.04 -0.77
C TYR G 340 54.96 -13.32 -0.48
N GLY G 341 55.41 -14.47 -1.00
CA GLY G 341 54.73 -15.72 -0.73
C GLY G 341 53.31 -15.99 -1.22
N CYS G 342 52.96 -15.47 -2.39
CA CYS G 342 51.66 -15.78 -3.12
C CYS G 342 51.51 -17.34 -3.00
N TRP G 343 52.60 -18.02 -3.31
CA TRP G 343 52.60 -19.46 -3.56
C TRP G 343 52.37 -20.35 -2.37
N ASP G 344 52.79 -19.90 -1.20
CA ASP G 344 52.67 -20.69 0.00
C ASP G 344 51.38 -20.45 0.76
N ASP G 345 50.65 -19.40 0.39
CA ASP G 345 49.48 -18.97 1.12
C ASP G 345 48.25 -19.87 0.90
N THR G 346 47.83 -20.56 1.94
CA THR G 346 46.67 -21.44 1.86
C THR G 346 45.31 -20.77 1.62
N SER G 347 45.21 -19.45 1.71
CA SER G 347 43.92 -18.78 1.48
C SER G 347 43.73 -18.43 0.03
N LEU G 348 44.81 -18.51 -0.74
CA LEU G 348 44.76 -18.18 -2.17
C LEU G 348 44.82 -19.46 -2.97
N ASN G 349 44.70 -19.32 -4.29
CA ASN G 349 44.75 -20.48 -5.18
C ASN G 349 45.49 -20.23 -6.47
N PHE G 350 46.59 -20.96 -6.69
CA PHE G 350 47.34 -20.89 -7.92
C PHE G 350 46.43 -21.16 -9.15
N ASP G 351 46.61 -20.36 -10.20
CA ASP G 351 45.84 -20.51 -11.46
C ASP G 351 46.80 -20.99 -12.56
N HIS G 352 46.61 -22.23 -13.01
CA HIS G 352 47.50 -22.87 -14.02
C HIS G 352 47.35 -22.23 -15.36
N HIS G 353 46.22 -21.54 -15.56
CA HIS G 353 45.85 -21.00 -16.87
C HIS G 353 46.21 -19.55 -17.05
N ASP G 354 46.65 -18.92 -15.97
CA ASP G 354 46.96 -17.50 -15.99
C ASP G 354 48.48 -17.28 -15.78
N PHE G 355 49.17 -16.91 -16.84
CA PHE G 355 50.61 -16.72 -16.80
C PHE G 355 50.96 -15.45 -16.04
N LEU G 356 50.01 -14.54 -15.95
CA LEU G 356 50.22 -13.26 -15.27
C LEU G 356 49.58 -13.29 -13.88
N TRP G 357 49.51 -14.48 -13.29
CA TRP G 357 48.90 -14.69 -11.98
C TRP G 357 49.59 -13.89 -10.86
N CYS G 358 48.82 -13.06 -10.17
CA CYS G 358 49.23 -12.32 -8.97
C CYS G 358 47.96 -12.09 -8.17
N PRO G 359 47.55 -13.06 -7.33
CA PRO G 359 46.27 -12.97 -6.62
C PRO G 359 46.08 -11.68 -5.86
N ARG G 360 47.12 -11.15 -5.25
CA ARG G 360 46.96 -9.95 -4.44
C ARG G 360 47.09 -8.60 -5.15
N HIS G 361 47.80 -8.54 -6.27
CA HIS G 361 47.99 -7.26 -6.96
C HIS G 361 47.84 -7.21 -8.47
N LYS G 362 47.27 -8.26 -9.06
CA LYS G 362 47.11 -8.32 -10.51
C LYS G 362 46.46 -7.06 -11.02
N ASN G 363 47.00 -6.54 -12.13
CA ASN G 363 46.45 -5.36 -12.78
C ASN G 363 46.46 -4.11 -11.92
N THR G 364 47.53 -3.95 -11.13
CA THR G 364 47.71 -2.74 -10.32
C THR G 364 49.17 -2.31 -10.35
N ASP G 365 49.47 -1.18 -9.71
CA ASP G 365 50.84 -0.65 -9.66
C ASP G 365 51.80 -1.60 -8.96
N ARG G 366 51.26 -2.47 -8.12
CA ARG G 366 52.05 -3.32 -7.26
C ARG G 366 52.26 -4.73 -7.80
N GLN G 367 51.70 -5.02 -8.97
CA GLN G 367 51.87 -6.33 -9.55
C GLN G 367 53.34 -6.72 -9.56
N PHE G 368 53.60 -7.93 -9.06
CA PHE G 368 54.93 -8.51 -8.99
C PHE G 368 55.93 -7.77 -8.11
N GLU G 369 55.40 -7.00 -7.16
CA GLU G 369 56.20 -6.39 -6.14
C GLU G 369 57.10 -7.45 -5.50
N CYS G 370 56.63 -8.71 -5.51
CA CYS G 370 57.33 -9.89 -4.96
C CYS G 370 58.84 -9.69 -5.32
N THR G 371 59.11 -9.37 -6.58
CA THR G 371 60.45 -9.41 -7.12
C THR G 371 61.00 -8.06 -7.62
N ARG G 372 60.15 -7.06 -7.73
CA ARG G 372 60.62 -5.73 -8.08
C ARG G 372 61.39 -5.13 -6.92
N LEU G 373 61.01 -5.49 -5.70
CA LEU G 373 61.76 -5.06 -4.52
C LEU G 373 63.14 -5.69 -4.42
N ILE G 374 63.40 -6.77 -5.18
CA ILE G 374 64.71 -7.41 -5.12
C ILE G 374 65.61 -6.74 -6.12
N THR G 375 66.50 -5.89 -5.65
CA THR G 375 67.30 -5.09 -6.56
C THR G 375 68.56 -5.83 -6.96
N GLY G 376 69.23 -5.31 -7.97
CA GLY G 376 70.50 -5.87 -8.38
C GLY G 376 71.49 -5.73 -7.25
N ALA G 377 71.40 -4.61 -6.52
CA ALA G 377 72.30 -4.34 -5.39
C ALA G 377 72.16 -5.43 -4.36
N GLN G 378 70.90 -5.77 -4.05
CA GLN G 378 70.63 -6.85 -3.12
C GLN G 378 71.23 -8.15 -3.60
N VAL G 379 71.04 -8.47 -4.86
CA VAL G 379 71.62 -9.72 -5.37
C VAL G 379 73.15 -9.67 -5.42
N ASN G 380 73.70 -8.50 -5.76
CA ASN G 380 75.16 -8.37 -5.81
C ASN G 380 75.78 -8.43 -4.41
N GLY G 381 75.03 -7.98 -3.41
CA GLY G 381 75.48 -8.12 -2.04
C GLY G 381 75.70 -9.59 -1.72
N VAL G 382 74.71 -10.41 -2.09
CA VAL G 382 74.81 -11.84 -1.85
C VAL G 382 75.91 -12.44 -2.66
N ILE G 383 76.00 -12.05 -3.93
CA ILE G 383 77.09 -12.51 -4.79
C ILE G 383 78.46 -12.21 -4.17
N ASN G 384 78.59 -11.01 -3.62
CA ASN G 384 79.85 -10.61 -3.02
C ASN G 384 80.27 -11.51 -1.86
N LYS G 385 79.33 -11.84 -0.99
CA LYS G 385 79.65 -12.73 0.12
C LYS G 385 80.03 -14.12 -0.38
N LEU G 386 79.29 -14.61 -1.36
CA LEU G 386 79.60 -15.91 -1.92
C LEU G 386 80.97 -15.88 -2.62
N HIS G 387 81.26 -14.79 -3.31
CA HIS G 387 82.53 -14.68 -4.02
C HIS G 387 83.67 -14.67 -3.02
N ARG G 388 83.50 -13.87 -1.98
CA ARG G 388 84.43 -13.78 -0.87
C ARG G 388 84.64 -15.17 -0.30
N SER G 389 83.56 -15.87 0.04
CA SER G 389 83.71 -17.22 0.58
C SER G 389 84.41 -18.20 -0.38
N LEU G 390 84.27 -18.02 -1.67
CA LEU G 390 84.94 -18.94 -2.60
C LEU G 390 86.44 -18.69 -2.70
N THR G 391 86.83 -17.42 -2.65
CA THR G 391 88.25 -17.09 -2.70
C THR G 391 88.96 -17.38 -1.36
N GLU G 392 88.36 -16.93 -0.24
CA GLU G 392 88.91 -17.12 1.13
C GLU G 392 89.02 -18.60 1.48
N GLN G 393 87.87 -19.23 1.61
CA GLN G 393 87.79 -20.62 2.00
C GLN G 393 87.91 -21.45 0.73
N GLY G 394 87.52 -22.70 0.79
CA GLY G 394 87.53 -23.51 -0.42
C GLY G 394 86.13 -23.73 -0.92
N VAL G 395 85.99 -24.73 -1.79
CA VAL G 395 84.70 -25.21 -2.26
C VAL G 395 84.08 -26.14 -1.18
N GLU G 396 84.96 -26.74 -0.37
CA GLU G 396 84.63 -27.60 0.80
C GLU G 396 83.86 -26.77 1.84
N ALA G 397 84.45 -25.63 2.18
CA ALA G 397 84.04 -24.81 3.32
C ALA G 397 82.72 -24.08 3.10
N THR G 398 82.36 -23.85 1.85
CA THR G 398 81.05 -23.26 1.56
C THR G 398 79.97 -24.35 1.64
N LEU G 399 80.19 -25.46 0.93
CA LEU G 399 79.26 -26.58 0.91
C LEU G 399 79.79 -27.75 1.75
N ILE H 10 -28.08 13.78 -62.97
CA ILE H 10 -27.65 13.48 -61.57
C ILE H 10 -26.82 12.18 -61.46
N THR H 11 -27.05 11.21 -62.36
CA THR H 11 -26.27 9.95 -62.34
C THR H 11 -25.42 9.74 -63.59
N PRO H 12 -24.16 9.31 -63.41
CA PRO H 12 -23.39 9.06 -64.62
C PRO H 12 -23.79 7.72 -65.27
N PRO H 13 -23.57 7.58 -66.58
CA PRO H 13 -23.83 6.32 -67.28
C PRO H 13 -23.14 5.17 -66.56
N ASP H 14 -23.68 3.96 -66.67
CA ASP H 14 -23.06 2.77 -66.06
C ASP H 14 -21.85 2.32 -66.85
N THR H 15 -21.81 2.70 -68.11
CA THR H 15 -20.68 2.40 -69.00
C THR H 15 -20.20 3.71 -69.63
N PRO H 16 -18.88 3.94 -69.64
CA PRO H 16 -18.35 5.16 -70.24
C PRO H 16 -18.74 5.30 -71.70
N THR H 17 -19.05 6.52 -72.14
CA THR H 17 -19.63 6.76 -73.44
C THR H 17 -18.69 6.78 -74.65
N GLN H 18 -17.38 6.68 -74.44
CA GLN H 18 -16.46 6.71 -75.57
C GLN H 18 -15.74 5.40 -75.75
N ALA H 19 -15.58 5.02 -77.01
CA ALA H 19 -14.98 3.74 -77.33
C ALA H 19 -13.48 3.86 -77.57
N GLY H 20 -12.69 3.11 -76.82
CA GLY H 20 -11.26 3.05 -77.08
C GLY H 20 -10.94 1.79 -77.87
N PRO H 21 -9.69 1.68 -78.37
CA PRO H 21 -9.26 0.43 -79.01
C PRO H 21 -9.22 -0.68 -77.95
N GLU H 22 -9.40 -1.95 -78.34
CA GLU H 22 -9.33 -3.03 -77.37
C GLU H 22 -10.45 -3.00 -76.31
N ASN H 23 -11.66 -2.56 -76.65
CA ASN H 23 -12.76 -2.61 -75.67
C ASN H 23 -12.56 -1.81 -74.40
N ILE H 24 -11.93 -0.63 -74.52
CA ILE H 24 -11.81 0.27 -73.38
C ILE H 24 -12.68 1.47 -73.59
N PHE H 25 -13.49 1.76 -72.58
CA PHE H 25 -14.41 2.85 -72.65
C PHE H 25 -13.96 3.93 -71.67
N TYR H 26 -13.96 5.17 -72.12
CA TYR H 26 -13.53 6.27 -71.28
C TYR H 26 -14.49 7.42 -71.39
N ASP H 27 -14.53 8.24 -70.36
CA ASP H 27 -15.29 9.48 -70.43
C ASP H 27 -14.89 10.47 -69.35
N PHE H 28 -15.71 11.50 -69.22
CA PHE H 28 -15.43 12.60 -68.32
C PHE H 28 -16.69 12.98 -67.57
N ASN H 29 -17.53 11.98 -67.29
CA ASN H 29 -18.84 12.20 -66.65
C ASN H 29 -18.96 12.17 -65.15
N ASP H 30 -17.89 11.82 -64.45
CA ASP H 30 -17.84 11.97 -62.99
C ASP H 30 -16.36 12.07 -62.77
N GLY H 31 -15.77 13.11 -63.32
CA GLY H 31 -14.32 13.20 -63.41
C GLY H 31 -13.86 12.40 -64.61
N ALA H 32 -12.58 12.14 -64.70
CA ALA H 32 -12.04 11.28 -65.76
C ALA H 32 -12.26 9.85 -65.35
N ARG H 33 -12.93 9.09 -66.21
CA ARG H 33 -13.19 7.67 -65.91
C ARG H 33 -12.73 6.79 -67.05
N VAL H 34 -12.11 5.68 -66.69
CA VAL H 34 -11.82 4.65 -67.67
C VAL H 34 -12.15 3.28 -67.10
N LEU H 35 -12.86 2.49 -67.90
CA LEU H 35 -13.23 1.12 -67.53
C LEU H 35 -12.38 0.14 -68.33
N LEU H 36 -11.55 -0.61 -67.61
CA LEU H 36 -10.63 -1.58 -68.24
C LEU H 36 -11.23 -2.97 -68.34
N PRO H 37 -11.08 -3.60 -69.52
CA PRO H 37 -11.38 -5.01 -69.70
C PRO H 37 -10.29 -5.82 -69.02
N GLU H 38 -10.45 -7.12 -68.95
CA GLU H 38 -9.44 -7.89 -68.28
C GLU H 38 -8.08 -7.81 -69.02
N GLY H 39 -6.99 -7.89 -68.27
CA GLY H 39 -5.65 -7.82 -68.85
C GLY H 39 -4.64 -7.33 -67.82
N LYS H 40 -3.47 -6.92 -68.31
CA LYS H 40 -2.46 -6.33 -67.42
C LYS H 40 -2.14 -4.88 -67.82
N TRP H 41 -2.66 -3.91 -67.05
CA TRP H 41 -2.55 -2.49 -67.43
C TRP H 41 -1.85 -1.57 -66.47
N HIS H 42 -1.31 -0.49 -67.05
CA HIS H 42 -0.82 0.68 -66.31
C HIS H 42 -1.54 1.90 -66.85
N VAL H 43 -2.22 2.62 -65.97
CA VAL H 43 -2.99 3.78 -66.40
C VAL H 43 -2.52 5.11 -65.73
N ARG H 44 -2.43 6.17 -66.55
CA ARG H 44 -2.01 7.49 -66.07
C ARG H 44 -3.04 8.58 -66.35
N LEU H 45 -3.32 9.39 -65.33
CA LEU H 45 -4.16 10.60 -65.49
C LEU H 45 -3.25 11.82 -65.42
N LEU H 46 -3.33 12.67 -66.43
CA LEU H 46 -2.55 13.89 -66.44
C LEU H 46 -3.43 15.11 -66.54
N ASP H 47 -2.90 16.24 -66.06
CA ASP H 47 -3.50 17.54 -66.30
C ASP H 47 -2.83 18.06 -67.55
N ALA H 48 -3.57 18.15 -68.65
CA ALA H 48 -3.00 18.56 -69.92
C ALA H 48 -2.38 19.96 -69.87
N ASP H 49 -2.95 20.84 -69.03
CA ASP H 49 -2.43 22.21 -68.91
C ASP H 49 -1.04 22.30 -68.27
N SER H 50 -0.83 21.56 -67.18
CA SER H 50 0.44 21.56 -66.47
C SER H 50 1.35 20.42 -66.84
N GLU H 51 0.78 19.35 -67.43
CA GLU H 51 1.53 18.12 -67.74
C GLU H 51 1.90 17.32 -66.49
N ASN H 52 1.26 17.67 -65.38
CA ASN H 52 1.45 16.92 -64.14
C ASN H 52 0.76 15.58 -64.20
N ILE H 53 1.42 14.57 -63.64
CA ILE H 53 0.81 13.28 -63.45
C ILE H 53 0.00 13.32 -62.16
N LEU H 54 -1.32 13.36 -62.31
CA LEU H 54 -2.23 13.47 -61.18
C LEU H 54 -2.33 12.17 -60.41
N PHE H 55 -2.44 11.07 -61.16
CA PHE H 55 -2.68 9.76 -60.57
C PHE H 55 -2.12 8.69 -61.49
N CYS H 56 -1.65 7.60 -60.91
CA CYS H 56 -0.85 6.63 -61.63
C CYS H 56 -0.98 5.28 -60.96
N CYS H 57 -1.28 4.24 -61.72
CA CYS H 57 -1.48 2.93 -61.10
C CYS H 57 -1.48 1.73 -62.03
N ASP H 58 -1.24 0.55 -61.44
CA ASP H 58 -1.27 -0.72 -62.15
C ASP H 58 -2.52 -1.47 -61.76
N VAL H 59 -3.37 -1.76 -62.75
CA VAL H 59 -4.58 -2.54 -62.48
C VAL H 59 -4.81 -3.67 -63.50
N ASP H 60 -5.60 -4.66 -63.09
CA ASP H 60 -5.90 -5.81 -63.93
C ASP H 60 -7.24 -5.64 -64.62
N LYS H 61 -8.20 -5.06 -63.93
CA LYS H 61 -9.51 -4.85 -64.50
C LYS H 61 -10.30 -3.94 -63.56
N GLY H 62 -11.32 -3.27 -64.08
CA GLY H 62 -12.18 -2.46 -63.23
C GLY H 62 -12.14 -1.00 -63.57
N TRP H 63 -12.49 -0.16 -62.60
CA TRP H 63 -12.57 1.27 -62.80
C TRP H 63 -11.35 1.99 -62.35
N VAL H 64 -11.08 3.10 -63.02
CA VAL H 64 -10.11 4.09 -62.57
C VAL H 64 -10.75 5.46 -62.79
N THR H 65 -11.04 6.16 -61.69
CA THR H 65 -11.57 7.53 -61.78
C THR H 65 -10.68 8.51 -61.01
N SER H 66 -10.59 9.72 -61.52
CA SER H 66 -9.85 10.78 -60.85
C SER H 66 -10.49 11.16 -59.50
N SER H 67 -9.66 11.48 -58.50
CA SER H 67 -10.14 12.09 -57.23
C SER H 67 -10.92 13.39 -57.51
N LYS H 68 -10.41 14.19 -58.45
CA LYS H 68 -10.99 15.50 -58.74
C LYS H 68 -12.20 15.40 -59.64
N LYS H 69 -13.28 16.08 -59.25
CA LYS H 69 -14.54 15.99 -59.99
C LYS H 69 -14.92 17.32 -60.69
N TYR H 70 -14.18 18.38 -60.40
CA TYR H 70 -14.47 19.67 -61.03
C TYR H 70 -13.76 19.68 -62.37
N PHE H 71 -13.91 20.77 -63.12
CA PHE H 71 -13.26 20.85 -64.43
C PHE H 71 -11.72 20.72 -64.39
N VAL H 72 -11.21 19.78 -65.18
CA VAL H 72 -9.78 19.64 -65.39
C VAL H 72 -9.61 19.18 -66.82
N ARG H 73 -8.64 19.72 -67.55
CA ARG H 73 -8.43 19.27 -68.92
C ARG H 73 -7.64 17.99 -68.81
N PHE H 74 -8.31 16.93 -68.42
CA PHE H 74 -7.63 15.66 -68.20
C PHE H 74 -7.02 15.08 -69.47
N ARG H 75 -5.98 14.28 -69.28
CA ARG H 75 -5.43 13.49 -70.36
C ARG H 75 -5.30 12.06 -69.87
N ILE H 76 -6.04 11.14 -70.48
CA ILE H 76 -5.98 9.73 -70.08
C ILE H 76 -5.01 8.94 -70.93
N GLN H 77 -4.17 8.17 -70.27
CA GLN H 77 -3.22 7.32 -70.94
C GLN H 77 -3.30 5.90 -70.37
N VAL H 78 -3.52 4.91 -71.24
CA VAL H 78 -3.54 3.50 -70.81
C VAL H 78 -2.40 2.72 -71.46
N PHE H 79 -1.66 1.96 -70.67
CA PHE H 79 -0.45 1.29 -71.16
C PHE H 79 -0.52 -0.22 -70.98
N ARG H 80 0.17 -0.94 -71.86
CA ARG H 80 0.46 -2.33 -71.60
C ARG H 80 1.54 -2.28 -70.53
N GLN H 81 1.65 -3.32 -69.72
CA GLN H 81 2.61 -3.30 -68.63
C GLN H 81 4.03 -3.03 -69.12
N GLY H 82 4.38 -3.48 -70.31
CA GLY H 82 5.75 -3.28 -70.78
C GLY H 82 5.99 -2.09 -71.72
N ALA H 83 4.93 -1.63 -72.38
CA ALA H 83 5.04 -0.69 -73.50
C ALA H 83 5.61 0.70 -73.21
N ALA H 84 6.50 1.15 -74.08
CA ALA H 84 6.99 2.51 -74.03
C ALA H 84 5.88 3.46 -74.47
N THR H 85 5.07 3.02 -75.44
CA THR H 85 4.01 3.84 -76.00
C THR H 85 2.64 3.47 -75.40
N PRO H 86 1.74 4.46 -75.19
CA PRO H 86 0.43 4.08 -74.67
C PRO H 86 -0.53 3.61 -75.77
N LEU H 87 -1.40 2.67 -75.43
CA LEU H 87 -2.41 2.18 -76.35
C LEU H 87 -3.49 3.25 -76.53
N LEU H 88 -3.92 3.86 -75.42
CA LEU H 88 -4.92 4.94 -75.46
C LEU H 88 -4.30 6.24 -74.92
N ASP H 89 -4.52 7.34 -75.63
CA ASP H 89 -3.99 8.63 -75.22
C ASP H 89 -4.96 9.73 -75.63
N GLU H 90 -6.06 9.83 -74.89
CA GLU H 90 -7.08 10.82 -75.21
C GLU H 90 -7.09 12.02 -74.25
N THR H 91 -7.23 13.22 -74.82
CA THR H 91 -7.25 14.46 -74.06
C THR H 91 -8.63 15.12 -74.19
N LEU H 92 -9.18 15.59 -73.06
CA LEU H 92 -10.47 16.27 -73.05
C LEU H 92 -10.54 17.43 -74.04
N LYS H 93 -11.45 17.35 -75.00
CA LYS H 93 -11.74 18.45 -75.95
C LYS H 93 -13.24 18.53 -76.05
N LEU H 94 -13.80 19.66 -75.68
CA LEU H 94 -15.23 19.76 -75.59
C LEU H 94 -15.89 20.39 -76.81
N LYS H 95 -15.12 20.82 -77.80
CA LYS H 95 -15.73 21.50 -78.93
C LYS H 95 -16.78 20.60 -79.60
N ASP H 96 -18.01 21.14 -79.74
CA ASP H 96 -19.12 20.43 -80.42
C ASP H 96 -19.48 19.10 -79.76
N ARG H 97 -19.33 18.99 -78.45
CA ARG H 97 -19.56 17.73 -77.76
C ARG H 97 -20.64 17.83 -76.69
N PRO H 98 -21.35 16.72 -76.45
CA PRO H 98 -22.46 16.71 -75.49
C PRO H 98 -21.99 16.80 -74.05
N VAL H 99 -22.37 17.88 -73.36
CA VAL H 99 -21.93 18.11 -71.97
C VAL H 99 -23.15 18.37 -71.09
N LEU H 100 -23.17 17.84 -69.87
CA LEU H 100 -24.20 18.29 -68.91
C LEU H 100 -23.61 18.99 -67.69
N ILE H 101 -24.25 20.08 -67.31
CA ILE H 101 -24.02 20.75 -66.04
C ILE H 101 -25.24 20.43 -65.21
N SER H 102 -25.05 19.73 -64.11
CA SER H 102 -26.17 19.32 -63.30
C SER H 102 -26.26 20.10 -62.02
N PHE H 103 -27.31 20.89 -61.87
CA PHE H 103 -27.54 21.61 -60.63
C PHE H 103 -28.42 20.77 -59.72
N PRO H 104 -28.38 21.05 -58.40
CA PRO H 104 -29.35 20.41 -57.50
C PRO H 104 -30.63 21.22 -57.49
N THR H 105 -31.66 20.71 -56.82
CA THR H 105 -32.92 21.44 -56.70
C THR H 105 -32.80 22.40 -55.51
N GLY H 106 -31.66 23.06 -55.41
CA GLY H 106 -31.40 24.01 -54.32
C GLY H 106 -32.30 25.22 -54.40
N THR H 107 -32.18 26.13 -53.43
CA THR H 107 -33.01 27.33 -53.45
C THR H 107 -32.79 28.17 -54.68
N LEU H 108 -33.58 29.23 -54.74
CA LEU H 108 -33.56 30.19 -55.82
C LEU H 108 -32.21 30.92 -55.91
N GLY H 109 -31.69 31.34 -54.75
CA GLY H 109 -30.46 32.14 -54.68
C GLY H 109 -29.26 31.39 -55.17
N ASP H 110 -29.26 30.09 -54.89
CA ASP H 110 -28.19 29.22 -55.35
C ASP H 110 -28.09 29.22 -56.87
N LEU H 111 -29.23 28.99 -57.52
CA LEU H 111 -29.23 28.86 -58.96
C LEU H 111 -29.00 30.12 -59.71
N LEU H 112 -29.58 31.20 -59.23
CA LEU H 112 -29.40 32.47 -59.89
C LEU H 112 -27.96 32.91 -59.78
N GLY H 113 -27.32 32.52 -58.69
CA GLY H 113 -25.92 32.81 -58.50
C GLY H 113 -25.05 31.98 -59.44
N TRP H 114 -25.36 30.70 -59.56
CA TRP H 114 -24.52 29.79 -60.35
C TRP H 114 -24.68 29.85 -61.83
N PHE H 115 -25.88 30.17 -62.28
CA PHE H 115 -26.15 29.97 -63.67
C PHE H 115 -25.25 30.67 -64.70
N PRO H 116 -24.98 31.97 -64.49
CA PRO H 116 -24.17 32.68 -65.49
C PRO H 116 -22.84 32.00 -65.80
N TYR H 117 -22.32 31.23 -64.85
CA TYR H 117 -21.03 30.53 -65.03
C TYR H 117 -21.18 29.38 -66.02
N ALA H 118 -22.39 28.84 -66.10
CA ALA H 118 -22.69 27.77 -67.05
C ALA H 118 -22.70 28.33 -68.47
N GLU H 119 -23.29 29.51 -68.66
CA GLU H 119 -23.21 30.13 -69.98
C GLU H 119 -21.77 30.47 -70.38
N ARG H 120 -20.96 30.87 -69.40
CA ARG H 120 -19.57 31.22 -69.67
C ARG H 120 -18.78 30.01 -70.11
N PHE H 121 -19.08 28.88 -69.48
CA PHE H 121 -18.46 27.61 -69.81
C PHE H 121 -18.71 27.25 -71.27
N GLN H 122 -19.90 27.59 -71.76
CA GLN H 122 -20.22 27.27 -73.13
C GLN H 122 -19.61 28.20 -74.15
N SER H 123 -19.60 29.51 -73.86
CA SER H 123 -18.94 30.46 -74.75
C SER H 123 -17.48 30.12 -74.87
N LEU H 124 -16.91 29.63 -73.80
CA LEU H 124 -15.51 29.33 -73.79
C LEU H 124 -15.18 28.11 -74.63
N HIS H 125 -15.89 27.01 -74.39
CA HIS H 125 -15.58 25.76 -75.04
C HIS H 125 -16.32 25.47 -76.32
N LYS H 126 -17.38 26.24 -76.61
CA LYS H 126 -18.24 26.03 -77.79
C LYS H 126 -18.74 24.57 -77.84
N CYS H 127 -19.28 24.10 -76.74
CA CYS H 127 -19.78 22.74 -76.65
C CYS H 127 -21.31 22.73 -76.79
N ARG H 128 -21.90 21.53 -76.85
CA ARG H 128 -23.35 21.36 -76.88
C ARG H 128 -23.79 21.13 -75.44
N LEU H 129 -24.36 22.15 -74.84
CA LEU H 129 -24.55 22.15 -73.40
C LEU H 129 -25.99 21.94 -73.00
N GLU H 130 -26.22 21.00 -72.09
CA GLU H 130 -27.54 20.81 -71.51
C GLU H 130 -27.49 20.96 -69.98
N CYS H 131 -28.48 21.65 -69.41
CA CYS H 131 -28.50 21.90 -67.96
C CYS H 131 -29.73 21.29 -67.33
N THR H 132 -29.62 20.81 -66.09
CA THR H 132 -30.73 20.14 -65.41
C THR H 132 -31.11 20.84 -64.11
N MSE H 133 -32.39 21.13 -63.94
CA MSE H 133 -32.87 21.87 -62.77
C MSE H 133 -34.38 21.84 -62.72
O MSE H 133 -35.01 21.38 -63.66
CB MSE H 133 -32.43 23.32 -62.91
CG MSE H 133 -32.87 23.89 -64.26
SE MSE H 133 -31.99 25.62 -64.63
CE MSE H 133 -30.42 24.87 -65.58
N SER H 134 -34.96 22.31 -61.62
CA SER H 134 -36.40 22.34 -61.48
C SER H 134 -37.09 23.15 -62.60
N GLN H 135 -38.30 22.74 -62.95
CA GLN H 135 -39.07 23.36 -64.02
C GLN H 135 -39.29 24.89 -63.83
N ASP H 136 -39.50 25.31 -62.61
CA ASP H 136 -39.81 26.72 -62.34
C ASP H 136 -38.66 27.68 -62.69
N ILE H 137 -37.42 27.19 -62.60
CA ILE H 137 -36.27 27.99 -62.97
C ILE H 137 -36.16 27.99 -64.49
N ILE H 138 -36.41 26.83 -65.10
CA ILE H 138 -36.37 26.69 -66.56
C ILE H 138 -37.32 27.70 -67.22
N ASP H 139 -38.52 27.81 -66.66
CA ASP H 139 -39.52 28.76 -67.17
C ASP H 139 -39.00 30.18 -67.08
N LEU H 140 -38.19 30.44 -66.06
CA LEU H 140 -37.66 31.78 -65.85
C LEU H 140 -36.49 32.13 -66.78
N LEU H 141 -35.65 31.15 -67.09
CA LEU H 141 -34.39 31.39 -67.79
C LEU H 141 -34.35 30.98 -69.27
N ALA H 142 -34.82 29.76 -69.57
CA ALA H 142 -34.68 29.17 -70.92
C ALA H 142 -34.83 30.13 -72.12
N PRO H 143 -35.90 30.96 -72.12
CA PRO H 143 -36.10 31.92 -73.20
C PRO H 143 -34.89 32.83 -73.51
N GLN H 144 -34.08 33.14 -72.50
CA GLN H 144 -32.96 34.07 -72.72
C GLN H 144 -31.64 33.38 -73.02
N TYR H 145 -31.64 32.05 -72.99
CA TYR H 145 -30.42 31.28 -73.26
C TYR H 145 -30.71 30.22 -74.31
N PRO H 146 -31.02 30.66 -75.54
CA PRO H 146 -31.38 29.70 -76.59
C PRO H 146 -30.23 28.77 -76.94
N GLN H 147 -29.01 29.19 -76.61
CA GLN H 147 -27.79 28.43 -76.90
C GLN H 147 -27.67 27.16 -76.09
N ILE H 148 -28.36 27.13 -74.94
CA ILE H 148 -28.27 26.05 -73.95
C ILE H 148 -29.60 25.32 -73.87
N GLN H 149 -29.56 24.00 -73.73
CA GLN H 149 -30.76 23.18 -73.65
C GLN H 149 -31.13 22.90 -72.20
N PHE H 150 -32.34 23.25 -71.81
CA PHE H 150 -32.80 23.04 -70.42
C PHE H 150 -33.70 21.81 -70.27
N SER H 151 -33.52 21.06 -69.19
CA SER H 151 -34.28 19.85 -68.94
C SER H 151 -34.43 19.65 -67.44
N THR H 152 -35.16 18.63 -67.04
CA THR H 152 -35.31 18.31 -65.63
C THR H 152 -34.45 17.09 -65.36
N PRO H 153 -34.04 16.90 -64.10
CA PRO H 153 -33.13 15.79 -63.75
C PRO H 153 -33.67 14.42 -64.15
N ASP H 154 -35.00 14.25 -64.15
CA ASP H 154 -35.60 12.96 -64.47
C ASP H 154 -35.72 12.63 -65.96
N LYS H 155 -35.80 13.65 -66.81
CA LYS H 155 -35.88 13.45 -68.26
C LYS H 155 -34.82 14.23 -69.05
N PRO H 156 -33.53 13.86 -68.90
CA PRO H 156 -32.45 14.52 -69.65
C PRO H 156 -32.44 14.07 -71.10
N ARG H 157 -32.18 14.99 -72.02
CA ARG H 157 -32.25 14.67 -73.45
C ARG H 157 -31.00 14.02 -74.04
N THR H 158 -29.83 14.40 -73.53
CA THR H 158 -28.56 13.89 -74.06
C THR H 158 -28.39 12.37 -73.88
N VAL H 159 -28.78 11.84 -72.73
CA VAL H 159 -28.72 10.39 -72.50
C VAL H 159 -27.29 9.88 -72.42
N ALA H 160 -26.51 10.12 -73.47
CA ALA H 160 -25.08 9.77 -73.46
C ALA H 160 -24.24 11.02 -73.69
N PRO H 161 -23.55 11.50 -72.63
CA PRO H 161 -22.76 12.71 -72.65
C PRO H 161 -21.28 12.43 -72.60
N TYR H 162 -20.50 13.34 -73.18
CA TYR H 162 -19.04 13.24 -73.21
C TYR H 162 -18.45 13.64 -71.86
N ALA H 163 -18.98 14.74 -71.29
CA ALA H 163 -18.54 15.23 -69.98
C ALA H 163 -19.70 15.77 -69.15
N THR H 164 -19.59 15.61 -67.84
CA THR H 164 -20.62 16.06 -66.91
C THR H 164 -19.96 16.83 -65.77
N TYR H 165 -20.62 17.87 -65.28
CA TYR H 165 -20.12 18.65 -64.14
C TYR H 165 -21.25 18.94 -63.15
N ARG H 166 -21.08 18.55 -61.89
CA ARG H 166 -22.10 18.79 -60.86
C ARG H 166 -21.81 20.03 -59.99
N VAL H 167 -22.50 21.13 -60.30
CA VAL H 167 -22.34 22.35 -59.56
C VAL H 167 -23.20 22.32 -58.31
N GLY H 168 -22.59 22.55 -57.15
CA GLY H 168 -23.35 22.63 -55.90
C GLY H 168 -22.47 23.06 -54.74
N LEU H 169 -23.04 23.08 -53.54
CA LEU H 169 -22.28 23.39 -52.34
C LEU H 169 -21.77 22.13 -51.71
N TYR H 170 -20.49 22.10 -51.39
CA TYR H 170 -19.89 20.96 -50.73
C TYR H 170 -19.30 21.43 -49.43
N PHE H 171 -19.83 20.90 -48.33
CA PHE H 171 -19.44 21.35 -47.01
C PHE H 171 -18.29 20.52 -46.43
N GLY H 172 -17.93 20.81 -45.19
CA GLY H 172 -16.83 20.12 -44.51
C GLY H 172 -15.46 20.39 -45.13
N GLY H 173 -15.38 21.42 -45.99
CA GLY H 173 -14.12 21.76 -46.65
C GLY H 173 -13.71 20.79 -47.74
N ASP H 174 -14.69 20.07 -48.29
CA ASP H 174 -14.48 19.18 -49.41
C ASP H 174 -13.67 19.88 -50.52
N THR H 175 -12.60 19.24 -51.00
CA THR H 175 -11.79 19.79 -52.08
C THR H 175 -11.66 18.85 -53.28
N ASN H 176 -12.50 17.82 -53.33
CA ASN H 176 -12.55 16.92 -54.49
C ASN H 176 -13.64 17.27 -55.48
N ASN H 177 -14.77 17.79 -54.99
CA ASN H 177 -15.85 18.21 -55.87
C ASN H 177 -15.83 19.68 -56.19
N GLN H 178 -15.04 20.42 -55.42
CA GLN H 178 -14.78 21.83 -55.71
C GLN H 178 -13.28 22.05 -55.53
N PRO H 179 -12.70 22.94 -56.34
CA PRO H 179 -11.26 23.14 -56.22
C PRO H 179 -10.89 23.78 -54.89
N VAL H 180 -11.64 24.79 -54.47
CA VAL H 180 -11.41 25.51 -53.23
C VAL H 180 -12.71 25.60 -52.44
N ASP H 181 -12.61 25.51 -51.11
CA ASP H 181 -13.77 25.57 -50.20
C ASP H 181 -14.64 26.78 -50.56
N PHE H 182 -15.93 26.57 -50.80
CA PHE H 182 -16.76 27.66 -51.27
C PHE H 182 -16.82 28.84 -50.32
N ARG H 183 -16.58 28.59 -49.04
CA ARG H 183 -16.64 29.66 -48.05
C ARG H 183 -15.51 30.67 -48.22
N LYS H 184 -14.44 30.25 -48.89
CA LYS H 184 -13.29 31.14 -49.10
C LYS H 184 -13.48 32.07 -50.27
N VAL H 185 -14.31 31.69 -51.22
CA VAL H 185 -14.50 32.46 -52.44
C VAL H 185 -15.92 33.05 -52.61
N GLY H 186 -16.86 32.58 -51.77
CA GLY H 186 -18.28 32.93 -51.91
C GLY H 186 -19.09 31.78 -52.55
N PHE H 187 -20.27 31.50 -52.01
CA PHE H 187 -21.02 30.32 -52.44
C PHE H 187 -21.37 30.32 -53.94
N HIS H 188 -21.70 31.49 -54.49
CA HIS H 188 -22.06 31.60 -55.91
C HIS H 188 -20.87 31.55 -56.83
N ARG H 189 -19.78 32.23 -56.46
CA ARG H 189 -18.58 32.24 -57.29
C ARG H 189 -17.95 30.87 -57.39
N SER H 190 -18.28 29.98 -56.46
CA SER H 190 -17.72 28.64 -56.43
C SER H 190 -18.03 27.88 -57.73
N ALA H 191 -19.17 28.23 -58.33
CA ALA H 191 -19.57 27.64 -59.60
C ALA H 191 -18.53 27.93 -60.68
N GLY H 192 -18.01 29.15 -60.68
CA GLY H 192 -16.98 29.54 -61.61
C GLY H 192 -15.71 28.74 -61.42
N TYR H 193 -15.40 28.43 -60.17
CA TYR H 193 -14.18 27.70 -59.88
C TYR H 193 -14.33 26.26 -60.29
N ILE H 194 -15.46 25.67 -59.96
CA ILE H 194 -15.77 24.32 -60.41
C ILE H 194 -15.65 24.16 -61.92
N LEU H 195 -16.14 25.15 -62.66
CA LEU H 195 -16.14 25.10 -64.13
C LEU H 195 -14.88 25.65 -64.75
N GLY H 196 -14.06 26.29 -63.91
CA GLY H 196 -12.78 26.84 -64.34
C GLY H 196 -12.93 28.05 -65.23
N VAL H 197 -13.94 28.87 -64.97
CA VAL H 197 -14.10 30.08 -65.76
C VAL H 197 -13.93 31.35 -64.92
N ASP H 198 -13.98 32.50 -65.59
CA ASP H 198 -13.95 33.79 -64.93
C ASP H 198 -14.89 33.70 -63.73
N PRO H 199 -14.34 33.84 -62.52
CA PRO H 199 -15.15 33.63 -61.32
C PRO H 199 -15.96 34.84 -60.92
N ARG H 200 -15.86 35.91 -61.68
CA ARG H 200 -16.57 37.14 -61.33
C ARG H 200 -18.07 37.05 -61.50
N GLU H 201 -18.77 37.46 -60.47
CA GLU H 201 -20.21 37.39 -60.42
C GLU H 201 -20.88 38.17 -61.54
N ALA H 202 -22.00 37.64 -62.02
CA ALA H 202 -22.88 38.32 -62.96
C ALA H 202 -24.32 37.99 -62.63
N PRO H 203 -25.26 38.89 -62.99
CA PRO H 203 -26.68 38.58 -62.85
C PRO H 203 -27.16 37.76 -64.03
N VAL H 204 -28.20 36.96 -63.83
CA VAL H 204 -28.77 36.21 -64.94
C VAL H 204 -29.52 37.17 -65.84
N ARG H 205 -29.80 36.73 -67.07
CA ARG H 205 -30.61 37.51 -67.99
C ARG H 205 -32.08 37.11 -67.86
N LEU H 206 -32.97 38.10 -67.69
CA LEU H 206 -34.38 37.85 -67.50
C LEU H 206 -35.25 38.53 -68.56
N ASP H 207 -36.53 38.17 -68.63
CA ASP H 207 -37.48 38.82 -69.52
C ASP H 207 -38.02 40.03 -68.80
N LEU H 208 -37.51 41.21 -69.16
CA LEU H 208 -37.87 42.43 -68.45
C LEU H 208 -38.75 43.33 -69.30
N SER H 209 -39.56 42.70 -70.13
CA SER H 209 -40.43 43.43 -71.07
C SER H 209 -41.78 43.82 -70.48
N ALA H 210 -42.16 43.15 -69.39
CA ALA H 210 -43.43 43.39 -68.69
C ALA H 210 -43.72 44.88 -68.42
N PRO H 211 -44.93 45.34 -68.77
CA PRO H 211 -45.34 46.76 -68.62
C PRO H 211 -45.73 47.08 -67.18
N ARG H 212 -45.56 48.34 -66.77
CA ARG H 212 -45.82 48.74 -65.40
C ARG H 212 -47.30 48.64 -65.05
N VAL H 213 -47.61 48.10 -63.88
CA VAL H 213 -49.00 47.90 -63.47
C VAL H 213 -49.37 48.83 -62.32
N ILE H 214 -48.58 48.80 -61.26
CA ILE H 214 -48.80 49.70 -60.13
C ILE H 214 -48.22 51.06 -60.48
N ALA H 215 -49.07 52.08 -60.45
CA ALA H 215 -48.66 53.42 -60.85
C ALA H 215 -47.70 54.13 -59.88
N ALA H 216 -48.10 54.18 -58.60
CA ALA H 216 -47.33 54.88 -57.57
C ALA H 216 -45.97 54.23 -57.33
N PRO H 217 -45.01 55.00 -56.79
CA PRO H 217 -43.72 54.40 -56.40
C PRO H 217 -43.91 53.32 -55.29
N TYR H 218 -43.20 52.21 -55.41
CA TYR H 218 -43.30 51.15 -54.38
C TYR H 218 -41.98 50.42 -54.11
N VAL H 219 -41.90 49.77 -52.96
CA VAL H 219 -40.72 49.02 -52.58
C VAL H 219 -41.09 47.58 -52.29
N CYS H 220 -40.31 46.64 -52.79
CA CYS H 220 -40.55 45.23 -52.47
C CYS H 220 -39.68 44.76 -51.32
N ILE H 221 -40.22 43.88 -50.47
CA ILE H 221 -39.46 43.34 -49.37
C ILE H 221 -39.62 41.83 -49.27
N ALA H 222 -38.56 41.17 -48.80
CA ALA H 222 -38.59 39.74 -48.53
C ALA H 222 -38.09 39.52 -47.10
N THR H 223 -38.96 39.01 -46.23
CA THR H 223 -38.65 38.86 -44.81
C THR H 223 -38.39 37.41 -44.38
N GLN H 224 -38.86 36.45 -45.17
CA GLN H 224 -38.72 34.99 -44.86
C GLN H 224 -37.39 34.41 -45.38
N SER H 225 -36.93 33.33 -44.77
CA SER H 225 -35.75 32.63 -45.26
C SER H 225 -35.68 31.17 -44.77
N THR H 226 -34.63 30.44 -45.17
CA THR H 226 -34.54 29.00 -44.87
C THR H 226 -34.00 28.61 -43.47
N CYS H 227 -33.25 29.49 -42.84
CA CYS H 227 -32.90 29.28 -41.43
C CYS H 227 -33.06 30.58 -40.66
N GLN H 228 -33.24 30.49 -39.35
CA GLN H 228 -33.51 31.65 -38.54
C GLN H 228 -32.37 32.66 -38.54
N ALA H 229 -31.14 32.20 -38.76
CA ALA H 229 -29.99 33.12 -38.71
C ALA H 229 -30.05 34.17 -39.82
N LYS H 230 -30.66 33.80 -40.96
CA LYS H 230 -30.78 34.68 -42.11
C LYS H 230 -31.90 35.72 -41.95
N TYR H 231 -32.71 35.58 -40.89
CA TYR H 231 -33.77 36.54 -40.63
C TYR H 231 -33.21 37.75 -39.97
N TRP H 232 -33.91 38.88 -40.08
CA TRP H 232 -33.45 40.08 -39.43
C TRP H 232 -34.04 40.06 -38.05
N ASN H 233 -33.29 39.55 -37.09
CA ASN H 233 -33.83 39.26 -35.77
C ASN H 233 -33.86 40.42 -34.81
N ASN H 234 -33.88 41.64 -35.33
CA ASN H 234 -34.02 42.79 -34.48
C ASN H 234 -35.50 42.95 -34.20
N GLY H 235 -35.86 43.16 -32.93
CA GLY H 235 -37.27 43.23 -32.55
C GLY H 235 -38.16 44.14 -33.38
N THR H 236 -37.76 45.40 -33.53
CA THR H 236 -38.58 46.40 -34.19
C THR H 236 -38.05 46.86 -35.58
N GLY H 237 -37.01 46.18 -36.06
CA GLY H 237 -36.43 46.46 -37.35
C GLY H 237 -37.41 46.65 -38.49
N TRP H 238 -37.99 45.55 -38.98
CA TRP H 238 -38.94 45.64 -40.09
C TRP H 238 -40.04 46.64 -39.91
N SER H 239 -40.63 46.70 -38.72
CA SER H 239 -41.71 47.64 -38.48
C SER H 239 -41.24 49.10 -38.65
N GLU H 240 -40.03 49.42 -38.15
CA GLU H 240 -39.51 50.79 -38.29
C GLU H 240 -39.21 51.14 -39.72
N VAL H 241 -38.73 50.17 -40.47
CA VAL H 241 -38.44 50.39 -41.87
C VAL H 241 -39.74 50.62 -42.65
N ILE H 242 -40.71 49.74 -42.48
CA ILE H 242 -41.97 49.86 -43.21
C ILE H 242 -42.70 51.18 -42.93
N ALA H 243 -42.69 51.61 -41.67
CA ALA H 243 -43.27 52.89 -41.28
C ALA H 243 -42.55 54.04 -41.99
N HIS H 244 -41.22 53.97 -41.98
CA HIS H 244 -40.42 54.99 -42.63
C HIS H 244 -40.59 55.07 -44.12
N LEU H 245 -40.66 53.91 -44.78
CA LEU H 245 -40.87 53.86 -46.23
C LEU H 245 -42.15 54.57 -46.65
N LYS H 246 -43.21 54.38 -45.86
CA LYS H 246 -44.48 55.02 -46.13
C LYS H 246 -44.39 56.52 -45.92
N SER H 247 -43.65 56.94 -44.90
CA SER H 247 -43.47 58.38 -44.68
C SER H 247 -42.68 59.03 -45.82
N LEU H 248 -41.99 58.21 -46.64
CA LEU H 248 -41.28 58.72 -47.83
C LEU H 248 -42.13 58.57 -49.09
N GLY H 249 -43.35 58.08 -48.93
CA GLY H 249 -44.27 57.96 -50.06
C GLY H 249 -44.23 56.64 -50.84
N TYR H 250 -43.58 55.62 -50.29
CA TYR H 250 -43.58 54.31 -50.96
C TYR H 250 -44.70 53.41 -50.44
N ARG H 251 -45.32 52.68 -51.37
CA ARG H 251 -46.20 51.58 -51.03
C ARG H 251 -45.26 50.39 -50.79
N VAL H 252 -45.61 49.51 -49.85
CA VAL H 252 -44.72 48.40 -49.47
C VAL H 252 -45.34 47.03 -49.72
N MSE H 253 -44.69 46.21 -50.54
CA MSE H 253 -45.21 44.89 -50.87
C MSE H 253 -44.29 43.82 -50.39
O MSE H 253 -43.08 43.88 -50.61
CB MSE H 253 -45.34 44.70 -52.38
CG MSE H 253 -46.61 45.33 -52.91
SE MSE H 253 -46.24 47.22 -53.32
CE MSE H 253 -47.90 47.99 -52.62
N CYS H 254 -44.84 42.83 -49.70
CA CYS H 254 -44.05 41.68 -49.25
C CYS H 254 -44.23 40.57 -50.27
N ILE H 255 -43.12 40.06 -50.80
CA ILE H 255 -43.19 39.07 -51.85
C ILE H 255 -42.65 37.70 -51.45
N ASP H 256 -42.63 37.41 -50.17
CA ASP H 256 -42.19 36.08 -49.74
C ASP H 256 -43.09 34.97 -50.23
N ARG H 257 -42.54 33.78 -50.46
CA ARG H 257 -43.39 32.70 -50.92
C ARG H 257 -44.37 32.23 -49.82
N ASP H 258 -43.92 32.26 -48.57
CA ASP H 258 -44.76 31.93 -47.42
C ASP H 258 -45.05 33.18 -46.58
N ALA H 259 -46.22 33.23 -45.97
CA ALA H 259 -46.58 34.36 -45.10
C ALA H 259 -46.21 34.07 -43.65
N HIS H 260 -46.02 32.79 -43.34
CA HIS H 260 -45.60 32.35 -42.01
C HIS H 260 -44.64 31.24 -42.21
N TYR H 261 -43.55 31.25 -41.46
CA TYR H 261 -42.54 30.20 -41.60
C TYR H 261 -41.74 30.16 -40.31
N GLY H 262 -41.39 28.94 -39.91
CA GLY H 262 -40.72 28.74 -38.62
C GLY H 262 -40.76 27.29 -38.18
N GLN H 263 -40.33 27.02 -36.95
CA GLN H 263 -40.18 25.64 -36.56
C GLN H 263 -40.73 25.24 -35.19
N GLY H 264 -40.19 25.76 -34.11
CA GLY H 264 -40.68 25.30 -32.81
C GLY H 264 -41.78 26.21 -32.33
N PHE H 265 -41.40 27.09 -31.42
CA PHE H 265 -42.25 28.20 -31.04
C PHE H 265 -41.79 29.43 -31.78
N VAL H 266 -40.72 29.30 -32.54
CA VAL H 266 -40.16 30.43 -33.29
C VAL H 266 -40.78 30.51 -34.67
N TRP H 267 -41.66 31.50 -34.84
CA TRP H 267 -42.37 31.70 -36.09
C TRP H 267 -42.26 33.11 -36.54
N ASN H 268 -42.09 33.28 -37.84
CA ASN H 268 -41.96 34.59 -38.43
C ASN H 268 -43.11 34.84 -39.39
N HIS H 269 -43.70 36.04 -39.30
CA HIS H 269 -44.87 36.36 -40.09
C HIS H 269 -44.70 37.58 -40.92
N ILE H 270 -45.40 37.63 -42.05
CA ILE H 270 -45.49 38.82 -42.87
C ILE H 270 -45.78 39.99 -41.97
N PRO H 271 -44.92 41.01 -41.98
CA PRO H 271 -45.06 42.11 -41.04
C PRO H 271 -46.34 42.89 -41.25
N TRP H 272 -46.97 43.28 -40.16
CA TRP H 272 -48.12 44.13 -40.23
C TRP H 272 -47.68 45.37 -40.97
N GLY H 273 -48.52 45.86 -41.88
CA GLY H 273 -48.21 47.11 -42.58
C GLY H 273 -47.78 46.88 -44.01
N ALA H 274 -47.28 45.69 -44.29
CA ALA H 274 -46.86 45.34 -45.63
C ALA H 274 -48.04 44.78 -46.39
N GLU H 275 -48.17 45.13 -47.66
CA GLU H 275 -49.21 44.57 -48.48
C GLU H 275 -48.88 43.12 -48.78
N ASP H 276 -49.92 42.31 -48.90
CA ASP H 276 -49.71 40.88 -48.99
C ASP H 276 -49.62 40.41 -50.42
N PHE H 277 -48.40 40.23 -50.92
CA PHE H 277 -48.18 39.73 -52.27
C PHE H 277 -47.47 38.39 -52.16
N THR H 278 -47.66 37.71 -51.05
CA THR H 278 -47.01 36.44 -50.80
C THR H 278 -47.63 35.34 -51.63
N GLY H 279 -47.09 34.14 -51.53
CA GLY H 279 -47.65 32.99 -52.24
C GLY H 279 -46.67 32.36 -53.20
N LYS H 280 -46.89 31.08 -53.51
CA LYS H 280 -46.05 30.33 -54.46
C LYS H 280 -46.51 30.56 -55.89
N LEU H 281 -46.07 31.65 -56.49
CA LEU H 281 -46.41 31.97 -57.88
C LEU H 281 -45.23 31.59 -58.77
N PRO H 282 -45.46 31.54 -60.09
CA PRO H 282 -44.29 31.36 -60.95
C PRO H 282 -43.37 32.61 -60.85
N LEU H 283 -42.07 32.39 -61.00
CA LEU H 283 -41.09 33.42 -60.75
C LEU H 283 -41.23 34.62 -61.67
N GLN H 284 -41.66 34.37 -62.90
CA GLN H 284 -41.82 35.45 -63.85
C GLN H 284 -42.71 36.57 -63.31
N GLU H 285 -43.69 36.21 -62.47
CA GLU H 285 -44.59 37.21 -61.89
C GLU H 285 -43.88 38.07 -60.87
N ARG H 286 -42.95 37.46 -60.15
CA ARG H 286 -42.09 38.16 -59.22
C ARG H 286 -41.20 39.15 -59.98
N VAL H 287 -40.62 38.68 -61.08
CA VAL H 287 -39.77 39.52 -61.91
C VAL H 287 -40.54 40.74 -62.40
N ASN H 288 -41.75 40.51 -62.88
CA ASN H 288 -42.59 41.58 -63.43
C ASN H 288 -42.91 42.65 -62.40
N LEU H 289 -43.18 42.22 -61.17
CA LEU H 289 -43.49 43.15 -60.11
C LEU H 289 -42.23 43.91 -59.68
N LEU H 290 -41.13 43.15 -59.56
CA LEU H 290 -39.87 43.69 -59.08
C LEU H 290 -39.31 44.75 -60.01
N ARG H 291 -39.38 44.47 -61.30
CA ARG H 291 -38.86 45.37 -62.34
C ARG H 291 -39.22 46.85 -62.15
N HIS H 292 -40.44 47.15 -61.69
CA HIS H 292 -40.88 48.54 -61.55
C HIS H 292 -40.86 49.04 -60.14
N ALA H 293 -40.24 48.28 -59.25
CA ALA H 293 -40.08 48.73 -57.89
C ALA H 293 -38.97 49.77 -57.83
N SER H 294 -39.11 50.79 -56.99
CA SER H 294 -38.05 51.77 -56.79
C SER H 294 -36.80 51.09 -56.28
N PHE H 295 -36.97 50.18 -55.33
CA PHE H 295 -35.90 49.32 -54.85
C PHE H 295 -36.40 48.13 -54.04
N PHE H 296 -35.47 47.32 -53.56
CA PHE H 296 -35.82 46.07 -52.87
C PHE H 296 -35.04 45.95 -51.58
N ILE H 297 -35.71 45.42 -50.55
CA ILE H 297 -35.05 45.16 -49.26
C ILE H 297 -35.21 43.68 -48.92
N GLY H 298 -34.10 42.99 -48.68
CA GLY H 298 -34.16 41.58 -48.46
C GLY H 298 -33.02 40.97 -47.69
N LEU H 299 -32.95 39.65 -47.75
CA LEU H 299 -32.00 38.87 -47.00
C LEU H 299 -31.12 38.10 -47.98
N PRO H 300 -30.07 37.43 -47.48
CA PRO H 300 -29.21 36.67 -48.37
C PRO H 300 -29.91 35.44 -49.01
N SER H 301 -31.23 35.38 -48.87
CA SER H 301 -32.05 34.38 -49.54
C SER H 301 -32.21 34.72 -51.02
N GLY H 302 -32.78 33.76 -51.76
CA GLY H 302 -32.95 33.85 -53.20
C GLY H 302 -33.58 35.08 -53.84
N LEU H 303 -34.64 35.61 -53.27
CA LEU H 303 -35.31 36.76 -53.88
C LEU H 303 -34.39 37.95 -54.10
N SER H 304 -33.35 38.08 -53.27
CA SER H 304 -32.39 39.20 -53.44
C SER H 304 -31.63 39.06 -54.75
N TRP H 305 -31.31 37.82 -55.13
CA TRP H 305 -30.63 37.55 -56.38
C TRP H 305 -31.51 37.82 -57.57
N LEU H 306 -32.82 37.58 -57.41
CA LEU H 306 -33.78 37.87 -58.47
C LEU H 306 -33.94 39.37 -58.59
N ALA H 307 -34.12 40.04 -57.45
CA ALA H 307 -34.19 41.50 -57.40
C ALA H 307 -32.95 42.12 -58.05
N TRP H 308 -31.79 41.56 -57.75
CA TRP H 308 -30.53 42.00 -58.35
C TRP H 308 -30.59 41.99 -59.85
N ALA H 309 -31.03 40.87 -60.42
CA ALA H 309 -31.05 40.65 -61.86
C ALA H 309 -32.10 41.48 -62.61
N THR H 310 -33.09 41.98 -61.88
CA THR H 310 -34.07 42.86 -62.49
C THR H 310 -33.53 44.29 -62.56
N ARG H 311 -32.26 44.47 -62.19
CA ARG H 311 -31.57 45.75 -62.37
C ARG H 311 -32.13 46.91 -61.52
N ILE H 312 -32.60 46.61 -60.31
CA ILE H 312 -33.05 47.64 -59.38
C ILE H 312 -32.14 47.63 -58.14
N PRO H 313 -32.03 48.76 -57.44
CA PRO H 313 -31.16 48.79 -56.25
C PRO H 313 -31.62 47.77 -55.19
N VAL H 314 -30.66 47.10 -54.55
CA VAL H 314 -30.99 46.08 -53.54
C VAL H 314 -30.36 46.39 -52.20
N VAL H 315 -31.21 46.60 -51.20
CA VAL H 315 -30.73 46.75 -49.83
C VAL H 315 -30.69 45.35 -49.21
N LEU H 316 -29.49 44.89 -48.87
CA LEU H 316 -29.30 43.54 -48.40
C LEU H 316 -28.89 43.52 -46.94
N ILE H 317 -29.74 42.95 -46.10
CA ILE H 317 -29.48 42.87 -44.66
C ILE H 317 -28.97 41.49 -44.28
N SER H 318 -27.77 41.43 -43.71
CA SER H 318 -27.21 40.14 -43.29
C SER H 318 -26.09 40.30 -42.30
N GLY H 319 -26.14 39.49 -41.24
CA GLY H 319 -25.10 39.48 -40.23
C GLY H 319 -24.41 38.11 -40.16
N PHE H 320 -25.10 37.07 -40.59
CA PHE H 320 -24.51 35.73 -40.49
C PHE H 320 -23.49 35.43 -41.59
N SER H 321 -23.53 36.25 -42.64
CA SER H 321 -22.52 36.19 -43.69
C SER H 321 -21.82 37.54 -43.83
N LEU H 322 -20.57 37.51 -44.24
CA LEU H 322 -19.78 38.70 -44.52
C LEU H 322 -20.29 39.40 -45.79
N PRO H 323 -20.11 40.72 -45.87
CA PRO H 323 -20.53 41.48 -47.06
C PRO H 323 -20.06 40.85 -48.38
N ASN H 324 -18.83 40.33 -48.46
CA ASN H 324 -18.34 39.76 -49.73
C ASN H 324 -18.94 38.40 -50.08
N SER H 325 -19.82 37.90 -49.23
CA SER H 325 -20.32 36.55 -49.41
C SER H 325 -21.39 36.48 -50.48
N GLU H 326 -22.00 37.63 -50.77
CA GLU H 326 -23.02 37.73 -51.80
C GLU H 326 -22.56 38.72 -52.87
N PHE H 327 -23.44 39.05 -53.82
CA PHE H 327 -23.09 40.03 -54.84
C PHE H 327 -22.82 41.39 -54.21
N TYR H 328 -22.08 42.24 -54.91
CA TYR H 328 -21.79 43.57 -54.38
C TYR H 328 -23.04 44.46 -54.44
N THR H 329 -23.31 45.21 -53.37
CA THR H 329 -24.33 46.26 -53.43
C THR H 329 -23.94 47.38 -52.51
N PRO H 330 -23.98 48.62 -52.99
CA PRO H 330 -23.61 49.73 -52.09
C PRO H 330 -24.56 49.84 -50.91
N TRP H 331 -25.67 49.11 -50.99
CA TRP H 331 -26.71 49.14 -49.95
C TRP H 331 -26.68 47.96 -49.01
N ARG H 332 -25.54 47.28 -48.92
CA ARG H 332 -25.35 46.17 -48.00
C ARG H 332 -25.32 46.67 -46.56
N VAL H 333 -26.12 46.05 -45.70
CA VAL H 333 -26.14 46.41 -44.28
C VAL H 333 -25.55 45.29 -43.44
N PHE H 334 -24.63 45.65 -42.55
CA PHE H 334 -23.81 44.69 -41.83
C PHE H 334 -23.32 45.40 -40.57
N ASN H 335 -23.20 44.65 -39.47
CA ASN H 335 -22.73 45.26 -38.24
C ASN H 335 -21.58 44.46 -37.70
N SER H 336 -20.47 45.14 -37.42
CA SER H 336 -19.23 44.45 -37.08
C SER H 336 -18.85 44.41 -35.59
N HIS H 337 -19.76 44.86 -34.71
CA HIS H 337 -19.45 44.98 -33.29
C HIS H 337 -19.60 43.74 -32.43
N GLY H 338 -20.31 42.71 -32.91
CA GLY H 338 -20.50 41.46 -32.13
C GLY H 338 -20.19 40.23 -32.96
N CYS H 339 -20.84 39.06 -32.69
CA CYS H 339 -20.69 37.85 -33.56
C CYS H 339 -21.14 38.27 -34.98
N TYR H 340 -20.43 37.78 -35.99
CA TYR H 340 -20.88 37.89 -37.39
C TYR H 340 -20.22 36.82 -38.24
N GLY H 341 -20.74 36.55 -39.43
CA GLY H 341 -20.11 35.59 -40.34
C GLY H 341 -20.04 34.12 -39.95
N CYS H 342 -21.01 33.62 -39.18
CA CYS H 342 -21.15 32.20 -38.82
C CYS H 342 -20.86 31.43 -40.16
N TRP H 343 -21.51 31.87 -41.22
CA TRP H 343 -21.60 31.16 -42.48
C TRP H 343 -20.31 31.00 -43.24
N ASP H 344 -19.42 31.98 -43.14
CA ASP H 344 -18.19 32.00 -43.90
C ASP H 344 -17.02 31.38 -43.17
N ASP H 345 -17.21 31.14 -41.87
CA ASP H 345 -16.18 30.60 -40.98
C ASP H 345 -15.83 29.13 -41.26
N THR H 346 -14.59 28.87 -41.68
CA THR H 346 -14.21 27.52 -42.09
C THR H 346 -14.00 26.56 -40.93
N SER H 347 -14.00 27.06 -39.72
CA SER H 347 -13.83 26.21 -38.56
C SER H 347 -15.18 25.67 -38.06
N LEU H 348 -16.28 26.24 -38.55
CA LEU H 348 -17.61 25.82 -38.17
C LEU H 348 -18.25 25.02 -39.29
N ASN H 349 -19.44 24.49 -39.03
CA ASN H 349 -20.18 23.71 -40.04
C ASN H 349 -21.66 23.97 -40.00
N PHE H 350 -22.20 24.48 -41.11
CA PHE H 350 -23.64 24.68 -41.25
C PHE H 350 -24.39 23.37 -41.02
N ASP H 351 -25.48 23.46 -40.26
CA ASP H 351 -26.33 22.30 -39.96
C ASP H 351 -27.64 22.44 -40.71
N HIS H 352 -27.86 21.58 -41.70
CA HIS H 352 -29.07 21.64 -42.53
C HIS H 352 -30.30 21.26 -41.75
N HIS H 353 -30.12 20.57 -40.64
CA HIS H 353 -31.25 20.01 -39.88
C HIS H 353 -31.65 20.83 -38.70
N ASP H 354 -30.85 21.84 -38.40
CA ASP H 354 -31.15 22.73 -37.29
C ASP H 354 -31.56 24.11 -37.81
N PHE H 355 -32.84 24.41 -37.73
CA PHE H 355 -33.38 25.67 -38.21
C PHE H 355 -32.95 26.81 -37.29
N LEU H 356 -32.60 26.49 -36.06
CA LEU H 356 -32.20 27.50 -35.10
C LEU H 356 -30.69 27.52 -34.90
N TRP H 357 -29.97 27.07 -35.93
CA TRP H 357 -28.51 27.06 -35.92
C TRP H 357 -27.88 28.43 -35.62
N CYS H 358 -27.07 28.49 -34.55
CA CYS H 358 -26.19 29.60 -34.19
C CYS H 358 -24.96 28.98 -33.50
N PRO H 359 -23.95 28.55 -34.27
CA PRO H 359 -22.83 27.75 -33.69
C PRO H 359 -22.14 28.41 -32.51
N ARG H 360 -22.05 29.72 -32.50
CA ARG H 360 -21.28 30.42 -31.51
C ARG H 360 -22.12 30.78 -30.25
N HIS H 361 -23.44 30.95 -30.40
CA HIS H 361 -24.26 31.41 -29.25
C HIS H 361 -25.62 30.75 -29.06
N LYS H 362 -25.87 29.64 -29.74
CA LYS H 362 -27.15 28.93 -29.58
C LYS H 362 -27.50 28.73 -28.10
N ASN H 363 -28.76 28.96 -27.78
CA ASN H 363 -29.26 28.77 -26.42
C ASN H 363 -28.59 29.66 -25.40
N THR H 364 -28.27 30.89 -25.76
CA THR H 364 -27.73 31.85 -24.82
C THR H 364 -28.36 33.23 -25.06
N ASP H 365 -27.96 34.20 -24.22
CA ASP H 365 -28.39 35.61 -24.35
C ASP H 365 -28.05 36.25 -25.70
N ARG H 366 -26.98 35.75 -26.31
CA ARG H 366 -26.41 36.37 -27.50
C ARG H 366 -26.87 35.71 -28.80
N GLN H 367 -27.77 34.76 -28.70
CA GLN H 367 -28.21 34.08 -29.89
C GLN H 367 -28.73 35.10 -30.91
N PHE H 368 -28.25 34.96 -32.14
CA PHE H 368 -28.59 35.82 -33.27
C PHE H 368 -28.22 37.29 -33.11
N GLU H 369 -27.23 37.54 -32.26
CA GLU H 369 -26.64 38.87 -32.13
C GLU H 369 -26.20 39.37 -33.51
N CYS H 370 -26.01 38.41 -34.46
CA CYS H 370 -25.60 38.67 -35.85
C CYS H 370 -26.44 39.86 -36.38
N THR H 371 -27.75 39.82 -36.12
CA THR H 371 -28.69 40.78 -36.70
C THR H 371 -29.47 41.62 -35.71
N ARG H 372 -29.41 41.27 -34.44
CA ARG H 372 -30.08 42.07 -33.41
C ARG H 372 -29.39 43.40 -33.32
N LEU H 373 -28.10 43.42 -33.65
CA LEU H 373 -27.33 44.64 -33.61
C LEU H 373 -27.65 45.55 -34.79
N ILE H 374 -28.28 45.01 -35.82
CA ILE H 374 -28.65 45.84 -36.96
C ILE H 374 -30.01 46.46 -36.67
N THR H 375 -29.98 47.74 -36.31
CA THR H 375 -31.20 48.41 -35.89
C THR H 375 -31.99 48.94 -37.06
N GLY H 376 -33.22 49.35 -36.80
CA GLY H 376 -34.05 49.93 -37.82
C GLY H 376 -33.42 51.24 -38.25
N ALA H 377 -32.85 51.96 -37.28
CA ALA H 377 -32.17 53.23 -37.53
C ALA H 377 -31.02 53.03 -38.54
N GLN H 378 -30.20 52.02 -38.30
CA GLN H 378 -29.14 51.71 -39.20
C GLN H 378 -29.66 51.46 -40.62
N VAL H 379 -30.71 50.64 -40.76
CA VAL H 379 -31.23 50.35 -42.10
C VAL H 379 -31.89 51.58 -42.72
N ASN H 380 -32.57 52.37 -41.90
CA ASN H 380 -33.23 53.58 -42.40
C ASN H 380 -32.22 54.62 -42.85
N GLY H 381 -31.08 54.67 -42.18
CA GLY H 381 -29.97 55.52 -42.63
C GLY H 381 -29.57 55.14 -44.05
N VAL H 382 -29.43 53.85 -44.32
CA VAL H 382 -29.07 53.38 -45.65
C VAL H 382 -30.18 53.70 -46.63
N ILE H 383 -31.43 53.51 -46.21
CA ILE H 383 -32.55 53.81 -47.09
C ILE H 383 -32.55 55.29 -47.46
N ASN H 384 -32.30 56.14 -46.47
CA ASN H 384 -32.20 57.57 -46.72
C ASN H 384 -31.19 57.94 -47.80
N LYS H 385 -29.97 57.40 -47.71
CA LYS H 385 -28.95 57.64 -48.74
C LYS H 385 -29.45 57.18 -50.12
N LEU H 386 -29.98 55.96 -50.19
CA LEU H 386 -30.46 55.43 -51.45
C LEU H 386 -31.61 56.26 -52.00
N HIS H 387 -32.51 56.68 -51.12
CA HIS H 387 -33.67 57.51 -51.52
C HIS H 387 -33.19 58.80 -52.12
N ARG H 388 -32.29 59.47 -51.40
CA ARG H 388 -31.68 60.74 -51.82
C ARG H 388 -31.05 60.56 -53.21
N SER H 389 -30.22 59.53 -53.36
CA SER H 389 -29.58 59.23 -54.61
C SER H 389 -30.57 58.97 -55.76
N LEU H 390 -31.72 58.40 -55.45
CA LEU H 390 -32.71 58.12 -56.49
C LEU H 390 -33.47 59.37 -56.97
N THR H 391 -33.84 60.23 -56.03
CA THR H 391 -34.62 61.41 -56.38
C THR H 391 -33.77 62.49 -57.02
N GLU H 392 -32.62 62.73 -56.43
CA GLU H 392 -31.70 63.77 -56.83
C GLU H 392 -31.05 63.50 -58.19
N GLN H 393 -30.40 62.35 -58.31
CA GLN H 393 -29.77 61.92 -59.55
C GLN H 393 -30.33 60.55 -59.99
N GLY H 394 -31.16 60.54 -61.02
CA GLY H 394 -31.82 59.31 -61.50
C GLY H 394 -31.05 58.01 -61.29
N ILE I 10 60.53 -3.41 30.04
CA ILE I 10 61.17 -4.01 28.83
C ILE I 10 61.22 -2.99 27.67
N THR I 11 60.84 -1.75 27.99
CA THR I 11 60.78 -0.66 27.01
C THR I 11 62.15 -0.15 26.54
N PRO I 12 62.19 0.44 25.34
CA PRO I 12 63.40 1.02 24.84
C PRO I 12 63.69 2.31 25.61
N PRO I 13 64.93 2.81 25.53
CA PRO I 13 65.26 4.11 26.15
C PRO I 13 64.22 5.16 25.76
N ASP I 14 63.95 6.12 26.65
CA ASP I 14 62.98 7.18 26.37
C ASP I 14 63.48 8.11 25.30
N THR I 15 64.80 8.14 25.17
CA THR I 15 65.44 9.02 24.24
C THR I 15 66.57 8.24 23.54
N PRO I 16 66.68 8.36 22.20
CA PRO I 16 67.66 7.58 21.45
C PRO I 16 69.08 7.75 21.94
N THR I 17 69.82 6.65 21.96
CA THR I 17 71.16 6.58 22.55
C THR I 17 72.31 7.14 21.70
N GLN I 18 72.04 7.59 20.50
CA GLN I 18 73.12 8.08 19.62
C GLN I 18 72.96 9.54 19.30
N ALA I 19 74.09 10.24 19.23
CA ALA I 19 74.07 11.67 19.02
C ALA I 19 74.26 12.04 17.56
N GLY I 20 73.26 12.70 17.00
CA GLY I 20 73.38 13.19 15.64
C GLY I 20 74.08 14.52 15.65
N PRO I 21 74.66 14.91 14.51
CA PRO I 21 75.40 16.13 14.50
C PRO I 21 74.60 17.38 14.92
N GLU I 22 73.29 17.42 14.69
CA GLU I 22 72.52 18.67 14.94
C GLU I 22 71.59 18.64 16.16
N ASN I 23 72.06 18.17 17.31
CA ASN I 23 71.17 17.95 18.45
C ASN I 23 70.13 16.88 18.10
N ILE I 24 70.57 15.89 17.36
CA ILE I 24 69.69 14.86 16.87
C ILE I 24 70.13 13.50 17.37
N PHE I 25 69.17 12.72 17.83
CA PHE I 25 69.47 11.43 18.42
C PHE I 25 68.86 10.30 17.59
N TYR I 26 69.66 9.30 17.27
CA TYR I 26 69.13 8.16 16.53
C TYR I 26 69.41 6.84 17.25
N ASP I 27 68.53 5.87 16.99
CA ASP I 27 68.55 4.59 17.68
C ASP I 27 68.09 3.43 16.80
N PHE I 28 68.48 2.21 17.20
CA PHE I 28 68.02 0.99 16.54
C PHE I 28 67.41 0.07 17.58
N ASN I 29 66.96 0.66 18.68
CA ASN I 29 66.15 -0.07 19.65
C ASN I 29 64.70 -0.05 19.18
N ASP I 30 64.05 -1.20 19.18
CA ASP I 30 62.66 -1.27 18.71
C ASP I 30 62.53 -0.76 17.28
N GLY I 31 63.49 -1.14 16.43
CA GLY I 31 63.52 -0.68 15.06
C GLY I 31 64.28 0.62 14.91
N ALA I 32 64.37 1.14 13.69
CA ALA I 32 65.17 2.35 13.45
C ALA I 32 64.38 3.54 13.97
N ARG I 33 64.98 4.30 14.90
CA ARG I 33 64.31 5.48 15.46
C ARG I 33 65.16 6.73 15.32
N VAL I 34 64.51 7.86 15.12
CA VAL I 34 65.19 9.14 15.15
C VAL I 34 64.28 10.20 15.77
N LEU I 35 64.84 10.96 16.71
CA LEU I 35 64.11 12.01 17.45
C LEU I 35 64.60 13.35 16.95
N LEU I 36 63.70 14.16 16.41
CA LEU I 36 64.05 15.43 15.80
C LEU I 36 63.80 16.65 16.68
N PRO I 37 64.80 17.55 16.76
CA PRO I 37 64.60 18.83 17.38
C PRO I 37 63.78 19.68 16.43
N GLU I 38 63.36 20.86 16.90
CA GLU I 38 62.55 21.74 16.07
C GLU I 38 63.36 22.20 14.87
N GLY I 39 62.72 22.20 13.71
CA GLY I 39 63.37 22.60 12.48
C GLY I 39 62.52 22.12 11.31
N LYS I 40 63.10 22.18 10.12
CA LYS I 40 62.44 21.61 8.96
C LYS I 40 63.22 20.39 8.50
N TRP I 41 62.54 19.26 8.40
CA TRP I 41 63.16 18.02 7.97
C TRP I 41 62.46 17.16 7.01
N HIS I 42 63.29 16.44 6.27
CA HIS I 42 62.90 15.34 5.41
C HIS I 42 63.73 14.16 5.84
N VAL I 43 63.04 13.10 6.30
CA VAL I 43 63.71 11.89 6.80
C VAL I 43 63.54 10.70 5.87
N ARG I 44 64.59 9.91 5.69
CA ARG I 44 64.54 8.73 4.85
C ARG I 44 65.09 7.50 5.56
N LEU I 45 64.35 6.41 5.50
CA LEU I 45 64.82 5.12 5.97
C LEU I 45 65.12 4.24 4.77
N LEU I 46 66.32 3.71 4.72
CA LEU I 46 66.67 2.81 3.65
C LEU I 46 67.07 1.42 4.16
N ASP I 47 66.93 0.44 3.29
CA ASP I 47 67.50 -0.87 3.53
C ASP I 47 68.85 -0.84 2.81
N ALA I 48 69.93 -0.81 3.58
CA ALA I 48 71.27 -0.71 3.05
C ALA I 48 71.60 -1.82 2.06
N ASP I 49 71.07 -3.01 2.29
CA ASP I 49 71.40 -4.16 1.44
C ASP I 49 70.79 -4.07 0.04
N SER I 50 69.55 -3.59 -0.05
CA SER I 50 68.89 -3.45 -1.32
C SER I 50 68.91 -2.02 -1.87
N GLU I 51 69.16 -1.05 -0.98
CA GLU I 51 69.12 0.39 -1.34
C GLU I 51 67.70 0.92 -1.55
N ASN I 52 66.72 0.11 -1.17
CA ASN I 52 65.33 0.51 -1.31
C ASN I 52 64.99 1.57 -0.30
N ILE I 53 64.13 2.50 -0.71
CA ILE I 53 63.64 3.49 0.22
C ILE I 53 62.42 2.92 0.90
N LEU I 54 62.57 2.59 2.17
CA LEU I 54 61.49 1.93 2.91
C LEU I 54 60.39 2.86 3.30
N PHE I 55 60.78 4.06 3.72
CA PHE I 55 59.85 5.06 4.22
C PHE I 55 60.50 6.42 4.06
N CYS I 56 59.67 7.42 3.83
CA CYS I 56 60.17 8.74 3.54
C CYS I 56 59.08 9.76 3.88
N CYS I 57 59.46 10.85 4.53
CA CYS I 57 58.47 11.84 4.96
C CYS I 57 59.06 13.20 5.35
N ASP I 58 58.19 14.20 5.41
CA ASP I 58 58.54 15.54 5.84
C ASP I 58 57.94 15.83 7.21
N VAL I 59 58.79 16.18 8.18
CA VAL I 59 58.33 16.57 9.53
C VAL I 59 59.16 17.73 10.14
N ASP I 60 58.62 18.36 11.20
CA ASP I 60 59.28 19.49 11.88
C ASP I 60 60.02 18.98 13.10
N LYS I 61 59.31 18.22 13.91
CA LYS I 61 59.89 17.66 15.12
C LYS I 61 59.07 16.48 15.61
N GLY I 62 59.65 15.69 16.52
CA GLY I 62 58.98 14.50 17.03
C GLY I 62 59.70 13.22 16.68
N TRP I 63 58.94 12.14 16.51
CA TRP I 63 59.49 10.80 16.21
C TRP I 63 59.32 10.35 14.80
N VAL I 64 60.33 9.65 14.30
CA VAL I 64 60.22 8.90 13.06
C VAL I 64 60.77 7.49 13.29
N THR I 65 59.88 6.52 13.17
CA THR I 65 60.23 5.15 13.51
C THR I 65 59.83 4.18 12.38
N SER I 66 60.72 3.26 12.04
CA SER I 66 60.42 2.24 11.03
C SER I 66 59.28 1.35 11.47
N SER I 67 58.41 0.99 10.53
CA SER I 67 57.31 0.08 10.88
C SER I 67 57.85 -1.35 11.09
N LYS I 68 58.96 -1.69 10.43
CA LYS I 68 59.60 -3.01 10.64
C LYS I 68 60.46 -3.00 11.91
N LYS I 69 60.27 -4.00 12.77
CA LYS I 69 60.98 -4.07 14.05
C LYS I 69 62.03 -5.17 14.11
N TYR I 70 62.00 -6.10 13.16
CA TYR I 70 63.00 -7.17 13.13
C TYR I 70 64.31 -6.64 12.55
N PHE I 71 65.32 -7.49 12.45
CA PHE I 71 66.58 -7.06 11.95
C PHE I 71 66.52 -6.59 10.50
N VAL I 72 66.99 -5.38 10.27
CA VAL I 72 67.18 -4.83 8.94
C VAL I 72 68.44 -4.00 9.03
N ARG I 73 69.30 -4.06 8.03
CA ARG I 73 70.46 -3.17 7.99
C ARG I 73 69.94 -1.80 7.58
N PHE I 74 69.26 -1.11 8.48
CA PHE I 74 68.70 0.17 8.17
C PHE I 74 69.78 1.23 7.90
N ARG I 75 69.41 2.26 7.15
CA ARG I 75 70.27 3.42 6.92
C ARG I 75 69.44 4.66 7.12
N ILE I 76 69.77 5.44 8.14
CA ILE I 76 69.00 6.64 8.46
C ILE I 76 69.59 7.89 7.83
N GLN I 77 68.72 8.67 7.20
CA GLN I 77 69.13 9.90 6.54
C GLN I 77 68.19 11.03 6.91
N VAL I 78 68.76 12.13 7.40
CA VAL I 78 67.95 13.31 7.72
C VAL I 78 68.38 14.49 6.84
N PHE I 79 67.43 15.08 6.13
CA PHE I 79 67.70 16.19 5.22
C PHE I 79 67.05 17.46 5.73
N ARG I 80 67.71 18.61 5.50
CA ARG I 80 67.02 19.90 5.63
C ARG I 80 66.13 19.91 4.42
N GLN I 81 64.86 20.27 4.59
CA GLN I 81 63.94 20.29 3.45
C GLN I 81 64.58 20.95 2.23
N GLY I 82 64.61 20.24 1.10
CA GLY I 82 65.17 20.79 -0.13
C GLY I 82 66.69 20.84 -0.26
N ALA I 83 67.42 20.21 0.68
CA ALA I 83 68.89 20.15 0.61
C ALA I 83 69.38 19.10 -0.37
N ALA I 84 70.65 19.19 -0.78
CA ALA I 84 71.25 18.23 -1.70
C ALA I 84 71.87 17.02 -0.98
N THR I 85 72.70 17.26 0.04
CA THR I 85 73.30 16.16 0.83
C THR I 85 72.61 16.05 2.21
N PRO I 86 72.60 14.85 2.80
CA PRO I 86 71.94 14.74 4.10
C PRO I 86 72.83 15.23 5.23
N LEU I 87 72.21 15.83 6.24
CA LEU I 87 72.93 16.30 7.41
C LEU I 87 73.41 15.10 8.24
N LEU I 88 72.50 14.14 8.41
CA LEU I 88 72.78 12.87 9.10
C LEU I 88 72.66 11.72 8.10
N ASP I 89 73.67 10.88 8.05
CA ASP I 89 73.60 9.70 7.22
C ASP I 89 74.36 8.55 7.87
N GLU I 90 73.65 7.79 8.71
CA GLU I 90 74.28 6.68 9.41
C GLU I 90 73.65 5.32 9.09
N THR I 91 74.51 4.33 8.91
CA THR I 91 74.07 2.98 8.61
C THR I 91 74.37 2.06 9.79
N LEU I 92 73.39 1.23 10.16
CA LEU I 92 73.59 0.22 11.20
C LEU I 92 74.85 -0.62 10.98
N LYS I 93 75.75 -0.56 11.95
CA LYS I 93 76.93 -1.41 11.97
C LYS I 93 77.13 -1.86 13.42
N LEU I 94 77.03 -3.16 13.63
CA LEU I 94 76.94 -3.68 15.00
C LEU I 94 78.26 -4.13 15.63
N LYS I 95 79.32 -4.19 14.83
CA LYS I 95 80.59 -4.71 15.35
C LYS I 95 81.02 -3.97 16.63
N ASP I 96 81.33 -4.74 17.67
CA ASP I 96 81.82 -4.20 18.95
C ASP I 96 80.87 -3.18 19.60
N ARG I 97 79.58 -3.34 19.37
CA ARG I 97 78.60 -2.40 19.88
C ARG I 97 77.58 -3.07 20.81
N PRO I 98 77.00 -2.31 21.74
CA PRO I 98 76.06 -2.91 22.68
C PRO I 98 74.70 -3.30 22.04
N VAL I 99 74.40 -4.60 22.03
CA VAL I 99 73.12 -5.08 21.50
C VAL I 99 72.32 -5.80 22.57
N LEU I 100 71.01 -5.59 22.54
CA LEU I 100 70.13 -6.24 23.46
C LEU I 100 69.13 -7.17 22.71
N ILE I 101 69.10 -8.44 23.06
CA ILE I 101 68.07 -9.34 22.57
C ILE I 101 67.17 -9.69 23.74
N SER I 102 65.91 -9.32 23.65
CA SER I 102 65.01 -9.53 24.74
C SER I 102 63.99 -10.63 24.45
N PHE I 103 64.02 -11.70 25.23
CA PHE I 103 62.99 -12.75 25.15
C PHE I 103 61.91 -12.44 26.17
N PRO I 104 60.68 -12.92 25.94
CA PRO I 104 59.64 -12.76 26.95
C PRO I 104 59.82 -13.87 27.99
N THR I 105 59.03 -13.86 29.06
CA THR I 105 59.16 -14.94 30.04
C THR I 105 58.26 -16.10 29.59
N GLY I 106 58.29 -16.36 28.29
CA GLY I 106 57.48 -17.40 27.67
C GLY I 106 57.86 -18.77 28.18
N THR I 107 57.10 -19.77 27.76
CA THR I 107 57.35 -21.14 28.16
C THR I 107 58.79 -21.60 27.88
N LEU I 108 59.13 -22.76 28.44
CA LEU I 108 60.45 -23.37 28.35
C LEU I 108 60.83 -23.72 26.90
N GLY I 109 59.88 -24.29 26.17
CA GLY I 109 60.12 -24.77 24.82
C GLY I 109 60.40 -23.65 23.85
N ASP I 110 59.77 -22.51 24.12
CA ASP I 110 59.98 -21.31 23.33
C ASP I 110 61.46 -20.91 23.37
N LEU I 111 61.98 -20.74 24.58
CA LEU I 111 63.33 -20.25 24.76
C LEU I 111 64.42 -21.19 24.29
N LEU I 112 64.24 -22.47 24.56
CA LEU I 112 65.22 -23.44 24.14
C LEU I 112 65.27 -23.49 22.62
N GLY I 113 64.11 -23.23 22.00
CA GLY I 113 64.00 -23.20 20.55
C GLY I 113 64.65 -21.97 19.95
N TRP I 114 64.30 -20.81 20.51
CA TRP I 114 64.80 -19.51 20.08
C TRP I 114 66.29 -19.23 20.28
N PHE I 115 66.84 -19.68 21.40
CA PHE I 115 68.11 -19.16 21.90
C PHE I 115 69.34 -19.34 21.03
N PRO I 116 69.46 -20.47 20.35
CA PRO I 116 70.67 -20.74 19.57
C PRO I 116 70.83 -19.65 18.52
N TYR I 117 69.72 -19.21 17.98
CA TYR I 117 69.71 -18.16 16.95
C TYR I 117 70.32 -16.86 17.46
N ALA I 118 70.19 -16.62 18.76
CA ALA I 118 70.83 -15.47 19.39
C ALA I 118 72.35 -15.62 19.36
N GLU I 119 72.85 -16.84 19.62
CA GLU I 119 74.28 -17.06 19.53
C GLU I 119 74.78 -16.86 18.09
N ARG I 120 73.96 -17.26 17.12
CA ARG I 120 74.33 -17.11 15.72
C ARG I 120 74.46 -15.64 15.33
N PHE I 121 73.55 -14.83 15.87
CA PHE I 121 73.52 -13.40 15.61
C PHE I 121 74.82 -12.77 16.06
N GLN I 122 75.34 -13.24 17.18
CA GLN I 122 76.57 -12.68 17.72
C GLN I 122 77.84 -13.14 17.00
N SER I 123 77.89 -14.41 16.60
CA SER I 123 79.03 -14.91 15.80
C SER I 123 79.09 -14.19 14.48
N LEU I 124 77.92 -13.86 13.95
CA LEU I 124 77.87 -13.24 12.65
C LEU I 124 78.33 -11.78 12.69
N HIS I 125 77.78 -11.03 13.62
CA HIS I 125 78.05 -9.59 13.71
C HIS I 125 79.18 -9.18 14.63
N LYS I 126 79.67 -10.10 15.45
CA LYS I 126 80.75 -9.82 16.40
C LYS I 126 80.40 -8.62 17.27
N CYS I 127 79.18 -8.61 17.79
CA CYS I 127 78.76 -7.51 18.65
C CYS I 127 78.92 -7.87 20.14
N ARG I 128 78.62 -6.90 20.99
CA ARG I 128 78.61 -7.12 22.41
C ARG I 128 77.15 -7.39 22.82
N LEU I 129 76.82 -8.66 23.00
CA LEU I 129 75.43 -9.05 23.17
C LEU I 129 75.03 -9.38 24.59
N GLU I 130 73.88 -8.87 24.99
CA GLU I 130 73.30 -9.21 26.26
C GLU I 130 71.88 -9.72 26.01
N CYS I 131 71.48 -10.80 26.69
CA CYS I 131 70.15 -11.38 26.55
C CYS I 131 69.37 -11.35 27.86
N THR I 132 68.06 -11.15 27.77
CA THR I 132 67.22 -11.06 28.97
C THR I 132 66.19 -12.18 29.02
N MSE I 133 66.11 -12.89 30.14
CA MSE I 133 65.14 -13.98 30.31
C MSE I 133 65.03 -14.35 31.77
O MSE I 133 65.77 -13.80 32.62
CB MSE I 133 65.55 -15.18 29.47
CG MSE I 133 66.77 -15.88 30.03
SE MSE I 133 67.85 -16.71 28.61
CE MSE I 133 68.45 -15.11 27.60
N SER I 134 64.12 -15.27 32.10
CA SER I 134 63.95 -15.70 33.49
C SER I 134 65.23 -16.34 34.04
N GLN I 135 65.44 -16.20 35.36
CA GLN I 135 66.65 -16.69 36.01
C GLN I 135 66.90 -18.19 35.80
N ASP I 136 65.84 -18.98 35.81
CA ASP I 136 65.98 -20.44 35.72
C ASP I 136 66.60 -20.92 34.42
N ILE I 137 66.37 -20.17 33.34
CA ILE I 137 66.98 -20.49 32.05
C ILE I 137 68.44 -20.05 32.08
N ILE I 138 68.69 -18.89 32.70
CA ILE I 138 70.06 -18.37 32.83
C ILE I 138 70.98 -19.38 33.52
N ASP I 139 70.49 -19.96 34.62
CA ASP I 139 71.24 -20.97 35.36
C ASP I 139 71.51 -22.20 34.49
N LEU I 140 70.59 -22.49 33.58
CA LEU I 140 70.73 -23.64 32.72
C LEU I 140 71.72 -23.44 31.58
N LEU I 141 71.77 -22.23 31.03
CA LEU I 141 72.50 -21.98 29.79
C LEU I 141 73.80 -21.18 29.94
N ALA I 142 73.76 -20.11 30.74
CA ALA I 142 74.90 -19.17 30.85
C ALA I 142 76.31 -19.80 30.81
N PRO I 143 76.55 -20.85 31.62
CA PRO I 143 77.87 -21.48 31.62
C PRO I 143 78.38 -21.92 30.24
N GLN I 144 77.48 -22.26 29.32
CA GLN I 144 77.89 -22.78 28.01
C GLN I 144 78.02 -21.70 26.95
N TYR I 145 77.62 -20.48 27.29
CA TYR I 145 77.71 -19.34 26.39
C TYR I 145 78.43 -18.19 27.05
N PRO I 146 79.75 -18.36 27.28
CA PRO I 146 80.53 -17.32 27.95
C PRO I 146 80.59 -16.03 27.13
N GLN I 147 80.40 -16.17 25.82
CA GLN I 147 80.46 -15.07 24.85
C GLN I 147 79.34 -14.06 25.09
N ILE I 148 78.27 -14.51 25.72
CA ILE I 148 77.07 -13.72 25.87
C ILE I 148 76.79 -13.40 27.33
N GLN I 149 76.28 -12.21 27.57
CA GLN I 149 75.92 -11.83 28.90
C GLN I 149 74.42 -12.04 29.13
N PHE I 150 74.07 -12.80 30.15
CA PHE I 150 72.68 -13.04 30.50
C PHE I 150 72.26 -12.18 31.69
N SER I 151 71.03 -11.65 31.64
CA SER I 151 70.48 -10.83 32.71
C SER I 151 68.98 -11.04 32.78
N THR I 152 68.33 -10.34 33.69
CA THR I 152 66.89 -10.49 33.86
C THR I 152 66.30 -9.20 33.30
N PRO I 153 65.06 -9.25 32.82
CA PRO I 153 64.41 -8.06 32.26
C PRO I 153 64.44 -6.82 33.17
N ASP I 154 64.41 -7.01 34.48
CA ASP I 154 64.36 -5.89 35.41
C ASP I 154 65.70 -5.28 35.77
N LYS I 155 66.78 -6.05 35.65
CA LYS I 155 68.13 -5.52 35.87
C LYS I 155 69.12 -5.80 34.73
N PRO I 156 68.86 -5.20 33.56
CA PRO I 156 69.82 -5.34 32.45
C PRO I 156 71.04 -4.46 32.68
N ARG I 157 72.21 -4.96 32.31
CA ARG I 157 73.46 -4.23 32.52
C ARG I 157 73.67 -3.06 31.54
N THR I 158 73.23 -3.23 30.30
CA THR I 158 73.54 -2.26 29.23
C THR I 158 72.96 -0.86 29.46
N VAL I 159 71.69 -0.78 29.86
CA VAL I 159 71.10 0.54 30.16
C VAL I 159 70.99 1.44 28.93
N ALA I 160 72.11 1.64 28.22
CA ALA I 160 72.09 2.35 26.91
C ALA I 160 72.70 1.47 25.79
N PRO I 161 71.83 0.89 24.94
CA PRO I 161 72.20 0.00 23.87
C PRO I 161 72.10 0.63 22.49
N TYR I 162 72.90 0.12 21.57
CA TYR I 162 72.90 0.59 20.19
C TYR I 162 71.70 0.05 19.42
N ALA I 163 71.42 -1.25 19.61
CA ALA I 163 70.31 -1.95 18.95
C ALA I 163 69.67 -2.98 19.84
N THR I 164 68.36 -3.14 19.68
CA THR I 164 67.58 -4.08 20.48
C THR I 164 66.67 -4.89 19.54
N TYR I 165 66.45 -6.16 19.86
CA TYR I 165 65.55 -7.01 19.08
C TYR I 165 64.69 -7.84 20.02
N ARG I 166 63.38 -7.80 19.82
CA ARG I 166 62.46 -8.54 20.68
C ARG I 166 61.92 -9.82 20.03
N VAL I 167 62.59 -10.94 20.34
CA VAL I 167 62.22 -12.23 19.82
C VAL I 167 61.02 -12.76 20.58
N GLY I 168 59.98 -13.16 19.85
CA GLY I 168 58.78 -13.71 20.46
C GLY I 168 57.78 -14.17 19.41
N LEU I 169 56.63 -14.64 19.85
CA LEU I 169 55.60 -15.06 18.92
C LEU I 169 54.63 -13.92 18.68
N TYR I 170 54.31 -13.63 17.42
CA TYR I 170 53.36 -12.59 17.12
C TYR I 170 52.21 -13.16 16.33
N PHE I 171 51.02 -13.04 16.90
CA PHE I 171 49.85 -13.67 16.35
C PHE I 171 49.07 -12.78 15.40
N GLY I 172 47.98 -13.33 14.85
CA GLY I 172 47.14 -12.60 13.90
C GLY I 172 47.82 -12.29 12.57
N GLY I 173 48.92 -12.99 12.29
CA GLY I 173 49.65 -12.79 11.03
C GLY I 173 50.50 -11.55 10.97
N ASP I 174 50.79 -10.97 12.14
CA ASP I 174 51.65 -9.78 12.25
C ASP I 174 52.92 -9.96 11.41
N THR I 175 53.23 -8.97 10.57
CA THR I 175 54.48 -8.98 9.79
C THR I 175 55.32 -7.74 10.02
N ASN I 176 55.06 -7.04 11.13
CA ASN I 176 55.89 -5.90 11.52
C ASN I 176 56.97 -6.27 12.53
N ASN I 177 56.65 -7.21 13.42
CA ASN I 177 57.60 -7.67 14.41
C ASN I 177 58.31 -8.95 14.00
N GLN I 178 57.81 -9.58 12.95
CA GLN I 178 58.47 -10.75 12.35
C GLN I 178 58.38 -10.61 10.85
N PRO I 179 59.42 -11.01 10.12
CA PRO I 179 59.40 -10.87 8.66
C PRO I 179 58.34 -11.77 8.04
N VAL I 180 58.22 -13.00 8.53
CA VAL I 180 57.20 -13.94 8.06
C VAL I 180 56.39 -14.46 9.26
N ASP I 181 55.10 -14.72 9.04
CA ASP I 181 54.22 -15.30 10.08
C ASP I 181 54.87 -16.58 10.60
N PHE I 182 55.04 -16.70 11.92
CA PHE I 182 55.79 -17.84 12.45
C PHE I 182 55.13 -19.19 12.13
N ARG I 183 53.84 -19.17 11.87
CA ARG I 183 53.12 -20.38 11.51
C ARG I 183 53.56 -20.97 10.18
N LYS I 184 54.20 -20.16 9.32
CA LYS I 184 54.63 -20.62 8.01
C LYS I 184 56.00 -21.26 8.09
N VAL I 185 56.78 -20.91 9.10
CA VAL I 185 58.16 -21.33 9.17
C VAL I 185 58.51 -22.15 10.37
N GLY I 186 57.61 -22.14 11.36
CA GLY I 186 57.79 -22.87 12.63
C GLY I 186 58.09 -21.90 13.76
N PHE I 187 57.44 -22.06 14.91
CA PHE I 187 57.56 -21.07 15.98
C PHE I 187 59.00 -20.81 16.42
N HIS I 188 59.84 -21.84 16.46
CA HIS I 188 61.23 -21.68 16.88
C HIS I 188 62.12 -21.07 15.80
N ARG I 189 61.92 -21.48 14.55
CA ARG I 189 62.72 -20.96 13.45
C ARG I 189 62.44 -19.47 13.18
N SER I 190 61.28 -19.00 13.61
CA SER I 190 60.91 -17.59 13.49
C SER I 190 61.99 -16.67 14.06
N ALA I 191 62.66 -17.14 15.11
CA ALA I 191 63.72 -16.40 15.75
C ALA I 191 64.85 -16.11 14.77
N GLY I 192 65.17 -17.10 13.95
CA GLY I 192 66.22 -16.92 12.96
C GLY I 192 65.86 -15.90 11.91
N TYR I 193 64.58 -15.85 11.55
CA TYR I 193 64.12 -14.91 10.55
C TYR I 193 64.14 -13.52 11.13
N ILE I 194 63.63 -13.38 12.35
CA ILE I 194 63.65 -12.09 13.02
C ILE I 194 65.06 -11.50 13.06
N LEU I 195 66.05 -12.35 13.36
CA LEU I 195 67.42 -11.90 13.54
C LEU I 195 68.22 -11.93 12.23
N GLY I 196 67.65 -12.54 11.21
CA GLY I 196 68.25 -12.58 9.88
C GLY I 196 69.45 -13.47 9.83
N VAL I 197 69.37 -14.59 10.55
CA VAL I 197 70.46 -15.57 10.50
C VAL I 197 69.98 -16.88 9.86
N ASP I 198 70.93 -17.79 9.67
CA ASP I 198 70.61 -19.15 9.24
C ASP I 198 69.41 -19.61 10.08
N PRO I 199 68.31 -19.92 9.41
CA PRO I 199 67.09 -20.24 10.14
C PRO I 199 66.99 -21.73 10.54
N ARG I 200 68.02 -22.53 10.22
CA ARG I 200 67.95 -23.98 10.51
C ARG I 200 68.05 -24.27 12.01
N GLU I 201 67.14 -25.12 12.48
CA GLU I 201 67.03 -25.42 13.92
C GLU I 201 68.29 -26.07 14.47
N ALA I 202 68.58 -25.80 15.73
CA ALA I 202 69.67 -26.45 16.46
C ALA I 202 69.29 -26.59 17.95
N PRO I 203 69.89 -27.59 18.64
CA PRO I 203 69.67 -27.72 20.07
C PRO I 203 70.56 -26.77 20.86
N VAL I 204 70.13 -26.42 22.06
CA VAL I 204 70.95 -25.62 22.95
C VAL I 204 72.14 -26.47 23.42
N ARG I 205 73.20 -25.82 23.89
CA ARG I 205 74.30 -26.53 24.54
C ARG I 205 74.06 -26.59 26.05
N LEU I 206 74.17 -27.78 26.62
CA LEU I 206 73.94 -27.95 28.06
C LEU I 206 75.14 -28.56 28.73
N ASP I 207 75.08 -28.58 30.07
CA ASP I 207 76.09 -29.27 30.88
C ASP I 207 75.74 -30.75 30.93
N LEU I 208 76.41 -31.54 30.11
CA LEU I 208 76.12 -32.98 30.02
C LEU I 208 77.21 -33.81 30.72
N SER I 209 77.75 -33.25 31.80
CA SER I 209 78.84 -33.88 32.52
C SER I 209 78.39 -34.81 33.66
N ALA I 210 77.17 -34.64 34.14
CA ALA I 210 76.64 -35.45 35.26
C ALA I 210 76.75 -36.98 35.05
N PRO I 211 77.24 -37.70 36.09
CA PRO I 211 77.41 -39.17 36.04
C PRO I 211 76.07 -39.90 36.29
N ARG I 212 75.98 -41.13 35.77
CA ARG I 212 74.73 -41.89 35.84
C ARG I 212 74.36 -42.28 37.26
N VAL I 213 73.08 -42.16 37.60
CA VAL I 213 72.60 -42.44 38.95
C VAL I 213 71.72 -43.69 39.00
N ILE I 214 70.71 -43.73 38.17
CA ILE I 214 69.89 -44.91 38.04
C ILE I 214 70.61 -45.89 37.11
N ALA I 215 70.93 -47.07 37.66
CA ALA I 215 71.70 -48.06 36.91
C ALA I 215 70.90 -48.73 35.79
N ALA I 216 69.69 -49.17 36.11
CA ALA I 216 68.85 -49.89 35.17
C ALA I 216 68.42 -49.01 33.99
N PRO I 217 68.05 -49.64 32.86
CA PRO I 217 67.51 -48.88 31.73
C PRO I 217 66.18 -48.20 32.11
N TYR I 218 65.98 -46.96 31.66
CA TYR I 218 64.75 -46.23 31.99
C TYR I 218 64.35 -45.21 30.93
N VAL I 219 63.06 -44.84 30.94
CA VAL I 219 62.50 -43.88 29.99
C VAL I 219 61.82 -42.76 30.74
N CYS I 220 62.01 -41.52 30.29
CA CYS I 220 61.33 -40.39 30.90
C CYS I 220 60.12 -39.99 30.09
N ILE I 221 59.10 -39.49 30.77
CA ILE I 221 57.89 -39.05 30.09
C ILE I 221 57.38 -37.72 30.62
N ALA I 222 56.71 -36.96 29.75
CA ALA I 222 56.09 -35.68 30.11
C ALA I 222 54.66 -35.68 29.57
N THR I 223 53.69 -35.65 30.47
CA THR I 223 52.28 -35.81 30.11
C THR I 223 51.51 -34.51 30.23
N GLN I 224 52.05 -33.56 30.97
CA GLN I 224 51.39 -32.26 31.23
C GLN I 224 51.72 -31.21 30.16
N SER I 225 50.83 -30.23 29.99
CA SER I 225 51.09 -29.12 29.07
C SER I 225 50.28 -27.88 29.37
N THR I 226 50.47 -26.84 28.57
CA THR I 226 49.85 -25.52 28.84
C THR I 226 48.42 -25.35 28.37
N CYS I 227 47.98 -26.14 27.39
CA CYS I 227 46.58 -26.16 26.99
C CYS I 227 46.16 -27.59 26.71
N GLN I 228 44.87 -27.86 26.78
CA GLN I 228 44.38 -29.23 26.67
C GLN I 228 44.66 -29.85 25.33
N ALA I 229 44.76 -29.01 24.30
CA ALA I 229 44.92 -29.53 22.93
C ALA I 229 46.23 -30.26 22.76
N LYS I 230 47.24 -29.80 23.51
CA LYS I 230 48.59 -30.36 23.46
C LYS I 230 48.70 -31.71 24.19
N TYR I 231 47.70 -32.04 25.02
CA TYR I 231 47.68 -33.31 25.74
C TYR I 231 47.38 -34.44 24.80
N TRP I 232 47.80 -35.65 25.16
CA TRP I 232 47.42 -36.82 24.41
C TRP I 232 46.08 -37.31 24.91
N ASN I 233 45.01 -36.87 24.27
CA ASN I 233 43.66 -37.06 24.79
C ASN I 233 43.01 -38.39 24.44
N ASN I 234 43.82 -39.39 24.12
CA ASN I 234 43.31 -40.73 23.88
C ASN I 234 43.09 -41.36 25.24
N GLY I 235 41.93 -41.96 25.44
CA GLY I 235 41.58 -42.52 26.75
C GLY I 235 42.64 -43.42 27.39
N THR I 236 43.13 -44.38 26.64
CA THR I 236 44.01 -45.40 27.24
C THR I 236 45.44 -45.32 26.76
N GLY I 237 45.76 -44.27 26.00
CA GLY I 237 47.09 -44.06 25.46
C GLY I 237 48.23 -44.23 26.44
N TRP I 238 48.37 -43.28 27.36
CA TRP I 238 49.45 -43.35 28.32
C TRP I 238 49.53 -44.64 29.07
N SER I 239 48.40 -45.15 29.54
CA SER I 239 48.43 -46.43 30.27
C SER I 239 48.95 -47.59 29.41
N GLU I 240 48.53 -47.65 28.15
CA GLU I 240 49.05 -48.69 27.25
C GLU I 240 50.56 -48.57 26.97
N VAL I 241 51.03 -47.35 26.84
CA VAL I 241 52.45 -47.08 26.61
C VAL I 241 53.28 -47.47 27.84
N ILE I 242 52.86 -47.01 29.01
CA ILE I 242 53.59 -47.30 30.24
C ILE I 242 53.69 -48.80 30.52
N ALA I 243 52.60 -49.52 30.31
CA ALA I 243 52.59 -50.97 30.47
C ALA I 243 53.57 -51.61 29.49
N HIS I 244 53.56 -51.17 28.24
CA HIS I 244 54.45 -51.71 27.21
C HIS I 244 55.91 -51.43 27.49
N LEU I 245 56.22 -50.22 27.96
CA LEU I 245 57.59 -49.87 28.29
C LEU I 245 58.18 -50.81 29.33
N LYS I 246 57.37 -51.14 30.33
CA LYS I 246 57.80 -52.06 31.37
C LYS I 246 57.97 -53.45 30.82
N SER I 247 57.09 -53.87 29.92
CA SER I 247 57.24 -55.18 29.31
C SER I 247 58.53 -55.28 28.42
N LEU I 248 59.14 -54.14 28.11
CA LEU I 248 60.42 -54.14 27.40
C LEU I 248 61.60 -54.02 28.37
N GLY I 249 61.30 -53.87 29.66
CA GLY I 249 62.35 -53.82 30.66
C GLY I 249 62.75 -52.42 31.11
N TYR I 250 62.00 -51.41 30.68
CA TYR I 250 62.32 -50.05 31.11
C TYR I 250 61.56 -49.69 32.36
N ARG I 251 62.21 -48.97 33.26
CA ARG I 251 61.51 -48.30 34.33
C ARG I 251 60.99 -47.00 33.70
N VAL I 252 59.83 -46.51 34.15
CA VAL I 252 59.25 -45.31 33.58
C VAL I 252 59.01 -44.20 34.61
N MSE I 253 59.61 -43.03 34.36
CA MSE I 253 59.50 -41.90 35.28
C MSE I 253 58.81 -40.73 34.63
O MSE I 253 59.09 -40.37 33.50
CB MSE I 253 60.81 -41.36 35.86
CG MSE I 253 62.11 -41.91 35.26
SE MSE I 253 62.73 -43.46 36.33
CE MSE I 253 62.17 -44.79 35.02
N CYS I 254 57.92 -40.13 35.38
CA CYS I 254 57.27 -38.92 34.93
C CYS I 254 57.99 -37.72 35.52
N ILE I 255 58.43 -36.80 34.66
CA ILE I 255 59.19 -35.63 35.08
C ILE I 255 58.46 -34.31 34.87
N ASP I 256 57.14 -34.34 34.82
CA ASP I 256 56.36 -33.12 34.67
C ASP I 256 56.54 -32.18 35.85
N ARG I 257 56.45 -30.88 35.61
CA ARG I 257 56.55 -29.91 36.70
C ARG I 257 55.41 -30.11 37.71
N ASP I 258 54.21 -30.39 37.20
CA ASP I 258 53.03 -30.56 38.04
C ASP I 258 52.52 -32.00 37.96
N ALA I 259 51.94 -32.50 39.05
CA ALA I 259 51.39 -33.87 39.07
C ALA I 259 49.91 -33.83 38.70
N HIS I 260 49.30 -32.68 38.89
CA HIS I 260 47.92 -32.46 38.48
C HIS I 260 47.82 -31.10 37.85
N TYR I 261 47.12 -31.00 36.74
CA TYR I 261 46.96 -29.71 36.08
C TYR I 261 45.72 -29.71 35.22
N GLY I 262 45.05 -28.57 35.15
CA GLY I 262 43.80 -28.49 34.40
C GLY I 262 42.97 -27.29 34.81
N GLN I 263 41.75 -27.23 34.30
CA GLN I 263 40.86 -26.11 34.59
C GLN I 263 39.43 -26.64 34.65
N GLY I 264 38.56 -25.94 35.36
CA GLY I 264 37.16 -26.33 35.48
C GLY I 264 37.05 -27.75 35.99
N PHE I 265 36.38 -28.61 35.22
CA PHE I 265 36.28 -30.01 35.59
C PHE I 265 37.28 -30.92 34.86
N VAL I 266 38.02 -30.36 33.91
CA VAL I 266 38.96 -31.14 33.13
C VAL I 266 40.33 -31.11 33.78
N TRP I 267 40.71 -32.24 34.37
CA TRP I 267 41.98 -32.35 35.08
C TRP I 267 42.79 -33.50 34.60
N ASN I 268 44.09 -33.27 34.45
CA ASN I 268 45.04 -34.30 34.03
C ASN I 268 46.00 -34.65 35.14
N HIS I 269 46.22 -35.95 35.36
CA HIS I 269 47.07 -36.38 36.45
C HIS I 269 48.18 -37.29 36.00
N ILE I 270 49.30 -37.25 36.72
CA ILE I 270 50.38 -38.21 36.50
C ILE I 270 49.79 -39.61 36.42
N PRO I 271 50.03 -40.29 35.31
CA PRO I 271 49.46 -41.61 35.09
C PRO I 271 49.84 -42.64 36.16
N TRP I 272 48.86 -43.42 36.59
CA TRP I 272 49.11 -44.54 37.49
C TRP I 272 50.15 -45.40 36.82
N GLY I 273 51.12 -45.89 37.58
CA GLY I 273 52.15 -46.79 36.99
C GLY I 273 53.48 -46.11 36.67
N ALA I 274 53.46 -44.80 36.56
CA ALA I 274 54.68 -44.03 36.31
C ALA I 274 55.27 -43.65 37.65
N GLU I 275 56.59 -43.53 37.72
CA GLU I 275 57.23 -43.03 38.96
C GLU I 275 57.14 -41.52 39.10
N ASP I 276 57.03 -41.05 40.33
CA ASP I 276 56.83 -39.65 40.59
C ASP I 276 58.13 -38.86 40.67
N PHE I 277 58.58 -38.32 39.55
CA PHE I 277 59.73 -37.41 39.54
C PHE I 277 59.23 -36.00 39.25
N THR I 278 57.94 -35.78 39.46
CA THR I 278 57.34 -34.48 39.20
C THR I 278 57.77 -33.48 40.24
N GLY I 279 57.50 -32.21 40.00
CA GLY I 279 57.83 -31.14 40.93
C GLY I 279 58.59 -30.02 40.23
N LYS I 280 58.51 -28.80 40.77
CA LYS I 280 59.25 -27.72 40.16
C LYS I 280 60.61 -27.64 40.82
N LEU I 281 61.63 -28.12 40.12
CA LEU I 281 63.00 -27.94 40.56
C LEU I 281 63.88 -27.35 39.46
N PRO I 282 65.17 -27.12 39.75
CA PRO I 282 66.01 -26.51 38.70
C PRO I 282 66.16 -27.44 37.50
N LEU I 283 66.17 -26.84 36.32
CA LEU I 283 66.18 -27.60 35.07
C LEU I 283 67.43 -28.48 34.96
N GLN I 284 68.53 -28.03 35.56
CA GLN I 284 69.75 -28.82 35.51
C GLN I 284 69.57 -30.26 36.07
N GLU I 285 68.68 -30.40 37.05
CA GLU I 285 68.41 -31.71 37.61
C GLU I 285 67.64 -32.57 36.63
N ARG I 286 66.78 -31.93 35.83
CA ARG I 286 66.05 -32.62 34.78
C ARG I 286 67.02 -33.06 33.71
N VAL I 287 67.96 -32.18 33.37
CA VAL I 287 68.99 -32.52 32.40
C VAL I 287 69.76 -33.75 32.84
N ASN I 288 70.15 -33.79 34.11
CA ASN I 288 70.96 -34.88 34.65
C ASN I 288 70.24 -36.21 34.59
N LEU I 289 68.94 -36.20 34.88
CA LEU I 289 68.11 -37.39 34.83
C LEU I 289 67.88 -37.83 33.39
N LEU I 290 67.56 -36.84 32.54
CA LEU I 290 67.32 -37.04 31.11
C LEU I 290 68.51 -37.65 30.37
N ARG I 291 69.70 -37.12 30.68
CA ARG I 291 70.94 -37.51 30.02
C ARG I 291 71.16 -39.03 29.88
N HIS I 292 70.79 -39.78 30.90
CA HIS I 292 71.02 -41.22 30.85
C HIS I 292 69.80 -42.05 30.57
N ALA I 293 68.71 -41.39 30.20
CA ALA I 293 67.50 -42.09 29.85
C ALA I 293 67.70 -42.74 28.50
N SER I 294 67.20 -43.95 28.32
CA SER I 294 67.29 -44.62 27.04
C SER I 294 66.62 -43.77 25.96
N PHE I 295 65.44 -43.23 26.31
CA PHE I 295 64.75 -42.26 25.46
C PHE I 295 63.64 -41.55 26.20
N PHE I 296 62.93 -40.67 25.50
CA PHE I 296 61.96 -39.78 26.14
C PHE I 296 60.70 -39.75 25.33
N ILE I 297 59.56 -39.69 26.03
CA ILE I 297 58.28 -39.58 25.38
C ILE I 297 57.54 -38.33 25.86
N GLY I 298 57.14 -37.45 24.95
CA GLY I 298 56.54 -36.19 25.36
C GLY I 298 55.63 -35.48 24.39
N LEU I 299 55.30 -34.24 24.74
CA LEU I 299 54.37 -33.42 23.98
C LEU I 299 55.09 -32.21 23.43
N PRO I 300 54.43 -31.41 22.57
CA PRO I 300 55.13 -30.29 21.93
C PRO I 300 55.48 -29.15 22.89
N SER I 301 55.24 -29.33 24.18
CA SER I 301 55.69 -28.34 25.17
C SER I 301 57.20 -28.45 25.47
N GLY I 302 57.67 -27.58 26.36
CA GLY I 302 59.09 -27.43 26.68
C GLY I 302 60.01 -28.63 26.94
N LEU I 303 59.60 -29.57 27.78
CA LEU I 303 60.51 -30.65 28.16
C LEU I 303 61.02 -31.47 26.99
N SER I 304 60.26 -31.50 25.90
CA SER I 304 60.69 -32.22 24.72
C SER I 304 61.93 -31.57 24.09
N TRP I 305 62.01 -30.23 24.17
CA TRP I 305 63.15 -29.50 23.66
C TRP I 305 64.35 -29.74 24.51
N LEU I 306 64.12 -29.89 25.82
CA LEU I 306 65.23 -30.15 26.74
C LEU I 306 65.74 -31.57 26.50
N ALA I 307 64.82 -32.52 26.42
CA ALA I 307 65.16 -33.89 26.05
C ALA I 307 65.96 -33.94 24.78
N TRP I 308 65.54 -33.17 23.78
CA TRP I 308 66.25 -33.09 22.51
C TRP I 308 67.69 -32.71 22.70
N ALA I 309 67.91 -31.64 23.48
CA ALA I 309 69.26 -31.08 23.72
C ALA I 309 70.18 -31.97 24.54
N THR I 310 69.60 -32.93 25.26
CA THR I 310 70.37 -33.92 26.02
C THR I 310 70.91 -35.02 25.09
N ARG I 311 70.62 -34.90 23.80
CA ARG I 311 71.10 -35.84 22.79
C ARG I 311 70.56 -37.27 22.90
N ILE I 312 69.33 -37.42 23.37
CA ILE I 312 68.69 -38.75 23.44
C ILE I 312 67.49 -38.79 22.48
N PRO I 313 67.07 -40.00 22.07
CA PRO I 313 65.94 -40.11 21.15
C PRO I 313 64.66 -39.57 21.79
N VAL I 314 63.86 -38.83 21.00
CA VAL I 314 62.67 -38.20 21.52
C VAL I 314 61.45 -38.66 20.75
N VAL I 315 60.51 -39.29 21.45
CA VAL I 315 59.26 -39.66 20.82
C VAL I 315 58.29 -38.52 21.11
N LEU I 316 57.86 -37.83 20.06
CA LEU I 316 57.05 -36.65 20.21
C LEU I 316 55.66 -36.87 19.69
N ILE I 317 54.68 -36.82 20.58
CA ILE I 317 53.27 -37.04 20.24
C ILE I 317 52.51 -35.72 20.12
N SER I 318 51.99 -35.44 18.93
CA SER I 318 51.26 -34.19 18.75
C SER I 318 50.35 -34.27 17.54
N GLY I 319 49.10 -33.85 17.72
CA GLY I 319 48.11 -33.78 16.64
C GLY I 319 47.69 -32.34 16.32
N PHE I 320 47.87 -31.43 17.27
CA PHE I 320 47.39 -30.08 17.03
C PHE I 320 48.38 -29.24 16.21
N SER I 321 49.62 -29.72 16.13
CA SER I 321 50.61 -29.12 15.27
C SER I 321 51.12 -30.15 14.23
N LEU I 322 51.53 -29.67 13.07
CA LEU I 322 52.09 -30.51 12.03
C LEU I 322 53.49 -30.96 12.39
N PRO I 323 53.92 -32.10 11.84
CA PRO I 323 55.26 -32.62 12.11
C PRO I 323 56.37 -31.58 11.98
N ASN I 324 56.32 -30.71 10.95
CA ASN I 324 57.39 -29.71 10.77
C ASN I 324 57.33 -28.54 11.72
N SER I 325 56.39 -28.58 12.65
CA SER I 325 56.22 -27.45 13.56
C SER I 325 57.24 -27.41 14.71
N GLU I 326 57.89 -28.53 14.96
CA GLU I 326 58.89 -28.64 16.01
C GLU I 326 60.14 -29.17 15.38
N PHE I 327 61.14 -29.49 16.21
CA PHE I 327 62.39 -30.04 15.71
C PHE I 327 62.15 -31.40 15.07
N TYR I 328 63.06 -31.81 14.20
CA TYR I 328 62.93 -33.10 13.54
C TYR I 328 63.23 -34.24 14.49
N THR I 329 62.39 -35.28 14.46
CA THR I 329 62.70 -36.54 15.13
C THR I 329 62.08 -37.70 14.35
N PRO I 330 62.86 -38.76 14.14
CA PRO I 330 62.32 -39.88 13.35
C PRO I 330 61.20 -40.54 14.11
N TRP I 331 61.06 -40.17 15.38
CA TRP I 331 60.10 -40.80 16.28
C TRP I 331 58.89 -39.93 16.50
N ARG I 332 58.65 -39.03 15.57
CA ARG I 332 57.49 -38.13 15.68
C ARG I 332 56.20 -38.93 15.44
N VAL I 333 55.18 -38.69 16.27
CA VAL I 333 53.90 -39.38 16.15
C VAL I 333 52.82 -38.40 15.76
N PHE I 334 52.01 -38.81 14.79
CA PHE I 334 51.05 -37.92 14.17
C PHE I 334 50.03 -38.78 13.42
N ASN I 335 48.78 -38.34 13.36
CA ASN I 335 47.78 -39.09 12.61
C ASN I 335 47.08 -38.14 11.65
N SER I 336 47.01 -38.51 10.37
CA SER I 336 46.49 -37.58 9.34
C SER I 336 45.05 -37.86 8.83
N HIS I 337 44.33 -38.75 9.51
CA HIS I 337 42.98 -39.11 9.07
C HIS I 337 41.81 -38.26 9.51
N GLY I 338 42.00 -37.35 10.48
CA GLY I 338 40.90 -36.46 10.96
C GLY I 338 41.35 -35.02 11.06
N CYS I 339 40.81 -34.22 12.01
CA CYS I 339 41.31 -32.83 12.25
C CYS I 339 42.79 -32.98 12.70
N TYR I 340 43.66 -32.10 12.24
CA TYR I 340 45.03 -31.99 12.74
C TYR I 340 45.56 -30.57 12.42
N GLY I 341 46.60 -30.14 13.11
CA GLY I 341 47.24 -28.86 12.80
C GLY I 341 46.51 -27.54 13.02
N CYS I 342 45.54 -27.50 13.95
CA CYS I 342 44.88 -26.27 14.47
C CYS I 342 46.01 -25.16 14.52
N TRP I 343 47.13 -25.50 15.14
CA TRP I 343 48.16 -24.55 15.51
C TRP I 343 48.89 -23.84 14.41
N ASP I 344 49.05 -24.51 13.27
CA ASP I 344 49.82 -23.96 12.16
C ASP I 344 48.93 -23.28 11.15
N ASP I 345 47.61 -23.43 11.32
CA ASP I 345 46.63 -22.90 10.36
C ASP I 345 46.50 -21.35 10.43
N THR I 346 46.89 -20.67 9.35
CA THR I 346 46.87 -19.20 9.33
C THR I 346 45.47 -18.59 9.27
N SER I 347 44.44 -19.39 9.02
CA SER I 347 43.07 -18.90 9.02
C SER I 347 42.43 -18.93 10.43
N LEU I 348 43.08 -19.60 11.37
CA LEU I 348 42.58 -19.69 12.75
C LEU I 348 43.41 -18.82 13.66
N ASN I 349 42.97 -18.68 14.91
CA ASN I 349 43.70 -17.87 15.91
C ASN I 349 43.76 -18.47 17.30
N PHE I 350 44.97 -18.75 17.77
CA PHE I 350 45.18 -19.29 19.09
C PHE I 350 44.61 -18.35 20.16
N ASP I 351 43.89 -18.94 21.12
CA ASP I 351 43.30 -18.20 22.26
C ASP I 351 44.10 -18.51 23.51
N HIS I 352 44.82 -17.50 24.01
CA HIS I 352 45.72 -17.67 25.15
C HIS I 352 44.96 -17.92 26.41
N HIS I 353 43.69 -17.52 26.43
CA HIS I 353 42.90 -17.53 27.66
C HIS I 353 41.99 -18.72 27.79
N ASP I 354 41.86 -19.50 26.72
CA ASP I 354 40.99 -20.67 26.70
C ASP I 354 41.80 -21.96 26.74
N PHE I 355 41.81 -22.61 27.89
CA PHE I 355 42.60 -23.82 28.07
C PHE I 355 41.97 -24.97 27.28
N LEU I 356 40.68 -24.86 27.00
CA LEU I 356 39.97 -25.86 26.25
C LEU I 356 39.79 -25.49 24.77
N TRP I 357 40.72 -24.68 24.26
CA TRP I 357 40.70 -24.23 22.87
C TRP I 357 40.71 -25.39 21.84
N CYS I 358 39.69 -25.43 20.98
CA CYS I 358 39.64 -26.28 19.77
C CYS I 358 38.82 -25.55 18.68
N PRO I 359 39.50 -24.75 17.84
CA PRO I 359 38.82 -23.92 16.84
C PRO I 359 37.80 -24.61 15.99
N ARG I 360 38.08 -25.85 15.57
CA ARG I 360 37.22 -26.52 14.61
C ARG I 360 36.21 -27.43 15.26
N HIS I 361 36.43 -27.88 16.50
CA HIS I 361 35.45 -28.82 17.12
C HIS I 361 35.06 -28.61 18.57
N LYS I 362 35.44 -27.47 19.16
CA LYS I 362 35.09 -27.19 20.55
C LYS I 362 33.62 -27.48 20.83
N ASN I 363 33.37 -28.07 21.99
CA ASN I 363 32.01 -28.36 22.45
C ASN I 363 31.23 -29.26 21.53
N THR I 364 31.92 -30.17 20.85
CA THR I 364 31.26 -31.18 20.05
C THR I 364 31.88 -32.52 20.39
N ASP I 365 31.32 -33.60 19.88
CA ASP I 365 31.88 -34.89 20.25
C ASP I 365 33.21 -35.16 19.52
N ARG I 366 33.57 -34.31 18.56
CA ARG I 366 34.87 -34.45 17.84
C ARG I 366 36.03 -33.64 18.48
N GLN I 367 35.73 -32.94 19.56
CA GLN I 367 36.74 -32.16 20.24
C GLN I 367 37.98 -33.00 20.54
N PHE I 368 39.12 -32.45 20.19
CA PHE I 368 40.44 -33.07 20.41
C PHE I 368 40.67 -34.40 19.67
N GLU I 369 39.87 -34.61 18.63
CA GLU I 369 40.12 -35.67 17.67
C GLU I 369 41.60 -35.65 17.25
N CYS I 370 42.23 -34.47 17.35
CA CYS I 370 43.66 -34.27 17.02
C CYS I 370 44.43 -35.48 17.59
N THR I 371 44.17 -35.81 18.85
CA THR I 371 44.97 -36.82 19.55
C THR I 371 44.26 -38.11 19.90
N ARG I 372 42.93 -38.10 19.90
CA ARG I 372 42.16 -39.30 20.20
C ARG I 372 42.40 -40.36 19.14
N LEU I 373 42.68 -39.92 17.92
CA LEU I 373 42.99 -40.85 16.84
C LEU I 373 44.37 -41.47 17.00
N ILE I 374 45.22 -40.86 17.82
CA ILE I 374 46.53 -41.45 18.07
C ILE I 374 46.40 -42.50 19.17
N THR I 375 46.36 -43.76 18.78
CA THR I 375 46.17 -44.85 19.73
C THR I 375 47.45 -45.29 20.40
N GLY I 376 47.32 -46.06 21.46
CA GLY I 376 48.49 -46.58 22.16
C GLY I 376 49.25 -47.50 21.21
N ALA I 377 48.49 -48.23 20.39
CA ALA I 377 49.10 -49.14 19.41
C ALA I 377 50.01 -48.37 18.47
N GLN I 378 49.53 -47.22 18.02
CA GLN I 378 50.31 -46.40 17.14
C GLN I 378 51.59 -45.97 17.80
N VAL I 379 51.48 -45.48 19.04
CA VAL I 379 52.68 -45.01 19.74
C VAL I 379 53.62 -46.14 20.06
N ASN I 380 53.06 -47.28 20.47
CA ASN I 380 53.88 -48.48 20.77
C ASN I 380 54.61 -49.01 19.53
N GLY I 381 53.97 -48.89 18.37
CA GLY I 381 54.60 -49.27 17.11
C GLY I 381 55.89 -48.50 16.93
N VAL I 382 55.83 -47.19 17.18
CA VAL I 382 56.98 -46.31 17.05
C VAL I 382 58.02 -46.70 18.07
N ILE I 383 57.58 -46.94 19.29
CA ILE I 383 58.50 -47.33 20.36
C ILE I 383 59.23 -48.64 20.02
N ASN I 384 58.50 -49.61 19.48
CA ASN I 384 59.13 -50.85 19.00
C ASN I 384 60.25 -50.65 17.99
N LYS I 385 60.04 -49.77 17.02
CA LYS I 385 61.08 -49.47 16.02
C LYS I 385 62.27 -48.84 16.69
N LEU I 386 62.02 -47.90 17.58
CA LEU I 386 63.09 -47.22 18.30
C LEU I 386 63.83 -48.20 19.19
N HIS I 387 63.08 -49.09 19.83
CA HIS I 387 63.69 -50.09 20.69
C HIS I 387 64.57 -51.00 19.91
N ARG I 388 64.10 -51.50 18.77
CA ARG I 388 64.92 -52.37 17.90
C ARG I 388 66.18 -51.66 17.49
N SER I 389 66.05 -50.42 17.05
CA SER I 389 67.21 -49.66 16.68
C SER I 389 68.17 -49.45 17.85
N LEU I 390 67.67 -49.38 19.08
CA LEU I 390 68.57 -49.18 20.21
C LEU I 390 69.36 -50.45 20.59
N THR I 391 68.71 -51.59 20.44
CA THR I 391 69.35 -52.88 20.69
C THR I 391 70.30 -53.24 19.54
N GLU I 392 69.72 -53.38 18.36
CA GLU I 392 70.41 -53.91 17.21
C GLU I 392 71.53 -53.00 16.72
N GLN I 393 71.27 -51.70 16.70
CA GLN I 393 72.26 -50.70 16.25
C GLN I 393 72.79 -49.98 17.49
N GLY I 394 73.79 -49.14 17.33
CA GLY I 394 74.31 -48.42 18.49
C GLY I 394 73.36 -47.34 18.99
N VAL I 395 73.76 -46.65 20.05
CA VAL I 395 73.05 -45.45 20.47
C VAL I 395 73.44 -44.29 19.53
N GLU I 396 74.69 -44.41 19.08
CA GLU I 396 75.40 -43.48 18.24
C GLU I 396 74.68 -43.39 16.93
N ALA I 397 74.09 -44.50 16.50
CA ALA I 397 73.28 -44.49 15.30
C ALA I 397 72.24 -43.39 15.39
N THR I 398 72.69 -42.14 15.27
CA THR I 398 71.81 -40.98 15.39
C THR I 398 70.70 -41.24 16.40
N ILE J 10 31.40 -8.57 -61.77
CA ILE J 10 30.91 -8.24 -60.40
C ILE J 10 30.49 -9.45 -59.56
N THR J 11 29.73 -10.39 -60.11
CA THR J 11 29.40 -11.58 -59.30
C THR J 11 30.51 -12.59 -59.41
N PRO J 12 30.95 -13.16 -58.27
CA PRO J 12 31.98 -14.18 -58.39
C PRO J 12 31.37 -15.47 -58.92
N PRO J 13 32.17 -16.28 -59.63
CA PRO J 13 31.70 -17.55 -60.18
C PRO J 13 30.96 -18.33 -59.11
N ASP J 14 29.96 -19.13 -59.49
CA ASP J 14 29.21 -19.92 -58.49
C ASP J 14 30.04 -21.08 -58.00
N THR J 15 31.08 -21.44 -58.77
CA THR J 15 32.02 -22.47 -58.39
C THR J 15 33.42 -21.91 -58.61
N PRO J 16 34.30 -22.07 -57.62
CA PRO J 16 35.66 -21.56 -57.74
C PRO J 16 36.39 -22.06 -58.98
N THR J 17 37.19 -21.19 -59.58
CA THR J 17 37.82 -21.45 -60.89
C THR J 17 39.09 -22.31 -60.92
N GLN J 18 39.58 -22.74 -59.78
CA GLN J 18 40.81 -23.53 -59.78
C GLN J 18 40.52 -24.93 -59.30
N ALA J 19 41.10 -25.91 -59.98
CA ALA J 19 40.89 -27.32 -59.64
C ALA J 19 41.85 -27.82 -58.53
N GLY J 20 41.27 -28.23 -57.41
CA GLY J 20 42.04 -28.82 -56.31
C GLY J 20 42.10 -30.33 -56.44
N PRO J 21 42.93 -30.99 -55.64
CA PRO J 21 43.10 -32.43 -55.79
C PRO J 21 41.87 -33.30 -55.55
N GLU J 22 41.18 -33.15 -54.44
CA GLU J 22 40.12 -34.14 -54.17
C GLU J 22 38.74 -33.62 -54.52
N ASN J 23 38.56 -33.22 -55.78
CA ASN J 23 37.32 -32.55 -56.20
C ASN J 23 37.12 -31.26 -55.41
N ILE J 24 38.22 -30.55 -55.18
CA ILE J 24 38.19 -29.32 -54.42
C ILE J 24 38.48 -28.15 -55.35
N PHE J 25 37.65 -27.13 -55.27
CA PHE J 25 37.83 -25.95 -56.10
C PHE J 25 38.17 -24.74 -55.23
N TYR J 26 39.17 -23.97 -55.63
CA TYR J 26 39.57 -22.81 -54.86
C TYR J 26 39.80 -21.61 -55.74
N ASP J 27 39.68 -20.42 -55.17
CA ASP J 27 40.06 -19.23 -55.90
C ASP J 27 40.23 -18.05 -54.98
N PHE J 28 40.34 -16.88 -55.60
CA PHE J 28 40.66 -15.66 -54.90
C PHE J 28 39.76 -14.56 -55.40
N ASN J 29 38.59 -14.96 -55.87
CA ASN J 29 37.54 -14.04 -56.22
C ASN J 29 36.63 -13.94 -55.00
N ASP J 30 36.30 -12.72 -54.57
CA ASP J 30 35.58 -12.51 -53.30
C ASP J 30 36.38 -13.03 -52.11
N GLY J 31 37.66 -12.72 -52.09
CA GLY J 31 38.56 -13.17 -51.03
C GLY J 31 39.02 -14.58 -51.33
N ALA J 32 39.85 -15.14 -50.47
CA ALA J 32 40.24 -16.54 -50.60
C ALA J 32 39.03 -17.42 -50.35
N ARG J 33 38.68 -18.26 -51.31
CA ARG J 33 37.59 -19.19 -51.05
C ARG J 33 37.83 -20.60 -51.53
N VAL J 34 37.21 -21.53 -50.80
CA VAL J 34 37.32 -22.95 -51.03
C VAL J 34 35.94 -23.60 -50.93
N LEU J 35 35.61 -24.42 -51.96
CA LEU J 35 34.38 -25.20 -51.99
C LEU J 35 34.76 -26.68 -51.75
N LEU J 36 34.26 -27.25 -50.64
CA LEU J 36 34.63 -28.61 -50.23
C LEU J 36 33.58 -29.63 -50.58
N PRO J 37 34.01 -30.80 -51.10
CA PRO J 37 33.11 -31.91 -51.33
C PRO J 37 32.87 -32.61 -50.01
N GLU J 38 32.13 -33.70 -50.04
CA GLU J 38 31.85 -34.38 -48.80
C GLU J 38 33.12 -35.08 -48.25
N GLY J 39 33.13 -35.31 -46.94
CA GLY J 39 34.30 -35.85 -46.26
C GLY J 39 34.51 -35.11 -44.95
N LYS J 40 35.68 -35.27 -44.34
CA LYS J 40 35.99 -34.59 -43.08
C LYS J 40 37.25 -33.75 -43.21
N TRP J 41 37.07 -32.42 -43.25
CA TRP J 41 38.17 -31.48 -43.50
C TRP J 41 38.52 -30.53 -42.41
N HIS J 42 39.79 -30.12 -42.42
CA HIS J 42 40.30 -29.04 -41.60
C HIS J 42 40.95 -28.05 -42.53
N VAL J 43 40.50 -26.79 -42.48
CA VAL J 43 41.00 -25.77 -43.39
C VAL J 43 41.72 -24.65 -42.66
N ARG J 44 42.83 -24.20 -43.23
CA ARG J 44 43.58 -23.06 -42.69
C ARG J 44 43.79 -21.97 -43.75
N LEU J 45 43.51 -20.73 -43.37
CA LEU J 45 43.83 -19.57 -44.21
C LEU J 45 45.02 -18.84 -43.61
N LEU J 46 46.07 -18.62 -44.40
CA LEU J 46 47.26 -17.92 -43.89
C LEU J 46 47.61 -16.67 -44.71
N ASP J 47 48.36 -15.77 -44.10
CA ASP J 47 48.93 -14.65 -44.79
C ASP J 47 50.39 -15.03 -45.05
N ALA J 48 50.72 -15.29 -46.30
CA ALA J 48 52.07 -15.70 -46.67
C ALA J 48 53.17 -14.73 -46.22
N ASP J 49 52.86 -13.43 -46.21
CA ASP J 49 53.86 -12.39 -45.84
C ASP J 49 54.26 -12.43 -44.34
N SER J 50 53.27 -12.60 -43.47
CA SER J 50 53.49 -12.67 -42.03
C SER J 50 53.56 -14.10 -41.50
N GLU J 51 52.99 -15.05 -42.23
CA GLU J 51 52.85 -16.45 -41.76
C GLU J 51 51.81 -16.65 -40.67
N ASN J 52 51.03 -15.59 -40.38
CA ASN J 52 49.93 -15.70 -39.43
C ASN J 52 48.81 -16.60 -39.95
N ILE J 53 48.23 -17.39 -39.06
CA ILE J 53 47.03 -18.16 -39.36
C ILE J 53 45.81 -17.27 -39.15
N LEU J 54 45.21 -16.85 -40.25
CA LEU J 54 44.09 -15.91 -40.20
C LEU J 54 42.81 -16.56 -39.72
N PHE J 55 42.58 -17.79 -40.17
CA PHE J 55 41.34 -18.49 -39.88
C PHE J 55 41.59 -19.97 -39.91
N CYS J 56 40.90 -20.69 -39.06
CA CYS J 56 41.15 -22.09 -38.85
C CYS J 56 39.80 -22.75 -38.56
N CYS J 57 39.50 -23.82 -39.30
CA CYS J 57 38.14 -24.34 -39.39
C CYS J 57 38.10 -25.86 -39.48
N ASP J 58 37.17 -26.48 -38.74
CA ASP J 58 36.88 -27.91 -38.89
C ASP J 58 35.49 -28.06 -39.48
N VAL J 59 35.39 -28.42 -40.77
CA VAL J 59 34.09 -28.65 -41.43
C VAL J 59 34.14 -29.85 -42.35
N ASP J 60 33.07 -29.98 -43.13
CA ASP J 60 32.97 -30.96 -44.22
C ASP J 60 31.91 -30.42 -45.16
N LYS J 61 32.04 -30.62 -46.47
CA LYS J 61 30.97 -30.23 -47.42
C LYS J 61 30.40 -28.78 -47.35
N GLY J 62 31.22 -27.75 -47.39
CA GLY J 62 30.63 -26.41 -47.45
C GLY J 62 31.52 -25.34 -48.02
N TRP J 63 31.05 -24.09 -47.96
CA TRP J 63 31.90 -22.94 -48.31
C TRP J 63 32.80 -22.55 -47.18
N VAL J 64 34.00 -22.08 -47.50
CA VAL J 64 34.87 -21.42 -46.53
C VAL J 64 35.55 -20.26 -47.23
N THR J 65 35.24 -19.03 -46.80
CA THR J 65 35.80 -17.82 -47.40
C THR J 65 36.40 -16.93 -46.33
N SER J 66 37.50 -16.25 -46.66
CA SER J 66 38.17 -15.35 -45.73
C SER J 66 37.28 -14.17 -45.42
N SER J 67 37.37 -13.64 -44.19
CA SER J 67 36.61 -12.44 -43.80
C SER J 67 37.09 -11.25 -44.63
N LYS J 68 38.40 -11.18 -44.85
CA LYS J 68 38.98 -10.07 -45.58
C LYS J 68 38.82 -10.29 -47.07
N LYS J 69 38.33 -9.26 -47.75
CA LYS J 69 38.09 -9.34 -49.18
C LYS J 69 39.11 -8.58 -50.00
N TYR J 70 39.92 -7.75 -49.35
CA TYR J 70 40.89 -6.93 -50.06
C TYR J 70 42.14 -7.75 -50.33
N PHE J 71 43.13 -7.15 -50.98
CA PHE J 71 44.33 -7.89 -51.31
C PHE J 71 45.08 -8.43 -50.09
N VAL J 72 45.33 -9.74 -50.11
CA VAL J 72 46.18 -10.39 -49.11
C VAL J 72 46.89 -11.50 -49.87
N ARG J 73 48.16 -11.72 -49.62
CA ARG J 73 48.83 -12.85 -50.29
C ARG J 73 48.44 -14.11 -49.53
N PHE J 74 47.18 -14.51 -49.69
CA PHE J 74 46.63 -15.67 -48.99
C PHE J 74 47.33 -17.00 -49.28
N ARG J 75 47.18 -17.92 -48.35
CA ARG J 75 47.69 -19.27 -48.51
C ARG J 75 46.59 -20.18 -48.00
N ILE J 76 46.03 -20.99 -48.91
CA ILE J 76 44.97 -21.91 -48.53
C ILE J 76 45.54 -23.28 -48.27
N GLN J 77 45.15 -23.87 -47.14
CA GLN J 77 45.58 -25.22 -46.76
C GLN J 77 44.38 -26.04 -46.35
N VAL J 78 44.22 -27.20 -47.01
CA VAL J 78 43.13 -28.12 -46.71
C VAL J 78 43.73 -29.41 -46.17
N PHE J 79 43.28 -29.80 -44.99
CA PHE J 79 43.78 -30.98 -44.32
C PHE J 79 42.69 -32.04 -44.23
N ARG J 80 43.10 -33.31 -44.29
CA ARG J 80 42.21 -34.38 -43.91
C ARG J 80 42.23 -34.37 -42.36
N GLN J 81 41.05 -34.37 -41.74
CA GLN J 81 40.98 -34.18 -40.30
C GLN J 81 42.07 -34.81 -39.43
N GLY J 82 42.64 -35.93 -39.81
CA GLY J 82 43.71 -36.49 -38.97
C GLY J 82 45.14 -36.15 -39.37
N ALA J 83 45.32 -35.68 -40.59
CA ALA J 83 46.64 -35.70 -41.26
C ALA J 83 47.72 -34.75 -40.76
N ALA J 84 48.97 -35.07 -41.10
CA ALA J 84 50.11 -34.21 -40.80
C ALA J 84 50.41 -33.24 -41.96
N THR J 85 50.34 -33.73 -43.20
CA THR J 85 50.57 -32.88 -44.38
C THR J 85 49.23 -32.42 -44.98
N PRO J 86 49.19 -31.20 -45.53
CA PRO J 86 47.95 -30.81 -46.17
C PRO J 86 47.83 -31.39 -47.57
N LEU J 87 46.61 -31.74 -47.97
CA LEU J 87 46.33 -32.22 -49.33
C LEU J 87 46.58 -31.11 -50.35
N LEU J 88 46.07 -29.93 -50.05
CA LEU J 88 46.19 -28.73 -50.89
C LEU J 88 46.86 -27.61 -50.10
N ASP J 89 47.90 -26.97 -50.66
CA ASP J 89 48.53 -25.81 -50.00
C ASP J 89 48.95 -24.69 -50.97
N GLU J 90 47.95 -24.15 -51.66
CA GLU J 90 48.21 -23.12 -52.65
C GLU J 90 48.28 -21.68 -52.13
N THR J 91 49.28 -20.96 -52.63
CA THR J 91 49.54 -19.59 -52.27
C THR J 91 49.26 -18.71 -53.47
N LEU J 92 48.59 -17.59 -53.23
CA LEU J 92 48.28 -16.63 -54.28
C LEU J 92 49.52 -16.19 -55.04
N LYS J 93 49.55 -16.45 -56.34
CA LYS J 93 50.61 -15.95 -57.20
C LYS J 93 49.95 -15.39 -58.45
N LEU J 94 50.11 -14.09 -58.69
CA LEU J 94 49.37 -13.44 -59.75
C LEU J 94 50.07 -13.31 -61.09
N LYS J 95 51.37 -13.58 -61.15
CA LYS J 95 52.09 -13.43 -62.42
C LYS J 95 51.41 -14.17 -63.60
N ASP J 96 51.15 -13.42 -64.68
CA ASP J 96 50.56 -13.97 -65.92
C ASP J 96 49.20 -14.62 -65.71
N ARG J 97 48.42 -14.13 -64.77
CA ARG J 97 47.14 -14.75 -64.45
C ARG J 97 45.95 -13.79 -64.62
N PRO J 98 44.77 -14.35 -64.90
CA PRO J 98 43.60 -13.50 -65.11
C PRO J 98 43.07 -12.91 -63.81
N VAL J 99 43.15 -11.58 -63.69
CA VAL J 99 42.59 -10.91 -62.54
C VAL J 99 41.60 -9.82 -62.93
N LEU J 100 40.56 -9.70 -62.13
CA LEU J 100 39.47 -8.79 -62.40
C LEU J 100 39.38 -7.71 -61.28
N ILE J 101 39.42 -6.45 -61.66
CA ILE J 101 39.19 -5.35 -60.71
C ILE J 101 37.85 -4.70 -61.06
N SER J 102 36.89 -4.81 -60.17
CA SER J 102 35.56 -4.37 -60.48
C SER J 102 35.19 -3.09 -59.75
N PHE J 103 34.96 -2.04 -60.50
CA PHE J 103 34.53 -0.78 -59.91
C PHE J 103 33.02 -0.74 -59.99
N PRO J 104 32.41 0.09 -59.15
CA PRO J 104 30.96 0.28 -59.11
C PRO J 104 30.48 1.27 -60.14
N THR J 105 29.20 1.57 -60.09
CA THR J 105 28.54 2.41 -61.08
C THR J 105 28.73 3.88 -60.73
N GLY J 106 29.58 4.12 -59.76
CA GLY J 106 29.71 5.39 -59.06
C GLY J 106 30.27 6.52 -59.88
N THR J 107 30.16 7.71 -59.29
CA THR J 107 30.38 8.98 -59.96
C THR J 107 31.81 9.13 -60.44
N LEU J 108 31.94 9.97 -61.45
CA LEU J 108 33.20 10.22 -62.18
C LEU J 108 34.42 10.43 -61.25
N GLY J 109 34.24 11.20 -60.17
CA GLY J 109 35.35 11.53 -59.28
C GLY J 109 35.89 10.32 -58.57
N ASP J 110 34.99 9.39 -58.26
CA ASP J 110 35.35 8.13 -57.66
C ASP J 110 36.33 7.37 -58.54
N LEU J 111 35.94 7.14 -59.79
CA LEU J 111 36.73 6.35 -60.74
C LEU J 111 38.06 6.97 -61.12
N LEU J 112 38.06 8.26 -61.36
CA LEU J 112 39.30 8.93 -61.71
C LEU J 112 40.27 8.92 -60.54
N GLY J 113 39.72 8.85 -59.33
CA GLY J 113 40.55 8.82 -58.14
C GLY J 113 41.15 7.47 -57.93
N TRP J 114 40.31 6.44 -58.13
CA TRP J 114 40.75 5.05 -57.96
C TRP J 114 41.63 4.50 -59.02
N PHE J 115 41.44 4.92 -60.26
CA PHE J 115 42.03 4.16 -61.34
C PHE J 115 43.54 3.97 -61.35
N PRO J 116 44.27 5.04 -61.05
CA PRO J 116 45.73 4.93 -61.13
C PRO J 116 46.27 3.82 -60.27
N TYR J 117 45.54 3.47 -59.21
CA TYR J 117 45.97 2.39 -58.32
C TYR J 117 45.89 1.04 -59.00
N ALA J 118 44.95 0.92 -59.93
CA ALA J 118 44.75 -0.33 -60.65
C ALA J 118 45.91 -0.55 -61.60
N GLU J 119 46.41 0.53 -62.21
CA GLU J 119 47.57 0.36 -63.06
C GLU J 119 48.79 -0.06 -62.24
N ARG J 120 48.91 0.47 -61.03
CA ARG J 120 50.05 0.16 -60.16
C ARG J 120 50.05 -1.30 -59.77
N PHE J 121 48.85 -1.81 -59.50
CA PHE J 121 48.68 -3.19 -59.11
C PHE J 121 49.18 -4.08 -60.25
N GLN J 122 48.78 -3.73 -61.46
CA GLN J 122 49.16 -4.48 -62.65
C GLN J 122 50.66 -4.48 -62.88
N SER J 123 51.29 -3.31 -62.79
CA SER J 123 52.75 -3.20 -62.99
C SER J 123 53.51 -4.00 -61.95
N LEU J 124 52.98 -4.01 -60.74
CA LEU J 124 53.65 -4.65 -59.63
C LEU J 124 53.64 -6.16 -59.78
N HIS J 125 52.48 -6.69 -60.15
CA HIS J 125 52.30 -8.13 -60.20
C HIS J 125 52.43 -8.73 -61.57
N LYS J 126 52.53 -7.90 -62.61
CA LYS J 126 52.68 -8.38 -63.98
C LYS J 126 51.57 -9.42 -64.31
N CYS J 127 50.34 -9.12 -63.91
CA CYS J 127 49.22 -9.99 -64.20
C CYS J 127 48.50 -9.57 -65.49
N ARG J 128 47.48 -10.35 -65.86
CA ARG J 128 46.65 -10.03 -67.00
C ARG J 128 45.36 -9.45 -66.46
N LEU J 129 45.27 -8.13 -66.48
CA LEU J 129 44.23 -7.42 -65.76
C LEU J 129 43.07 -6.91 -66.61
N GLU J 130 41.86 -7.15 -66.13
CA GLU J 130 40.69 -6.61 -66.78
C GLU J 130 39.90 -5.77 -65.78
N CYS J 131 39.43 -4.60 -66.20
CA CYS J 131 38.69 -3.70 -65.32
C CYS J 131 37.27 -3.48 -65.83
N THR J 132 36.31 -3.38 -64.92
CA THR J 132 34.93 -3.19 -65.33
C THR J 132 34.37 -1.83 -64.87
N MSE J 133 33.82 -1.05 -65.78
CA MSE J 133 33.26 0.27 -65.45
C MSE J 133 32.33 0.70 -66.54
O MSE J 133 32.23 0.05 -67.56
CB MSE J 133 34.38 1.28 -65.34
CG MSE J 133 35.24 1.18 -66.57
SE MSE J 133 36.96 2.11 -66.28
CE MSE J 133 37.89 0.53 -65.53
N SER J 134 31.62 1.79 -66.32
CA SER J 134 30.70 2.28 -67.33
C SER J 134 31.46 2.64 -68.61
N GLN J 135 30.74 2.55 -69.73
CA GLN J 135 31.30 2.80 -71.05
C GLN J 135 31.96 4.19 -71.19
N ASP J 136 31.39 5.21 -70.57
CA ASP J 136 31.88 6.57 -70.75
C ASP J 136 33.26 6.80 -70.20
N ILE J 137 33.62 6.05 -69.16
CA ILE J 137 34.96 6.16 -68.59
C ILE J 137 35.93 5.35 -69.44
N ILE J 138 35.47 4.19 -69.93
CA ILE J 138 36.27 3.38 -70.87
C ILE J 138 36.73 4.21 -72.06
N ASP J 139 35.79 4.94 -72.66
CA ASP J 139 36.08 5.80 -73.80
C ASP J 139 37.13 6.86 -73.45
N LEU J 140 37.12 7.28 -72.19
CA LEU J 140 38.00 8.33 -71.75
C LEU J 140 39.42 7.83 -71.42
N LEU J 141 39.51 6.61 -70.89
CA LEU J 141 40.78 6.08 -70.37
C LEU J 141 41.48 5.04 -71.25
N ALA J 142 40.69 4.11 -71.79
CA ALA J 142 41.23 2.92 -72.49
C ALA J 142 42.45 3.16 -73.39
N PRO J 143 42.38 4.18 -74.26
CA PRO J 143 43.52 4.47 -75.15
C PRO J 143 44.85 4.66 -74.44
N GLN J 144 44.84 5.13 -73.19
CA GLN J 144 46.11 5.43 -72.49
C GLN J 144 46.62 4.27 -71.61
N TYR J 145 45.83 3.22 -71.52
CA TYR J 145 46.18 2.04 -70.75
C TYR J 145 46.02 0.80 -71.61
N PRO J 146 46.86 0.69 -72.66
CA PRO J 146 46.77 -0.45 -73.58
C PRO J 146 47.05 -1.80 -72.89
N GLN J 147 47.81 -1.76 -71.80
CA GLN J 147 48.16 -2.94 -71.02
C GLN J 147 46.95 -3.59 -70.32
N ILE J 148 45.88 -2.81 -70.12
CA ILE J 148 44.72 -3.27 -69.36
C ILE J 148 43.53 -3.45 -70.28
N GLN J 149 42.73 -4.49 -70.04
CA GLN J 149 41.49 -4.70 -70.79
C GLN J 149 40.30 -4.07 -70.07
N PHE J 150 39.56 -3.20 -70.76
CA PHE J 150 38.38 -2.55 -70.20
C PHE J 150 37.11 -3.18 -70.73
N SER J 151 36.14 -3.37 -69.86
CA SER J 151 34.87 -3.96 -70.24
C SER J 151 33.75 -3.35 -69.42
N THR J 152 32.51 -3.71 -69.69
CA THR J 152 31.43 -3.29 -68.83
C THR J 152 31.05 -4.44 -67.94
N PRO J 153 30.42 -4.16 -66.80
CA PRO J 153 30.03 -5.19 -65.85
C PRO J 153 29.23 -6.34 -66.45
N ASP J 154 28.38 -6.04 -67.43
CA ASP J 154 27.49 -7.04 -68.02
C ASP J 154 28.12 -7.88 -69.14
N LYS J 155 29.23 -7.41 -69.71
CA LYS J 155 29.92 -8.11 -70.78
C LYS J 155 31.43 -8.27 -70.49
N PRO J 156 31.80 -9.01 -69.43
CA PRO J 156 33.22 -9.22 -69.14
C PRO J 156 33.88 -10.29 -70.02
N ARG J 157 35.13 -10.07 -70.40
CA ARG J 157 35.87 -10.98 -71.28
C ARG J 157 36.39 -12.23 -70.58
N THR J 158 36.79 -12.09 -69.33
CA THR J 158 37.30 -13.24 -68.59
C THR J 158 36.13 -13.89 -67.86
N VAL J 159 35.76 -15.09 -68.23
CA VAL J 159 34.66 -15.74 -67.53
C VAL J 159 35.16 -16.59 -66.37
N ALA J 160 36.47 -16.86 -66.35
CA ALA J 160 37.10 -17.69 -65.33
C ALA J 160 38.34 -17.00 -64.74
N PRO J 161 38.13 -15.99 -63.86
CA PRO J 161 39.27 -15.26 -63.32
C PRO J 161 39.90 -15.98 -62.13
N TYR J 162 41.20 -15.78 -61.96
CA TYR J 162 41.95 -16.34 -60.83
C TYR J 162 41.68 -15.54 -59.54
N ALA J 163 41.75 -14.21 -59.65
CA ALA J 163 41.50 -13.30 -58.51
C ALA J 163 40.67 -12.09 -58.92
N THR J 164 39.79 -11.66 -58.02
CA THR J 164 38.91 -10.52 -58.25
C THR J 164 38.98 -9.57 -57.06
N TYR J 165 38.93 -8.28 -57.34
CA TYR J 165 38.96 -7.28 -56.29
C TYR J 165 37.93 -6.20 -56.58
N ARG J 166 37.02 -5.95 -55.64
CA ARG J 166 36.01 -4.91 -55.81
C ARG J 166 36.39 -3.59 -55.08
N VAL J 167 36.96 -2.67 -55.83
CA VAL J 167 37.30 -1.36 -55.34
C VAL J 167 36.07 -0.47 -55.23
N GLY J 168 35.84 0.12 -54.06
CA GLY J 168 34.72 1.02 -53.87
C GLY J 168 34.69 1.64 -52.50
N LEU J 169 33.61 2.35 -52.19
CA LEU J 169 33.43 2.89 -50.85
C LEU J 169 32.57 1.97 -50.00
N TYR J 170 33.05 1.66 -48.80
CA TYR J 170 32.27 0.89 -47.87
C TYR J 170 32.08 1.70 -46.60
N PHE J 171 30.82 1.93 -46.27
CA PHE J 171 30.46 2.80 -45.17
C PHE J 171 30.29 2.03 -43.86
N GLY J 172 29.89 2.74 -42.81
CA GLY J 172 29.68 2.17 -41.48
C GLY J 172 30.96 1.72 -40.78
N GLY J 173 32.11 2.11 -41.32
CA GLY J 173 33.38 1.67 -40.74
C GLY J 173 33.75 0.23 -41.08
N ASP J 174 33.11 -0.32 -42.11
CA ASP J 174 33.43 -1.65 -42.62
C ASP J 174 34.93 -1.82 -42.79
N THR J 175 35.46 -2.93 -42.28
CA THR J 175 36.89 -3.24 -42.40
C THR J 175 37.14 -4.61 -42.99
N ASN J 176 36.12 -5.19 -43.61
CA ASN J 176 36.29 -6.48 -44.32
C ASN J 176 36.54 -6.32 -45.82
N ASN J 177 35.92 -5.31 -46.42
CA ASN J 177 36.10 -5.03 -47.84
C ASN J 177 37.16 -3.97 -48.11
N GLN J 178 37.56 -3.26 -47.05
CA GLN J 178 38.70 -2.32 -47.11
C GLN J 178 39.53 -2.55 -45.85
N PRO J 179 40.86 -2.46 -45.95
CA PRO J 179 41.70 -2.74 -44.79
C PRO J 179 41.45 -1.72 -43.67
N VAL J 180 41.31 -0.46 -44.07
CA VAL J 180 41.04 0.63 -43.15
C VAL J 180 39.86 1.49 -43.66
N ASP J 181 39.09 2.06 -42.74
CA ASP J 181 37.95 2.91 -43.09
C ASP J 181 38.44 4.01 -44.03
N PHE J 182 37.79 4.15 -45.19
CA PHE J 182 38.26 5.10 -46.20
C PHE J 182 38.29 6.52 -45.67
N ARG J 183 37.48 6.82 -44.65
CA ARG J 183 37.44 8.16 -44.07
C ARG J 183 38.72 8.55 -43.35
N LYS J 184 39.50 7.55 -42.94
CA LYS J 184 40.79 7.79 -42.29
C LYS J 184 41.90 8.09 -43.29
N VAL J 185 41.77 7.61 -44.52
CA VAL J 185 42.84 7.73 -45.50
C VAL J 185 42.55 8.59 -46.74
N GLY J 186 41.28 8.93 -46.96
CA GLY J 186 40.86 9.56 -48.21
C GLY J 186 40.09 8.57 -49.10
N PHE J 187 38.92 8.97 -49.60
CA PHE J 187 38.09 8.07 -50.38
C PHE J 187 38.83 7.50 -51.59
N HIS J 188 39.67 8.31 -52.21
CA HIS J 188 40.41 7.85 -53.38
C HIS J 188 41.58 6.95 -53.05
N ARG J 189 42.34 7.32 -52.02
CA ARG J 189 43.51 6.52 -51.62
C ARG J 189 43.12 5.13 -51.11
N SER J 190 41.85 4.97 -50.73
CA SER J 190 41.39 3.71 -50.19
C SER J 190 41.64 2.58 -51.19
N ALA J 191 41.56 2.93 -52.47
CA ALA J 191 41.77 2.00 -53.55
C ALA J 191 43.18 1.39 -53.47
N GLY J 192 44.17 2.21 -53.12
CA GLY J 192 45.53 1.72 -53.01
C GLY J 192 45.71 0.78 -51.83
N TYR J 193 44.98 1.04 -50.75
CA TYR J 193 45.04 0.17 -49.61
C TYR J 193 44.35 -1.16 -49.95
N ILE J 194 43.21 -1.08 -50.62
CA ILE J 194 42.49 -2.28 -50.99
C ILE J 194 43.33 -3.22 -51.85
N LEU J 195 44.11 -2.62 -52.75
CA LEU J 195 44.95 -3.38 -53.67
C LEU J 195 46.34 -3.66 -53.09
N GLY J 196 46.64 -2.99 -51.98
CA GLY J 196 47.93 -3.13 -51.30
C GLY J 196 49.10 -2.54 -52.05
N VAL J 197 48.89 -1.40 -52.69
CA VAL J 197 49.99 -0.72 -53.40
C VAL J 197 50.31 0.65 -52.80
N ASP J 198 51.34 1.31 -53.36
CA ASP J 198 51.68 2.66 -52.98
C ASP J 198 50.38 3.44 -52.94
N PRO J 199 50.00 3.94 -51.76
CA PRO J 199 48.70 4.60 -51.63
C PRO J 199 48.71 6.09 -52.06
N ARG J 200 49.86 6.61 -52.48
CA ARG J 200 49.93 8.01 -52.86
C ARG J 200 49.15 8.39 -54.12
N GLU J 201 48.37 9.46 -54.03
CA GLU J 201 47.48 9.86 -55.12
C GLU J 201 48.22 10.24 -56.38
N ALA J 202 47.62 9.95 -57.53
CA ALA J 202 48.13 10.37 -58.83
C ALA J 202 46.96 10.65 -59.77
N PRO J 203 47.17 11.50 -60.80
CA PRO J 203 46.13 11.74 -61.79
C PRO J 203 46.08 10.61 -62.84
N VAL J 204 44.94 10.45 -63.50
CA VAL J 204 44.87 9.49 -64.61
C VAL J 204 45.59 10.09 -65.79
N ARG J 205 45.90 9.27 -66.78
CA ARG J 205 46.48 9.78 -68.01
C ARG J 205 45.35 9.99 -69.03
N LEU J 206 45.33 11.17 -69.64
CA LEU J 206 44.28 11.48 -70.60
C LEU J 206 44.86 11.83 -71.98
N ASP J 207 43.98 11.88 -72.98
CA ASP J 207 44.37 12.35 -74.31
C ASP J 207 44.36 13.87 -74.31
N LEU J 208 45.54 14.46 -74.21
CA LEU J 208 45.67 15.91 -74.09
C LEU J 208 46.12 16.53 -75.39
N SER J 209 45.78 15.89 -76.51
CA SER J 209 46.28 16.30 -77.82
C SER J 209 45.41 17.33 -78.53
N ALA J 210 44.13 17.42 -78.13
CA ALA J 210 43.18 18.38 -78.72
C ALA J 210 43.73 19.81 -78.81
N PRO J 211 43.56 20.45 -80.00
CA PRO J 211 44.05 21.81 -80.25
C PRO J 211 43.13 22.87 -79.65
N ARG J 212 43.69 24.03 -79.36
CA ARG J 212 42.91 25.10 -78.74
C ARG J 212 41.80 25.66 -79.64
N VAL J 213 40.60 25.82 -79.08
CA VAL J 213 39.44 26.32 -79.83
C VAL J 213 39.04 27.76 -79.46
N ILE J 214 38.81 28.02 -78.18
CA ILE J 214 38.55 29.39 -77.72
C ILE J 214 39.89 30.14 -77.62
N ALA J 215 40.01 31.26 -78.29
CA ALA J 215 41.29 31.97 -78.34
C ALA J 215 41.63 32.72 -77.06
N ALA J 216 40.67 33.50 -76.57
CA ALA J 216 40.90 34.35 -75.39
C ALA J 216 41.08 33.48 -74.13
N PRO J 217 41.69 34.06 -73.08
CA PRO J 217 41.81 33.32 -71.82
C PRO J 217 40.43 33.01 -71.19
N TYR J 218 40.27 31.82 -70.65
CA TYR J 218 39.01 31.47 -70.00
C TYR J 218 39.14 30.54 -68.79
N VAL J 219 38.11 30.53 -67.95
CA VAL J 219 38.10 29.69 -66.75
C VAL J 219 36.88 28.80 -66.79
N CYS J 220 37.05 27.54 -66.41
CA CYS J 220 35.86 26.67 -66.33
C CYS J 220 35.37 26.55 -64.91
N ILE J 221 34.05 26.46 -64.74
CA ILE J 221 33.46 26.26 -63.42
C ILE J 221 32.43 25.14 -63.39
N ALA J 222 32.34 24.48 -62.24
CA ALA J 222 31.39 23.41 -62.01
C ALA J 222 30.66 23.75 -60.71
N THR J 223 29.38 24.02 -60.81
CA THR J 223 28.61 24.45 -59.67
C THR J 223 27.65 23.39 -59.11
N GLN J 224 27.36 22.36 -59.92
CA GLN J 224 26.39 21.32 -59.58
C GLN J 224 27.09 20.19 -58.84
N SER J 225 26.33 19.38 -58.11
CA SER J 225 26.89 18.24 -57.44
C SER J 225 25.83 17.25 -57.01
N THR J 226 26.29 16.13 -56.44
CA THR J 226 25.44 15.00 -56.08
C THR J 226 24.57 15.17 -54.80
N CYS J 227 25.01 15.99 -53.83
CA CYS J 227 24.17 16.34 -52.65
C CYS J 227 24.34 17.79 -52.35
N GLN J 228 23.37 18.36 -51.62
CA GLN J 228 23.45 19.81 -51.30
C GLN J 228 24.66 20.19 -50.51
N ALA J 229 25.17 19.27 -49.71
CA ALA J 229 26.31 19.56 -48.83
C ALA J 229 27.55 19.91 -49.61
N LYS J 230 27.70 19.31 -50.80
CA LYS J 230 28.83 19.57 -51.66
C LYS J 230 28.70 20.90 -52.46
N TYR J 231 27.51 21.51 -52.46
CA TYR J 231 27.33 22.80 -53.14
C TYR J 231 27.95 23.89 -52.34
N TRP J 232 28.31 24.98 -52.98
CA TRP J 232 28.81 26.14 -52.30
C TRP J 232 27.64 26.99 -51.91
N ASN J 233 27.14 26.78 -50.70
CA ASN J 233 25.89 27.34 -50.27
C ASN J 233 25.91 28.77 -49.75
N ASN J 234 26.95 29.51 -50.09
CA ASN J 234 26.99 30.92 -49.76
C ASN J 234 26.14 31.69 -50.75
N GLY J 235 25.27 32.55 -50.26
CA GLY J 235 24.32 33.25 -51.14
C GLY J 235 24.89 33.98 -52.34
N THR J 236 25.99 34.72 -52.16
CA THR J 236 26.53 35.58 -53.22
C THR J 236 27.92 35.14 -53.68
N GLY J 237 28.36 34.00 -53.16
CA GLY J 237 29.63 33.38 -53.57
C GLY J 237 29.88 33.35 -55.08
N TRP J 238 29.21 32.44 -55.78
CA TRP J 238 29.44 32.29 -57.21
C TRP J 238 29.31 33.59 -57.94
N SER J 239 28.29 34.37 -57.65
CA SER J 239 28.13 35.61 -58.41
C SER J 239 29.33 36.56 -58.25
N GLU J 240 29.87 36.66 -57.03
CA GLU J 240 31.05 37.49 -56.79
C GLU J 240 32.31 36.97 -57.47
N VAL J 241 32.47 35.66 -57.49
CA VAL J 241 33.59 35.06 -58.21
C VAL J 241 33.50 35.29 -59.73
N ILE J 242 32.33 35.04 -60.30
CA ILE J 242 32.13 35.22 -61.73
C ILE J 242 32.36 36.67 -62.17
N ALA J 243 31.85 37.63 -61.39
CA ALA J 243 32.11 39.06 -61.68
C ALA J 243 33.61 39.37 -61.62
N HIS J 244 34.29 38.79 -60.64
CA HIS J 244 35.69 39.05 -60.46
C HIS J 244 36.54 38.47 -61.57
N LEU J 245 36.23 37.25 -62.01
CA LEU J 245 36.99 36.62 -63.08
C LEU J 245 36.91 37.49 -64.36
N LYS J 246 35.72 38.01 -64.65
CA LYS J 246 35.55 38.88 -65.79
C LYS J 246 36.34 40.17 -65.64
N SER J 247 36.38 40.73 -64.43
CA SER J 247 37.13 41.94 -64.22
C SER J 247 38.63 41.71 -64.41
N LEU J 248 39.08 40.46 -64.35
CA LEU J 248 40.50 40.12 -64.60
C LEU J 248 40.74 39.71 -66.06
N GLY J 249 39.68 39.77 -66.88
CA GLY J 249 39.81 39.43 -68.29
C GLY J 249 39.51 37.99 -68.71
N TYR J 250 38.92 37.20 -67.83
CA TYR J 250 38.56 35.82 -68.19
C TYR J 250 37.13 35.73 -68.69
N ARG J 251 36.92 34.90 -69.70
CA ARG J 251 35.57 34.43 -70.00
C ARG J 251 35.30 33.29 -69.01
N VAL J 252 34.05 33.15 -68.56
CA VAL J 252 33.68 32.11 -67.58
C VAL J 252 32.65 31.11 -68.16
N MSE J 253 32.99 29.82 -68.16
CA MSE J 253 32.06 28.83 -68.67
C MSE J 253 31.67 27.84 -67.63
O MSE J 253 32.53 27.36 -66.89
CB MSE J 253 32.56 27.98 -69.85
CG MSE J 253 33.99 28.16 -70.30
SE MSE J 253 34.06 29.60 -71.67
CE MSE J 253 34.82 30.94 -70.47
N CYS J 254 30.39 27.50 -67.57
CA CYS J 254 29.94 26.40 -66.75
C CYS J 254 29.88 25.09 -67.55
N ILE J 255 30.53 24.05 -67.03
CA ILE J 255 30.59 22.77 -67.71
C ILE J 255 29.89 21.67 -66.96
N ASP J 256 28.91 22.02 -66.16
CA ASP J 256 28.16 21.01 -65.43
C ASP J 256 27.31 20.16 -66.35
N ARG J 257 27.07 18.92 -65.99
CA ARG J 257 26.21 18.03 -66.75
C ARG J 257 24.80 18.62 -66.85
N ASP J 258 24.27 19.11 -65.74
CA ASP J 258 22.91 19.65 -65.71
C ASP J 258 22.95 21.14 -65.45
N ALA J 259 21.92 21.84 -65.90
CA ALA J 259 21.83 23.28 -65.71
C ALA J 259 20.97 23.58 -64.52
N HIS J 260 20.15 22.60 -64.14
CA HIS J 260 19.27 22.74 -62.98
C HIS J 260 19.28 21.42 -62.31
N TYR J 261 19.52 21.42 -61.00
CA TYR J 261 19.55 20.16 -60.28
C TYR J 261 19.16 20.43 -58.84
N GLY J 262 18.42 19.50 -58.24
CA GLY J 262 17.94 19.67 -56.90
C GLY J 262 16.82 18.69 -56.62
N GLN J 263 16.13 18.88 -55.52
CA GLN J 263 15.03 18.00 -55.14
C GLN J 263 14.07 18.83 -54.33
N GLY J 264 12.81 18.39 -54.24
CA GLY J 264 11.82 19.13 -53.43
C GLY J 264 11.72 20.59 -53.81
N PHE J 265 11.98 21.48 -52.86
CA PHE J 265 11.99 22.91 -53.18
C PHE J 265 13.37 23.50 -53.40
N VAL J 266 14.41 22.74 -53.11
CA VAL J 266 15.76 23.25 -53.22
C VAL J 266 16.36 22.91 -54.57
N TRP J 267 16.52 23.94 -55.40
CA TRP J 267 17.05 23.80 -56.74
C TRP J 267 18.20 24.72 -57.02
N ASN J 268 19.20 24.20 -57.75
CA ASN J 268 20.41 24.96 -58.07
C ASN J 268 20.51 25.14 -59.54
N HIS J 269 20.90 26.33 -59.97
CA HIS J 269 20.92 26.65 -61.37
C HIS J 269 22.23 27.20 -61.82
N ILE J 270 22.57 26.96 -63.08
CA ILE J 270 23.73 27.60 -63.70
C ILE J 270 23.67 29.09 -63.37
N PRO J 271 24.73 29.60 -62.77
CA PRO J 271 24.68 31.00 -62.32
C PRO J 271 24.57 31.98 -63.46
N TRP J 272 23.73 32.99 -63.30
CA TRP J 272 23.66 34.11 -64.24
C TRP J 272 25.07 34.58 -64.51
N GLY J 273 25.41 34.84 -65.77
CA GLY J 273 26.70 35.43 -66.10
C GLY J 273 27.74 34.45 -66.57
N ALA J 274 27.53 33.17 -66.27
CA ALA J 274 28.41 32.13 -66.75
C ALA J 274 27.88 31.69 -68.09
N GLU J 275 28.78 31.37 -69.02
CA GLU J 275 28.34 30.89 -70.32
C GLU J 275 27.86 29.47 -70.21
N ASP J 276 26.90 29.09 -71.04
CA ASP J 276 26.29 27.77 -70.93
C ASP J 276 26.98 26.69 -71.77
N PHE J 277 27.91 25.96 -71.16
CA PHE J 277 28.50 24.79 -71.83
C PHE J 277 28.05 23.54 -71.10
N THR J 278 26.82 23.52 -70.61
CA THR J 278 26.32 22.39 -69.84
C THR J 278 25.81 21.27 -70.74
N GLY J 279 25.38 20.16 -70.16
CA GLY J 279 24.82 19.05 -70.94
C GLY J 279 25.56 17.73 -70.76
N LYS J 280 24.90 16.63 -71.14
CA LYS J 280 25.48 15.29 -71.06
C LYS J 280 26.38 15.03 -72.28
N LEU J 281 27.61 15.54 -72.29
CA LEU J 281 28.50 15.29 -73.41
C LEU J 281 29.47 14.19 -73.06
N PRO J 282 30.14 13.60 -74.08
CA PRO J 282 31.24 12.66 -73.79
C PRO J 282 32.33 13.40 -73.04
N LEU J 283 32.97 12.71 -72.11
CA LEU J 283 33.96 13.36 -71.24
C LEU J 283 35.12 13.93 -72.03
N GLN J 284 35.48 13.28 -73.13
CA GLN J 284 36.60 13.77 -73.92
C GLN J 284 36.38 15.22 -74.37
N GLU J 285 35.12 15.63 -74.56
CA GLU J 285 34.82 17.00 -74.96
C GLU J 285 35.07 17.97 -73.81
N ARG J 286 34.78 17.53 -72.60
CA ARG J 286 35.13 18.27 -71.40
C ARG J 286 36.66 18.37 -71.27
N VAL J 287 37.35 17.27 -71.50
CA VAL J 287 38.80 17.27 -71.40
C VAL J 287 39.39 18.29 -72.36
N ASN J 288 38.84 18.33 -73.58
CA ASN J 288 39.36 19.18 -74.64
C ASN J 288 39.21 20.64 -74.32
N LEU J 289 38.05 20.97 -73.75
CA LEU J 289 37.78 22.33 -73.30
C LEU J 289 38.64 22.71 -72.09
N LEU J 290 38.72 21.79 -71.12
CA LEU J 290 39.48 21.98 -69.88
C LEU J 290 40.94 22.22 -70.13
N ARG J 291 41.51 21.39 -70.99
CA ARG J 291 42.96 21.45 -71.32
C ARG J 291 43.52 22.88 -71.57
N HIS J 292 42.72 23.76 -72.18
CA HIS J 292 43.17 25.09 -72.52
C HIS J 292 42.63 26.18 -71.64
N ALA J 293 41.97 25.76 -70.56
CA ALA J 293 41.47 26.71 -69.59
C ALA J 293 42.65 27.21 -68.75
N SER J 294 42.62 28.50 -68.38
CA SER J 294 43.68 29.08 -67.56
C SER J 294 43.69 28.36 -66.23
N PHE J 295 42.51 28.10 -65.69
CA PHE J 295 42.34 27.31 -64.49
C PHE J 295 40.88 26.92 -64.26
N PHE J 296 40.64 26.14 -63.20
CA PHE J 296 39.32 25.57 -62.97
C PHE J 296 38.85 25.81 -61.57
N ILE J 297 37.56 26.06 -61.39
CA ILE J 297 36.99 26.22 -60.06
C ILE J 297 35.85 25.26 -59.90
N GLY J 298 35.93 24.42 -58.88
CA GLY J 298 34.90 23.40 -58.68
C GLY J 298 34.64 22.90 -57.28
N LEU J 299 33.91 21.78 -57.23
CA LEU J 299 33.49 21.19 -55.97
C LEU J 299 34.18 19.84 -55.81
N PRO J 300 34.03 19.20 -54.65
CA PRO J 300 34.75 17.93 -54.46
C PRO J 300 34.18 16.76 -55.30
N SER J 301 33.23 17.07 -56.18
CA SER J 301 32.69 16.09 -57.12
C SER J 301 33.63 15.84 -58.31
N GLY J 302 33.17 14.99 -59.25
CA GLY J 302 33.96 14.48 -60.37
C GLY J 302 34.77 15.38 -61.28
N LEU J 303 34.14 16.43 -61.84
CA LEU J 303 34.86 17.29 -62.80
C LEU J 303 36.14 17.90 -62.25
N SER J 304 36.25 18.05 -60.92
CA SER J 304 37.49 18.55 -60.32
C SER J 304 38.63 17.58 -60.53
N TRP J 305 38.33 16.28 -60.48
CA TRP J 305 39.35 15.25 -60.72
C TRP J 305 39.76 15.22 -62.15
N LEU J 306 38.80 15.49 -63.04
CA LEU J 306 39.08 15.55 -64.47
C LEU J 306 39.94 16.76 -64.75
N ALA J 307 39.52 17.92 -64.23
CA ALA J 307 40.31 19.16 -64.32
C ALA J 307 41.71 18.95 -63.81
N TRP J 308 41.86 18.22 -62.72
CA TRP J 308 43.16 17.95 -62.14
C TRP J 308 44.05 17.29 -63.13
N ALA J 309 43.53 16.20 -63.74
CA ALA J 309 44.27 15.35 -64.66
C ALA J 309 44.61 16.00 -65.99
N THR J 310 43.89 17.07 -66.34
CA THR J 310 44.23 17.83 -67.54
C THR J 310 45.36 18.81 -67.26
N ARG J 311 45.95 18.72 -66.08
CA ARG J 311 47.15 19.50 -65.75
C ARG J 311 46.96 21.02 -65.65
N ILE J 312 45.77 21.47 -65.28
CA ILE J 312 45.58 22.88 -65.04
C ILE J 312 45.34 23.15 -63.54
N PRO J 313 45.73 24.34 -63.04
CA PRO J 313 45.46 24.68 -61.63
C PRO J 313 43.98 24.55 -61.24
N VAL J 314 43.71 23.95 -60.07
CA VAL J 314 42.35 23.68 -59.64
C VAL J 314 42.02 24.35 -58.32
N VAL J 315 41.05 25.24 -58.35
CA VAL J 315 40.54 25.84 -57.13
C VAL J 315 39.40 24.97 -56.62
N LEU J 316 39.60 24.32 -55.49
CA LEU J 316 38.63 23.38 -54.95
C LEU J 316 37.93 23.91 -53.69
N ILE J 317 36.64 24.17 -53.79
CA ILE J 317 35.88 24.70 -52.69
C ILE J 317 35.08 23.58 -52.02
N SER J 318 35.36 23.35 -50.73
CA SER J 318 34.65 22.33 -49.99
C SER J 318 34.75 22.54 -48.49
N GLY J 319 33.61 22.47 -47.80
CA GLY J 319 33.54 22.56 -46.33
C GLY J 319 33.08 21.27 -45.65
N PHE J 320 32.33 20.44 -46.37
CA PHE J 320 31.87 19.22 -45.82
C PHE J 320 32.95 18.16 -45.73
N SER J 321 34.06 18.34 -46.45
CA SER J 321 35.19 17.41 -46.38
C SER J 321 36.47 18.16 -46.05
N LEU J 322 37.41 17.50 -45.38
CA LEU J 322 38.65 18.12 -44.95
C LEU J 322 39.57 18.28 -46.11
N PRO J 323 40.48 19.26 -46.05
CA PRO J 323 41.43 19.48 -47.15
C PRO J 323 42.09 18.18 -47.65
N ASN J 324 42.54 17.33 -46.75
CA ASN J 324 43.25 16.11 -47.18
C ASN J 324 42.34 15.03 -47.74
N SER J 325 41.05 15.31 -47.87
CA SER J 325 40.16 14.26 -48.33
C SER J 325 40.10 14.11 -49.84
N GLU J 326 40.59 15.12 -50.56
CA GLU J 326 40.74 15.02 -52.01
C GLU J 326 42.22 15.23 -52.39
N PHE J 327 42.55 15.32 -53.68
CA PHE J 327 43.94 15.50 -54.10
C PHE J 327 44.49 16.84 -53.59
N TYR J 328 45.81 16.98 -53.53
CA TYR J 328 46.41 18.21 -53.04
C TYR J 328 46.31 19.31 -54.06
N THR J 329 45.94 20.50 -53.63
CA THR J 329 45.98 21.67 -54.49
C THR J 329 46.28 22.90 -53.63
N PRO J 330 47.25 23.71 -54.05
CA PRO J 330 47.55 24.89 -53.24
C PRO J 330 46.37 25.84 -53.21
N TRP J 331 45.35 25.55 -54.02
CA TRP J 331 44.17 26.41 -54.19
C TRP J 331 42.94 25.85 -53.54
N ARG J 332 43.12 24.94 -52.59
CA ARG J 332 42.00 24.42 -51.80
C ARG J 332 41.42 25.53 -50.90
N VAL J 333 40.10 25.66 -50.90
CA VAL J 333 39.42 26.62 -50.04
C VAL J 333 38.60 25.90 -48.99
N PHE J 334 38.75 26.33 -47.75
CA PHE J 334 38.18 25.65 -46.61
C PHE J 334 38.06 26.67 -45.50
N ASN J 335 37.01 26.56 -44.70
CA ASN J 335 36.86 27.46 -43.57
C ASN J 335 36.66 26.66 -42.32
N SER J 336 37.48 26.94 -41.31
CA SER J 336 37.52 26.11 -40.09
C SER J 336 36.84 26.73 -38.88
N HIS J 337 36.11 27.81 -39.05
CA HIS J 337 35.47 28.48 -37.92
C HIS J 337 34.14 27.94 -37.38
N GLY J 338 33.48 27.02 -38.08
CA GLY J 338 32.17 26.48 -37.65
C GLY J 338 32.15 25.00 -37.85
N CYS J 339 31.00 24.40 -38.25
CA CYS J 339 30.96 22.95 -38.59
C CYS J 339 31.81 22.81 -39.87
N TYR J 340 32.51 21.70 -39.98
CA TYR J 340 33.18 21.32 -41.24
C TYR J 340 33.47 19.80 -41.17
N GLY J 341 33.80 19.20 -42.31
CA GLY J 341 34.11 17.76 -42.35
C GLY J 341 33.09 16.72 -41.92
N CYS J 342 31.80 16.98 -42.18
CA CYS J 342 30.67 16.00 -42.02
C CYS J 342 31.22 14.65 -42.61
N TRP J 343 31.72 14.74 -43.83
CA TRP J 343 32.09 13.60 -44.62
C TRP J 343 33.21 12.69 -44.11
N ASP J 344 34.17 13.26 -43.40
CA ASP J 344 35.30 12.48 -42.92
C ASP J 344 35.08 11.89 -41.51
N ASP J 345 34.01 12.32 -40.85
CA ASP J 345 33.79 12.03 -39.45
C ASP J 345 33.34 10.59 -39.23
N THR J 346 34.17 9.80 -38.57
CA THR J 346 33.88 8.38 -38.37
C THR J 346 32.73 8.09 -37.39
N SER J 347 32.26 9.10 -36.68
CA SER J 347 31.14 8.91 -35.76
C SER J 347 29.79 9.16 -36.46
N LEU J 348 29.81 9.72 -37.67
CA LEU J 348 28.59 9.99 -38.43
C LEU J 348 28.50 9.00 -39.60
N ASN J 349 27.40 9.06 -40.33
CA ASN J 349 27.19 8.17 -41.46
C ASN J 349 26.46 8.86 -42.62
N PHE J 350 27.14 8.90 -43.77
CA PHE J 350 26.54 9.47 -44.98
C PHE J 350 25.23 8.73 -45.38
N ASP J 351 24.20 9.52 -45.69
CA ASP J 351 22.89 9.01 -46.11
C ASP J 351 22.74 9.20 -47.61
N HIS J 352 22.75 8.10 -48.36
CA HIS J 352 22.69 8.14 -49.84
C HIS J 352 21.36 8.60 -50.34
N HIS J 353 20.33 8.51 -49.50
CA HIS J 353 18.98 8.82 -49.94
C HIS J 353 18.56 10.22 -49.64
N ASP J 354 19.34 10.92 -48.83
CA ASP J 354 18.96 12.25 -48.41
C ASP J 354 19.85 13.31 -49.09
N PHE J 355 19.28 14.02 -50.05
CA PHE J 355 19.98 15.00 -50.78
C PHE J 355 20.25 16.23 -49.88
N LEU J 356 19.42 16.40 -48.85
CA LEU J 356 19.62 17.49 -47.92
C LEU J 356 20.37 17.07 -46.64
N TRP J 357 21.16 16.02 -46.75
CA TRP J 357 21.95 15.52 -45.63
C TRP J 357 22.86 16.59 -44.95
N CYS J 358 22.64 16.82 -43.66
CA CYS J 358 23.55 17.57 -42.78
C CYS J 358 23.39 16.96 -41.39
N PRO J 359 24.18 15.91 -41.07
CA PRO J 359 24.06 15.24 -39.76
C PRO J 359 24.01 16.19 -38.54
N ARG J 360 24.86 17.20 -38.52
CA ARG J 360 24.93 18.06 -37.33
C ARG J 360 23.97 19.24 -37.28
N HIS J 361 23.49 19.71 -38.43
CA HIS J 361 22.62 20.89 -38.45
C HIS J 361 21.37 20.87 -39.28
N LYS J 362 21.01 19.70 -39.82
CA LYS J 362 19.82 19.58 -40.64
C LYS J 362 18.63 20.26 -39.98
N ASN J 363 17.90 21.03 -40.77
CA ASN J 363 16.67 21.65 -40.33
C ASN J 363 16.85 22.67 -39.24
N THR J 364 17.95 23.41 -39.30
CA THR J 364 18.19 24.48 -38.34
C THR J 364 18.82 25.67 -39.07
N ASP J 365 19.05 26.75 -38.34
CA ASP J 365 19.67 27.97 -38.89
C ASP J 365 21.05 27.69 -39.44
N ARG J 366 21.70 26.67 -38.89
CA ARG J 366 23.10 26.41 -39.20
C ARG J 366 23.32 25.42 -40.36
N GLN J 367 22.23 24.97 -40.98
CA GLN J 367 22.38 24.00 -42.03
C GLN J 367 23.33 24.50 -43.13
N PHE J 368 24.26 23.62 -43.52
CA PHE J 368 25.29 23.90 -44.51
C PHE J 368 26.22 25.07 -44.20
N GLU J 369 26.35 25.38 -42.90
CA GLU J 369 27.32 26.36 -42.44
C GLU J 369 28.71 25.96 -43.01
N CYS J 370 28.89 24.67 -43.32
CA CYS J 370 30.11 24.13 -43.92
C CYS J 370 30.62 25.18 -44.96
N THR J 371 29.70 25.66 -45.81
CA THR J 371 30.07 26.43 -46.98
C THR J 371 29.53 27.85 -46.99
N ARG J 372 28.53 28.15 -46.16
CA ARG J 372 28.06 29.54 -46.06
C ARG J 372 29.15 30.45 -45.47
N LEU J 373 30.05 29.86 -44.68
CA LEU J 373 31.19 30.57 -44.15
C LEU J 373 32.23 30.86 -45.22
N ILE J 374 32.19 30.13 -46.33
CA ILE J 374 33.16 30.37 -47.40
C ILE J 374 32.65 31.50 -48.29
N THR J 375 33.22 32.69 -48.14
CA THR J 375 32.68 33.83 -48.84
C THR J 375 33.28 33.98 -50.21
N GLY J 376 32.65 34.83 -51.01
CA GLY J 376 33.17 35.17 -52.32
C GLY J 376 34.52 35.83 -52.14
N ALA J 377 34.64 36.68 -51.11
CA ALA J 377 35.89 37.36 -50.83
C ALA J 377 37.02 36.35 -50.57
N GLN J 378 36.70 35.33 -49.77
CA GLN J 378 37.66 34.29 -49.47
C GLN J 378 38.10 33.59 -50.75
N VAL J 379 37.15 33.24 -51.61
CA VAL J 379 37.55 32.57 -52.85
C VAL J 379 38.29 33.49 -53.80
N ASN J 380 37.87 34.75 -53.86
CA ASN J 380 38.56 35.72 -54.70
C ASN J 380 40.00 35.99 -54.23
N GLY J 381 40.22 35.88 -52.93
CA GLY J 381 41.57 35.98 -52.39
C GLY J 381 42.46 34.89 -52.96
N VAL J 382 41.95 33.66 -52.99
CA VAL J 382 42.69 32.55 -53.56
C VAL J 382 42.91 32.75 -55.05
N ILE J 383 41.86 33.17 -55.76
CA ILE J 383 41.98 33.43 -57.18
C ILE J 383 43.03 34.50 -57.44
N ASN J 384 43.06 35.55 -56.62
CA ASN J 384 44.04 36.60 -56.80
C ASN J 384 45.48 36.09 -56.75
N LYS J 385 45.77 35.22 -55.78
CA LYS J 385 47.13 34.68 -55.64
C LYS J 385 47.46 33.82 -56.86
N LEU J 386 46.53 32.97 -57.25
CA LEU J 386 46.73 32.13 -58.40
C LEU J 386 46.91 32.97 -59.66
N HIS J 387 46.11 34.02 -59.79
CA HIS J 387 46.21 34.90 -60.96
C HIS J 387 47.57 35.53 -61.07
N ARG J 388 48.03 36.08 -59.95
CA ARG J 388 49.33 36.73 -59.88
C ARG J 388 50.41 35.71 -60.25
N SER J 389 50.34 34.52 -59.66
CA SER J 389 51.28 33.46 -59.96
C SER J 389 51.27 33.07 -61.44
N LEU J 390 50.13 33.13 -62.09
CA LEU J 390 50.05 32.75 -63.50
C LEU J 390 50.67 33.77 -64.44
N THR J 391 50.44 35.05 -64.14
CA THR J 391 50.93 36.11 -64.99
C THR J 391 52.40 36.39 -64.78
N GLU J 392 53.00 35.75 -63.77
CA GLU J 392 54.43 35.90 -63.50
C GLU J 392 55.16 34.59 -63.78
N GLN J 393 55.10 33.66 -62.84
CA GLN J 393 55.78 32.36 -62.98
C GLN J 393 55.23 31.43 -64.08
N ILE K 10 55.18 29.15 -21.42
CA ILE K 10 53.87 29.13 -22.06
C ILE K 10 53.22 30.51 -22.00
N THR K 11 53.46 31.25 -20.93
CA THR K 11 52.71 32.49 -20.67
C THR K 11 52.90 33.63 -21.68
N PRO K 12 51.78 34.24 -22.07
CA PRO K 12 51.75 35.47 -22.86
C PRO K 12 51.91 36.70 -21.97
N PRO K 13 52.26 37.87 -22.53
CA PRO K 13 52.41 39.05 -21.69
C PRO K 13 51.13 39.31 -20.92
N ASP K 14 51.24 39.83 -19.69
CA ASP K 14 50.04 40.08 -18.87
C ASP K 14 49.23 41.24 -19.41
N THR K 15 49.89 42.08 -20.20
CA THR K 15 49.26 43.22 -20.86
C THR K 15 49.64 43.17 -22.33
N PRO K 16 48.66 43.37 -23.22
CA PRO K 16 48.94 43.30 -24.66
C PRO K 16 50.01 44.28 -25.10
N THR K 17 50.84 43.85 -26.06
CA THR K 17 52.04 44.57 -26.40
C THR K 17 51.89 45.76 -27.32
N GLN K 18 50.71 45.93 -27.90
CA GLN K 18 50.49 47.02 -28.85
C GLN K 18 49.51 48.04 -28.27
N ALA K 19 49.81 49.32 -28.46
CA ALA K 19 48.96 50.37 -27.91
C ALA K 19 47.96 50.89 -28.91
N GLY K 20 46.69 50.79 -28.56
CA GLY K 20 45.61 51.40 -29.33
C GLY K 20 45.44 52.83 -28.85
N PRO K 21 44.55 53.60 -29.49
CA PRO K 21 44.49 55.04 -29.11
C PRO K 21 44.02 55.39 -27.68
N GLU K 22 42.77 55.16 -27.33
CA GLU K 22 42.33 55.63 -26.03
C GLU K 22 42.64 54.70 -24.89
N ASN K 23 43.91 54.37 -24.74
CA ASN K 23 44.37 53.44 -23.70
C ASN K 23 43.88 51.99 -23.89
N ILE K 24 43.85 51.53 -25.15
CA ILE K 24 43.56 50.12 -25.40
C ILE K 24 44.83 49.45 -25.86
N PHE K 25 45.03 48.24 -25.37
CA PHE K 25 46.19 47.46 -25.75
C PHE K 25 45.69 46.25 -26.50
N TYR K 26 46.31 45.95 -27.62
CA TYR K 26 45.89 44.80 -28.40
C TYR K 26 47.09 43.97 -28.83
N ASP K 27 46.88 42.70 -29.09
CA ASP K 27 47.97 41.90 -29.64
C ASP K 27 47.46 40.60 -30.16
N PHE K 28 48.33 39.88 -30.87
CA PHE K 28 47.95 38.60 -31.40
C PHE K 28 48.68 37.46 -30.72
N ASN K 29 49.41 37.44 -29.51
CA ASN K 29 50.32 36.51 -28.85
C ASN K 29 49.72 35.16 -28.45
N ASP K 30 48.32 35.47 -27.97
CA ASP K 30 47.61 34.26 -27.60
C ASP K 30 46.24 34.36 -28.25
N GLY K 31 46.21 34.16 -29.56
CA GLY K 31 45.04 34.53 -30.37
C GLY K 31 44.95 36.04 -30.48
N ALA K 32 43.83 36.55 -30.98
CA ALA K 32 43.61 38.00 -31.02
C ALA K 32 43.15 38.42 -29.64
N ARG K 33 43.85 39.41 -29.06
CA ARG K 33 43.49 39.90 -27.71
C ARG K 33 43.35 41.38 -27.69
N VAL K 34 42.38 41.84 -26.93
CA VAL K 34 42.22 43.27 -26.67
C VAL K 34 41.82 43.51 -25.20
N LEU K 35 42.57 44.40 -24.55
CA LEU K 35 42.30 44.76 -23.17
C LEU K 35 41.70 46.17 -23.15
N LEU K 36 40.46 46.26 -22.64
CA LEU K 36 39.68 47.48 -22.67
C LEU K 36 39.53 48.11 -21.30
N PRO K 37 39.79 49.43 -21.21
CA PRO K 37 39.69 50.07 -19.93
C PRO K 37 38.45 50.93 -19.82
N GLU K 38 37.59 50.67 -18.86
CA GLU K 38 36.67 51.73 -18.43
C GLU K 38 35.94 52.52 -19.53
N GLY K 39 35.05 51.85 -20.26
CA GLY K 39 34.16 52.58 -21.16
C GLY K 39 33.04 51.68 -21.61
N LYS K 40 32.03 52.21 -22.27
CA LYS K 40 31.02 51.36 -22.91
C LYS K 40 31.43 51.01 -24.37
N TRP K 41 31.96 49.79 -24.55
CA TRP K 41 32.50 49.35 -25.84
C TRP K 41 31.74 48.29 -26.55
N HIS K 42 31.90 48.30 -27.87
CA HIS K 42 31.45 47.23 -28.76
C HIS K 42 32.65 46.79 -29.55
N VAL K 43 33.01 45.51 -29.45
CA VAL K 43 34.18 44.99 -30.12
C VAL K 43 33.82 43.89 -31.15
N ARG K 44 34.48 43.95 -32.31
CA ARG K 44 34.28 42.93 -33.35
C ARG K 44 35.59 42.33 -33.78
N LEU K 45 35.62 41.01 -33.85
CA LEU K 45 36.77 40.31 -34.39
C LEU K 45 36.40 39.76 -35.77
N LEU K 46 37.22 40.04 -36.76
CA LEU K 46 36.95 39.58 -38.11
C LEU K 46 38.08 38.75 -38.67
N ASP K 47 37.75 37.93 -39.66
CA ASP K 47 38.75 37.25 -40.42
C ASP K 47 38.96 38.13 -41.67
N ALA K 48 40.10 38.79 -41.78
CA ALA K 48 40.36 39.65 -42.93
C ALA K 48 40.28 38.92 -44.27
N ASP K 49 40.66 37.63 -44.29
CA ASP K 49 40.58 36.84 -45.54
C ASP K 49 39.14 36.58 -46.05
N SER K 50 38.22 36.27 -45.14
CA SER K 50 36.82 36.01 -45.54
C SER K 50 35.91 37.21 -45.31
N GLU K 51 36.33 38.11 -44.44
CA GLU K 51 35.53 39.27 -44.03
C GLU K 51 34.39 38.88 -43.10
N ASN K 52 34.40 37.62 -42.67
CA ASN K 52 33.41 37.14 -41.72
C ASN K 52 33.58 37.77 -40.35
N ILE K 53 32.47 38.12 -39.71
CA ILE K 53 32.49 38.56 -38.33
C ILE K 53 32.54 37.33 -37.42
N LEU K 54 33.72 37.03 -36.86
CA LEU K 54 33.92 35.81 -36.07
C LEU K 54 33.27 35.88 -34.72
N PHE K 55 33.34 37.05 -34.11
CA PHE K 55 32.86 37.27 -32.75
C PHE K 55 32.49 38.73 -32.59
N CYS K 56 31.47 38.98 -31.80
CA CYS K 56 30.88 40.29 -31.71
C CYS K 56 30.27 40.46 -30.32
N CYS K 57 30.55 41.57 -29.65
CA CYS K 57 29.98 41.74 -28.30
C CYS K 57 30.10 43.15 -27.72
N ASP K 58 29.27 43.41 -26.71
CA ASP K 58 29.31 44.65 -25.96
C ASP K 58 29.89 44.35 -24.59
N VAL K 59 31.00 45.03 -24.25
CA VAL K 59 31.65 44.82 -22.96
C VAL K 59 32.10 46.13 -22.31
N ASP K 60 31.90 46.26 -20.99
CA ASP K 60 32.25 47.50 -20.28
C ASP K 60 33.74 47.68 -20.01
N LYS K 61 34.39 46.59 -19.64
CA LYS K 61 35.79 46.63 -19.23
C LYS K 61 36.35 45.21 -19.20
N GLY K 62 37.67 45.07 -19.20
CA GLY K 62 38.28 43.75 -19.16
C GLY K 62 38.70 43.17 -20.50
N TRP K 63 38.81 41.85 -20.55
CA TRP K 63 39.36 41.14 -21.72
C TRP K 63 38.39 40.72 -22.78
N VAL K 64 38.87 40.72 -24.02
CA VAL K 64 38.16 40.10 -25.14
C VAL K 64 39.18 39.38 -26.02
N THR K 65 39.07 38.06 -26.09
CA THR K 65 40.00 37.26 -26.86
C THR K 65 39.23 36.36 -27.83
N SER K 66 39.84 36.06 -28.96
CA SER K 66 39.24 35.11 -29.89
C SER K 66 39.27 33.72 -29.26
N SER K 67 38.21 32.96 -29.44
CA SER K 67 38.25 31.57 -29.01
C SER K 67 39.27 30.78 -29.85
N LYS K 68 39.46 31.16 -31.12
CA LYS K 68 40.45 30.54 -32.00
C LYS K 68 41.89 31.01 -31.70
N LYS K 69 42.80 30.07 -31.52
CA LYS K 69 44.19 30.42 -31.13
C LYS K 69 45.20 30.13 -32.22
N TYR K 70 44.80 29.40 -33.26
CA TYR K 70 45.72 29.10 -34.35
C TYR K 70 45.78 30.31 -35.29
N PHE K 71 46.63 30.25 -36.32
CA PHE K 71 46.77 31.38 -37.22
C PHE K 71 45.49 31.78 -37.93
N VAL K 72 45.14 33.04 -37.82
CA VAL K 72 44.04 33.63 -38.57
C VAL K 72 44.49 35.04 -38.86
N ARG K 73 44.28 35.56 -40.06
CA ARG K 73 44.60 36.98 -40.31
C ARG K 73 43.51 37.84 -39.65
N PHE K 74 43.55 37.93 -38.33
CA PHE K 74 42.50 38.62 -37.60
C PHE K 74 42.44 40.11 -37.90
N ARG K 75 41.26 40.68 -37.72
CA ARG K 75 41.06 42.11 -37.82
C ARG K 75 40.27 42.56 -36.58
N ILE K 76 40.91 43.34 -35.71
CA ILE K 76 40.23 43.84 -34.49
C ILE K 76 39.59 45.19 -34.74
N GLN K 77 38.36 45.35 -34.30
CA GLN K 77 37.63 46.60 -34.39
C GLN K 77 36.96 46.90 -33.04
N VAL K 78 37.26 48.07 -32.48
CA VAL K 78 36.55 48.51 -31.27
C VAL K 78 35.74 49.78 -31.55
N PHE K 79 34.49 49.74 -31.09
CA PHE K 79 33.53 50.82 -31.27
C PHE K 79 33.16 51.45 -29.93
N ARG K 80 32.86 52.74 -29.98
CA ARG K 80 32.06 53.38 -28.94
C ARG K 80 30.68 52.78 -29.18
N GLN K 81 29.85 52.71 -28.13
CA GLN K 81 28.60 51.97 -28.23
C GLN K 81 27.68 52.53 -29.31
N GLY K 82 27.61 53.86 -29.41
CA GLY K 82 26.78 54.50 -30.41
C GLY K 82 27.49 54.88 -31.70
N ALA K 83 28.77 54.56 -31.82
CA ALA K 83 29.57 55.07 -32.92
C ALA K 83 29.34 54.41 -34.30
N ALA K 84 29.33 55.26 -35.33
CA ALA K 84 29.20 54.79 -36.70
C ALA K 84 30.45 54.02 -37.16
N THR K 85 31.63 54.55 -36.86
CA THR K 85 32.88 53.93 -37.33
C THR K 85 33.83 53.63 -36.17
N PRO K 86 34.78 52.71 -36.37
CA PRO K 86 35.58 52.24 -35.25
C PRO K 86 36.79 53.12 -34.94
N LEU K 87 37.21 53.15 -33.67
CA LEU K 87 38.44 53.87 -33.30
C LEU K 87 39.70 53.00 -33.42
N LEU K 88 39.55 51.68 -33.24
CA LEU K 88 40.61 50.72 -33.53
C LEU K 88 40.25 49.96 -34.78
N ASP K 89 41.13 50.06 -35.79
CA ASP K 89 40.89 49.41 -37.07
C ASP K 89 41.97 48.40 -37.42
N GLU K 90 42.80 48.06 -36.45
CA GLU K 90 44.02 47.30 -36.74
C GLU K 90 43.75 45.91 -37.31
N THR K 91 44.55 45.55 -38.31
CA THR K 91 44.48 44.24 -38.94
C THR K 91 45.88 43.63 -38.91
N LEU K 92 45.96 42.34 -38.65
CA LEU K 92 47.25 41.71 -38.47
C LEU K 92 48.12 41.79 -39.73
N LYS K 93 49.38 42.13 -39.53
CA LYS K 93 50.37 42.15 -40.62
C LYS K 93 51.73 41.81 -40.00
N LEU K 94 52.31 40.70 -40.44
CA LEU K 94 53.46 40.15 -39.76
C LEU K 94 54.81 40.53 -40.35
N LYS K 95 54.81 41.16 -41.51
CA LYS K 95 56.08 41.53 -42.11
C LYS K 95 56.97 42.33 -41.13
N ASP K 96 58.22 41.85 -40.96
CA ASP K 96 59.23 42.48 -40.12
C ASP K 96 58.79 42.68 -38.68
N ARG K 97 58.00 41.75 -38.16
CA ARG K 97 57.46 41.86 -36.81
C ARG K 97 57.86 40.70 -35.92
N PRO K 98 57.97 40.95 -34.63
CA PRO K 98 58.42 39.89 -33.73
C PRO K 98 57.34 38.83 -33.51
N VAL K 99 57.64 37.61 -33.94
CA VAL K 99 56.72 36.49 -33.78
C VAL K 99 57.39 35.41 -32.93
N LEU K 100 56.60 34.80 -32.07
CA LEU K 100 57.09 33.74 -31.23
C LEU K 100 56.32 32.44 -31.55
N ILE K 101 57.05 31.39 -31.89
CA ILE K 101 56.45 30.06 -32.03
C ILE K 101 56.97 29.23 -30.87
N SER K 102 56.07 28.81 -30.00
CA SER K 102 56.45 28.10 -28.83
C SER K 102 56.14 26.61 -28.93
N PHE K 103 57.15 25.77 -28.91
CA PHE K 103 56.93 24.34 -28.84
C PHE K 103 56.91 23.90 -27.38
N PRO K 104 56.24 22.75 -27.08
CA PRO K 104 56.33 22.19 -25.74
C PRO K 104 57.63 21.39 -25.65
N THR K 105 57.97 20.91 -24.47
CA THR K 105 59.20 20.13 -24.32
C THR K 105 58.89 18.68 -24.64
N GLY K 106 58.00 18.48 -25.61
CA GLY K 106 57.57 17.14 -26.00
C GLY K 106 58.70 16.31 -26.57
N THR K 107 58.39 15.06 -26.86
CA THR K 107 59.33 14.11 -27.43
C THR K 107 60.05 14.64 -28.68
N LEU K 108 61.11 13.93 -29.07
CA LEU K 108 61.91 14.26 -30.26
C LEU K 108 61.13 14.19 -31.57
N GLY K 109 60.31 13.17 -31.72
CA GLY K 109 59.56 12.96 -32.97
C GLY K 109 58.58 14.08 -33.24
N ASP K 110 58.02 14.62 -32.16
CA ASP K 110 57.11 15.74 -32.23
C ASP K 110 57.79 16.94 -32.88
N LEU K 111 58.91 17.37 -32.30
CA LEU K 111 59.65 18.53 -32.77
C LEU K 111 60.18 18.40 -34.18
N LEU K 112 60.79 17.28 -34.50
CA LEU K 112 61.35 17.08 -35.81
C LEU K 112 60.26 17.09 -36.87
N GLY K 113 59.08 16.65 -36.49
CA GLY K 113 57.94 16.69 -37.39
C GLY K 113 57.39 18.09 -37.58
N TRP K 114 57.35 18.86 -36.50
CA TRP K 114 56.75 20.19 -36.56
C TRP K 114 57.63 21.25 -37.11
N PHE K 115 58.92 21.13 -36.88
CA PHE K 115 59.80 22.27 -37.11
C PHE K 115 59.80 22.87 -38.50
N PRO K 116 59.87 22.02 -39.54
CA PRO K 116 59.91 22.56 -40.92
C PRO K 116 58.77 23.56 -41.19
N TYR K 117 57.63 23.36 -40.54
CA TYR K 117 56.48 24.21 -40.77
C TYR K 117 56.71 25.63 -40.21
N ALA K 118 57.53 25.74 -39.17
CA ALA K 118 57.86 27.05 -38.60
C ALA K 118 58.72 27.81 -39.57
N GLU K 119 59.64 27.13 -40.24
CA GLU K 119 60.42 27.80 -41.22
C GLU K 119 59.54 28.27 -42.38
N ARG K 120 58.53 27.49 -42.75
CA ARG K 120 57.64 27.88 -43.85
C ARG K 120 56.84 29.10 -43.53
N PHE K 121 56.39 29.18 -42.28
CA PHE K 121 55.63 30.31 -41.82
C PHE K 121 56.44 31.61 -41.96
N GLN K 122 57.74 31.52 -41.74
CA GLN K 122 58.57 32.68 -41.84
C GLN K 122 58.88 33.07 -43.28
N SER K 123 59.12 32.08 -44.13
CA SER K 123 59.36 32.36 -45.55
C SER K 123 58.15 33.03 -46.17
N LEU K 124 56.97 32.65 -45.68
CA LEU K 124 55.73 33.13 -46.24
C LEU K 124 55.44 34.55 -45.81
N HIS K 125 55.54 34.81 -44.52
CA HIS K 125 55.23 36.13 -43.99
C HIS K 125 56.35 37.10 -43.85
N LYS K 126 57.59 36.64 -44.03
CA LYS K 126 58.78 37.48 -43.88
C LYS K 126 58.80 38.23 -42.53
N CYS K 127 58.62 37.50 -41.44
CA CYS K 127 58.65 38.11 -40.10
C CYS K 127 59.97 37.82 -39.38
N ARG K 128 60.12 38.35 -38.18
CA ARG K 128 61.26 38.04 -37.33
C ARG K 128 60.82 36.95 -36.39
N LEU K 129 61.30 35.74 -36.59
CA LEU K 129 60.80 34.62 -35.81
C LEU K 129 61.75 34.11 -34.73
N GLU K 130 61.23 33.95 -33.52
CA GLU K 130 61.94 33.27 -32.43
C GLU K 130 61.22 31.96 -32.06
N CYS K 131 61.97 30.89 -31.87
CA CYS K 131 61.38 29.60 -31.46
C CYS K 131 61.86 29.15 -30.09
N THR K 132 60.98 28.58 -29.28
CA THR K 132 61.36 28.06 -27.96
C THR K 132 61.23 26.53 -27.85
N MSE K 133 62.28 25.89 -27.33
CA MSE K 133 62.34 24.43 -27.20
C MSE K 133 63.54 24.03 -26.39
O MSE K 133 64.41 24.84 -26.12
CB MSE K 133 62.49 23.80 -28.58
CG MSE K 133 63.70 24.40 -29.30
SE MSE K 133 63.72 23.84 -31.18
CE MSE K 133 62.58 25.35 -31.73
N SER K 134 63.62 22.76 -26.03
CA SER K 134 64.74 22.26 -25.24
C SER K 134 66.08 22.49 -25.93
N GLN K 135 67.13 22.64 -25.12
CA GLN K 135 68.45 22.95 -25.63
C GLN K 135 69.01 21.91 -26.59
N ASP K 136 68.73 20.65 -26.32
CA ASP K 136 69.31 19.55 -27.10
C ASP K 136 68.89 19.58 -28.55
N ILE K 137 67.67 20.07 -28.80
CA ILE K 137 67.18 20.22 -30.18
C ILE K 137 67.80 21.46 -30.81
N ILE K 138 67.89 22.56 -30.05
CA ILE K 138 68.57 23.76 -30.50
C ILE K 138 69.97 23.47 -31.03
N ASP K 139 70.73 22.67 -30.30
CA ASP K 139 72.09 22.31 -30.70
C ASP K 139 72.08 21.54 -32.00
N LEU K 140 71.00 20.83 -32.26
CA LEU K 140 70.91 20.01 -33.45
C LEU K 140 70.52 20.82 -34.68
N LEU K 141 69.69 21.84 -34.47
CA LEU K 141 69.08 22.58 -35.57
C LEU K 141 69.68 23.94 -35.85
N ALA K 142 69.95 24.71 -34.80
CA ALA K 142 70.24 26.14 -34.97
C ALA K 142 71.18 26.49 -36.14
N PRO K 143 72.31 25.74 -36.26
CA PRO K 143 73.26 25.97 -37.36
C PRO K 143 72.64 25.94 -38.76
N GLN K 144 71.57 25.18 -38.97
CA GLN K 144 70.95 25.09 -40.31
C GLN K 144 69.79 26.08 -40.55
N TYR K 145 69.41 26.83 -39.52
CA TYR K 145 68.34 27.79 -39.61
C TYR K 145 68.82 29.14 -39.07
N PRO K 146 69.77 29.76 -39.79
CA PRO K 146 70.30 31.03 -39.31
C PRO K 146 69.25 32.12 -39.27
N GLN K 147 68.22 31.96 -40.10
CA GLN K 147 67.13 32.94 -40.20
C GLN K 147 66.28 33.03 -38.94
N ILE K 148 66.37 31.99 -38.10
CA ILE K 148 65.50 31.87 -36.94
C ILE K 148 66.31 31.95 -35.68
N GLN K 149 65.75 32.63 -34.69
CA GLN K 149 66.38 32.77 -33.40
C GLN K 149 65.84 31.74 -32.41
N PHE K 150 66.72 30.88 -31.90
CA PHE K 150 66.32 29.82 -30.97
C PHE K 150 66.62 30.17 -29.52
N SER K 151 65.70 29.80 -28.63
CA SER K 151 65.86 30.05 -27.20
C SER K 151 65.22 28.91 -26.43
N THR K 152 65.35 28.93 -25.12
CA THR K 152 64.66 27.96 -24.28
C THR K 152 63.46 28.67 -23.67
N PRO K 153 62.43 27.91 -23.29
CA PRO K 153 61.20 28.42 -22.70
C PRO K 153 61.39 29.41 -21.54
N ASP K 154 62.40 29.16 -20.70
CA ASP K 154 62.64 30.01 -19.53
C ASP K 154 63.41 31.32 -19.83
N LYS K 155 64.17 31.35 -20.93
CA LYS K 155 64.97 32.52 -21.28
C LYS K 155 64.70 33.04 -22.70
N PRO K 156 63.44 33.45 -22.98
CA PRO K 156 63.14 33.98 -24.32
C PRO K 156 63.68 35.41 -24.50
N ARG K 157 64.23 35.72 -25.67
CA ARG K 157 64.87 36.99 -25.89
C ARG K 157 63.92 38.12 -26.22
N THR K 158 62.83 37.79 -26.91
CA THR K 158 61.88 38.83 -27.28
C THR K 158 60.80 38.84 -26.21
N VAL K 159 60.80 39.84 -25.34
CA VAL K 159 59.84 39.85 -24.24
C VAL K 159 58.54 40.57 -24.59
N ALA K 160 58.54 41.26 -25.73
CA ALA K 160 57.32 41.88 -26.27
C ALA K 160 57.05 41.50 -27.74
N PRO K 161 56.44 40.30 -27.96
CA PRO K 161 56.15 39.83 -29.29
C PRO K 161 54.82 40.37 -29.82
N TYR K 162 54.72 40.49 -31.13
CA TYR K 162 53.50 40.99 -31.78
C TYR K 162 52.47 39.87 -31.87
N ALA K 163 52.93 38.68 -32.25
CA ALA K 163 52.10 37.48 -32.37
C ALA K 163 52.83 36.23 -31.87
N THR K 164 52.08 35.33 -31.25
CA THR K 164 52.63 34.10 -30.71
C THR K 164 51.74 32.97 -31.18
N TYR K 165 52.34 31.81 -31.42
CA TYR K 165 51.60 30.59 -31.83
C TYR K 165 52.18 29.39 -31.09
N ARG K 166 51.35 28.63 -30.39
CA ARG K 166 51.85 27.46 -29.65
C ARG K 166 51.53 26.16 -30.37
N VAL K 167 52.49 25.67 -31.10
CA VAL K 167 52.36 24.43 -31.82
C VAL K 167 52.47 23.25 -30.84
N GLY K 168 51.50 22.36 -30.86
CA GLY K 168 51.54 21.16 -30.03
C GLY K 168 50.40 20.22 -30.31
N LEU K 169 50.26 19.20 -29.49
CA LEU K 169 49.15 18.27 -29.67
C LEU K 169 48.03 18.65 -28.75
N TYR K 170 46.82 18.75 -29.28
CA TYR K 170 45.68 19.01 -28.43
C TYR K 170 44.67 17.86 -28.53
N PHE K 171 44.38 17.25 -27.38
CA PHE K 171 43.56 16.05 -27.35
C PHE K 171 42.09 16.34 -27.13
N GLY K 172 41.28 15.28 -27.14
CA GLY K 172 39.84 15.40 -26.88
C GLY K 172 39.07 16.11 -28.00
N GLY K 173 39.69 16.16 -29.18
CA GLY K 173 39.08 16.81 -30.33
C GLY K 173 39.04 18.32 -30.28
N ASP K 174 39.90 18.90 -29.43
CA ASP K 174 40.03 20.36 -29.29
C ASP K 174 40.11 21.00 -30.68
N THR K 175 39.26 22.00 -30.95
CA THR K 175 39.34 22.75 -32.22
C THR K 175 39.50 24.24 -32.02
N ASN K 176 39.94 24.65 -30.83
CA ASN K 176 40.24 26.06 -30.58
C ASN K 176 41.74 26.38 -30.71
N ASN K 177 42.58 25.43 -30.31
CA ASN K 177 44.02 25.59 -30.45
C ASN K 177 44.57 24.99 -31.73
N GLN K 178 43.75 24.20 -32.40
CA GLN K 178 44.10 23.62 -33.71
C GLN K 178 42.88 23.67 -34.59
N PRO K 179 43.05 24.00 -35.86
CA PRO K 179 41.90 24.17 -36.74
C PRO K 179 41.14 22.87 -36.86
N VAL K 180 41.84 21.75 -37.07
CA VAL K 180 41.22 20.45 -37.11
C VAL K 180 41.94 19.47 -36.19
N ASP K 181 41.21 18.46 -35.72
CA ASP K 181 41.74 17.40 -34.85
C ASP K 181 42.99 16.78 -35.49
N PHE K 182 44.12 16.78 -34.78
CA PHE K 182 45.36 16.32 -35.39
C PHE K 182 45.25 14.84 -35.82
N ARG K 183 44.33 14.10 -35.22
CA ARG K 183 44.20 12.70 -35.54
C ARG K 183 43.66 12.49 -36.95
N LYS K 184 43.09 13.54 -37.53
CA LYS K 184 42.50 13.46 -38.86
C LYS K 184 43.51 13.83 -39.94
N VAL K 185 44.53 14.61 -39.57
CA VAL K 185 45.51 15.10 -40.52
C VAL K 185 46.92 14.57 -40.32
N GLY K 186 47.18 13.97 -39.16
CA GLY K 186 48.52 13.49 -38.80
C GLY K 186 49.14 14.40 -37.78
N PHE K 187 49.75 13.84 -36.75
CA PHE K 187 50.21 14.66 -35.65
C PHE K 187 51.22 15.74 -36.08
N HIS K 188 52.10 15.41 -37.04
CA HIS K 188 53.12 16.35 -37.49
C HIS K 188 52.58 17.38 -38.43
N ARG K 189 51.71 16.97 -39.33
CA ARG K 189 51.09 17.91 -40.27
C ARG K 189 50.22 18.94 -39.59
N SER K 190 49.77 18.63 -38.37
CA SER K 190 48.89 19.53 -37.63
C SER K 190 49.55 20.87 -37.45
N ALA K 191 50.88 20.87 -37.38
CA ALA K 191 51.64 22.09 -37.19
C ALA K 191 51.42 23.05 -38.34
N GLY K 192 51.38 22.51 -39.55
CA GLY K 192 51.15 23.32 -40.74
C GLY K 192 49.76 23.92 -40.76
N TYR K 193 48.78 23.18 -40.25
CA TYR K 193 47.42 23.68 -40.19
C TYR K 193 47.33 24.78 -39.17
N ILE K 194 47.95 24.56 -38.02
CA ILE K 194 47.97 25.58 -36.98
C ILE K 194 48.53 26.91 -37.52
N LEU K 195 49.59 26.80 -38.32
CA LEU K 195 50.29 27.98 -38.85
C LEU K 195 49.68 28.48 -40.16
N GLY K 196 48.82 27.67 -40.75
CA GLY K 196 48.16 28.02 -42.00
C GLY K 196 49.08 28.01 -43.20
N VAL K 197 50.02 27.07 -43.23
CA VAL K 197 50.93 26.95 -44.34
C VAL K 197 50.76 25.62 -45.07
N ASP K 198 51.50 25.46 -46.17
CA ASP K 198 51.49 24.21 -46.89
C ASP K 198 51.65 23.11 -45.83
N PRO K 199 50.66 22.22 -45.73
CA PRO K 199 50.68 21.20 -44.70
C PRO K 199 51.49 19.95 -45.05
N ARG K 200 52.09 19.93 -46.23
CA ARG K 200 52.86 18.75 -46.65
C ARG K 200 54.14 18.51 -45.86
N GLU K 201 54.31 17.29 -45.38
CA GLU K 201 55.44 16.92 -44.54
C GLU K 201 56.76 17.16 -45.22
N ALA K 202 57.75 17.53 -44.43
CA ALA K 202 59.15 17.61 -44.90
C ALA K 202 60.12 17.22 -43.75
N PRO K 203 61.33 16.75 -44.11
CA PRO K 203 62.36 16.48 -43.11
C PRO K 203 63.07 17.77 -42.67
N VAL K 204 63.65 17.77 -41.47
CA VAL K 204 64.45 18.91 -41.03
C VAL K 204 65.79 18.91 -41.78
N ARG K 205 66.45 20.06 -41.77
CA ARG K 205 67.76 20.26 -42.39
C ARG K 205 68.81 19.91 -41.31
N LEU K 206 69.75 19.02 -41.61
CA LEU K 206 70.74 18.60 -40.61
C LEU K 206 72.16 18.81 -41.11
N ASP K 207 73.11 18.70 -40.19
CA ASP K 207 74.51 18.74 -40.54
C ASP K 207 74.96 17.34 -40.93
N LEU K 208 75.07 17.09 -42.24
CA LEU K 208 75.39 15.76 -42.77
C LEU K 208 76.82 15.68 -43.28
N SER K 209 77.70 16.48 -42.69
CA SER K 209 79.08 16.59 -43.16
C SER K 209 80.04 15.58 -42.51
N ALA K 210 79.67 15.05 -41.34
CA ALA K 210 80.54 14.12 -40.61
C ALA K 210 80.97 12.91 -41.46
N PRO K 211 82.27 12.57 -41.41
CA PRO K 211 82.85 11.50 -42.23
C PRO K 211 82.60 10.10 -41.63
N ARG K 212 82.64 9.09 -42.47
CA ARG K 212 82.35 7.71 -42.08
C ARG K 212 83.37 7.16 -41.08
N VAL K 213 82.87 6.46 -40.06
CA VAL K 213 83.74 5.91 -39.02
C VAL K 213 83.77 4.37 -39.07
N ILE K 214 82.61 3.75 -39.03
CA ILE K 214 82.50 2.30 -39.19
C ILE K 214 82.59 1.98 -40.67
N ALA K 215 83.60 1.20 -41.06
CA ALA K 215 83.82 0.91 -42.48
C ALA K 215 82.79 -0.04 -43.07
N ALA K 216 82.55 -1.16 -42.39
CA ALA K 216 81.65 -2.22 -42.92
C ALA K 216 80.19 -1.76 -42.96
N PRO K 217 79.35 -2.47 -43.74
CA PRO K 217 77.92 -2.13 -43.78
C PRO K 217 77.26 -2.38 -42.43
N TYR K 218 76.35 -1.49 -42.03
CA TYR K 218 75.64 -1.64 -40.78
C TYR K 218 74.23 -1.05 -40.80
N VAL K 219 73.40 -1.51 -39.86
CA VAL K 219 72.04 -1.03 -39.72
C VAL K 219 71.82 -0.51 -38.31
N CYS K 220 71.10 0.59 -38.17
CA CYS K 220 70.77 1.07 -36.83
C CYS K 220 69.35 0.69 -36.46
N ILE K 221 69.11 0.43 -35.19
CA ILE K 221 67.78 0.09 -34.74
C ILE K 221 67.43 0.84 -33.46
N ALA K 222 66.15 1.14 -33.31
CA ALA K 222 65.66 1.75 -32.11
C ALA K 222 64.46 0.92 -31.59
N THR K 223 64.63 0.31 -30.42
CA THR K 223 63.63 -0.61 -29.90
C THR K 223 62.79 -0.01 -28.80
N GLN K 224 63.29 1.05 -28.15
CA GLN K 224 62.62 1.71 -27.01
C GLN K 224 61.60 2.76 -27.44
N SER K 225 60.68 3.12 -26.55
CA SER K 225 59.72 4.14 -26.85
C SER K 225 59.01 4.66 -25.59
N THR K 226 58.13 5.64 -25.77
CA THR K 226 57.49 6.35 -24.67
C THR K 226 56.28 5.63 -23.97
N CYS K 227 55.55 4.80 -24.70
CA CYS K 227 54.49 3.97 -24.08
C CYS K 227 54.57 2.56 -24.69
N GLN K 228 54.01 1.58 -23.98
CA GLN K 228 54.17 0.18 -24.38
C GLN K 228 53.56 -0.14 -25.74
N ALA K 229 52.49 0.59 -26.10
CA ALA K 229 51.77 0.36 -27.35
C ALA K 229 52.65 0.58 -28.57
N LYS K 230 53.62 1.47 -28.45
CA LYS K 230 54.54 1.82 -29.55
C LYS K 230 55.69 0.82 -29.67
N TYR K 231 55.85 -0.09 -28.71
CA TYR K 231 56.86 -1.15 -28.84
C TYR K 231 56.38 -2.22 -29.78
N TRP K 232 57.33 -2.96 -30.33
CA TRP K 232 56.99 -4.10 -31.19
C TRP K 232 56.83 -5.29 -30.28
N ASN K 233 55.61 -5.53 -29.84
CA ASN K 233 55.38 -6.54 -28.81
C ASN K 233 55.30 -7.97 -29.29
N ASN K 234 55.92 -8.25 -30.43
CA ASN K 234 55.97 -9.60 -30.90
C ASN K 234 57.09 -10.28 -30.16
N GLY K 235 56.81 -11.44 -29.60
CA GLY K 235 57.76 -12.14 -28.76
C GLY K 235 59.13 -12.34 -29.37
N THR K 236 59.19 -12.78 -30.61
CA THR K 236 60.48 -13.13 -31.22
C THR K 236 60.88 -12.21 -32.37
N GLY K 237 60.06 -11.19 -32.62
CA GLY K 237 60.33 -10.21 -33.67
C GLY K 237 61.76 -9.67 -33.78
N TRP K 238 62.17 -8.82 -32.84
CA TRP K 238 63.50 -8.25 -32.90
C TRP K 238 64.57 -9.27 -33.06
N SER K 239 64.48 -10.36 -32.33
CA SER K 239 65.55 -11.37 -32.42
C SER K 239 65.66 -11.97 -33.81
N GLU K 240 64.52 -12.27 -34.43
CA GLU K 240 64.52 -12.81 -35.79
C GLU K 240 65.06 -11.80 -36.83
N VAL K 241 64.72 -10.53 -36.66
CA VAL K 241 65.22 -9.48 -37.53
C VAL K 241 66.75 -9.32 -37.38
N ILE K 242 67.22 -9.22 -36.15
CA ILE K 242 68.63 -9.04 -35.91
C ILE K 242 69.47 -10.18 -36.45
N ALA K 243 68.99 -11.41 -36.29
CA ALA K 243 69.68 -12.59 -36.82
C ALA K 243 69.75 -12.52 -38.34
N HIS K 244 68.64 -12.11 -38.95
CA HIS K 244 68.51 -12.03 -40.40
C HIS K 244 69.41 -10.98 -40.99
N LEU K 245 69.48 -9.83 -40.33
CA LEU K 245 70.37 -8.74 -40.79
C LEU K 245 71.82 -9.20 -40.82
N LYS K 246 72.23 -9.95 -39.81
CA LYS K 246 73.60 -10.44 -39.75
C LYS K 246 73.86 -11.46 -40.85
N SER K 247 72.88 -12.29 -41.15
CA SER K 247 73.05 -13.26 -42.23
C SER K 247 73.13 -12.55 -43.61
N LEU K 248 72.71 -11.29 -43.66
CA LEU K 248 72.85 -10.49 -44.88
C LEU K 248 74.15 -9.66 -44.87
N GLY K 249 74.97 -9.81 -43.82
CA GLY K 249 76.25 -9.12 -43.74
C GLY K 249 76.27 -7.76 -43.01
N TYR K 250 75.16 -7.38 -42.41
CA TYR K 250 75.11 -6.12 -41.67
C TYR K 250 75.49 -6.31 -40.21
N ARG K 251 76.20 -5.34 -39.66
CA ARG K 251 76.36 -5.22 -38.22
C ARG K 251 75.11 -4.47 -37.76
N VAL K 252 74.61 -4.74 -36.56
CA VAL K 252 73.42 -4.05 -36.05
C VAL K 252 73.69 -3.30 -34.74
N MSE K 253 73.37 -2.02 -34.71
CA MSE K 253 73.61 -1.22 -33.52
C MSE K 253 72.33 -0.70 -32.99
O MSE K 253 71.47 -0.24 -33.75
CB MSE K 253 74.50 0.02 -33.73
CG MSE K 253 74.96 0.31 -35.14
SE MSE K 253 76.67 -0.61 -35.42
CE MSE K 253 75.93 -2.03 -36.54
N CYS K 254 72.18 -0.74 -31.68
CA CYS K 254 71.00 -0.19 -31.05
C CYS K 254 71.36 1.17 -30.52
N ILE K 255 70.59 2.19 -30.91
CA ILE K 255 70.95 3.57 -30.59
C ILE K 255 69.96 4.25 -29.69
N ASP K 256 69.21 3.46 -28.94
CA ASP K 256 68.23 4.02 -28.03
C ASP K 256 68.87 4.78 -26.88
N ARG K 257 68.18 5.80 -26.38
CA ARG K 257 68.68 6.58 -25.24
C ARG K 257 68.87 5.70 -24.01
N ASP K 258 67.89 4.84 -23.75
CA ASP K 258 67.94 3.94 -22.60
C ASP K 258 68.20 2.50 -23.04
N ALA K 259 68.93 1.76 -22.22
CA ALA K 259 69.15 0.34 -22.46
C ALA K 259 68.02 -0.50 -21.84
N HIS K 260 67.37 0.06 -20.82
CA HIS K 260 66.23 -0.60 -20.18
C HIS K 260 65.19 0.44 -19.91
N TYR K 261 63.95 0.15 -20.24
CA TYR K 261 62.89 1.11 -20.02
C TYR K 261 61.56 0.43 -19.85
N GLY K 262 60.73 0.97 -18.96
CA GLY K 262 59.44 0.38 -18.67
C GLY K 262 58.87 0.88 -17.36
N GLN K 263 57.84 0.20 -16.87
CA GLN K 263 57.15 0.59 -15.66
C GLN K 263 56.60 -0.66 -15.01
N GLY K 264 56.40 -0.63 -13.69
CA GLY K 264 55.80 -1.75 -12.96
C GLY K 264 56.62 -3.00 -13.21
N PHE K 265 55.97 -4.05 -13.71
CA PHE K 265 56.72 -5.25 -14.03
C PHE K 265 57.07 -5.39 -15.51
N VAL K 266 56.59 -4.47 -16.35
CA VAL K 266 56.84 -4.53 -17.79
C VAL K 266 58.08 -3.73 -18.21
N TRP K 267 59.13 -4.46 -18.58
CA TRP K 267 60.41 -3.86 -18.95
C TRP K 267 60.94 -4.35 -20.26
N ASN K 268 61.49 -3.40 -21.04
CA ASN K 268 62.04 -3.66 -22.35
C ASN K 268 63.53 -3.41 -22.33
N HIS K 269 64.31 -4.30 -22.94
CA HIS K 269 65.76 -4.19 -22.89
C HIS K 269 66.37 -4.25 -24.25
N ILE K 270 67.51 -3.59 -24.40
CA ILE K 270 68.31 -3.72 -25.63
C ILE K 270 68.44 -5.21 -25.99
N PRO K 271 68.01 -5.58 -27.20
CA PRO K 271 67.95 -7.00 -27.58
C PRO K 271 69.31 -7.64 -27.62
N TRP K 272 69.39 -8.85 -27.10
CA TRP K 272 70.60 -9.64 -27.16
C TRP K 272 71.01 -9.67 -28.62
N GLY K 273 72.29 -9.43 -28.89
CA GLY K 273 72.79 -9.53 -30.26
C GLY K 273 73.00 -8.22 -30.98
N ALA K 274 72.33 -7.19 -30.50
CA ALA K 274 72.56 -5.85 -31.02
C ALA K 274 73.77 -5.26 -30.31
N GLU K 275 74.62 -4.54 -31.04
CA GLU K 275 75.73 -3.84 -30.43
C GLU K 275 75.19 -2.68 -29.59
N ASP K 276 75.88 -2.38 -28.50
CA ASP K 276 75.37 -1.38 -27.58
C ASP K 276 75.88 0.01 -27.89
N PHE K 277 75.04 0.83 -28.51
CA PHE K 277 75.38 2.20 -28.78
C PHE K 277 74.39 3.09 -28.08
N THR K 278 73.81 2.57 -27.01
CA THR K 278 72.79 3.29 -26.26
C THR K 278 73.39 4.40 -25.39
N GLY K 279 72.54 5.12 -24.66
CA GLY K 279 73.01 6.22 -23.80
C GLY K 279 72.47 7.59 -24.19
N LYS K 280 72.49 8.51 -23.22
CA LYS K 280 72.00 9.87 -23.45
C LYS K 280 73.07 10.78 -24.06
N LEU K 281 73.31 10.66 -25.37
CA LEU K 281 74.32 11.45 -26.08
C LEU K 281 73.68 12.63 -26.82
N PRO K 282 74.50 13.61 -27.28
CA PRO K 282 73.93 14.70 -28.08
C PRO K 282 73.43 14.13 -29.42
N LEU K 283 72.31 14.65 -29.93
CA LEU K 283 71.70 14.07 -31.12
C LEU K 283 72.63 14.14 -32.33
N GLN K 284 73.50 15.15 -32.36
CA GLN K 284 74.42 15.26 -33.49
C GLN K 284 75.29 14.01 -33.63
N GLU K 285 75.61 13.36 -32.51
CA GLU K 285 76.37 12.12 -32.58
C GLU K 285 75.53 10.99 -33.21
N ARG K 286 74.23 11.02 -32.93
CA ARG K 286 73.31 10.06 -33.54
C ARG K 286 73.20 10.31 -35.05
N VAL K 287 73.14 11.60 -35.45
CA VAL K 287 73.08 11.94 -36.88
C VAL K 287 74.31 11.42 -37.61
N ASN K 288 75.48 11.63 -37.01
CA ASN K 288 76.74 11.19 -37.60
C ASN K 288 76.82 9.68 -37.79
N LEU K 289 76.29 8.93 -36.83
CA LEU K 289 76.28 7.48 -36.90
C LEU K 289 75.24 7.01 -37.90
N LEU K 290 74.04 7.60 -37.83
CA LEU K 290 72.94 7.29 -38.74
C LEU K 290 73.26 7.52 -40.22
N ARG K 291 73.93 8.64 -40.49
CA ARG K 291 74.24 9.10 -41.86
C ARG K 291 74.81 7.99 -42.76
N HIS K 292 75.67 7.15 -42.21
CA HIS K 292 76.34 6.12 -43.01
C HIS K 292 75.79 4.73 -42.83
N ALA K 293 74.65 4.63 -42.17
CA ALA K 293 74.00 3.34 -42.01
C ALA K 293 73.34 2.97 -43.33
N SER K 294 73.41 1.69 -43.70
CA SER K 294 72.72 1.23 -44.89
C SER K 294 71.24 1.54 -44.77
N PHE K 295 70.66 1.27 -43.61
CA PHE K 295 69.28 1.72 -43.31
C PHE K 295 68.95 1.70 -41.83
N PHE K 296 67.72 2.05 -41.48
CA PHE K 296 67.32 2.14 -40.08
C PHE K 296 66.03 1.42 -39.83
N ILE K 297 65.91 0.78 -38.68
CA ILE K 297 64.65 0.12 -38.30
C ILE K 297 64.19 0.65 -36.95
N GLY K 298 62.97 1.18 -36.90
CA GLY K 298 62.49 1.81 -35.69
C GLY K 298 61.00 1.84 -35.49
N LEU K 299 60.60 2.63 -34.51
CA LEU K 299 59.22 2.72 -34.10
C LEU K 299 58.72 4.12 -34.39
N PRO K 300 57.43 4.36 -34.18
CA PRO K 300 56.90 5.71 -34.46
C PRO K 300 57.41 6.82 -33.52
N SER K 301 58.34 6.49 -32.63
CA SER K 301 58.96 7.50 -31.76
C SER K 301 60.07 8.25 -32.50
N GLY K 302 60.67 9.21 -31.78
CA GLY K 302 61.58 10.20 -32.34
C GLY K 302 62.70 9.80 -33.27
N LEU K 303 63.48 8.78 -32.91
CA LEU K 303 64.65 8.47 -33.71
C LEU K 303 64.35 8.17 -35.18
N SER K 304 63.12 7.73 -35.46
CA SER K 304 62.75 7.42 -36.83
C SER K 304 62.70 8.69 -37.66
N TRP K 305 62.28 9.78 -37.03
CA TRP K 305 62.23 11.08 -37.71
C TRP K 305 63.61 11.59 -37.97
N LEU K 306 64.53 11.30 -37.07
CA LEU K 306 65.92 11.72 -37.22
C LEU K 306 66.53 10.90 -38.34
N ALA K 307 66.33 9.59 -38.28
CA ALA K 307 66.77 8.70 -39.36
C ALA K 307 66.29 9.20 -40.70
N TRP K 308 65.02 9.57 -40.77
CA TRP K 308 64.42 10.04 -42.00
C TRP K 308 65.20 11.17 -42.56
N ALA K 309 65.49 12.16 -41.71
CA ALA K 309 66.13 13.42 -42.12
C ALA K 309 67.58 13.28 -42.53
N THR K 310 68.24 12.22 -42.09
CA THR K 310 69.61 11.92 -42.51
C THR K 310 69.62 11.22 -43.88
N ARG K 311 68.47 11.18 -44.55
CA ARG K 311 68.37 10.67 -45.93
C ARG K 311 68.71 9.20 -46.13
N ILE K 312 68.38 8.35 -45.16
CA ILE K 312 68.56 6.91 -45.34
C ILE K 312 67.21 6.23 -45.29
N PRO K 313 67.09 5.06 -45.96
CA PRO K 313 65.82 4.32 -45.93
C PRO K 313 65.41 3.95 -44.47
N VAL K 314 64.13 4.13 -44.17
CA VAL K 314 63.62 3.88 -42.83
C VAL K 314 62.54 2.82 -42.82
N VAL K 315 62.78 1.74 -42.08
CA VAL K 315 61.76 0.73 -41.89
C VAL K 315 61.05 1.09 -40.60
N LEU K 316 59.77 1.41 -40.70
CA LEU K 316 59.01 1.88 -39.59
C LEU K 316 57.94 0.90 -39.21
N ILE K 317 58.05 0.35 -38.00
CA ILE K 317 57.12 -0.67 -37.54
C ILE K 317 56.14 -0.05 -36.55
N SER K 318 54.85 -0.07 -36.89
CA SER K 318 53.85 0.50 -36.00
C SER K 318 52.46 -0.09 -36.29
N GLY K 319 51.75 -0.47 -35.21
CA GLY K 319 50.39 -1.02 -35.31
C GLY K 319 49.36 -0.14 -34.60
N PHE K 320 49.81 0.62 -33.62
CA PHE K 320 48.86 1.42 -32.89
C PHE K 320 48.48 2.69 -33.65
N SER K 321 49.27 3.04 -34.69
CA SER K 321 48.94 4.16 -35.57
C SER K 321 48.86 3.69 -37.03
N LEU K 322 48.02 4.35 -37.82
CA LEU K 322 47.87 4.03 -39.26
C LEU K 322 49.07 4.47 -40.07
N PRO K 323 49.31 3.82 -41.22
CA PRO K 323 50.46 4.17 -42.08
C PRO K 323 50.57 5.66 -42.39
N ASN K 324 49.45 6.31 -42.69
CA ASN K 324 49.50 7.76 -42.99
C ASN K 324 49.73 8.66 -41.78
N SER K 325 49.95 8.06 -40.62
CA SER K 325 50.04 8.86 -39.41
C SER K 325 51.39 9.50 -39.23
N GLU K 326 52.40 8.91 -39.86
CA GLU K 326 53.76 9.47 -39.82
C GLU K 326 54.22 9.75 -41.25
N PHE K 327 55.50 10.08 -41.43
CA PHE K 327 56.01 10.38 -42.77
C PHE K 327 55.90 9.15 -43.70
N TYR K 328 55.88 9.40 -45.00
CA TYR K 328 55.80 8.32 -45.98
C TYR K 328 57.12 7.54 -46.04
N THR K 329 57.01 6.21 -46.08
CA THR K 329 58.18 5.36 -46.35
C THR K 329 57.69 4.08 -46.99
N PRO K 330 58.29 3.69 -48.12
CA PRO K 330 57.80 2.46 -48.78
C PRO K 330 58.02 1.23 -47.90
N TRP K 331 58.79 1.42 -46.82
CA TRP K 331 59.17 0.35 -45.90
C TRP K 331 58.38 0.38 -44.60
N ARG K 332 57.20 0.99 -44.63
CA ARG K 332 56.32 1.01 -43.48
C ARG K 332 55.73 -0.37 -43.28
N VAL K 333 55.77 -0.88 -42.06
CA VAL K 333 55.22 -2.18 -41.74
C VAL K 333 53.98 -2.04 -40.86
N PHE K 334 52.93 -2.76 -41.24
CA PHE K 334 51.62 -2.57 -40.65
C PHE K 334 50.80 -3.81 -40.88
N ASN K 335 49.95 -4.18 -39.92
CA ASN K 335 49.12 -5.34 -40.07
C ASN K 335 47.70 -4.97 -39.84
N SER K 336 46.82 -5.31 -40.78
CA SER K 336 45.42 -4.85 -40.71
C SER K 336 44.36 -5.89 -40.30
N HIS K 337 44.80 -7.08 -39.92
CA HIS K 337 43.86 -8.16 -39.58
C HIS K 337 43.18 -8.18 -38.22
N GLY K 338 43.69 -7.40 -37.24
CA GLY K 338 43.13 -7.34 -35.88
C GLY K 338 42.93 -5.90 -35.47
N CYS K 339 43.04 -5.58 -34.14
CA CYS K 339 43.00 -4.17 -33.67
C CYS K 339 44.21 -3.45 -34.34
N TYR K 340 43.99 -2.22 -34.81
CA TYR K 340 45.11 -1.32 -35.20
C TYR K 340 44.63 0.15 -35.06
N GLY K 341 45.54 1.09 -35.08
CA GLY K 341 45.14 2.49 -35.02
C GLY K 341 44.44 3.09 -33.81
N CYS K 342 44.66 2.54 -32.61
CA CYS K 342 44.21 3.12 -31.30
C CYS K 342 44.45 4.68 -31.48
N TRP K 343 45.65 5.02 -31.92
CA TRP K 343 46.15 6.38 -31.89
C TRP K 343 45.44 7.39 -32.76
N ASP K 344 44.92 6.94 -33.91
CA ASP K 344 44.24 7.82 -34.85
C ASP K 344 42.73 7.91 -34.65
N ASP K 345 42.21 7.05 -33.79
CA ASP K 345 40.79 6.91 -33.58
C ASP K 345 40.21 8.08 -32.74
N THR K 346 39.36 8.89 -33.37
CA THR K 346 38.78 10.04 -32.70
C THR K 346 37.75 9.73 -31.62
N SER K 347 37.34 8.48 -31.48
CA SER K 347 36.34 8.14 -30.45
C SER K 347 37.02 7.68 -29.17
N LEU K 348 38.33 7.50 -29.22
CA LEU K 348 39.15 7.09 -28.08
C LEU K 348 39.96 8.27 -27.59
N ASN K 349 40.62 8.13 -26.45
CA ASN K 349 41.50 9.20 -25.93
C ASN K 349 42.79 8.66 -25.33
N PHE K 350 43.92 9.13 -25.84
CA PHE K 350 45.22 8.77 -25.31
C PHE K 350 45.34 9.16 -23.83
N ASP K 351 45.93 8.27 -23.04
CA ASP K 351 46.17 8.49 -21.62
C ASP K 351 47.67 8.68 -21.39
N HIS K 352 48.02 9.91 -21.00
CA HIS K 352 49.42 10.32 -20.80
C HIS K 352 50.03 9.66 -19.63
N HIS K 353 49.20 9.18 -18.70
CA HIS K 353 49.66 8.64 -17.43
C HIS K 353 49.71 7.14 -17.38
N ASP K 354 49.17 6.48 -18.39
CA ASP K 354 49.13 5.02 -18.43
C ASP K 354 50.10 4.49 -19.46
N PHE K 355 51.19 3.91 -19.00
CA PHE K 355 52.22 3.39 -19.87
C PHE K 355 51.73 2.14 -20.60
N LEU K 356 50.76 1.44 -20.02
CA LEU K 356 50.22 0.22 -20.63
C LEU K 356 48.85 0.45 -21.28
N TRP K 357 48.60 1.69 -21.72
CA TRP K 357 47.36 2.08 -22.41
C TRP K 357 47.08 1.19 -23.62
N CYS K 358 45.94 0.52 -23.67
CA CYS K 358 45.38 -0.03 -24.91
C CYS K 358 43.91 0.08 -24.73
N PRO K 359 43.30 1.15 -25.41
CA PRO K 359 41.91 1.34 -25.01
C PRO K 359 40.98 0.18 -25.31
N ARG K 360 41.10 -0.43 -26.47
CA ARG K 360 40.23 -1.55 -26.84
C ARG K 360 40.37 -2.88 -26.10
N HIS K 361 41.61 -3.21 -25.76
CA HIS K 361 41.99 -4.52 -25.23
C HIS K 361 42.84 -4.61 -23.99
N LYS K 362 43.03 -3.50 -23.29
CA LYS K 362 43.81 -3.54 -22.02
C LYS K 362 43.33 -4.68 -21.12
N ASN K 363 44.29 -5.38 -20.50
CA ASN K 363 43.98 -6.43 -19.53
C ASN K 363 43.19 -7.58 -20.10
N THR K 364 43.44 -7.91 -21.35
CA THR K 364 42.81 -9.06 -21.98
C THR K 364 43.86 -9.80 -22.79
N ASP K 365 43.47 -10.93 -23.37
CA ASP K 365 44.38 -11.77 -24.18
C ASP K 365 44.92 -10.98 -25.36
N ARG K 366 44.13 -10.02 -25.82
CA ARG K 366 44.39 -9.35 -27.07
C ARG K 366 45.19 -8.06 -26.92
N GLN K 367 45.60 -7.77 -25.69
CA GLN K 367 46.37 -6.57 -25.45
C GLN K 367 47.58 -6.51 -26.37
N PHE K 368 47.75 -5.37 -27.02
CA PHE K 368 48.82 -5.10 -27.99
C PHE K 368 48.87 -6.02 -29.21
N GLU K 369 47.70 -6.58 -29.57
CA GLU K 369 47.54 -7.30 -30.82
C GLU K 369 48.02 -6.40 -31.96
N CYS K 370 48.01 -5.07 -31.72
CA CYS K 370 48.48 -4.03 -32.65
C CYS K 370 49.75 -4.61 -33.32
N THR K 371 50.69 -5.08 -32.50
CA THR K 371 52.02 -5.43 -32.99
C THR K 371 52.44 -6.87 -32.79
N ARG K 372 51.66 -7.66 -32.04
CA ARG K 372 51.92 -9.10 -31.94
C ARG K 372 51.66 -9.78 -33.29
N LEU K 373 50.71 -9.21 -34.03
CA LEU K 373 50.45 -9.68 -35.39
C LEU K 373 51.58 -9.37 -36.39
N ILE K 374 52.47 -8.44 -36.05
CA ILE K 374 53.56 -8.13 -36.95
C ILE K 374 54.69 -9.07 -36.61
N THR K 375 54.87 -10.08 -37.42
CA THR K 375 55.89 -11.08 -37.13
C THR K 375 57.27 -10.64 -37.64
N GLY K 376 58.29 -11.35 -37.17
CA GLY K 376 59.62 -11.14 -37.69
C GLY K 376 59.65 -11.44 -39.18
N ALA K 377 58.88 -12.45 -39.60
CA ALA K 377 58.82 -12.83 -41.02
C ALA K 377 58.33 -11.66 -41.85
N GLN K 378 57.27 -11.03 -41.36
CA GLN K 378 56.71 -9.87 -42.04
C GLN K 378 57.77 -8.78 -42.20
N VAL K 379 58.49 -8.47 -41.12
CA VAL K 379 59.46 -7.40 -41.19
C VAL K 379 60.64 -7.80 -42.07
N ASN K 380 61.06 -9.06 -41.99
CA ASN K 380 62.16 -9.56 -42.82
C ASN K 380 61.79 -9.56 -44.30
N GLY K 381 60.52 -9.82 -44.60
CA GLY K 381 60.03 -9.70 -45.98
C GLY K 381 60.30 -8.30 -46.54
N VAL K 382 59.92 -7.27 -45.79
CA VAL K 382 60.14 -5.92 -46.26
C VAL K 382 61.61 -5.55 -46.26
N ILE K 383 62.36 -6.02 -45.25
CA ILE K 383 63.82 -5.86 -45.27
C ILE K 383 64.44 -6.50 -46.51
N ASN K 384 64.00 -7.72 -46.88
CA ASN K 384 64.47 -8.37 -48.10
C ASN K 384 64.32 -7.50 -49.36
N LYS K 385 63.14 -6.88 -49.52
CA LYS K 385 62.89 -6.02 -50.68
C LYS K 385 63.81 -4.83 -50.66
N LEU K 386 63.96 -4.21 -49.49
CA LEU K 386 64.81 -3.06 -49.32
C LEU K 386 66.24 -3.44 -49.65
N HIS K 387 66.64 -4.62 -49.19
CA HIS K 387 68.00 -5.09 -49.43
C HIS K 387 68.26 -5.27 -50.91
N ARG K 388 67.32 -5.91 -51.61
CA ARG K 388 67.48 -6.11 -53.07
C ARG K 388 67.60 -4.78 -53.79
N SER K 389 66.68 -3.87 -53.50
CA SER K 389 66.72 -2.54 -54.08
C SER K 389 68.06 -1.82 -53.80
N LEU K 390 68.66 -2.08 -52.64
CA LEU K 390 69.92 -1.41 -52.29
C LEU K 390 71.13 -1.96 -53.02
N THR K 391 71.20 -3.28 -53.17
CA THR K 391 72.33 -3.92 -53.82
C THR K 391 72.30 -3.63 -55.32
N GLU K 392 71.09 -3.68 -55.89
CA GLU K 392 70.87 -3.41 -57.31
C GLU K 392 70.85 -1.92 -57.72
N GLN K 393 70.07 -1.10 -57.03
CA GLN K 393 69.75 0.24 -57.53
C GLN K 393 70.26 1.46 -56.76
N GLY K 394 70.56 1.31 -55.47
CA GLY K 394 70.89 2.46 -54.65
C GLY K 394 69.67 3.09 -54.02
N VAL K 395 69.80 4.22 -53.34
CA VAL K 395 71.03 5.02 -53.27
C VAL K 395 71.53 5.29 -54.69
N GLU K 396 70.62 5.76 -55.54
CA GLU K 396 69.41 6.45 -55.13
C GLU K 396 68.16 5.59 -55.05
N ALA K 397 67.59 5.51 -53.85
CA ALA K 397 66.35 4.79 -53.59
C ALA K 397 65.29 5.74 -53.06
N THR K 398 64.09 5.65 -53.63
CA THR K 398 63.02 6.60 -53.38
C THR K 398 61.70 5.93 -53.03
N PRO L 12 -65.71 -3.15 -20.69
CA PRO L 12 -64.65 -3.24 -21.68
C PRO L 12 -64.74 -4.53 -22.46
N PRO L 13 -65.64 -4.59 -23.45
CA PRO L 13 -65.84 -5.82 -24.21
C PRO L 13 -64.58 -6.41 -24.84
N ASP L 14 -64.60 -7.73 -25.02
CA ASP L 14 -63.50 -8.47 -25.60
C ASP L 14 -63.20 -8.10 -27.04
N THR L 15 -64.24 -7.84 -27.83
CA THR L 15 -64.05 -7.42 -29.21
C THR L 15 -64.81 -6.13 -29.45
N PRO L 16 -64.22 -5.16 -30.13
CA PRO L 16 -64.87 -3.86 -30.28
C PRO L 16 -66.21 -4.01 -30.97
N THR L 17 -67.22 -3.31 -30.46
CA THR L 17 -68.58 -3.42 -30.97
C THR L 17 -68.75 -2.99 -32.43
N GLN L 18 -68.08 -1.92 -32.82
CA GLN L 18 -68.24 -1.38 -34.16
C GLN L 18 -67.41 -2.14 -35.20
N ALA L 19 -68.08 -2.60 -36.25
CA ALA L 19 -67.42 -3.29 -37.34
C ALA L 19 -67.33 -2.36 -38.55
N GLY L 20 -66.24 -2.47 -39.30
CA GLY L 20 -66.04 -1.64 -40.47
C GLY L 20 -65.45 -2.40 -41.63
N PRO L 21 -65.39 -1.75 -42.79
CA PRO L 21 -64.82 -2.36 -43.99
C PRO L 21 -63.79 -3.43 -43.63
N GLU L 22 -63.72 -4.49 -44.43
CA GLU L 22 -62.82 -5.58 -44.13
C GLU L 22 -62.72 -5.72 -42.62
N ASN L 23 -63.62 -6.50 -42.05
CA ASN L 23 -63.69 -6.64 -40.59
C ASN L 23 -63.24 -5.39 -39.84
N ILE L 24 -62.25 -5.53 -38.96
CA ILE L 24 -61.78 -4.42 -38.11
C ILE L 24 -62.57 -4.19 -36.82
N PHE L 25 -63.89 -3.99 -36.91
CA PHE L 25 -64.71 -3.94 -35.69
C PHE L 25 -64.29 -2.93 -34.62
N TYR L 26 -64.05 -1.68 -35.02
CA TYR L 26 -63.55 -0.64 -34.11
C TYR L 26 -64.51 -0.30 -32.96
N ASP L 27 -63.94 0.00 -31.80
CA ASP L 27 -64.70 0.30 -30.59
C ASP L 27 -64.18 1.52 -29.83
N PHE L 28 -65.10 2.30 -29.26
CA PHE L 28 -64.75 3.48 -28.48
C PHE L 28 -64.66 3.22 -26.98
N ASN L 29 -64.87 1.98 -26.56
CA ASN L 29 -64.79 1.65 -25.15
C ASN L 29 -63.34 1.55 -24.71
N ASP L 30 -62.98 2.28 -23.66
CA ASP L 30 -61.61 2.28 -23.17
C ASP L 30 -60.68 3.16 -23.99
N GLY L 31 -61.24 3.92 -24.93
CA GLY L 31 -60.44 4.79 -25.78
C GLY L 31 -60.17 4.25 -27.17
N TRP L 41 -50.66 -2.69 -40.95
CA TRP L 41 -51.23 -1.52 -41.59
C TRP L 41 -50.69 -0.25 -40.97
N HIS L 42 -51.35 0.87 -41.24
CA HIS L 42 -51.04 2.12 -40.58
C HIS L 42 -52.28 2.67 -39.89
N VAL L 43 -52.16 2.94 -38.59
CA VAL L 43 -53.29 3.48 -37.84
C VAL L 43 -52.99 4.84 -37.26
N ARG L 44 -54.00 5.70 -37.26
CA ARG L 44 -53.86 7.04 -36.69
C ARG L 44 -55.02 7.43 -35.81
N LEU L 45 -54.68 7.99 -34.66
CA LEU L 45 -55.67 8.49 -33.72
C LEU L 45 -55.55 9.99 -33.66
N LEU L 46 -56.67 10.67 -33.90
CA LEU L 46 -56.67 12.12 -33.94
C LEU L 46 -57.68 12.73 -32.99
N ASP L 47 -57.44 13.97 -32.62
CA ASP L 47 -58.40 14.70 -31.83
C ASP L 47 -59.18 15.51 -32.84
N ALA L 48 -60.43 15.16 -33.07
CA ALA L 48 -61.24 15.85 -34.08
C ALA L 48 -61.35 17.33 -33.81
N ASP L 49 -61.37 17.71 -32.54
CA ASP L 49 -61.50 19.12 -32.16
C ASP L 49 -60.30 20.01 -32.57
N SER L 50 -59.08 19.49 -32.41
CA SER L 50 -57.86 20.21 -32.73
C SER L 50 -57.21 19.74 -34.02
N GLU L 51 -57.57 18.54 -34.47
CA GLU L 51 -56.95 17.89 -35.65
C GLU L 51 -55.52 17.41 -35.39
N ASN L 52 -55.11 17.41 -34.14
CA ASN L 52 -53.78 16.92 -33.75
C ASN L 52 -53.67 15.40 -33.92
N ILE L 53 -52.50 14.95 -34.36
CA ILE L 53 -52.17 13.51 -34.44
C ILE L 53 -51.73 13.07 -33.05
N LEU L 54 -52.57 12.32 -32.34
CA LEU L 54 -52.24 11.88 -30.99
C LEU L 54 -51.28 10.71 -31.02
N PHE L 55 -51.52 9.77 -31.94
CA PHE L 55 -50.76 8.54 -31.99
C PHE L 55 -50.77 7.97 -33.40
N CYS L 56 -49.70 7.28 -33.78
CA CYS L 56 -49.47 6.80 -35.16
C CYS L 56 -48.51 5.58 -35.18
N CYS L 57 -48.91 4.49 -35.87
CA CYS L 57 -48.13 3.20 -35.81
C CYS L 57 -48.58 2.06 -36.82
N GLY L 62 -53.00 -6.42 -34.63
CA GLY L 62 -53.95 -6.80 -33.59
C GLY L 62 -54.57 -5.63 -32.82
N TRP L 63 -53.86 -5.16 -31.79
CA TRP L 63 -54.40 -4.12 -30.89
C TRP L 63 -53.79 -2.74 -31.01
N VAL L 64 -54.65 -1.73 -31.12
CA VAL L 64 -54.23 -0.33 -31.06
C VAL L 64 -55.20 0.47 -30.17
N THR L 65 -54.66 1.06 -29.10
CA THR L 65 -55.47 1.76 -28.11
C THR L 65 -54.82 3.09 -27.70
N SER L 66 -55.62 4.14 -27.52
CA SER L 66 -55.09 5.42 -27.10
C SER L 66 -54.62 5.33 -25.65
N SER L 67 -53.52 6.00 -25.33
CA SER L 67 -53.07 6.02 -23.95
C SER L 67 -54.05 6.84 -23.06
N LYS L 68 -54.73 7.82 -23.66
CA LYS L 68 -55.68 8.62 -22.92
C LYS L 68 -57.02 7.90 -22.82
N LYS L 69 -57.57 7.83 -21.61
CA LYS L 69 -58.83 7.12 -21.37
C LYS L 69 -60.01 8.04 -21.05
N TYR L 70 -59.74 9.32 -20.82
CA TYR L 70 -60.85 10.26 -20.51
C TYR L 70 -61.52 10.71 -21.81
N PHE L 71 -62.57 11.52 -21.71
CA PHE L 71 -63.25 11.96 -22.91
C PHE L 71 -62.41 12.81 -23.86
N VAL L 72 -62.33 12.35 -25.10
CA VAL L 72 -61.82 13.15 -26.21
C VAL L 72 -62.64 12.78 -27.46
N ARG L 73 -62.96 13.76 -28.29
CA ARG L 73 -63.70 13.48 -29.52
C ARG L 73 -62.71 12.86 -30.50
N PHE L 74 -62.36 11.60 -30.25
CA PHE L 74 -61.37 10.94 -31.06
C PHE L 74 -61.82 10.77 -32.49
N ARG L 75 -60.85 10.54 -33.37
CA ARG L 75 -61.12 10.28 -34.77
C ARG L 75 -60.17 9.14 -35.17
N ILE L 76 -60.75 7.98 -35.49
CA ILE L 76 -59.93 6.82 -35.84
C ILE L 76 -59.77 6.72 -37.35
N GLN L 77 -58.53 6.51 -37.78
CA GLN L 77 -58.21 6.31 -39.19
C GLN L 77 -57.33 5.10 -39.36
N VAL L 78 -57.78 4.17 -40.22
CA VAL L 78 -57.01 2.97 -40.54
C VAL L 78 -56.61 3.02 -42.01
N PHE L 79 -55.31 2.92 -42.26
CA PHE L 79 -54.77 2.98 -43.61
C PHE L 79 -54.22 1.64 -44.03
N ARG L 80 -54.47 1.25 -45.27
CA ARG L 80 -53.70 0.20 -45.87
C ARG L 80 -52.42 0.98 -46.13
N GLN L 81 -51.25 0.43 -45.80
CA GLN L 81 -50.03 1.24 -45.84
C GLN L 81 -49.75 1.90 -47.20
N GLY L 82 -49.41 3.18 -47.22
CA GLY L 82 -49.11 3.86 -48.46
C GLY L 82 -50.28 4.60 -49.09
N ALA L 83 -51.50 4.07 -48.97
CA ALA L 83 -52.71 4.70 -49.57
C ALA L 83 -53.02 6.09 -49.03
N ALA L 84 -53.45 6.98 -49.92
CA ALA L 84 -53.71 8.36 -49.57
C ALA L 84 -54.94 8.54 -48.69
N THR L 85 -56.02 7.83 -49.02
CA THR L 85 -57.27 7.93 -48.21
C THR L 85 -57.48 6.67 -47.36
N PRO L 86 -58.01 6.88 -46.15
CA PRO L 86 -58.16 5.77 -45.21
C PRO L 86 -59.33 4.85 -45.54
N LEU L 87 -59.19 3.56 -45.23
CA LEU L 87 -60.30 2.60 -45.35
C LEU L 87 -61.38 2.91 -44.33
N LEU L 88 -60.97 3.07 -43.06
CA LEU L 88 -61.90 3.45 -41.98
C LEU L 88 -61.57 4.85 -41.51
N ASP L 89 -62.60 5.67 -41.38
CA ASP L 89 -62.43 6.99 -40.84
C ASP L 89 -63.66 7.33 -40.02
N GLU L 90 -63.65 6.92 -38.76
CA GLU L 90 -64.81 7.13 -37.90
C GLU L 90 -64.51 8.08 -36.75
N THR L 91 -65.40 9.03 -36.56
CA THR L 91 -65.23 10.06 -35.55
C THR L 91 -66.30 9.87 -34.51
N LEU L 92 -65.90 9.93 -33.25
CA LEU L 92 -66.82 9.73 -32.16
C LEU L 92 -68.02 10.66 -32.26
N LYS L 93 -69.22 10.08 -32.34
CA LYS L 93 -70.45 10.87 -32.17
C LYS L 93 -71.41 10.06 -31.30
N LEU L 94 -71.84 10.66 -30.19
CA LEU L 94 -72.58 9.94 -29.18
C LEU L 94 -74.10 10.05 -29.29
N LYS L 95 -74.61 10.88 -30.19
CA LYS L 95 -76.06 11.10 -30.26
C LYS L 95 -76.83 9.80 -30.42
N ASP L 96 -77.81 9.59 -29.52
CA ASP L 96 -78.68 8.41 -29.53
C ASP L 96 -77.91 7.08 -29.48
N ARG L 97 -76.79 7.07 -28.78
CA ARG L 97 -75.95 5.87 -28.73
C ARG L 97 -75.77 5.34 -27.31
N PRO L 98 -75.51 4.03 -27.18
CA PRO L 98 -75.30 3.44 -25.86
C PRO L 98 -73.95 3.84 -25.26
N VAL L 99 -73.98 4.68 -24.21
CA VAL L 99 -72.75 5.02 -23.49
C VAL L 99 -72.85 4.56 -22.03
N LEU L 100 -71.75 4.01 -21.54
CA LEU L 100 -71.70 3.48 -20.18
C LEU L 100 -70.75 4.35 -19.34
N ILE L 101 -71.24 4.88 -18.23
CA ILE L 101 -70.40 5.61 -17.30
C ILE L 101 -70.26 4.76 -16.05
N SER L 102 -69.05 4.30 -15.78
CA SER L 102 -68.81 3.34 -14.72
C SER L 102 -68.14 3.97 -13.51
N PHE L 103 -68.87 4.02 -12.41
CA PHE L 103 -68.30 4.47 -11.14
C PHE L 103 -67.78 3.26 -10.36
N PRO L 104 -66.81 3.49 -9.45
CA PRO L 104 -66.32 2.41 -8.64
C PRO L 104 -67.20 2.25 -7.40
N THR L 105 -66.84 1.28 -6.57
CA THR L 105 -67.53 0.98 -5.32
C THR L 105 -67.12 1.99 -4.23
N GLY L 106 -66.77 3.21 -4.62
CA GLY L 106 -66.20 4.19 -3.70
C GLY L 106 -67.15 4.66 -2.63
N THR L 107 -66.61 5.43 -1.69
CA THR L 107 -67.39 6.03 -0.60
C THR L 107 -68.58 6.83 -1.13
N LEU L 108 -69.48 7.17 -0.21
CA LEU L 108 -70.67 7.92 -0.51
C LEU L 108 -70.38 9.34 -1.06
N GLY L 109 -69.43 10.03 -0.43
CA GLY L 109 -69.05 11.41 -0.81
C GLY L 109 -68.52 11.48 -2.21
N ASP L 110 -67.80 10.44 -2.60
CA ASP L 110 -67.28 10.31 -3.96
C ASP L 110 -68.39 10.37 -5.00
N LEU L 111 -69.41 9.53 -4.82
CA LEU L 111 -70.47 9.43 -5.81
C LEU L 111 -71.38 10.61 -5.88
N LEU L 112 -71.75 11.13 -4.72
CA LEU L 112 -72.60 12.30 -4.70
C LEU L 112 -71.90 13.49 -5.36
N GLY L 113 -70.57 13.53 -5.23
CA GLY L 113 -69.76 14.56 -5.87
C GLY L 113 -69.70 14.40 -7.38
N TRP L 114 -69.44 13.18 -7.83
CA TRP L 114 -69.31 12.90 -9.25
C TRP L 114 -70.59 12.88 -10.08
N PHE L 115 -71.70 12.47 -9.48
CA PHE L 115 -72.88 12.19 -10.28
C PHE L 115 -73.40 13.30 -11.19
N PRO L 116 -73.55 14.52 -10.66
CA PRO L 116 -74.15 15.57 -11.46
C PRO L 116 -73.46 15.75 -12.82
N TYR L 117 -72.15 15.46 -12.88
CA TYR L 117 -71.38 15.59 -14.11
C TYR L 117 -71.87 14.61 -15.16
N ALA L 118 -72.37 13.46 -14.72
CA ALA L 118 -72.85 12.45 -15.65
C ALA L 118 -74.16 12.90 -16.28
N GLU L 119 -75.01 13.57 -15.51
CA GLU L 119 -76.23 14.12 -16.11
C GLU L 119 -75.91 15.21 -17.14
N ARG L 120 -74.89 16.02 -16.84
CA ARG L 120 -74.44 17.07 -17.76
C ARG L 120 -73.93 16.51 -19.06
N PHE L 121 -73.20 15.41 -18.96
CA PHE L 121 -72.67 14.72 -20.12
C PHE L 121 -73.80 14.27 -21.02
N GLN L 122 -74.94 13.87 -20.42
CA GLN L 122 -76.07 13.40 -21.24
C GLN L 122 -76.83 14.54 -21.91
N SER L 123 -77.04 15.64 -21.17
CA SER L 123 -77.75 16.79 -21.73
C SER L 123 -76.96 17.35 -22.89
N LEU L 124 -75.65 17.23 -22.80
CA LEU L 124 -74.79 17.79 -23.81
C LEU L 124 -74.78 16.92 -25.05
N HIS L 125 -74.53 15.63 -24.88
CA HIS L 125 -74.37 14.72 -26.02
C HIS L 125 -75.64 14.06 -26.51
N LYS L 126 -76.73 14.19 -25.76
CA LYS L 126 -78.03 13.62 -26.15
C LYS L 126 -77.91 12.10 -26.42
N CYS L 127 -77.25 11.38 -25.53
CA CYS L 127 -77.03 9.94 -25.72
C CYS L 127 -77.99 9.12 -24.85
N ARG L 128 -77.97 7.80 -25.03
CA ARG L 128 -78.66 6.89 -24.13
C ARG L 128 -77.64 6.39 -23.09
N LEU L 129 -77.76 6.94 -21.89
CA LEU L 129 -76.73 6.75 -20.89
C LEU L 129 -77.13 5.75 -19.83
N GLU L 130 -76.21 4.84 -19.53
CA GLU L 130 -76.40 3.86 -18.46
C GLU L 130 -75.27 4.00 -17.45
N CYS L 131 -75.60 4.06 -16.16
CA CYS L 131 -74.58 4.22 -15.12
C CYS L 131 -74.53 3.02 -14.20
N THR L 132 -73.33 2.64 -13.76
CA THR L 132 -73.14 1.50 -12.85
C THR L 132 -72.61 1.92 -11.46
N MSE L 133 -73.31 1.49 -10.40
CA MSE L 133 -73.00 1.86 -9.01
C MSE L 133 -73.63 0.91 -8.03
O MSE L 133 -74.49 0.13 -8.41
CB MSE L 133 -73.75 3.14 -8.64
CG MSE L 133 -73.65 4.27 -9.63
SE MSE L 133 -75.21 5.42 -9.27
CE MSE L 133 -75.36 5.16 -7.32
N SER L 134 -73.28 1.01 -6.75
CA SER L 134 -73.91 0.22 -5.72
C SER L 134 -75.42 0.51 -5.64
N GLN L 135 -76.17 -0.51 -5.21
CA GLN L 135 -77.63 -0.46 -5.18
C GLN L 135 -78.17 0.65 -4.30
N ASP L 136 -77.52 0.90 -3.17
CA ASP L 136 -78.00 1.88 -2.20
C ASP L 136 -78.04 3.30 -2.75
N ILE L 137 -77.16 3.59 -3.71
CA ILE L 137 -77.13 4.90 -4.33
C ILE L 137 -78.18 4.99 -5.42
N ILE L 138 -78.34 3.88 -6.15
CA ILE L 138 -79.40 3.76 -7.14
C ILE L 138 -80.76 4.07 -6.52
N ASP L 139 -81.04 3.48 -5.35
CA ASP L 139 -82.31 3.71 -4.65
C ASP L 139 -82.47 5.17 -4.28
N LEU L 140 -81.35 5.84 -4.05
CA LEU L 140 -81.39 7.22 -3.61
C LEU L 140 -81.61 8.21 -4.77
N LEU L 141 -81.04 7.87 -5.93
CA LEU L 141 -81.01 8.79 -7.06
C LEU L 141 -81.96 8.50 -8.20
N ALA L 142 -82.00 7.24 -8.64
CA ALA L 142 -82.74 6.82 -9.83
C ALA L 142 -84.07 7.57 -10.08
N PRO L 143 -84.95 7.64 -9.07
CA PRO L 143 -86.22 8.34 -9.28
C PRO L 143 -86.10 9.77 -9.84
N GLN L 144 -85.02 10.48 -9.54
CA GLN L 144 -84.90 11.89 -9.98
C GLN L 144 -84.14 12.08 -11.31
N TYR L 145 -83.63 10.98 -11.86
CA TYR L 145 -82.93 11.00 -13.14
C TYR L 145 -83.53 9.97 -14.08
N PRO L 146 -84.81 10.20 -14.49
CA PRO L 146 -85.54 9.23 -15.31
C PRO L 146 -84.88 8.97 -16.67
N GLN L 147 -84.20 9.97 -17.22
CA GLN L 147 -83.56 9.83 -18.52
C GLN L 147 -82.28 8.98 -18.53
N ILE L 148 -81.81 8.62 -17.35
CA ILE L 148 -80.63 7.77 -17.21
C ILE L 148 -80.99 6.39 -16.65
N GLN L 149 -80.36 5.36 -17.21
CA GLN L 149 -80.58 3.96 -16.84
C GLN L 149 -79.58 3.56 -15.74
N PHE L 150 -80.07 3.11 -14.59
CA PHE L 150 -79.17 2.67 -13.49
C PHE L 150 -79.08 1.15 -13.37
N SER L 151 -77.88 0.65 -13.09
CA SER L 151 -77.63 -0.78 -12.91
C SER L 151 -76.48 -0.98 -11.93
N THR L 152 -76.17 -2.23 -11.62
CA THR L 152 -75.03 -2.55 -10.78
C THR L 152 -73.92 -3.09 -11.68
N PRO L 153 -72.69 -3.10 -11.19
CA PRO L 153 -71.55 -3.51 -12.00
C PRO L 153 -71.67 -4.96 -12.46
N ASP L 154 -72.17 -5.83 -11.59
CA ASP L 154 -72.29 -7.24 -11.89
C ASP L 154 -73.20 -7.54 -13.09
N LYS L 155 -74.37 -6.90 -13.05
CA LYS L 155 -75.28 -6.95 -14.16
C LYS L 155 -75.44 -5.55 -14.69
N PRO L 156 -74.86 -5.33 -15.86
CA PRO L 156 -75.18 -4.20 -16.74
C PRO L 156 -76.19 -4.59 -17.81
N ARG L 157 -77.06 -3.66 -18.21
CA ARG L 157 -78.06 -3.95 -19.23
C ARG L 157 -77.54 -3.80 -20.67
N THR L 158 -76.61 -2.87 -20.86
CA THR L 158 -76.07 -2.56 -22.16
C THR L 158 -75.40 -3.77 -22.87
N VAL L 159 -74.58 -4.51 -22.15
CA VAL L 159 -73.89 -5.67 -22.73
C VAL L 159 -72.88 -5.23 -23.78
N ALA L 160 -73.33 -4.47 -24.79
CA ALA L 160 -72.39 -3.89 -25.77
C ALA L 160 -72.59 -2.38 -25.95
N PRO L 161 -71.60 -1.55 -25.54
CA PRO L 161 -71.86 -0.14 -25.68
C PRO L 161 -70.88 0.54 -26.63
N TYR L 162 -71.31 1.65 -27.21
CA TYR L 162 -70.52 2.44 -28.14
C TYR L 162 -69.28 3.05 -27.46
N ALA L 163 -69.48 3.63 -26.28
CA ALA L 163 -68.42 4.30 -25.52
C ALA L 163 -68.59 4.10 -24.01
N THR L 164 -67.47 4.01 -23.31
CA THR L 164 -67.46 3.83 -21.87
C THR L 164 -66.52 4.85 -21.22
N TYR L 165 -66.95 5.39 -20.08
CA TYR L 165 -66.09 6.30 -19.32
C TYR L 165 -66.00 5.91 -17.86
N ARG L 166 -64.79 5.74 -17.36
CA ARG L 166 -64.58 5.30 -15.99
C ARG L 166 -64.14 6.42 -15.02
N VAL L 167 -65.13 6.99 -14.36
CA VAL L 167 -64.93 8.04 -13.40
C VAL L 167 -64.42 7.47 -12.08
N GLY L 168 -63.32 8.01 -11.59
CA GLY L 168 -62.79 7.68 -10.24
C GLY L 168 -61.59 8.57 -9.85
N LEU L 169 -60.99 8.27 -8.69
CA LEU L 169 -59.78 8.95 -8.27
C LEU L 169 -58.56 8.16 -8.77
N TYR L 170 -57.60 8.84 -9.38
CA TYR L 170 -56.38 8.16 -9.81
C TYR L 170 -55.18 8.83 -9.18
N PHE L 171 -54.41 8.03 -8.44
CA PHE L 171 -53.34 8.57 -7.62
C PHE L 171 -51.98 8.54 -8.31
N GLY L 172 -50.96 9.04 -7.61
CA GLY L 172 -49.61 9.11 -8.15
C GLY L 172 -49.40 10.16 -9.23
N GLY L 173 -50.36 11.07 -9.39
CA GLY L 173 -50.29 12.08 -10.46
C GLY L 173 -50.58 11.56 -11.87
N ASP L 174 -51.23 10.40 -11.95
CA ASP L 174 -51.70 9.83 -13.21
C ASP L 174 -52.36 10.88 -14.10
N THR L 175 -51.98 10.90 -15.37
CA THR L 175 -52.61 11.81 -16.35
C THR L 175 -53.17 11.09 -17.59
N ASN L 176 -53.31 9.77 -17.50
CA ASN L 176 -53.87 8.98 -18.59
C ASN L 176 -55.33 8.67 -18.40
N ASN L 177 -55.75 8.48 -17.15
CA ASN L 177 -57.16 8.21 -16.87
C ASN L 177 -57.92 9.45 -16.46
N GLN L 178 -57.17 10.51 -16.17
CA GLN L 178 -57.72 11.83 -15.88
C GLN L 178 -56.87 12.89 -16.59
N PRO L 179 -57.51 13.93 -17.14
CA PRO L 179 -56.76 14.93 -17.90
C PRO L 179 -55.78 15.65 -17.01
N VAL L 180 -56.20 16.03 -15.81
CA VAL L 180 -55.28 16.61 -14.81
C VAL L 180 -55.42 15.90 -13.45
N ASP L 181 -54.34 15.88 -12.69
CA ASP L 181 -54.33 15.33 -11.33
C ASP L 181 -55.49 15.92 -10.52
N PHE L 182 -56.31 15.04 -9.95
CA PHE L 182 -57.51 15.50 -9.26
C PHE L 182 -57.22 16.44 -8.09
N ARG L 183 -56.02 16.36 -7.55
CA ARG L 183 -55.66 17.15 -6.42
C ARG L 183 -55.56 18.64 -6.78
N LYS L 184 -55.40 18.93 -8.06
CA LYS L 184 -55.23 20.32 -8.53
C LYS L 184 -56.59 21.01 -8.70
N VAL L 185 -57.61 20.21 -8.99
CA VAL L 185 -58.92 20.71 -9.33
C VAL L 185 -60.02 20.44 -8.29
N GLY L 186 -59.77 19.50 -7.37
CA GLY L 186 -60.80 19.02 -6.42
C GLY L 186 -61.27 17.61 -6.82
N PHE L 187 -61.36 16.71 -5.85
CA PHE L 187 -61.64 15.30 -6.19
C PHE L 187 -62.97 15.10 -6.93
N HIS L 188 -63.98 15.90 -6.59
CA HIS L 188 -65.29 15.78 -7.21
C HIS L 188 -65.35 16.40 -8.58
N ARG L 189 -64.72 17.57 -8.72
CA ARG L 189 -64.68 18.26 -10.00
C ARG L 189 -63.91 17.47 -11.05
N SER L 190 -63.03 16.59 -10.62
CA SER L 190 -62.26 15.76 -11.54
C SER L 190 -63.17 15.00 -12.49
N ALA L 191 -64.36 14.64 -12.02
CA ALA L 191 -65.33 13.93 -12.84
C ALA L 191 -65.75 14.74 -14.08
N GLY L 192 -65.92 16.04 -13.88
CA GLY L 192 -66.26 16.93 -14.98
C GLY L 192 -65.15 17.00 -16.03
N TYR L 193 -63.90 16.98 -15.56
CA TYR L 193 -62.81 17.08 -16.47
C TYR L 193 -62.67 15.77 -17.22
N ILE L 194 -62.86 14.66 -16.52
CA ILE L 194 -62.82 13.35 -17.18
C ILE L 194 -63.84 13.25 -18.33
N LEU L 195 -65.03 13.77 -18.10
CA LEU L 195 -66.12 13.68 -19.06
C LEU L 195 -66.12 14.87 -20.02
N GLY L 196 -65.30 15.87 -19.71
CA GLY L 196 -65.14 17.05 -20.57
C GLY L 196 -66.35 17.97 -20.55
N VAL L 197 -66.96 18.13 -19.39
CA VAL L 197 -68.09 19.05 -19.27
C VAL L 197 -67.79 20.21 -18.32
N ASP L 198 -68.73 21.14 -18.22
CA ASP L 198 -68.63 22.21 -17.25
C ASP L 198 -68.22 21.56 -15.91
N PRO L 199 -67.04 21.94 -15.39
CA PRO L 199 -66.50 21.31 -14.17
C PRO L 199 -67.04 21.91 -12.87
N ARG L 200 -67.97 22.84 -12.96
CA ARG L 200 -68.46 23.48 -11.74
C ARG L 200 -69.34 22.58 -10.90
N GLU L 201 -69.07 22.56 -9.60
CA GLU L 201 -69.79 21.70 -8.68
C GLU L 201 -71.27 22.03 -8.62
N ALA L 202 -72.08 20.98 -8.44
CA ALA L 202 -73.51 21.11 -8.22
C ALA L 202 -73.96 19.97 -7.30
N PRO L 203 -75.06 20.20 -6.55
CA PRO L 203 -75.61 19.13 -5.72
C PRO L 203 -76.44 18.20 -6.55
N VAL L 204 -76.57 16.97 -6.11
CA VAL L 204 -77.40 16.01 -6.81
C VAL L 204 -78.88 16.31 -6.48
N ARG L 205 -79.81 15.76 -7.26
CA ARG L 205 -81.25 15.95 -6.97
C ARG L 205 -81.82 14.78 -6.13
N LEU L 206 -82.51 15.11 -5.04
CA LEU L 206 -83.02 14.10 -4.13
C LEU L 206 -84.52 14.22 -3.91
N ASP L 207 -85.11 13.18 -3.31
CA ASP L 207 -86.53 13.19 -2.95
C ASP L 207 -86.69 13.95 -1.63
N LEU L 208 -87.11 15.20 -1.72
CA LEU L 208 -87.25 16.07 -0.57
C LEU L 208 -88.70 16.25 -0.19
N SER L 209 -89.54 15.25 -0.48
CA SER L 209 -90.98 15.32 -0.20
C SER L 209 -91.39 14.93 1.24
N ALA L 210 -90.57 14.12 1.89
CA ALA L 210 -90.84 13.63 3.23
C ALA L 210 -91.22 14.75 4.22
N PRO L 211 -92.30 14.52 5.00
CA PRO L 211 -92.82 15.50 5.96
C PRO L 211 -91.99 15.53 7.23
N ARG L 212 -92.04 16.66 7.93
CA ARG L 212 -91.28 16.81 9.16
C ARG L 212 -91.77 15.86 10.27
N VAL L 213 -90.83 15.24 10.97
CA VAL L 213 -91.15 14.28 12.02
C VAL L 213 -90.79 14.79 13.40
N ILE L 214 -89.57 15.26 13.56
CA ILE L 214 -89.15 15.82 14.83
C ILE L 214 -89.61 17.26 14.92
N ALA L 215 -90.33 17.59 15.98
CA ALA L 215 -90.98 18.88 16.08
C ALA L 215 -90.01 20.02 16.37
N ALA L 216 -89.24 19.88 17.44
CA ALA L 216 -88.33 20.92 17.90
C ALA L 216 -87.20 21.17 16.88
N PRO L 217 -86.55 22.35 16.95
CA PRO L 217 -85.38 22.55 16.08
C PRO L 217 -84.25 21.55 16.43
N TYR L 218 -83.59 21.02 15.41
CA TYR L 218 -82.50 20.08 15.68
C TYR L 218 -81.33 20.17 14.70
N VAL L 219 -80.16 19.71 15.15
CA VAL L 219 -78.96 19.74 14.32
C VAL L 219 -78.46 18.34 14.12
N CYS L 220 -78.10 17.99 12.91
CA CYS L 220 -77.43 16.70 12.68
C CYS L 220 -75.91 16.82 12.67
N ILE L 221 -75.22 15.82 13.21
CA ILE L 221 -73.76 15.79 13.19
C ILE L 221 -73.23 14.45 12.72
N ALA L 222 -72.07 14.46 12.05
CA ALA L 222 -71.42 13.22 11.61
C ALA L 222 -69.98 13.28 12.06
N THR L 223 -69.60 12.36 12.95
CA THR L 223 -68.28 12.39 13.58
C THR L 223 -67.33 11.31 13.04
N GLN L 224 -67.87 10.29 12.39
CA GLN L 224 -67.08 9.15 11.91
C GLN L 224 -66.53 9.43 10.51
N SER L 225 -65.49 8.69 10.11
CA SER L 225 -64.95 8.78 8.75
C SER L 225 -64.02 7.61 8.42
N THR L 226 -63.47 7.62 7.19
CA THR L 226 -62.71 6.50 6.66
C THR L 226 -61.23 6.45 7.02
N CYS L 227 -60.64 7.58 7.41
CA CYS L 227 -59.27 7.57 7.96
C CYS L 227 -59.20 8.52 9.12
N GLN L 228 -58.26 8.29 10.04
CA GLN L 228 -58.16 9.14 11.22
C GLN L 228 -57.94 10.61 10.92
N ALA L 229 -57.33 10.93 9.78
CA ALA L 229 -56.94 12.31 9.46
C ALA L 229 -58.14 13.19 9.28
N LYS L 230 -59.21 12.57 8.75
CA LYS L 230 -60.49 13.24 8.52
C LYS L 230 -61.32 13.47 9.78
N TYR L 231 -60.95 12.85 10.89
CA TYR L 231 -61.63 13.11 12.16
C TYR L 231 -61.20 14.44 12.71
N TRP L 232 -62.01 15.00 13.59
CA TRP L 232 -61.70 16.25 14.24
C TRP L 232 -60.92 15.92 15.44
N ASN L 233 -59.60 15.95 15.32
CA ASN L 233 -58.74 15.43 16.37
C ASN L 233 -58.44 16.34 17.53
N ASN L 234 -59.32 17.29 17.78
CA ASN L 234 -59.18 18.11 18.95
C ASN L 234 -59.79 17.39 20.15
N GLY L 235 -59.09 17.37 21.27
CA GLY L 235 -59.57 16.63 22.45
C GLY L 235 -60.98 16.92 22.96
N THR L 236 -61.34 18.20 23.04
CA THR L 236 -62.64 18.60 23.61
C THR L 236 -63.56 19.26 22.57
N GLY L 237 -63.17 19.22 21.31
CA GLY L 237 -63.94 19.85 20.25
C GLY L 237 -65.42 19.52 20.23
N TRP L 238 -65.76 18.32 19.77
CA TRP L 238 -67.14 17.89 19.69
C TRP L 238 -67.90 18.10 20.98
N SER L 239 -67.30 17.76 22.12
CA SER L 239 -68.01 17.95 23.36
C SER L 239 -68.42 19.43 23.59
N GLU L 240 -67.51 20.37 23.30
CA GLU L 240 -67.83 21.81 23.47
C GLU L 240 -68.89 22.32 22.49
N VAL L 241 -68.86 21.79 21.28
CA VAL L 241 -69.85 22.12 20.28
C VAL L 241 -71.22 21.59 20.70
N ILE L 242 -71.30 20.31 21.07
CA ILE L 242 -72.57 19.70 21.46
C ILE L 242 -73.20 20.41 22.65
N ALA L 243 -72.39 20.79 23.63
CA ALA L 243 -72.90 21.53 24.77
C ALA L 243 -73.49 22.85 24.29
N HIS L 244 -72.79 23.52 23.39
CA HIS L 244 -73.18 24.83 22.91
C HIS L 244 -74.43 24.80 22.07
N LEU L 245 -74.53 23.81 21.20
CA LEU L 245 -75.73 23.66 20.39
C LEU L 245 -76.98 23.56 21.30
N LYS L 246 -76.85 22.82 22.40
CA LYS L 246 -77.97 22.64 23.30
C LYS L 246 -78.29 23.91 24.06
N SER L 247 -77.26 24.64 24.44
CA SER L 247 -77.43 25.93 25.11
C SER L 247 -78.13 26.95 24.16
N LEU L 248 -78.08 26.68 22.85
CA LEU L 248 -78.79 27.49 21.86
C LEU L 248 -80.17 26.94 21.60
N GLY L 249 -80.50 25.83 22.26
CA GLY L 249 -81.82 25.22 22.16
C GLY L 249 -82.00 24.26 21.02
N TYR L 250 -80.91 23.80 20.44
CA TYR L 250 -80.99 22.72 19.45
C TYR L 250 -80.91 21.36 20.13
N ARG L 251 -81.61 20.40 19.59
CA ARG L 251 -81.46 19.04 20.02
C ARG L 251 -80.44 18.49 18.99
N VAL L 252 -79.54 17.60 19.43
CA VAL L 252 -78.41 17.15 18.61
C VAL L 252 -78.41 15.66 18.30
N MSE L 253 -78.37 15.31 17.02
CA MSE L 253 -78.37 13.90 16.64
C MSE L 253 -77.17 13.52 15.84
O MSE L 253 -76.79 14.20 14.89
CB MSE L 253 -79.58 13.38 15.83
CG MSE L 253 -80.54 14.41 15.26
SE MSE L 253 -81.93 14.62 16.64
CE MSE L 253 -81.29 16.34 17.32
N CYS L 254 -76.60 12.38 16.16
CA CYS L 254 -75.50 11.85 15.43
C CYS L 254 -76.03 10.81 14.44
N ILE L 255 -75.72 10.98 13.16
CA ILE L 255 -76.23 10.09 12.13
C ILE L 255 -75.18 9.23 11.45
N ASP L 256 -74.08 8.95 12.13
CA ASP L 256 -73.04 8.13 11.51
C ASP L 256 -73.50 6.71 11.29
N ARG L 257 -72.95 6.06 10.30
CA ARG L 257 -73.26 4.65 10.04
C ARG L 257 -72.86 3.75 11.22
N ASP L 258 -71.64 3.95 11.73
CA ASP L 258 -71.15 3.20 12.88
C ASP L 258 -71.10 4.08 14.15
N ALA L 259 -71.23 3.45 15.32
CA ALA L 259 -71.16 4.20 16.57
C ALA L 259 -69.76 4.15 17.13
N HIS L 260 -68.99 3.17 16.69
CA HIS L 260 -67.59 3.03 17.09
C HIS L 260 -66.82 2.63 15.88
N TYR L 261 -65.70 3.28 15.63
CA TYR L 261 -64.93 2.96 14.44
C TYR L 261 -63.46 3.33 14.68
N GLY L 262 -62.55 2.49 14.19
CA GLY L 262 -61.14 2.69 14.44
C GLY L 262 -60.32 1.48 14.08
N GLN L 263 -59.07 1.45 14.51
CA GLN L 263 -58.21 0.38 14.04
C GLN L 263 -57.37 -0.36 15.06
N GLY L 264 -56.37 0.27 15.63
CA GLY L 264 -55.54 -0.49 16.58
C GLY L 264 -56.10 -0.28 17.96
N PHE L 265 -55.48 0.64 18.67
CA PHE L 265 -56.00 1.10 19.91
C PHE L 265 -56.70 2.47 19.69
N VAL L 266 -56.74 2.95 18.45
CA VAL L 266 -57.37 4.24 18.17
C VAL L 266 -58.81 4.07 17.76
N TRP L 267 -59.72 4.36 18.69
CA TRP L 267 -61.14 4.18 18.45
C TRP L 267 -61.90 5.44 18.67
N ASN L 268 -62.83 5.74 17.76
CA ASN L 268 -63.66 6.94 17.84
C ASN L 268 -65.09 6.55 18.12
N HIS L 269 -65.73 7.23 19.07
CA HIS L 269 -67.08 6.84 19.48
C HIS L 269 -68.07 7.94 19.39
N ILE L 270 -69.33 7.61 19.13
CA ILE L 270 -70.41 8.60 19.18
C ILE L 270 -70.28 9.43 20.46
N PRO L 271 -70.13 10.76 20.31
CA PRO L 271 -69.92 11.64 21.47
C PRO L 271 -71.05 11.60 22.49
N TRP L 272 -70.71 11.63 23.75
CA TRP L 272 -71.67 11.65 24.80
C TRP L 272 -72.47 12.89 24.67
N GLY L 273 -73.75 12.81 24.97
CA GLY L 273 -74.63 13.96 24.90
C GLY L 273 -75.29 14.19 23.57
N ALA L 274 -74.99 13.35 22.60
CA ALA L 274 -75.66 13.41 21.30
C ALA L 274 -76.60 12.23 21.18
N GLU L 275 -77.77 12.46 20.59
CA GLU L 275 -78.75 11.40 20.43
C GLU L 275 -78.27 10.36 19.43
N ASP L 276 -78.63 9.11 19.66
CA ASP L 276 -78.13 8.02 18.84
C ASP L 276 -78.98 7.72 17.64
N PHE L 277 -78.67 8.35 16.52
CA PHE L 277 -79.37 8.05 15.26
C PHE L 277 -78.42 7.33 14.32
N THR L 278 -77.53 6.53 14.88
CA THR L 278 -76.55 5.81 14.07
C THR L 278 -77.12 4.52 13.47
N GLY L 279 -76.31 3.83 12.69
CA GLY L 279 -76.77 2.59 12.08
C GLY L 279 -76.73 2.60 10.56
N LYS L 280 -76.66 1.41 9.97
CA LYS L 280 -76.61 1.26 8.52
C LYS L 280 -78.00 1.20 7.95
N LEU L 281 -78.57 2.36 7.70
CA LEU L 281 -79.92 2.49 7.19
C LEU L 281 -79.89 2.79 5.69
N PRO L 282 -81.06 2.68 5.03
CA PRO L 282 -81.14 3.19 3.66
C PRO L 282 -80.94 4.73 3.67
N LEU L 283 -80.26 5.23 2.64
CA LEU L 283 -79.85 6.64 2.64
C LEU L 283 -81.04 7.58 2.61
N GLN L 284 -82.13 7.13 1.99
CA GLN L 284 -83.32 7.93 1.92
C GLN L 284 -83.82 8.36 3.31
N GLU L 285 -83.61 7.50 4.31
CA GLU L 285 -84.03 7.84 5.68
C GLU L 285 -83.17 8.97 6.26
N ARG L 286 -81.89 8.96 5.87
CA ARG L 286 -80.95 10.01 6.24
C ARG L 286 -81.35 11.33 5.63
N VAL L 287 -81.67 11.29 4.35
CA VAL L 287 -82.10 12.50 3.68
C VAL L 287 -83.37 13.07 4.32
N ASN L 288 -84.32 12.19 4.66
CA ASN L 288 -85.59 12.63 5.25
C ASN L 288 -85.37 13.34 6.59
N LEU L 289 -84.43 12.81 7.38
CA LEU L 289 -84.12 13.38 8.67
C LEU L 289 -83.36 14.68 8.50
N LEU L 290 -82.43 14.67 7.54
CA LEU L 290 -81.57 15.79 7.27
C LEU L 290 -82.35 16.99 6.81
N ARG L 291 -83.28 16.76 5.87
CA ARG L 291 -84.07 17.83 5.27
C ARG L 291 -84.68 18.85 6.24
N HIS L 292 -85.08 18.41 7.45
CA HIS L 292 -85.70 19.31 8.41
C HIS L 292 -84.79 19.75 9.52
N ALA L 293 -83.51 19.44 9.39
CA ALA L 293 -82.54 19.88 10.38
C ALA L 293 -82.24 21.36 10.15
N SER L 294 -82.03 22.10 11.22
CA SER L 294 -81.67 23.50 11.10
C SER L 294 -80.36 23.64 10.34
N PHE L 295 -79.40 22.81 10.69
CA PHE L 295 -78.14 22.69 9.91
C PHE L 295 -77.37 21.41 10.26
N PHE L 296 -76.24 21.22 9.60
CA PHE L 296 -75.47 19.98 9.71
C PHE L 296 -74.03 20.31 9.99
N ILE L 297 -73.39 19.50 10.82
CA ILE L 297 -72.00 19.67 11.12
C ILE L 297 -71.31 18.35 10.81
N GLY L 298 -70.32 18.38 9.92
CA GLY L 298 -69.67 17.15 9.53
C GLY L 298 -68.21 17.24 9.12
N LEU L 299 -67.75 16.16 8.50
CA LEU L 299 -66.40 16.06 8.03
C LEU L 299 -66.39 16.01 6.52
N PRO L 300 -65.19 16.07 5.90
CA PRO L 300 -65.13 16.00 4.45
C PRO L 300 -65.56 14.64 3.85
N SER L 301 -66.07 13.72 4.66
CA SER L 301 -66.56 12.44 4.16
C SER L 301 -68.01 12.57 3.66
N GLY L 302 -68.56 11.44 3.18
CA GLY L 302 -69.87 11.37 2.50
C GLY L 302 -71.10 12.13 3.00
N LEU L 303 -71.45 11.98 4.27
CA LEU L 303 -72.68 12.60 4.79
C LEU L 303 -72.76 14.08 4.54
N SER L 304 -71.61 14.75 4.43
CA SER L 304 -71.61 16.19 4.20
C SER L 304 -72.15 16.51 2.81
N TRP L 305 -71.85 15.64 1.85
CA TRP L 305 -72.35 15.80 0.48
C TRP L 305 -73.83 15.58 0.40
N LEU L 306 -74.31 14.66 1.23
CA LEU L 306 -75.74 14.37 1.28
C LEU L 306 -76.42 15.56 1.92
N ALA L 307 -75.92 15.97 3.10
CA ALA L 307 -76.45 17.15 3.78
C ALA L 307 -76.49 18.35 2.83
N TRP L 308 -75.49 18.47 1.96
CA TRP L 308 -75.41 19.57 1.04
C TRP L 308 -76.59 19.58 0.12
N ALA L 309 -76.83 18.43 -0.51
CA ALA L 309 -77.91 18.24 -1.51
C ALA L 309 -79.32 18.33 -0.89
N THR L 310 -79.37 18.23 0.42
CA THR L 310 -80.57 18.38 1.20
C THR L 310 -80.99 19.84 1.34
N ARG L 311 -80.19 20.75 0.80
CA ARG L 311 -80.53 22.16 0.83
C ARG L 311 -80.56 22.79 2.25
N ILE L 312 -79.73 22.29 3.17
CA ILE L 312 -79.57 22.93 4.50
C ILE L 312 -78.14 23.44 4.67
N PRO L 313 -77.91 24.41 5.57
CA PRO L 313 -76.54 24.86 5.77
C PRO L 313 -75.62 23.73 6.25
N VAL L 314 -74.38 23.68 5.73
CA VAL L 314 -73.40 22.68 6.15
C VAL L 314 -72.15 23.30 6.80
N VAL L 315 -71.92 23.00 8.06
CA VAL L 315 -70.67 23.39 8.72
C VAL L 315 -69.68 22.24 8.52
N LEU L 316 -68.61 22.52 7.79
CA LEU L 316 -67.68 21.48 7.38
C LEU L 316 -66.33 21.71 8.04
N ILE L 317 -65.91 20.77 8.89
CA ILE L 317 -64.65 20.86 9.60
C ILE L 317 -63.61 19.95 8.95
N SER L 318 -62.51 20.54 8.47
CA SER L 318 -61.46 19.77 7.84
C SER L 318 -60.14 20.51 7.83
N GLY L 319 -59.07 19.83 8.25
CA GLY L 319 -57.70 20.42 8.25
C GLY L 319 -56.76 19.70 7.25
N PHE L 320 -57.10 18.46 6.91
CA PHE L 320 -56.25 17.69 6.07
C PHE L 320 -56.42 18.01 4.61
N SER L 321 -57.50 18.72 4.29
CA SER L 321 -57.76 19.19 2.92
C SER L 321 -58.01 20.70 2.91
N LEU L 322 -57.67 21.36 1.81
CA LEU L 322 -57.89 22.80 1.63
C LEU L 322 -59.38 23.09 1.50
N PRO L 323 -59.81 24.31 1.91
CA PRO L 323 -61.23 24.71 1.75
C PRO L 323 -61.77 24.44 0.34
N ASN L 324 -60.99 24.69 -0.70
CA ASN L 324 -61.45 24.47 -2.07
C ASN L 324 -61.50 23.01 -2.50
N SER L 325 -61.17 22.10 -1.59
CA SER L 325 -61.13 20.69 -1.92
C SER L 325 -62.53 20.06 -1.96
N GLU L 326 -63.49 20.70 -1.29
CA GLU L 326 -64.87 20.23 -1.27
C GLU L 326 -65.78 21.32 -1.81
N PHE L 327 -67.09 21.12 -1.71
CA PHE L 327 -68.06 22.13 -2.14
C PHE L 327 -67.94 23.40 -1.29
N TYR L 328 -68.43 24.51 -1.82
CA TYR L 328 -68.32 25.78 -1.11
C TYR L 328 -69.33 25.85 0.02
N THR L 329 -68.93 26.45 1.14
CA THR L 329 -69.85 26.70 2.25
C THR L 329 -69.28 27.84 3.03
N PRO L 330 -70.09 28.89 3.29
CA PRO L 330 -69.56 29.99 4.10
C PRO L 330 -69.24 29.53 5.51
N TRP L 331 -69.61 28.29 5.83
CA TRP L 331 -69.42 27.72 7.18
C TRP L 331 -68.30 26.73 7.26
N ARG L 332 -67.35 26.79 6.32
CA ARG L 332 -66.22 25.86 6.30
C ARG L 332 -65.23 26.27 7.36
N VAL L 333 -64.81 25.34 8.23
CA VAL L 333 -63.77 25.70 9.22
C VAL L 333 -62.45 25.00 8.94
N PHE L 334 -61.38 25.76 9.13
CA PHE L 334 -60.06 25.39 8.68
C PHE L 334 -59.08 26.25 9.45
N ASN L 335 -57.93 25.69 9.84
CA ASN L 335 -56.91 26.46 10.55
C ASN L 335 -55.58 26.42 9.78
N SER L 336 -55.00 27.58 9.51
CA SER L 336 -53.82 27.67 8.63
C SER L 336 -52.47 27.94 9.34
N HIS L 337 -52.44 27.83 10.65
CA HIS L 337 -51.22 28.09 11.40
C HIS L 337 -50.20 26.97 11.58
N GLY L 338 -50.51 25.75 11.14
CA GLY L 338 -49.58 24.58 11.28
C GLY L 338 -49.63 23.72 10.04
N CYS L 339 -49.46 22.37 10.15
CA CYS L 339 -49.62 21.44 8.96
C CYS L 339 -51.10 21.58 8.52
N TYR L 340 -51.34 21.61 7.21
CA TYR L 340 -52.71 21.49 6.68
C TYR L 340 -52.62 20.99 5.23
N GLY L 341 -53.71 20.45 4.71
CA GLY L 341 -53.71 20.02 3.32
C GLY L 341 -52.85 18.85 2.87
N CYS L 342 -52.58 17.91 3.78
CA CYS L 342 -51.91 16.59 3.48
C CYS L 342 -52.51 16.14 2.09
N TRP L 343 -53.83 16.14 2.04
CA TRP L 343 -54.59 15.50 0.98
C TRP L 343 -54.43 16.08 -0.41
N ASP L 344 -54.20 17.38 -0.50
CA ASP L 344 -54.16 18.06 -1.81
C ASP L 344 -52.75 18.21 -2.36
N ASP L 345 -51.77 17.94 -1.50
CA ASP L 345 -50.36 18.13 -1.79
C ASP L 345 -49.86 17.08 -2.79
N THR L 346 -49.51 17.53 -3.99
CA THR L 346 -49.06 16.66 -5.06
C THR L 346 -47.68 16.00 -4.83
N SER L 347 -46.95 16.43 -3.81
CA SER L 347 -45.65 15.82 -3.55
C SER L 347 -45.78 14.62 -2.63
N LEU L 348 -46.94 14.47 -1.99
CA LEU L 348 -47.21 13.35 -1.06
C LEU L 348 -48.11 12.33 -1.72
N ASN L 349 -48.32 11.20 -1.07
CA ASN L 349 -49.23 10.18 -1.61
C ASN L 349 -50.12 9.51 -0.59
N PHE L 350 -51.42 9.60 -0.79
CA PHE L 350 -52.37 8.98 0.12
C PHE L 350 -52.17 7.46 0.16
N ASP L 351 -52.19 6.90 1.37
CA ASP L 351 -52.07 5.47 1.61
C ASP L 351 -53.44 4.89 2.02
N HIS L 352 -54.01 4.07 1.14
CA HIS L 352 -55.34 3.50 1.37
C HIS L 352 -55.35 2.50 2.49
N HIS L 353 -54.18 1.98 2.82
CA HIS L 353 -54.03 0.89 3.79
C HIS L 353 -53.62 1.32 5.16
N ASP L 354 -53.32 2.58 5.33
CA ASP L 354 -52.89 3.09 6.62
C ASP L 354 -53.97 4.02 7.20
N PHE L 355 -54.70 3.53 8.19
CA PHE L 355 -55.78 4.28 8.79
C PHE L 355 -55.24 5.48 9.57
N LEU L 356 -53.98 5.38 10.00
CA LEU L 356 -53.37 6.45 10.77
C LEU L 356 -52.39 7.31 9.94
N TRP L 357 -52.62 7.38 8.65
CA TRP L 357 -51.80 8.15 7.73
C TRP L 357 -51.73 9.64 8.12
N CYS L 358 -50.49 10.10 8.34
CA CYS L 358 -50.13 11.53 8.44
C CYS L 358 -48.70 11.63 7.85
N PRO L 359 -48.59 11.82 6.51
CA PRO L 359 -47.26 11.84 5.86
C PRO L 359 -46.22 12.75 6.51
N ARG L 360 -46.63 13.93 6.95
CA ARG L 360 -45.68 14.86 7.54
C ARG L 360 -45.39 14.70 9.02
N HIS L 361 -46.32 14.14 9.80
CA HIS L 361 -46.08 14.02 11.26
C HIS L 361 -46.37 12.73 11.94
N LYS L 362 -46.65 11.67 11.17
CA LYS L 362 -46.95 10.37 11.75
C LYS L 362 -45.97 9.98 12.83
N ASN L 363 -46.52 9.49 13.95
CA ASN L 363 -45.71 8.97 15.05
C ASN L 363 -44.85 10.02 15.67
N THR L 364 -45.34 11.24 15.68
CA THR L 364 -44.66 12.29 16.38
C THR L 364 -45.66 13.05 17.22
N ASP L 365 -45.13 13.97 17.95
CA ASP L 365 -45.89 14.77 18.82
C ASP L 365 -46.90 15.70 18.08
N ARG L 366 -46.62 16.04 16.82
CA ARG L 366 -47.51 16.89 16.03
C ARG L 366 -48.50 16.16 15.13
N GLN L 367 -48.66 14.86 15.32
CA GLN L 367 -49.59 14.10 14.48
C GLN L 367 -51.01 14.70 14.51
N PHE L 368 -51.61 14.79 13.33
CA PHE L 368 -52.96 15.33 13.16
C PHE L 368 -53.16 16.72 13.75
N GLU L 369 -52.10 17.53 13.69
CA GLU L 369 -52.19 18.97 13.96
C GLU L 369 -53.27 19.59 13.08
N CYS L 370 -53.54 18.95 11.93
CA CYS L 370 -54.53 19.40 10.96
C CYS L 370 -55.84 19.72 11.77
N THR L 371 -56.19 18.81 12.69
CA THR L 371 -57.48 18.81 13.42
C THR L 371 -57.36 19.17 14.91
N ARG L 372 -56.20 19.56 15.40
CA ARG L 372 -56.05 19.85 16.84
C ARG L 372 -56.02 21.33 17.09
N LEU L 373 -55.56 22.06 16.08
CA LEU L 373 -55.54 23.49 16.10
C LEU L 373 -56.94 24.06 15.93
N ILE L 374 -57.87 23.27 15.37
CA ILE L 374 -59.27 23.69 15.28
C ILE L 374 -59.97 23.47 16.62
N THR L 375 -60.10 24.53 17.39
CA THR L 375 -60.68 24.42 18.72
C THR L 375 -62.22 24.42 18.68
N GLY L 376 -62.82 24.03 19.80
CA GLY L 376 -64.26 24.12 19.94
C GLY L 376 -64.72 25.57 19.82
N ALA L 377 -63.92 26.49 20.38
CA ALA L 377 -64.23 27.92 20.31
C ALA L 377 -64.33 28.35 18.86
N GLN L 378 -63.38 27.89 18.06
CA GLN L 378 -63.37 28.27 16.66
C GLN L 378 -64.63 27.77 15.99
N VAL L 379 -65.01 26.52 16.24
CA VAL L 379 -66.21 25.98 15.61
C VAL L 379 -67.48 26.64 16.14
N ASN L 380 -67.52 26.91 17.44
CA ASN L 380 -68.66 27.63 18.02
C ASN L 380 -68.81 29.05 17.47
N GLY L 381 -67.69 29.71 17.20
CA GLY L 381 -67.72 31.02 16.56
C GLY L 381 -68.47 30.97 15.23
N VAL L 382 -68.15 29.98 14.41
CA VAL L 382 -68.81 29.82 13.14
C VAL L 382 -70.30 29.49 13.35
N ILE L 383 -70.58 28.61 14.31
CA ILE L 383 -71.96 28.26 14.60
C ILE L 383 -72.76 29.50 15.00
N ASN L 384 -72.17 30.35 15.86
CA ASN L 384 -72.82 31.58 16.29
C ASN L 384 -73.24 32.47 15.13
N LYS L 385 -72.33 32.65 14.16
CA LYS L 385 -72.64 33.44 12.99
C LYS L 385 -73.80 32.82 12.20
N LEU L 386 -73.73 31.52 11.98
CA LEU L 386 -74.77 30.82 11.23
C LEU L 386 -76.11 30.91 11.95
N HIS L 387 -76.06 30.79 13.28
CA HIS L 387 -77.25 30.90 14.09
C HIS L 387 -77.88 32.24 13.93
N ARG L 388 -77.08 33.31 14.08
CA ARG L 388 -77.58 34.69 13.91
C ARG L 388 -78.20 34.89 12.53
N SER L 389 -77.53 34.39 11.50
CA SER L 389 -78.07 34.50 10.16
C SER L 389 -79.39 33.76 10.00
N LEU L 390 -79.59 32.66 10.73
CA LEU L 390 -80.85 31.93 10.63
C LEU L 390 -82.00 32.63 11.37
N THR L 391 -81.67 33.24 12.51
CA THR L 391 -82.65 33.98 13.28
C THR L 391 -83.09 35.26 12.58
N GLU L 392 -82.13 36.10 12.18
CA GLU L 392 -82.45 37.38 11.53
C GLU L 392 -83.24 37.17 10.26
N GLN L 393 -82.84 36.17 9.46
CA GLN L 393 -83.53 35.89 8.21
C GLN L 393 -82.97 34.66 7.54
N GLY L 394 -83.32 34.49 6.26
CA GLY L 394 -82.74 33.47 5.40
C GLY L 394 -83.05 32.04 5.77
N VAL L 395 -83.05 31.17 4.76
CA VAL L 395 -83.17 29.70 4.93
C VAL L 395 -83.10 29.02 3.58
FE FE M . -26.79 -15.42 45.25
FE FE N . -5.04 -30.31 45.28
FE FE O . 2.18 25.32 -48.23
C1 EDO P . -13.41 44.05 -55.26
O1 EDO P . -12.30 43.49 -54.55
C2 EDO P . -13.95 43.01 -56.20
O2 EDO P . -13.18 43.14 -57.38
FE FE Q . -44.22 24.34 -20.33
FE FE R . -48.06 -3.34 26.30
FE FE S . 25.17 -29.53 37.87
FE FE T . 52.57 -11.30 -5.71
FE FE U . -24.24 33.94 -34.90
FE FE V . 41.56 -29.66 16.91
C1 EDO W . 64.72 -26.30 9.26
O1 EDO W . 65.50 -26.59 8.10
C2 EDO W . 65.01 -27.35 10.31
O2 EDO W . 65.86 -28.31 9.70
C1 EDO X . 50.68 -35.85 43.97
O1 EDO X . 52.07 -36.00 43.65
C2 EDO X . 50.01 -37.23 43.93
O2 EDO X . 50.61 -38.03 42.90
FE FE Y . 27.58 20.17 -42.00
C1 EDO Z . 49.62 12.53 -50.12
O1 EDO Z . 50.47 13.01 -51.18
C2 EDO Z . 48.72 11.46 -50.67
O2 EDO Z . 49.39 10.91 -51.79
FE FE AA . 45.53 -1.60 -29.30
FE FE BA . -51.32 16.25 8.85
C1 EDO CA . -66.45 25.77 -8.99
O1 EDO CA . -66.58 24.47 -8.47
C2 EDO CA . -66.56 26.68 -7.80
O2 EDO CA . -67.95 26.97 -7.64
#